data_7EL9
#
_entry.id   7EL9
#
loop_
_entity.id
_entity.type
_entity.pdbx_description
1 polymer 'RNA-directed RNA polymerase L'
2 polymer 'RING finger protein Z'
3 polymer "Machupo virus 3'-vRNA promoter"
4 non-polymer 'MANGANESE (II) ION'
5 non-polymer 'ZINC ION'
#
loop_
_entity_poly.entity_id
_entity_poly.type
_entity_poly.pdbx_seq_one_letter_code
_entity_poly.pdbx_strand_id
1 'polypeptide(L)'
;MDEYVQELKGLIRKHIPERCEFGHQKVTFLSQVHPSPLLTEGFKLLSSLVELESCEAHACQANTDQRFVDVILSDNGILC
PTLPKVIPDGFKLTGKTLILLETFVRVNPDEFEKKWKADMSKLLNLKHDLQKSGVTLVPIVDGRSNYNNRFVADWVIERI
RWLLIEILKASKSMLEIDIEDQEYQRLIHSLSNVKNQSLGLENLEHLKRNSLDYDERLNESLFIGLKGDIRESTVREELI
KLKLWFKDEVFSKGLGKFKLTDRRELLESLSSLGAHLDSDVSSCPFCNNKLMEIVYNVTFSCVERTDGVATVDQQFSTTH
SNIEKHYLSVLSLCNKIKGLKVFNTRRNTLLFLDLIMVNLMVDISDSCQDAIESLRKSGLIVGQMVMLVNDRVLDILEAV
KLIRKKIGTNPNWVKNCSKILERSHPEIWHHLSTLIKQPDFNSLISIAQHLVSDRPIMRYSVERGSDKICRHKLFQEMSS
FEQMRLFKTLSSISLSLINSMKTSFSSRLLVNEREFSKYFGNVRLRECYAQRFYLAESLVGFLFYQKTGERSRCYSVYLS
DNGVMSEQGSFYCDPKRFFLPVFSDEVLAGMCEEMTSWLDFDTGLMNDTGPILRLLVLAILCSPSKRNQTFLQGLRYFLM
AFANQIHHIDLTSKLVVECKSSSEVVVQRLAVGLFIRLLSGESDASLFFSRRFKYLLNVSYLCHLITKETPDRLTDQIKC
FEKFIEPKVKFGCAVVNPSLNGKLTVDQEDIMINGLKKFFSKSLRDTEDVQTPGVCKELLNYCVSLFNRGKLKVSGELKN
NPFRPNITSTALDLSSNKSVVIPKLDELGNILSTYDKEKLVSACVSSMAERFKTKGRYNLDPDSTDYLILKNLTGLVSAG
PKAKSTQEELSLMYEALTEEQVESFNEIKHDVQVALAKMADNSVNTRTKNLGRADNSVKNGNNPLDNLWSPFGVMKEIRA
EVSLHEVKDFDPDVLPPEVYKELCDAVYKSSEKCNFFLEGVLDVCPLGLLLKNLTTSSYVDEEYFMCFKYLLIQGHFDQK
LGSYEHKSRSRLGFTDETLRLKDEVRLSIRESNSEAIADKLDKSYFTNAALRNLCFYSEDSPTEFTSISSNSGNLKFGLS
YKEQVGSNRELYVGDLNTKLMTRLVEDFSEAVGNSMKYTCLNSEKEFERAICDMKMAVNNGDLSCSYDHSKWGPTMSPAL
FLALLQMLELRTPVDRSKIDLDSVKSILKWHLHKVVEVPINVAEAYCIGKLKRSLGLMGCGSTSLSEEFFHQTMQLNGQI
PSHIMSVLDMGQGILHNTSDLYGLITEQFLCYALDLLYDVIPVSYTSSDDQITLIKTPSLDIEGGSDAAEWLEMICFHEF
LSSKLNKFVSPKSVIGTFVAEFKSRFFVMGEETPLLTKFVAAALHNVKCKTPTQLSETIDTICDQCIANGVSTKIVTRIS
KRVNQLIRYSGYGETPFGAIEDQDVKDWVDGSRGYRLQRKIEAIFHDDKETSFIRNCARKVFNDIKRGRIFEENLINLIG
RGGDEALTGFLQYAGCSEQEVNRVLNYRWVNLSSFGDLRLVLRTKLMTSRRVLEREEVPTLIKTLQSKLSRNFTKGVKKI
LAESINKSAFQSSVASGFIGFCKSMGSKCVRDGKGGFLYIKEVYSGVSACTCEICALKPKIIYCNNSLNKVSQFSKPILW
DYFSLVLTNACELGEWVFSTVKEPQKPLVLNNQNFFWAVKPKVVRQIEDQLGMNHVLQSIRRNYPVLFDEHLTPFMNDLQ
VSRTMDSGRLKFLDVCIALDMMNENLGIISHLLKTRDNSVYIVKQSDCALAHIRQSSYTDWELGLSPQQICTNFKTQLVL
SSMVNPLVLSTSCLKSFFWFNEVLELEDDSQIELAELTDFALMVKNQNVSRAMFVEDIAMGYVVSNFEGVRISLSNVMVD
GVQLPPQEKAPDIGELFGLKAENVIVGLVVQIDHVRMSTKFKLKRKMVYSFSLECIMDVGEIQNKEVILKVVAVDQSVSG
SGGNHMLLDGVSVVASLPLFTGQASFDLAAMLIESNLAGSNDNFLMRNVTLDLGGFSPELSDKYSYRLSGPENQEDPLVL
KDGAFYVGGERLSTYKVEFTGDLVVKALGALEDDESVVSMLHQLWPYLKATSQVILFQQEDFTIVHDLYKKQLTKSIESF
GEWIEFTNFKVAYSKSLKELVISDTQGSFRLKGVMCRPLASTPQVEDIE
;
A,D
2 'polypeptide(L)'
;MGNCNKPPKRPPNTQTSSNQPSAEFRRTAPPSLYGRYNCKCCWFADTNLITCNDHYLCLRCHQTMLRNSELCHICWKPLP
TSITVPVEPSAPPP
;
B,E
3 'polyribonucleotide' GCCUAGGAUCCACUGUGCG C,F
#
loop_
_chem_comp.id
_chem_comp.type
_chem_comp.name
_chem_comp.formula
A RNA linking ADENOSINE-5'-MONOPHOSPHATE 'C10 H14 N5 O7 P'
C RNA linking CYTIDINE-5'-MONOPHOSPHATE 'C9 H14 N3 O8 P'
G RNA linking GUANOSINE-5'-MONOPHOSPHATE 'C10 H14 N5 O8 P'
MN non-polymer 'MANGANESE (II) ION' 'Mn 2'
U RNA linking URIDINE-5'-MONOPHOSPHATE 'C9 H13 N2 O9 P'
ZN non-polymer 'ZINC ION' 'Zn 2'
#
# COMPACT_ATOMS: atom_id res chain seq x y z
N ASP A 2 -7.76 -3.23 57.00
CA ASP A 2 -8.14 -2.23 56.01
C ASP A 2 -6.92 -1.67 55.28
N GLU A 3 -6.62 -2.24 54.12
CA GLU A 3 -5.46 -1.85 53.32
C GLU A 3 -5.82 -0.97 52.14
N TYR A 4 -6.96 -1.22 51.50
CA TYR A 4 -7.44 -0.39 50.40
C TYR A 4 -8.49 0.62 50.84
N VAL A 5 -8.91 0.58 52.11
CA VAL A 5 -9.89 1.52 52.61
C VAL A 5 -9.28 2.91 52.77
N GLN A 6 -8.00 2.97 53.16
CA GLN A 6 -7.38 4.26 53.46
C GLN A 6 -6.88 4.97 52.21
N GLU A 7 -6.47 4.22 51.18
CA GLU A 7 -5.90 4.85 49.99
C GLU A 7 -6.95 5.59 49.18
N LEU A 8 -8.23 5.21 49.30
CA LEU A 8 -9.28 5.92 48.59
C LEU A 8 -9.33 7.39 48.99
N LYS A 9 -9.00 7.69 50.25
CA LYS A 9 -9.00 9.07 50.71
C LYS A 9 -7.99 9.92 49.96
N GLY A 10 -7.10 9.31 49.19
CA GLY A 10 -6.18 10.05 48.36
C GLY A 10 -6.49 9.92 46.89
N LEU A 11 -7.29 8.91 46.53
CA LEU A 11 -7.60 8.65 45.12
C LEU A 11 -8.75 9.52 44.63
N ILE A 12 -9.82 9.63 45.42
CA ILE A 12 -10.98 10.40 44.98
C ILE A 12 -10.70 11.89 44.97
N ARG A 13 -9.69 12.33 45.72
CA ARG A 13 -9.35 13.75 45.75
C ARG A 13 -8.96 14.30 44.39
N LYS A 14 -8.67 13.44 43.41
CA LYS A 14 -8.38 13.86 42.05
C LYS A 14 -9.67 14.11 41.28
N HIS A 15 -10.45 15.08 41.77
CA HIS A 15 -11.72 15.44 41.15
C HIS A 15 -12.08 16.89 41.44
N GLU A 21 -22.49 19.14 42.10
CA GLU A 21 -21.44 18.96 43.10
C GLU A 21 -21.89 18.05 44.23
N PHE A 22 -21.33 16.85 44.29
CA PHE A 22 -21.68 15.87 45.32
C PHE A 22 -20.84 16.12 46.58
N GLY A 23 -20.96 17.34 47.11
CA GLY A 23 -20.16 17.72 48.26
C GLY A 23 -20.44 16.88 49.48
N HIS A 24 -21.72 16.72 49.82
CA HIS A 24 -22.08 15.94 51.01
C HIS A 24 -21.68 14.48 50.85
N GLN A 25 -21.93 13.90 49.68
CA GLN A 25 -21.56 12.52 49.45
C GLN A 25 -20.04 12.35 49.43
N LYS A 26 -19.32 13.33 48.85
CA LYS A 26 -17.86 13.26 48.89
C LYS A 26 -17.34 13.31 50.31
N VAL A 27 -17.91 14.16 51.16
CA VAL A 27 -17.46 14.25 52.54
C VAL A 27 -17.78 12.95 53.28
N THR A 28 -19.00 12.45 53.16
CA THR A 28 -19.36 11.20 53.82
C THR A 28 -18.59 10.01 53.28
N PHE A 29 -18.00 10.14 52.08
CA PHE A 29 -17.09 9.12 51.59
C PHE A 29 -15.69 9.27 52.17
N LEU A 30 -15.26 10.52 52.39
CA LEU A 30 -13.95 10.77 53.00
C LEU A 30 -13.93 10.48 54.50
N SER A 31 -15.09 10.28 55.13
CA SER A 31 -15.18 10.12 56.57
C SER A 31 -15.81 8.76 56.92
N GLN A 32 -15.44 7.72 56.19
CA GLN A 32 -15.94 6.38 56.45
C GLN A 32 -15.00 5.33 55.87
N SER A 36 -17.56 -2.30 56.32
CA SER A 36 -18.89 -2.85 56.02
C SER A 36 -19.77 -1.93 55.14
N PRO A 37 -19.78 -0.62 55.38
CA PRO A 37 -20.56 0.27 54.49
C PRO A 37 -19.76 0.87 53.33
N LEU A 38 -18.49 0.48 53.18
CA LEU A 38 -17.64 1.10 52.17
C LEU A 38 -18.10 0.74 50.76
N LEU A 39 -18.42 -0.54 50.52
CA LEU A 39 -18.90 -0.94 49.21
C LEU A 39 -20.22 -0.25 48.86
N THR A 40 -21.14 -0.15 49.84
CA THR A 40 -22.43 0.47 49.57
C THR A 40 -22.27 1.95 49.23
N GLU A 41 -21.49 2.69 50.03
CA GLU A 41 -21.30 4.10 49.73
C GLU A 41 -20.52 4.31 48.44
N GLY A 42 -19.57 3.42 48.14
CA GLY A 42 -18.85 3.54 46.88
C GLY A 42 -19.75 3.34 45.67
N PHE A 43 -20.59 2.31 45.70
CA PHE A 43 -21.53 2.09 44.61
C PHE A 43 -22.54 3.22 44.52
N LYS A 44 -22.98 3.73 45.67
CA LYS A 44 -23.90 4.87 45.67
C LYS A 44 -23.26 6.09 45.01
N LEU A 45 -22.00 6.36 45.35
CA LEU A 45 -21.31 7.52 44.77
C LEU A 45 -21.11 7.33 43.26
N LEU A 46 -20.77 6.11 42.84
CA LEU A 46 -20.61 5.85 41.41
C LEU A 46 -21.92 6.06 40.67
N SER A 47 -23.01 5.50 41.21
CA SER A 47 -24.32 5.67 40.59
C SER A 47 -24.72 7.14 40.54
N SER A 48 -24.44 7.89 41.62
CA SER A 48 -24.79 9.29 41.65
C SER A 48 -24.01 10.09 40.62
N LEU A 49 -22.70 9.84 40.51
CA LEU A 49 -21.90 10.59 39.55
C LEU A 49 -22.31 10.26 38.12
N VAL A 50 -22.55 8.98 37.82
CA VAL A 50 -22.90 8.65 36.43
C VAL A 50 -24.31 9.15 36.11
N GLU A 51 -25.22 9.14 37.09
CA GLU A 51 -26.55 9.70 36.87
C GLU A 51 -26.48 11.20 36.61
N LEU A 52 -25.70 11.92 37.43
CA LEU A 52 -25.56 13.36 37.23
C LEU A 52 -24.95 13.66 35.86
N GLU A 53 -23.92 12.91 35.48
CA GLU A 53 -23.29 13.16 34.18
C GLU A 53 -24.23 12.83 33.02
N SER A 54 -25.13 11.88 33.25
CA SER A 54 -26.10 11.39 32.22
C SER A 54 -27.25 12.39 31.99
N CYS A 55 -27.88 12.89 33.06
CA CYS A 55 -29.01 13.83 32.89
C CYS A 55 -28.52 15.28 32.72
N GLU A 56 -27.21 15.51 32.87
CA GLU A 56 -26.64 16.88 32.65
C GLU A 56 -26.65 17.12 31.13
N ALA A 57 -26.63 16.03 30.38
CA ALA A 57 -26.71 16.11 28.93
C ALA A 57 -28.12 16.38 28.42
N HIS A 58 -29.14 16.30 29.30
CA HIS A 58 -30.53 16.49 28.90
C HIS A 58 -31.24 17.55 29.73
N ALA A 59 -30.50 18.52 30.29
CA ALA A 59 -31.09 19.60 31.10
C ALA A 59 -31.86 19.05 32.30
N CYS A 60 -31.09 18.48 33.23
CA CYS A 60 -31.59 17.73 34.37
C CYS A 60 -31.06 18.27 35.70
N GLN A 61 -31.71 17.84 36.79
CA GLN A 61 -31.38 18.30 38.13
C GLN A 61 -30.52 17.27 38.84
N ALA A 62 -30.26 17.51 40.13
CA ALA A 62 -29.46 16.62 40.95
C ALA A 62 -30.32 16.02 42.06
N ASP A 89 -36.06 10.11 40.24
CA ASP A 89 -34.64 10.37 40.09
C ASP A 89 -34.37 11.85 39.80
N GLY A 90 -35.13 12.40 38.86
CA GLY A 90 -35.02 13.81 38.54
C GLY A 90 -36.36 14.47 38.25
N PHE A 91 -36.69 15.50 39.03
CA PHE A 91 -37.94 16.24 38.86
C PHE A 91 -37.65 17.63 38.32
N LYS A 92 -38.48 18.09 37.39
CA LYS A 92 -38.42 19.47 36.90
C LYS A 92 -39.86 19.97 36.82
N LEU A 93 -40.29 20.72 37.84
CA LEU A 93 -41.65 21.24 37.92
C LEU A 93 -41.66 22.71 37.56
N THR A 94 -42.50 23.06 36.58
CA THR A 94 -42.64 24.45 36.14
C THR A 94 -44.09 24.67 35.75
N GLY A 95 -44.80 25.48 36.53
CA GLY A 95 -46.20 25.76 36.26
C GLY A 95 -47.12 24.62 36.63
N LYS A 96 -47.77 24.02 35.63
CA LYS A 96 -48.69 22.91 35.82
C LYS A 96 -48.26 21.71 34.99
N THR A 97 -46.95 21.46 34.91
CA THR A 97 -46.41 20.34 34.16
C THR A 97 -45.05 19.96 34.77
N LEU A 98 -44.86 18.67 34.98
CA LEU A 98 -43.62 18.16 35.57
C LEU A 98 -42.93 17.22 34.60
N ILE A 99 -41.61 17.34 34.52
CA ILE A 99 -40.77 16.46 33.71
C ILE A 99 -40.05 15.52 34.66
N LEU A 100 -40.27 14.22 34.47
CA LEU A 100 -39.68 13.19 35.32
C LEU A 100 -38.66 12.41 34.51
N LEU A 101 -37.40 12.46 34.94
CA LEU A 101 -36.30 11.79 34.26
C LEU A 101 -35.70 10.76 35.20
N GLU A 102 -35.76 9.49 34.78
CA GLU A 102 -35.16 8.39 35.52
C GLU A 102 -34.06 7.77 34.66
N THR A 103 -32.92 7.50 35.28
CA THR A 103 -31.76 6.98 34.55
C THR A 103 -31.29 5.68 35.14
N PHE A 104 -30.50 4.95 34.34
CA PHE A 104 -29.90 3.70 34.78
C PHE A 104 -28.66 3.44 33.94
N VAL A 105 -27.82 2.53 34.43
CA VAL A 105 -26.54 2.20 33.79
C VAL A 105 -26.43 0.68 33.74
N ARG A 106 -26.44 0.12 32.52
CA ARG A 106 -26.25 -1.30 32.31
C ARG A 106 -25.44 -1.48 31.04
N VAL A 107 -24.25 -2.08 31.16
CA VAL A 107 -23.37 -2.21 30.00
C VAL A 107 -23.80 -3.34 29.08
N ASN A 108 -24.55 -4.30 29.58
CA ASN A 108 -25.06 -5.38 28.72
C ASN A 108 -26.34 -4.93 28.03
N PRO A 109 -26.43 -5.06 26.70
CA PRO A 109 -27.65 -4.64 26.02
C PRO A 109 -28.89 -5.38 26.46
N ASP A 110 -28.74 -6.62 26.93
CA ASP A 110 -29.89 -7.38 27.42
C ASP A 110 -30.50 -6.71 28.65
N GLU A 111 -29.71 -6.58 29.72
CA GLU A 111 -30.20 -5.91 30.92
C GLU A 111 -30.48 -4.45 30.66
N PHE A 112 -29.77 -3.83 29.71
CA PHE A 112 -30.08 -2.46 29.32
C PHE A 112 -31.51 -2.33 28.82
N GLU A 113 -31.88 -3.16 27.83
CA GLU A 113 -33.25 -3.14 27.32
C GLU A 113 -34.25 -3.54 28.39
N LYS A 114 -33.88 -4.50 29.24
CA LYS A 114 -34.78 -4.93 30.31
C LYS A 114 -35.13 -3.77 31.23
N LYS A 115 -34.11 -3.09 31.75
CA LYS A 115 -34.36 -1.95 32.63
C LYS A 115 -35.03 -0.80 31.89
N TRP A 116 -34.70 -0.62 30.61
CA TRP A 116 -35.36 0.42 29.82
C TRP A 116 -36.85 0.19 29.77
N LYS A 117 -37.27 -1.02 29.39
CA LYS A 117 -38.69 -1.32 29.29
C LYS A 117 -39.38 -1.31 30.64
N ALA A 118 -38.69 -1.80 31.68
CA ALA A 118 -39.28 -1.77 33.02
C ALA A 118 -39.50 -0.34 33.51
N ASP A 119 -38.52 0.53 33.28
CA ASP A 119 -38.65 1.92 33.68
C ASP A 119 -39.75 2.61 32.89
N MET A 120 -39.82 2.36 31.58
CA MET A 120 -40.89 2.92 30.77
C MET A 120 -42.26 2.46 31.29
N SER A 121 -42.38 1.18 31.66
CA SER A 121 -43.66 0.67 32.13
C SER A 121 -44.05 1.28 33.46
N LYS A 122 -43.13 1.31 34.43
CA LYS A 122 -43.47 1.84 35.75
C LYS A 122 -43.51 3.37 35.78
N LEU A 123 -43.08 4.04 34.72
CA LEU A 123 -43.33 5.48 34.60
C LEU A 123 -44.59 5.79 33.81
N LEU A 124 -45.01 4.90 32.92
CA LEU A 124 -46.25 5.09 32.18
C LEU A 124 -47.47 4.67 32.98
N ASN A 125 -47.31 3.76 33.94
CA ASN A 125 -48.42 3.37 34.79
C ASN A 125 -48.82 4.47 35.79
N LEU A 126 -48.02 5.52 35.93
CA LEU A 126 -48.26 6.55 36.92
C LEU A 126 -49.09 7.72 36.37
N LYS A 127 -48.92 8.05 35.08
CA LYS A 127 -49.68 9.16 34.51
C LYS A 127 -51.17 8.83 34.42
N HIS A 128 -51.52 7.54 34.39
CA HIS A 128 -52.94 7.18 34.43
C HIS A 128 -53.57 7.60 35.74
N ASP A 129 -52.79 7.68 36.81
CA ASP A 129 -53.28 8.11 38.11
C ASP A 129 -53.08 9.59 38.38
N LEU A 130 -52.05 10.20 37.77
CA LEU A 130 -51.85 11.64 37.97
C LEU A 130 -52.75 12.49 37.07
N GLN A 131 -53.27 11.94 35.99
CA GLN A 131 -54.09 12.74 35.08
C GLN A 131 -55.51 12.92 35.60
N LYS A 132 -56.00 11.99 36.40
CA LYS A 132 -57.36 12.06 36.92
C LYS A 132 -57.53 13.22 37.88
N THR A 136 -50.46 16.40 33.50
CA THR A 136 -49.66 15.54 32.63
C THR A 136 -48.19 15.58 33.04
N LEU A 137 -47.44 14.56 32.62
CA LEU A 137 -46.02 14.45 32.95
C LEU A 137 -45.23 14.18 31.67
N VAL A 138 -44.00 14.67 31.65
CA VAL A 138 -43.07 14.43 30.55
C VAL A 138 -42.12 13.32 30.98
N PRO A 139 -42.28 12.09 30.49
CA PRO A 139 -41.39 11.00 30.93
C PRO A 139 -40.12 10.91 30.10
N ILE A 140 -38.97 10.80 30.77
CA ILE A 140 -37.70 10.57 30.10
C ILE A 140 -36.95 9.49 30.85
N VAL A 141 -36.48 8.48 30.12
CA VAL A 141 -35.63 7.43 30.67
C VAL A 141 -34.28 7.50 29.98
N ASP A 142 -33.21 7.45 30.77
CA ASP A 142 -31.84 7.64 30.29
C ASP A 142 -31.04 6.39 30.63
N GLY A 143 -30.88 5.51 29.64
CA GLY A 143 -30.04 4.34 29.83
C GLY A 143 -28.65 4.56 29.27
N ARG A 144 -27.64 4.58 30.13
CA ARG A 144 -26.26 4.79 29.71
C ARG A 144 -25.60 3.43 29.54
N SER A 145 -25.29 3.07 28.29
CA SER A 145 -24.70 1.78 27.99
C SER A 145 -23.26 1.65 28.48
N ASN A 146 -22.71 2.67 29.13
CA ASN A 146 -21.39 2.60 29.71
C ASN A 146 -21.36 3.48 30.95
N TYR A 147 -20.15 3.80 31.42
CA TYR A 147 -19.96 4.67 32.57
C TYR A 147 -19.25 5.97 32.19
N ASN A 148 -19.51 6.47 30.99
CA ASN A 148 -18.81 7.66 30.51
C ASN A 148 -19.09 8.86 31.40
N ASN A 149 -18.08 9.70 31.60
CA ASN A 149 -18.18 10.89 32.42
C ASN A 149 -17.55 12.07 31.72
N ARG A 150 -17.73 13.25 32.31
CA ARG A 150 -17.11 14.47 31.84
C ARG A 150 -16.61 15.33 33.00
N PHE A 151 -16.19 14.70 34.09
CA PHE A 151 -15.82 15.41 35.30
C PHE A 151 -14.35 15.82 35.30
N VAL A 152 -13.42 14.87 35.19
CA VAL A 152 -12.02 15.28 35.05
C VAL A 152 -11.43 14.73 33.76
N ALA A 153 -11.09 13.45 33.74
CA ALA A 153 -10.87 12.69 32.51
C ALA A 153 -10.69 11.20 32.81
N ASP A 154 -11.68 10.37 32.49
CA ASP A 154 -11.53 8.92 32.35
C ASP A 154 -10.60 8.27 33.38
N TRP A 155 -10.51 8.83 34.59
CA TRP A 155 -9.59 8.28 35.58
C TRP A 155 -10.31 7.72 36.80
N VAL A 156 -11.06 8.54 37.53
CA VAL A 156 -11.88 7.98 38.61
C VAL A 156 -13.26 7.70 38.07
N ILE A 157 -13.39 6.66 37.25
CA ILE A 157 -14.68 6.08 36.91
C ILE A 157 -14.59 4.56 37.00
N GLU A 158 -13.63 3.98 36.27
CA GLU A 158 -13.47 2.54 36.22
C GLU A 158 -12.46 2.03 37.25
N ARG A 159 -11.44 2.82 37.57
CA ARG A 159 -10.49 2.41 38.59
C ARG A 159 -11.17 2.27 39.94
N ILE A 160 -12.09 3.17 40.26
CA ILE A 160 -12.78 3.11 41.55
C ILE A 160 -13.66 1.87 41.63
N ARG A 161 -14.37 1.54 40.53
CA ARG A 161 -15.21 0.34 40.54
C ARG A 161 -14.34 -0.92 40.60
N TRP A 162 -13.21 -0.92 39.90
CA TRP A 162 -12.32 -2.07 39.92
C TRP A 162 -11.77 -2.30 41.33
N LEU A 163 -11.30 -1.25 41.99
CA LEU A 163 -10.81 -1.42 43.35
C LEU A 163 -11.93 -1.76 44.31
N LEU A 164 -13.17 -1.32 44.03
CA LEU A 164 -14.28 -1.67 44.90
C LEU A 164 -14.59 -3.16 44.82
N ILE A 165 -14.65 -3.70 43.60
CA ILE A 165 -14.87 -5.14 43.49
C ILE A 165 -13.66 -5.91 43.99
N GLU A 166 -12.47 -5.31 43.92
CA GLU A 166 -11.29 -5.93 44.53
C GLU A 166 -11.42 -6.01 46.04
N ILE A 167 -11.92 -4.94 46.67
CA ILE A 167 -12.17 -4.96 48.11
C ILE A 167 -13.23 -6.01 48.45
N LEU A 168 -14.27 -6.10 47.62
CA LEU A 168 -15.27 -7.15 47.83
C LEU A 168 -14.64 -8.53 47.76
N LYS A 169 -13.73 -8.74 46.80
CA LYS A 169 -12.99 -10.00 46.73
C LYS A 169 -12.18 -10.23 47.99
N ALA A 170 -11.55 -9.18 48.53
CA ALA A 170 -10.75 -9.32 49.74
C ALA A 170 -11.63 -9.55 50.95
N SER A 171 -12.75 -8.84 51.05
CA SER A 171 -13.66 -8.99 52.18
C SER A 171 -15.11 -9.08 51.71
N GLU A 180 -22.25 -11.17 50.46
CA GLU A 180 -23.34 -11.86 49.75
C GLU A 180 -22.78 -12.84 48.73
N ASP A 181 -23.67 -13.60 48.09
CA ASP A 181 -23.29 -14.58 47.09
C ASP A 181 -23.81 -14.23 45.69
N GLN A 182 -25.12 -14.03 45.55
CA GLN A 182 -25.66 -13.68 44.24
C GLN A 182 -25.34 -12.25 43.86
N GLU A 183 -25.32 -11.33 44.83
CA GLU A 183 -25.01 -9.94 44.53
C GLU A 183 -23.50 -9.74 44.36
N TYR A 184 -22.69 -10.46 45.12
CA TYR A 184 -21.25 -10.41 44.93
C TYR A 184 -20.85 -10.88 43.54
N GLN A 185 -21.67 -11.72 42.92
CA GLN A 185 -21.45 -12.13 41.54
C GLN A 185 -22.11 -11.19 40.54
N ARG A 186 -23.24 -10.59 40.90
CA ARG A 186 -23.87 -9.61 40.04
C ARG A 186 -22.99 -8.38 39.85
N LEU A 187 -22.32 -7.95 40.91
CA LEU A 187 -21.53 -6.72 40.84
C LEU A 187 -20.37 -6.85 39.86
N ILE A 188 -19.81 -8.05 39.72
CA ILE A 188 -18.71 -8.25 38.78
C ILE A 188 -19.20 -8.70 37.41
N HIS A 189 -20.27 -9.50 37.35
CA HIS A 189 -20.82 -9.90 36.06
C HIS A 189 -21.40 -8.72 35.29
N SER A 190 -21.83 -7.68 36.01
CA SER A 190 -22.49 -6.56 35.35
C SER A 190 -21.53 -5.70 34.53
N LEU A 191 -20.23 -5.70 34.85
CA LEU A 191 -19.28 -4.81 34.20
C LEU A 191 -17.94 -5.50 34.02
N SER A 192 -17.74 -6.13 32.86
CA SER A 192 -16.38 -6.41 32.40
C SER A 192 -16.08 -5.70 31.08
N ASN A 193 -16.66 -6.13 29.96
CA ASN A 193 -16.95 -5.19 28.87
C ASN A 193 -18.39 -5.31 28.40
N VAL A 194 -18.69 -6.42 27.72
CA VAL A 194 -20.05 -6.86 27.42
C VAL A 194 -20.10 -8.38 27.52
N LYS A 195 -18.93 -9.02 27.46
CA LYS A 195 -18.86 -10.45 27.18
C LYS A 195 -17.94 -11.18 28.15
N ASN A 196 -16.95 -10.48 28.70
CA ASN A 196 -15.96 -11.12 29.55
C ASN A 196 -16.61 -11.69 30.80
N GLN A 197 -16.71 -13.01 30.87
CA GLN A 197 -17.37 -13.73 31.96
C GLN A 197 -18.83 -13.33 32.12
N SER A 198 -19.46 -12.82 31.06
CA SER A 198 -20.85 -12.42 31.14
C SER A 198 -21.72 -13.03 30.04
N LEU A 199 -21.21 -13.15 28.82
CA LEU A 199 -21.99 -13.72 27.74
C LEU A 199 -22.11 -15.23 27.93
N GLY A 200 -23.34 -15.72 28.07
CA GLY A 200 -23.59 -17.11 28.37
C GLY A 200 -23.62 -18.04 27.18
N LEU A 201 -22.44 -18.40 26.65
CA LEU A 201 -22.36 -19.39 25.59
C LEU A 201 -22.77 -20.77 26.12
N GLU A 202 -22.76 -21.76 25.24
CA GLU A 202 -23.24 -23.09 25.63
C GLU A 202 -22.17 -23.86 26.38
N ASN A 203 -21.51 -23.21 27.34
CA ASN A 203 -20.60 -23.87 28.26
C ASN A 203 -20.67 -23.26 29.65
N LEU A 204 -21.77 -22.58 29.95
CA LEU A 204 -21.91 -21.81 31.20
C LEU A 204 -23.21 -22.25 31.89
N GLU A 205 -23.10 -23.26 32.74
CA GLU A 205 -24.19 -23.67 33.62
C GLU A 205 -23.88 -23.34 35.08
N HIS A 206 -22.90 -22.46 35.30
CA HIS A 206 -22.43 -22.14 36.65
C HIS A 206 -23.08 -20.86 37.15
N LEU A 207 -24.40 -20.92 37.34
CA LEU A 207 -25.12 -19.80 37.92
C LEU A 207 -25.69 -20.16 39.29
N LYS A 208 -26.63 -21.10 39.36
CA LYS A 208 -27.01 -21.71 40.63
C LYS A 208 -27.16 -23.22 40.51
N ARG A 209 -27.73 -23.66 39.39
CA ARG A 209 -28.24 -25.02 39.22
C ARG A 209 -29.03 -25.45 40.46
N ASN A 210 -30.09 -24.70 40.73
CA ASN A 210 -30.92 -24.90 41.91
C ASN A 210 -32.33 -25.29 41.51
N SER A 211 -33.05 -25.90 42.46
CA SER A 211 -34.41 -26.33 42.25
C SER A 211 -35.39 -25.45 43.02
N LEU A 212 -36.65 -25.45 42.57
CA LEU A 212 -37.68 -24.61 43.17
C LEU A 212 -38.94 -25.41 43.46
N ASP A 213 -38.79 -26.70 43.75
CA ASP A 213 -39.90 -27.63 44.03
C ASP A 213 -40.80 -27.81 42.81
N TYR A 214 -40.26 -27.62 41.61
CA TYR A 214 -41.01 -27.85 40.37
C TYR A 214 -40.24 -28.62 39.32
N ASP A 215 -38.90 -28.63 39.37
CA ASP A 215 -38.13 -29.30 38.33
C ASP A 215 -38.23 -30.81 38.42
N GLU A 216 -38.35 -31.35 39.64
CA GLU A 216 -38.42 -32.80 39.78
C GLU A 216 -39.70 -33.36 39.15
N ARG A 217 -40.83 -32.67 39.34
CA ARG A 217 -42.06 -33.10 38.71
C ARG A 217 -42.00 -32.95 37.21
N LEU A 218 -41.35 -31.88 36.72
CA LEU A 218 -41.18 -31.69 35.29
C LEU A 218 -40.39 -32.84 34.68
N ASN A 219 -39.25 -33.18 35.29
CA ASN A 219 -38.44 -34.29 34.81
C ASN A 219 -39.15 -35.63 34.97
N GLU A 220 -40.05 -35.75 35.95
CA GLU A 220 -40.85 -36.95 36.09
C GLU A 220 -41.89 -37.06 34.97
N SER A 221 -42.35 -35.92 34.46
CA SER A 221 -43.31 -35.92 33.36
C SER A 221 -42.64 -35.72 32.00
N LEU A 222 -41.31 -35.74 31.95
CA LEU A 222 -40.61 -35.48 30.70
C LEU A 222 -39.59 -36.57 30.38
N PHE A 223 -38.96 -37.14 31.41
CA PHE A 223 -37.88 -38.11 31.24
C PHE A 223 -38.13 -39.34 32.10
N ILE A 224 -39.34 -39.90 32.03
CA ILE A 224 -39.67 -41.07 32.83
C ILE A 224 -39.67 -42.31 31.96
N GLY A 225 -39.99 -42.15 30.68
CA GLY A 225 -40.05 -43.26 29.75
C GLY A 225 -38.90 -43.36 28.78
N LEU A 226 -37.84 -42.57 28.95
CA LEU A 226 -36.73 -42.54 28.02
C LEU A 226 -35.62 -43.45 28.51
N LYS A 227 -35.28 -44.46 27.71
CA LYS A 227 -34.18 -45.37 28.02
C LYS A 227 -33.01 -45.25 27.05
N GLY A 228 -33.28 -45.19 25.74
CA GLY A 228 -32.24 -44.94 24.76
C GLY A 228 -31.19 -46.02 24.61
N ASP A 229 -31.15 -47.01 25.49
CA ASP A 229 -30.18 -48.09 25.42
C ASP A 229 -30.81 -49.39 24.91
N ILE A 230 -31.89 -49.30 24.15
CA ILE A 230 -32.57 -50.48 23.66
C ILE A 230 -31.74 -51.15 22.57
N ARG A 231 -31.75 -52.48 22.57
CA ARG A 231 -31.01 -53.23 21.56
C ARG A 231 -31.67 -53.07 20.19
N GLU A 232 -31.01 -53.62 19.17
CA GLU A 232 -31.52 -53.51 17.81
C GLU A 232 -32.50 -54.61 17.47
N SER A 233 -32.23 -55.85 17.89
CA SER A 233 -33.10 -56.97 17.54
C SER A 233 -34.49 -56.78 18.13
N THR A 234 -34.57 -56.28 19.36
CA THR A 234 -35.88 -56.04 19.97
C THR A 234 -36.65 -54.97 19.21
N VAL A 235 -35.97 -53.90 18.80
CA VAL A 235 -36.62 -52.87 18.00
C VAL A 235 -37.11 -53.44 16.68
N ARG A 236 -36.30 -54.30 16.07
CA ARG A 236 -36.67 -54.89 14.79
C ARG A 236 -37.92 -55.76 14.93
N GLU A 237 -37.95 -56.65 15.94
CA GLU A 237 -39.11 -57.50 16.09
C GLU A 237 -40.34 -56.70 16.54
N GLU A 238 -40.14 -55.64 17.33
CA GLU A 238 -41.26 -54.79 17.68
C GLU A 238 -41.83 -54.09 16.45
N LEU A 239 -40.96 -53.67 15.53
CA LEU A 239 -41.44 -53.06 14.29
C LEU A 239 -42.15 -54.10 13.41
N ILE A 240 -41.66 -55.34 13.40
CA ILE A 240 -42.36 -56.40 12.67
C ILE A 240 -43.77 -56.58 13.22
N LYS A 241 -43.89 -56.69 14.54
CA LYS A 241 -45.21 -56.86 15.15
C LYS A 241 -46.10 -55.63 14.93
N LEU A 242 -45.50 -54.44 14.95
CA LEU A 242 -46.27 -53.22 14.72
C LEU A 242 -46.81 -53.16 13.30
N LYS A 243 -45.98 -53.55 12.32
CA LYS A 243 -46.47 -53.62 10.94
C LYS A 243 -47.55 -54.68 10.80
N LEU A 244 -47.39 -55.81 11.47
CA LEU A 244 -48.41 -56.86 11.41
C LEU A 244 -49.73 -56.36 11.99
N TRP A 245 -49.66 -55.57 13.07
CA TRP A 245 -50.87 -55.01 13.65
C TRP A 245 -51.48 -53.95 12.76
N PHE A 246 -50.64 -53.10 12.14
CA PHE A 246 -51.16 -52.01 11.32
C PHE A 246 -51.80 -52.53 10.04
N LYS A 247 -51.22 -53.56 9.43
CA LYS A 247 -51.75 -54.07 8.17
C LYS A 247 -53.13 -54.69 8.34
N ASP A 248 -53.46 -55.14 9.56
CA ASP A 248 -54.72 -55.84 9.80
C ASP A 248 -55.70 -55.05 10.65
N GLU A 249 -55.28 -53.95 11.27
CA GLU A 249 -56.16 -53.19 12.15
C GLU A 249 -56.41 -51.76 11.70
N VAL A 250 -55.53 -51.16 10.90
CA VAL A 250 -55.70 -49.78 10.49
C VAL A 250 -55.74 -49.67 8.97
N PHE A 251 -55.06 -50.60 8.30
CA PHE A 251 -55.01 -50.55 6.83
C PHE A 251 -56.13 -51.37 6.20
N SER A 252 -56.32 -52.61 6.67
CA SER A 252 -57.40 -53.44 6.15
C SER A 252 -58.78 -52.91 6.53
N LYS A 253 -58.85 -52.08 7.56
CA LYS A 253 -60.11 -51.47 7.98
C LYS A 253 -60.46 -50.23 7.18
N GLY A 254 -59.59 -49.79 6.28
CA GLY A 254 -59.85 -48.59 5.51
C GLY A 254 -59.55 -47.30 6.21
N LEU A 255 -58.81 -47.33 7.32
CA LEU A 255 -58.48 -46.12 8.07
C LEU A 255 -57.17 -45.49 7.61
N GLY A 256 -56.65 -45.90 6.47
CA GLY A 256 -55.43 -45.29 5.97
C GLY A 256 -55.66 -43.87 5.48
N LYS A 257 -54.67 -43.02 5.71
CA LYS A 257 -54.76 -41.62 5.36
C LYS A 257 -54.32 -41.32 3.93
N PHE A 258 -53.95 -42.34 3.17
CA PHE A 258 -53.55 -42.17 1.78
C PHE A 258 -54.30 -43.17 0.90
N LYS A 259 -54.52 -42.78 -0.35
CA LYS A 259 -55.29 -43.59 -1.28
C LYS A 259 -54.74 -43.40 -2.68
N LEU A 260 -55.25 -44.21 -3.60
CA LEU A 260 -54.88 -44.08 -5.00
C LEU A 260 -55.52 -42.82 -5.59
N THR A 261 -55.10 -42.48 -6.81
CA THR A 261 -55.53 -41.22 -7.41
C THR A 261 -56.97 -41.28 -7.87
N ASP A 262 -57.28 -42.21 -8.79
CA ASP A 262 -58.57 -42.24 -9.47
C ASP A 262 -58.81 -40.90 -10.18
N ARG A 263 -57.95 -40.66 -11.18
CA ARG A 263 -57.93 -39.38 -11.89
C ARG A 263 -59.31 -38.92 -12.32
N ARG A 264 -60.18 -39.84 -12.72
CA ARG A 264 -61.56 -39.47 -13.03
C ARG A 264 -62.24 -38.88 -11.80
N GLU A 265 -62.14 -39.57 -10.66
CA GLU A 265 -62.75 -39.06 -9.43
C GLU A 265 -62.08 -37.75 -9.01
N LEU A 266 -60.78 -37.62 -9.23
CA LEU A 266 -60.10 -36.36 -8.93
C LEU A 266 -60.68 -35.21 -9.73
N LEU A 267 -60.90 -35.42 -11.03
CA LEU A 267 -61.47 -34.38 -11.86
C LEU A 267 -62.91 -34.07 -11.46
N GLU A 268 -63.69 -35.10 -11.12
CA GLU A 268 -65.06 -34.86 -10.66
C GLU A 268 -65.07 -34.04 -9.39
N SER A 269 -64.19 -34.36 -8.44
CA SER A 269 -64.13 -33.62 -7.18
C SER A 269 -63.67 -32.19 -7.43
N LEU A 270 -62.71 -32.00 -8.34
CA LEU A 270 -62.27 -30.64 -8.68
C LEU A 270 -63.41 -29.83 -9.27
N SER A 271 -64.17 -30.42 -10.19
CA SER A 271 -65.32 -29.72 -10.77
C SER A 271 -66.40 -29.46 -9.71
N SER A 272 -66.50 -30.33 -8.71
CA SER A 272 -67.51 -30.15 -7.68
C SER A 272 -67.13 -29.07 -6.67
N LEU A 273 -65.84 -28.93 -6.35
CA LEU A 273 -65.42 -27.97 -5.34
C LEU A 273 -65.14 -26.59 -5.93
N GLY A 274 -64.55 -26.54 -7.13
CA GLY A 274 -64.19 -25.27 -7.73
C GLY A 274 -65.25 -24.72 -8.66
N ALA A 275 -65.67 -25.52 -9.64
CA ALA A 275 -66.69 -25.09 -10.58
C ALA A 275 -68.06 -25.06 -9.92
N HIS A 276 -68.46 -23.90 -9.41
CA HIS A 276 -69.74 -23.79 -8.71
C HIS A 276 -70.88 -23.96 -9.70
N LEU A 277 -71.76 -24.93 -9.42
CA LEU A 277 -72.93 -25.18 -10.25
C LEU A 277 -74.23 -24.75 -9.59
N ASP A 278 -74.27 -24.66 -8.26
CA ASP A 278 -75.47 -24.24 -7.55
C ASP A 278 -75.49 -22.74 -7.26
N SER A 279 -74.58 -21.97 -7.83
CA SER A 279 -74.52 -20.54 -7.61
C SER A 279 -75.23 -19.81 -8.74
N ASP A 280 -75.92 -18.73 -8.39
CA ASP A 280 -76.68 -17.94 -9.36
C ASP A 280 -75.82 -16.89 -10.06
N VAL A 281 -74.49 -16.99 -9.96
CA VAL A 281 -73.62 -16.03 -10.62
C VAL A 281 -73.61 -16.29 -12.12
N SER A 282 -73.43 -15.22 -12.89
CA SER A 282 -73.44 -15.34 -14.34
C SER A 282 -72.15 -15.97 -14.84
N SER A 283 -72.20 -16.45 -16.08
CA SER A 283 -71.01 -17.00 -16.74
C SER A 283 -70.27 -15.92 -17.53
N CYS A 284 -69.98 -14.81 -16.86
CA CYS A 284 -69.28 -13.69 -17.47
C CYS A 284 -68.45 -12.97 -16.42
N PRO A 285 -67.14 -12.88 -16.60
CA PRO A 285 -66.31 -12.20 -15.59
C PRO A 285 -66.61 -10.72 -15.45
N PHE A 286 -67.04 -10.07 -16.52
CA PHE A 286 -67.35 -8.65 -16.45
C PHE A 286 -68.63 -8.39 -15.66
N CYS A 287 -69.61 -9.29 -15.77
CA CYS A 287 -70.85 -9.13 -15.00
C CYS A 287 -70.59 -9.27 -13.51
N ASN A 288 -69.70 -10.18 -13.13
CA ASN A 288 -69.50 -10.49 -11.71
C ASN A 288 -68.53 -9.52 -11.05
N ASN A 289 -67.44 -9.16 -11.73
CA ASN A 289 -66.44 -8.27 -11.18
C ASN A 289 -66.68 -6.86 -11.71
N LYS A 290 -66.85 -5.91 -10.79
CA LYS A 290 -67.14 -4.54 -11.21
C LYS A 290 -65.94 -3.90 -11.89
N LEU A 291 -64.73 -4.19 -11.42
CA LEU A 291 -63.54 -3.62 -12.05
C LEU A 291 -63.34 -4.18 -13.45
N MET A 292 -63.62 -5.46 -13.65
CA MET A 292 -63.57 -6.01 -15.00
C MET A 292 -64.63 -5.38 -15.90
N GLU A 293 -65.82 -5.10 -15.34
CA GLU A 293 -66.84 -4.41 -16.10
C GLU A 293 -66.37 -3.03 -16.53
N ILE A 294 -65.72 -2.31 -15.61
CA ILE A 294 -65.23 -0.96 -15.93
C ILE A 294 -64.12 -1.03 -16.97
N VAL A 295 -63.22 -2.00 -16.85
CA VAL A 295 -62.15 -2.14 -17.84
C VAL A 295 -62.73 -2.45 -19.21
N TYR A 296 -63.73 -3.34 -19.26
CA TYR A 296 -64.38 -3.66 -20.53
C TYR A 296 -65.07 -2.43 -21.12
N ASN A 297 -65.76 -1.66 -20.27
CA ASN A 297 -66.44 -0.46 -20.75
C ASN A 297 -65.45 0.53 -21.33
N VAL A 298 -64.37 0.83 -20.59
CA VAL A 298 -63.38 1.79 -21.06
C VAL A 298 -62.73 1.30 -22.34
N THR A 299 -62.38 0.02 -22.40
CA THR A 299 -61.72 -0.53 -23.58
C THR A 299 -62.62 -0.43 -24.81
N PHE A 300 -63.80 -1.05 -24.75
CA PHE A 300 -64.67 -1.08 -25.90
C PHE A 300 -65.46 0.21 -26.10
N SER A 301 -65.18 1.24 -25.30
CA SER A 301 -65.63 2.59 -25.62
C SER A 301 -64.50 3.46 -26.17
N CYS A 302 -63.24 3.06 -25.96
CA CYS A 302 -62.12 3.79 -26.53
C CYS A 302 -61.67 3.22 -27.87
N VAL A 303 -61.93 1.94 -28.12
CA VAL A 303 -61.47 1.33 -29.37
C VAL A 303 -62.48 1.50 -30.50
N GLU A 304 -63.76 1.69 -30.20
CA GLU A 304 -64.76 1.82 -31.25
C GLU A 304 -65.00 3.26 -31.65
N ARG A 305 -64.80 4.21 -30.75
CA ARG A 305 -65.09 5.61 -31.05
C ARG A 305 -63.92 6.27 -31.77
N THR A 306 -62.76 6.35 -31.10
CA THR A 306 -61.59 7.01 -31.67
C THR A 306 -60.44 6.05 -31.94
N ASP A 307 -60.01 5.30 -30.94
CA ASP A 307 -58.86 4.40 -31.10
C ASP A 307 -59.32 3.00 -31.51
N THR A 319 -51.99 23.83 -32.66
CA THR A 319 -52.10 24.23 -31.25
C THR A 319 -53.03 23.31 -30.50
N HIS A 320 -53.36 22.16 -31.10
CA HIS A 320 -54.25 21.20 -30.45
C HIS A 320 -53.64 20.66 -29.16
N SER A 321 -52.32 20.45 -29.16
CA SER A 321 -51.61 19.94 -28.00
C SER A 321 -50.60 20.98 -27.49
N ASN A 322 -51.01 22.25 -27.49
CA ASN A 322 -50.17 23.33 -27.01
C ASN A 322 -50.71 23.97 -25.74
N ILE A 323 -52.00 24.34 -25.73
CA ILE A 323 -52.57 24.94 -24.53
C ILE A 323 -52.72 23.91 -23.43
N GLU A 324 -52.94 22.64 -23.78
CA GLU A 324 -53.02 21.59 -22.77
C GLU A 324 -51.71 21.47 -22.00
N LYS A 325 -50.58 21.48 -22.70
CA LYS A 325 -49.29 21.42 -22.02
C LYS A 325 -49.04 22.67 -21.19
N HIS A 326 -49.51 23.83 -21.65
CA HIS A 326 -49.39 25.04 -20.85
C HIS A 326 -50.17 24.90 -19.54
N TYR A 327 -51.41 24.42 -19.62
CA TYR A 327 -52.19 24.17 -18.42
C TYR A 327 -51.49 23.17 -17.51
N LEU A 328 -50.95 22.10 -18.07
CA LEU A 328 -50.26 21.10 -17.25
C LEU A 328 -49.04 21.70 -16.57
N SER A 329 -48.33 22.59 -17.26
CA SER A 329 -47.14 23.20 -16.68
C SER A 329 -47.50 24.12 -15.52
N VAL A 330 -48.51 24.97 -15.71
CA VAL A 330 -48.88 25.85 -14.60
C VAL A 330 -49.49 25.04 -13.46
N LEU A 331 -50.17 23.93 -13.77
CA LEU A 331 -50.68 23.07 -12.73
C LEU A 331 -49.56 22.43 -11.92
N SER A 332 -48.51 21.99 -12.60
CA SER A 332 -47.34 21.47 -11.90
C SER A 332 -46.70 22.55 -11.04
N LEU A 333 -46.65 23.78 -11.54
CA LEU A 333 -46.09 24.88 -10.75
C LEU A 333 -46.91 25.14 -9.50
N CYS A 334 -48.24 25.14 -9.63
CA CYS A 334 -49.08 25.38 -8.46
C CYS A 334 -49.03 24.21 -7.47
N ASN A 335 -48.87 22.98 -7.98
CA ASN A 335 -48.66 21.86 -7.08
C ASN A 335 -47.30 21.93 -6.39
N LYS A 336 -46.33 22.61 -7.02
CA LYS A 336 -45.04 22.79 -6.39
C LYS A 336 -45.15 23.67 -5.15
N ILE A 337 -45.87 24.79 -5.26
CA ILE A 337 -46.06 25.68 -4.11
C ILE A 337 -47.16 25.22 -3.18
N LYS A 338 -47.73 24.04 -3.44
CA LYS A 338 -48.76 23.50 -2.55
C LYS A 338 -48.14 22.93 -1.28
N GLY A 339 -46.96 22.30 -1.39
CA GLY A 339 -46.36 21.64 -0.26
C GLY A 339 -45.15 22.32 0.34
N LEU A 340 -45.02 23.63 0.11
CA LEU A 340 -43.93 24.41 0.71
C LEU A 340 -44.36 25.15 1.97
N LYS A 341 -45.66 25.17 2.28
CA LYS A 341 -46.18 25.88 3.45
C LYS A 341 -45.81 27.37 3.40
N VAL A 342 -46.10 28.00 2.26
CA VAL A 342 -45.82 29.41 2.07
C VAL A 342 -47.00 30.24 2.52
N PHE A 343 -47.97 29.61 3.18
CA PHE A 343 -49.13 30.28 3.73
C PHE A 343 -49.35 29.82 5.16
N ASN A 344 -50.38 30.40 5.80
CA ASN A 344 -50.65 30.08 7.20
C ASN A 344 -51.50 28.82 7.33
N THR A 345 -52.67 28.81 6.71
CA THR A 345 -53.61 27.70 6.82
C THR A 345 -53.75 27.01 5.48
N ARG A 346 -53.94 25.69 5.53
CA ARG A 346 -54.04 24.90 4.30
C ARG A 346 -55.21 25.35 3.44
N ARG A 347 -56.34 25.72 4.06
CA ARG A 347 -57.51 26.13 3.31
C ARG A 347 -57.20 27.36 2.44
N ASN A 348 -56.48 28.34 3.00
CA ASN A 348 -56.12 29.51 2.21
C ASN A 348 -55.17 29.15 1.08
N THR A 349 -54.30 28.16 1.29
CA THR A 349 -53.41 27.72 0.21
C THR A 349 -54.22 27.11 -0.94
N LEU A 350 -55.14 26.20 -0.61
CA LEU A 350 -55.98 25.62 -1.65
C LEU A 350 -56.81 26.69 -2.34
N LEU A 351 -57.31 27.67 -1.60
CA LEU A 351 -58.13 28.72 -2.21
C LEU A 351 -57.30 29.60 -3.13
N PHE A 352 -56.06 29.90 -2.74
CA PHE A 352 -55.20 30.72 -3.60
C PHE A 352 -54.80 29.97 -4.86
N LEU A 353 -54.53 28.66 -4.74
CA LEU A 353 -54.22 27.89 -5.93
C LEU A 353 -55.44 27.76 -6.84
N ASP A 354 -56.63 27.63 -6.25
CA ASP A 354 -57.86 27.65 -7.03
C ASP A 354 -58.00 28.97 -7.77
N LEU A 355 -57.71 30.09 -7.08
CA LEU A 355 -57.76 31.40 -7.72
C LEU A 355 -56.80 31.49 -8.89
N ILE A 356 -55.58 30.97 -8.72
CA ILE A 356 -54.60 30.99 -9.79
C ILE A 356 -55.11 30.19 -10.99
N MET A 357 -55.65 29.01 -10.73
CA MET A 357 -56.15 28.16 -11.82
C MET A 357 -57.32 28.81 -12.53
N VAL A 358 -58.21 29.48 -11.78
CA VAL A 358 -59.36 30.14 -12.38
C VAL A 358 -58.92 31.33 -13.22
N ASN A 359 -57.92 32.09 -12.73
CA ASN A 359 -57.40 33.20 -13.53
C ASN A 359 -56.72 32.69 -14.79
N LEU A 360 -56.05 31.54 -14.71
CA LEU A 360 -55.50 30.93 -15.91
C LEU A 360 -56.62 30.55 -16.88
N MET A 361 -57.71 30.00 -16.35
CA MET A 361 -58.84 29.64 -17.20
C MET A 361 -59.40 30.86 -17.92
N VAL A 362 -59.58 31.97 -17.20
CA VAL A 362 -60.17 33.14 -17.83
C VAL A 362 -59.18 33.79 -18.79
N ASP A 363 -57.87 33.63 -18.54
CA ASP A 363 -56.88 34.16 -19.47
C ASP A 363 -56.81 33.31 -20.74
N ILE A 364 -57.06 32.01 -20.63
CA ILE A 364 -57.07 31.16 -21.82
C ILE A 364 -58.37 31.31 -22.60
N SER A 365 -59.48 31.65 -21.92
CA SER A 365 -60.77 31.78 -22.61
C SER A 365 -60.67 32.79 -23.74
N ASP A 366 -60.13 33.98 -23.47
CA ASP A 366 -59.91 34.98 -24.50
C ASP A 366 -58.57 34.69 -25.19
N SER A 367 -58.22 35.56 -26.15
CA SER A 367 -57.02 35.41 -26.97
C SER A 367 -57.00 34.09 -27.74
N CYS A 368 -58.18 33.49 -27.93
CA CYS A 368 -58.32 32.26 -28.69
C CYS A 368 -59.78 32.13 -29.13
N GLN A 369 -59.98 31.57 -30.32
CA GLN A 369 -61.33 31.48 -30.87
C GLN A 369 -62.22 30.61 -29.99
N ASP A 370 -61.89 29.33 -29.86
CA ASP A 370 -62.61 28.38 -29.01
C ASP A 370 -61.58 27.63 -28.19
N ALA A 371 -61.36 28.07 -26.94
CA ALA A 371 -60.35 27.46 -26.09
C ALA A 371 -60.93 26.34 -25.22
N ILE A 372 -61.99 26.65 -24.46
CA ILE A 372 -62.55 25.64 -23.55
C ILE A 372 -63.39 24.62 -24.32
N GLU A 373 -64.04 25.03 -25.40
CA GLU A 373 -64.92 24.14 -26.14
C GLU A 373 -64.17 23.20 -27.07
N SER A 374 -62.88 23.43 -27.31
CA SER A 374 -62.09 22.63 -28.24
C SER A 374 -61.01 21.81 -27.58
N LEU A 375 -60.27 22.39 -26.64
CA LEU A 375 -59.15 21.71 -26.00
C LEU A 375 -59.43 21.27 -24.57
N ARG A 376 -60.17 22.07 -23.80
CA ARG A 376 -60.54 21.63 -22.45
C ARG A 376 -61.45 20.42 -22.51
N LYS A 377 -62.49 20.48 -23.36
CA LYS A 377 -63.36 19.33 -23.55
C LYS A 377 -62.59 18.13 -24.09
N SER A 378 -61.53 18.37 -24.85
CA SER A 378 -60.69 17.30 -25.37
C SER A 378 -59.48 17.03 -24.48
N GLY A 379 -59.24 17.86 -23.47
CA GLY A 379 -58.10 17.66 -22.59
C GLY A 379 -58.50 17.35 -21.16
N LEU A 380 -58.17 18.25 -20.23
CA LEU A 380 -58.41 18.03 -18.81
C LEU A 380 -59.51 18.99 -18.34
N ILE A 381 -60.76 18.54 -18.50
CA ILE A 381 -61.91 19.23 -17.91
C ILE A 381 -63.06 18.24 -17.92
N VAL A 382 -63.97 18.39 -16.96
CA VAL A 382 -65.09 17.50 -16.80
C VAL A 382 -66.37 18.33 -16.74
N GLY A 383 -67.50 17.66 -16.57
CA GLY A 383 -68.78 18.32 -16.54
C GLY A 383 -68.91 19.33 -15.42
N GLN A 384 -68.89 20.61 -15.77
CA GLN A 384 -69.06 21.76 -14.88
C GLN A 384 -67.90 21.93 -13.90
N MET A 385 -66.94 21.02 -13.87
CA MET A 385 -65.85 21.09 -12.90
C MET A 385 -64.51 21.14 -13.63
N VAL A 386 -63.53 21.75 -12.96
CA VAL A 386 -62.20 21.93 -13.52
C VAL A 386 -61.19 21.29 -12.58
N MET A 387 -60.10 20.79 -13.16
CA MET A 387 -59.05 20.14 -12.39
C MET A 387 -58.18 21.17 -11.70
N LEU A 388 -57.85 20.90 -10.43
CA LEU A 388 -57.05 21.80 -9.63
C LEU A 388 -55.84 21.07 -9.04
N VAL A 389 -55.14 21.72 -8.11
CA VAL A 389 -53.98 21.13 -7.46
C VAL A 389 -54.43 20.01 -6.54
N ASN A 390 -53.46 19.20 -6.08
CA ASN A 390 -53.72 18.08 -5.18
C ASN A 390 -54.70 17.08 -5.78
N ASP A 391 -54.66 16.94 -7.10
CA ASP A 391 -55.49 15.99 -7.86
C ASP A 391 -56.98 16.25 -7.70
N ARG A 392 -57.37 17.40 -7.18
CA ARG A 392 -58.77 17.70 -6.94
C ARG A 392 -59.45 18.16 -8.23
N VAL A 393 -60.78 18.02 -8.25
CA VAL A 393 -61.61 18.58 -9.31
C VAL A 393 -62.75 19.32 -8.63
N LEU A 394 -62.87 20.61 -8.90
CA LEU A 394 -63.84 21.44 -8.20
C LEU A 394 -64.85 22.00 -9.19
N ASP A 395 -66.11 22.03 -8.77
CA ASP A 395 -67.16 22.64 -9.56
C ASP A 395 -66.85 24.12 -9.79
N ILE A 396 -66.86 24.53 -11.06
CA ILE A 396 -66.55 25.93 -11.40
C ILE A 396 -67.50 26.87 -10.68
N LEU A 397 -68.78 26.50 -10.62
CA LEU A 397 -69.75 27.29 -9.86
C LEU A 397 -69.27 27.50 -8.43
N GLU A 398 -69.14 26.41 -7.68
CA GLU A 398 -68.71 26.51 -6.29
C GLU A 398 -67.27 27.02 -6.18
N ALA A 399 -66.46 26.80 -7.21
CA ALA A 399 -65.12 27.39 -7.21
C ALA A 399 -65.20 28.91 -7.12
N VAL A 400 -65.94 29.55 -8.03
CA VAL A 400 -66.05 30.99 -7.98
C VAL A 400 -66.88 31.45 -6.79
N LYS A 401 -67.77 30.60 -6.26
CA LYS A 401 -68.48 30.96 -5.03
C LYS A 401 -67.52 31.05 -3.85
N LEU A 402 -66.61 30.08 -3.73
CA LEU A 402 -65.59 30.14 -2.70
C LEU A 402 -64.63 31.31 -2.93
N ILE A 403 -64.34 31.60 -4.20
CA ILE A 403 -63.47 32.73 -4.51
C ILE A 403 -64.13 34.04 -4.11
N ARG A 404 -65.46 34.13 -4.22
CA ARG A 404 -66.15 35.34 -3.78
C ARG A 404 -65.91 35.59 -2.29
N LYS A 405 -65.88 34.53 -1.49
CA LYS A 405 -65.47 34.65 -0.11
C LYS A 405 -63.95 34.77 -0.03
N LYS A 406 -63.46 35.26 1.11
CA LYS A 406 -62.06 35.54 1.40
C LYS A 406 -61.53 36.72 0.59
N ILE A 407 -62.33 37.29 -0.32
CA ILE A 407 -61.97 38.54 -0.98
C ILE A 407 -63.01 39.63 -0.72
N GLY A 408 -64.25 39.25 -0.45
CA GLY A 408 -65.27 40.21 -0.06
C GLY A 408 -65.34 40.33 1.44
N THR A 409 -65.21 39.21 2.13
CA THR A 409 -65.10 39.18 3.58
C THR A 409 -63.66 39.39 4.06
N ASN A 410 -62.71 39.45 3.13
CA ASN A 410 -61.30 39.68 3.48
C ASN A 410 -60.63 40.39 2.31
N PRO A 411 -60.86 41.70 2.19
CA PRO A 411 -60.28 42.44 1.06
C PRO A 411 -58.76 42.55 1.19
N ASN A 412 -58.14 42.97 0.08
CA ASN A 412 -56.69 43.12 -0.01
C ASN A 412 -55.97 41.81 0.32
N TRP A 413 -56.59 40.68 -0.03
CA TRP A 413 -56.00 39.37 0.22
C TRP A 413 -55.05 38.94 -0.89
N VAL A 414 -55.36 39.29 -2.14
CA VAL A 414 -54.51 38.87 -3.25
C VAL A 414 -53.15 39.55 -3.18
N LYS A 415 -53.12 40.84 -2.81
CA LYS A 415 -51.86 41.58 -2.79
C LYS A 415 -50.86 40.95 -1.82
N ASN A 416 -51.28 40.77 -0.56
CA ASN A 416 -50.34 40.21 0.41
C ASN A 416 -50.12 38.72 0.19
N CYS A 417 -51.13 38.00 -0.30
CA CYS A 417 -50.94 36.58 -0.59
C CYS A 417 -49.99 36.36 -1.76
N SER A 418 -49.83 37.35 -2.64
CA SER A 418 -48.83 37.27 -3.69
C SER A 418 -47.48 37.81 -3.24
N LYS A 419 -47.47 38.82 -2.38
CA LYS A 419 -46.21 39.33 -1.84
C LYS A 419 -45.51 38.30 -0.96
N ILE A 420 -46.29 37.50 -0.23
CA ILE A 420 -45.70 36.46 0.60
C ILE A 420 -45.13 35.33 -0.27
N LEU A 421 -45.62 35.17 -1.49
CA LEU A 421 -45.11 34.14 -2.39
C LEU A 421 -43.90 34.62 -3.19
N GLU A 422 -43.93 35.86 -3.68
CA GLU A 422 -42.79 36.38 -4.42
C GLU A 422 -41.56 36.52 -3.54
N ARG A 423 -41.75 36.99 -2.30
CA ARG A 423 -40.63 37.12 -1.36
C ARG A 423 -40.11 35.77 -0.89
N SER A 424 -40.89 34.71 -1.03
CA SER A 424 -40.48 33.39 -0.56
C SER A 424 -39.88 32.51 -1.64
N HIS A 425 -40.35 32.61 -2.88
CA HIS A 425 -39.86 31.78 -3.97
C HIS A 425 -39.85 32.59 -5.26
N PRO A 426 -38.79 33.38 -5.49
CA PRO A 426 -38.69 34.13 -6.75
C PRO A 426 -38.10 33.30 -7.87
N GLU A 427 -38.54 32.05 -8.00
CA GLU A 427 -38.14 31.21 -9.12
C GLU A 427 -39.39 30.61 -9.76
N ILE A 428 -40.47 30.56 -8.99
CA ILE A 428 -41.76 30.10 -9.47
C ILE A 428 -42.67 31.29 -9.83
N TRP A 429 -42.08 32.47 -10.01
CA TRP A 429 -42.81 33.68 -10.36
C TRP A 429 -43.23 33.69 -11.83
N HIS A 430 -43.18 32.56 -12.52
CA HIS A 430 -43.69 32.47 -13.88
C HIS A 430 -45.16 32.89 -13.96
N HIS A 431 -45.90 32.74 -12.85
CA HIS A 431 -47.24 33.30 -12.75
C HIS A 431 -47.18 34.82 -12.83
N LEU A 432 -47.68 35.39 -13.93
CA LEU A 432 -47.62 36.83 -14.13
C LEU A 432 -48.97 37.49 -14.21
N SER A 433 -49.99 36.81 -14.76
CA SER A 433 -51.34 37.36 -14.85
C SER A 433 -52.37 36.49 -14.14
N THR A 434 -51.93 35.51 -13.36
CA THR A 434 -52.85 34.63 -12.65
C THR A 434 -53.14 35.13 -11.24
N LEU A 435 -52.09 35.30 -10.43
CA LEU A 435 -52.28 35.78 -9.06
C LEU A 435 -52.61 37.26 -9.08
N ILE A 436 -53.79 37.60 -9.63
CA ILE A 436 -54.23 38.98 -9.80
C ILE A 436 -55.57 39.15 -9.09
N LYS A 437 -56.18 40.32 -9.25
CA LYS A 437 -57.43 40.64 -8.59
C LYS A 437 -58.56 39.83 -9.24
N GLN A 438 -59.81 40.16 -8.89
CA GLN A 438 -61.01 39.40 -9.19
C GLN A 438 -60.94 38.76 -10.58
N PRO A 439 -61.11 37.44 -10.66
CA PRO A 439 -60.85 36.74 -11.92
C PRO A 439 -61.99 36.81 -12.91
N ASP A 440 -62.56 38.01 -13.09
CA ASP A 440 -63.58 38.26 -14.12
C ASP A 440 -64.78 37.34 -13.93
N PHE A 441 -65.48 37.56 -12.81
CA PHE A 441 -66.52 36.65 -12.35
C PHE A 441 -67.60 36.40 -13.39
N ASN A 442 -67.96 37.44 -14.17
CA ASN A 442 -69.05 37.28 -15.13
C ASN A 442 -68.63 36.39 -16.30
N SER A 443 -67.40 36.56 -16.78
CA SER A 443 -66.88 35.61 -17.77
C SER A 443 -66.84 34.21 -17.18
N LEU A 444 -66.57 34.09 -15.88
CA LEU A 444 -66.54 32.79 -15.24
C LEU A 444 -67.91 32.13 -15.25
N ILE A 445 -68.95 32.88 -14.88
CA ILE A 445 -70.27 32.26 -14.85
C ILE A 445 -70.78 32.01 -16.26
N SER A 446 -70.37 32.81 -17.25
CA SER A 446 -70.74 32.51 -18.62
C SER A 446 -70.07 31.23 -19.11
N ILE A 447 -68.78 31.05 -18.77
CA ILE A 447 -68.09 29.80 -19.10
C ILE A 447 -68.77 28.63 -18.42
N ALA A 448 -69.17 28.79 -17.16
CA ALA A 448 -69.83 27.72 -16.43
C ALA A 448 -71.16 27.35 -17.08
N GLN A 449 -71.98 28.36 -17.40
CA GLN A 449 -73.25 28.11 -18.06
C GLN A 449 -73.07 27.62 -19.49
N HIS A 450 -71.87 27.75 -20.07
CA HIS A 450 -71.61 27.16 -21.37
C HIS A 450 -71.49 25.64 -21.26
N LEU A 451 -70.64 25.16 -20.35
CA LEU A 451 -70.42 23.72 -20.17
C LEU A 451 -71.26 23.24 -18.98
N VAL A 452 -72.53 22.98 -19.26
CA VAL A 452 -73.45 22.44 -18.26
C VAL A 452 -73.67 20.97 -18.59
N SER A 453 -73.02 20.10 -17.84
CA SER A 453 -73.13 18.66 -18.02
C SER A 453 -73.40 18.00 -16.68
N ASP A 454 -73.80 16.72 -16.74
CA ASP A 454 -74.12 15.98 -15.53
C ASP A 454 -72.85 15.74 -14.71
N ARG A 455 -72.98 15.81 -13.40
CA ARG A 455 -71.88 15.56 -12.50
C ARG A 455 -71.69 14.06 -12.27
N PRO A 456 -70.48 13.65 -11.90
CA PRO A 456 -70.27 12.22 -11.59
C PRO A 456 -71.15 11.75 -10.45
N ILE A 457 -71.66 10.53 -10.59
CA ILE A 457 -72.66 10.01 -9.67
C ILE A 457 -72.04 9.33 -8.46
N MET A 458 -70.89 8.66 -8.65
CA MET A 458 -70.19 7.94 -7.59
C MET A 458 -71.10 6.89 -6.94
N ARG A 459 -71.44 5.89 -7.76
CA ARG A 459 -72.28 4.79 -7.32
C ARG A 459 -71.65 4.10 -6.10
N TYR A 460 -72.35 4.16 -4.97
CA TYR A 460 -71.89 3.53 -3.74
C TYR A 460 -72.54 2.18 -3.47
N SER A 461 -73.70 1.91 -4.07
CA SER A 461 -74.42 0.67 -3.84
C SER A 461 -73.99 -0.39 -4.84
N VAL A 462 -73.64 -1.56 -4.34
CA VAL A 462 -73.22 -2.67 -5.18
C VAL A 462 -74.40 -3.21 -5.99
N LYS A 468 -78.95 -9.86 -15.03
CA LYS A 468 -79.05 -8.73 -15.96
C LYS A 468 -78.62 -9.14 -17.37
N ILE A 469 -78.73 -8.20 -18.30
CA ILE A 469 -78.32 -8.46 -19.67
C ILE A 469 -76.80 -8.62 -19.73
N CYS A 470 -76.33 -9.43 -20.67
CA CYS A 470 -74.92 -9.80 -20.71
C CYS A 470 -74.27 -9.37 -22.03
N ARG A 471 -74.49 -8.12 -22.43
CA ARG A 471 -73.84 -7.60 -23.62
C ARG A 471 -72.35 -7.38 -23.36
N HIS A 472 -71.55 -8.44 -23.53
CA HIS A 472 -70.12 -8.34 -23.28
C HIS A 472 -69.28 -8.98 -24.37
N LYS A 473 -69.87 -9.31 -25.52
CA LYS A 473 -69.15 -9.74 -26.72
C LYS A 473 -68.42 -11.07 -26.54
N LEU A 474 -68.58 -11.73 -25.39
CA LEU A 474 -68.08 -13.08 -25.18
C LEU A 474 -66.57 -13.15 -25.43
N PHE A 475 -65.83 -12.60 -24.46
CA PHE A 475 -64.38 -12.39 -24.52
C PHE A 475 -63.63 -13.49 -25.27
N GLN A 476 -64.08 -14.74 -25.15
CA GLN A 476 -63.47 -15.83 -25.90
C GLN A 476 -63.38 -15.51 -27.39
N GLU A 477 -64.47 -15.00 -27.97
CA GLU A 477 -64.47 -14.65 -29.39
C GLU A 477 -64.13 -13.18 -29.63
N MET A 478 -62.99 -12.76 -29.09
CA MET A 478 -62.47 -11.41 -29.31
C MET A 478 -61.17 -11.49 -30.10
N SER A 479 -60.93 -10.48 -30.92
CA SER A 479 -59.71 -10.44 -31.70
C SER A 479 -58.49 -10.27 -30.78
N SER A 480 -57.32 -10.57 -31.33
CA SER A 480 -56.08 -10.49 -30.57
C SER A 480 -55.69 -9.05 -30.20
N PHE A 481 -56.42 -8.06 -30.68
CA PHE A 481 -56.14 -6.67 -30.37
C PHE A 481 -56.98 -6.14 -29.21
N GLU A 482 -58.25 -6.55 -29.12
CA GLU A 482 -59.11 -6.08 -28.04
C GLU A 482 -58.65 -6.60 -26.69
N GLN A 483 -58.06 -7.78 -26.64
CA GLN A 483 -57.54 -8.31 -25.38
C GLN A 483 -56.35 -7.51 -24.90
N MET A 484 -55.41 -7.19 -25.79
CA MET A 484 -54.30 -6.34 -25.42
C MET A 484 -54.78 -4.94 -25.05
N ARG A 485 -55.84 -4.46 -25.69
CA ARG A 485 -56.41 -3.18 -25.30
C ARG A 485 -57.02 -3.24 -23.90
N LEU A 486 -57.66 -4.36 -23.57
CA LEU A 486 -58.15 -4.57 -22.21
C LEU A 486 -57.01 -4.54 -21.20
N PHE A 487 -55.88 -5.18 -21.55
CA PHE A 487 -54.74 -5.18 -20.65
C PHE A 487 -54.16 -3.78 -20.49
N LYS A 488 -54.09 -3.01 -21.58
CA LYS A 488 -53.60 -1.64 -21.50
C LYS A 488 -54.52 -0.76 -20.66
N THR A 489 -55.84 -0.96 -20.80
CA THR A 489 -56.78 -0.22 -19.98
C THR A 489 -56.62 -0.58 -18.51
N LEU A 490 -56.45 -1.86 -18.21
CA LEU A 490 -56.19 -2.27 -16.84
C LEU A 490 -54.91 -1.62 -16.31
N SER A 491 -53.89 -1.53 -17.16
CA SER A 491 -52.64 -0.90 -16.75
C SER A 491 -52.86 0.57 -16.41
N SER A 492 -53.57 1.29 -17.28
CA SER A 492 -53.84 2.71 -17.03
C SER A 492 -54.66 2.90 -15.75
N ILE A 493 -55.68 2.07 -15.56
CA ILE A 493 -56.53 2.21 -14.38
C ILE A 493 -55.76 1.88 -13.11
N SER A 494 -54.87 0.88 -13.18
CA SER A 494 -54.08 0.53 -12.00
C SER A 494 -53.07 1.63 -11.67
N LEU A 495 -52.47 2.23 -12.69
CA LEU A 495 -51.57 3.35 -12.45
C LEU A 495 -52.32 4.53 -11.86
N SER A 496 -53.56 4.75 -12.31
CA SER A 496 -54.37 5.81 -11.74
C SER A 496 -54.75 5.50 -10.30
N LEU A 497 -54.98 4.23 -9.98
CA LEU A 497 -55.22 3.84 -8.59
C LEU A 497 -54.00 4.12 -7.73
N ILE A 498 -52.82 3.75 -8.22
CA ILE A 498 -51.58 3.99 -7.48
C ILE A 498 -51.38 5.48 -7.24
N ASN A 499 -51.65 6.30 -8.28
CA ASN A 499 -51.53 7.75 -8.11
C ASN A 499 -52.62 8.30 -7.21
N SER A 500 -53.77 7.64 -7.14
CA SER A 500 -54.80 8.04 -6.19
C SER A 500 -54.33 7.79 -4.76
N MET A 501 -53.58 6.71 -4.55
CA MET A 501 -52.94 6.48 -3.26
C MET A 501 -51.88 7.52 -2.97
N LYS A 502 -51.37 8.21 -3.99
CA LYS A 502 -50.34 9.23 -3.85
C LYS A 502 -50.88 10.55 -3.32
N THR A 503 -52.20 10.74 -3.31
CA THR A 503 -52.77 12.03 -2.95
C THR A 503 -52.51 12.35 -1.48
N SER A 504 -51.99 13.55 -1.24
CA SER A 504 -51.74 13.98 0.13
C SER A 504 -53.05 14.32 0.84
N PHE A 505 -53.02 14.23 2.17
CA PHE A 505 -54.20 14.48 2.99
C PHE A 505 -54.54 15.96 2.93
N SER A 506 -55.57 16.30 2.18
CA SER A 506 -56.07 17.66 2.09
C SER A 506 -57.34 17.80 2.91
N SER A 507 -57.99 18.95 2.82
CA SER A 507 -59.23 19.22 3.53
C SER A 507 -60.31 19.62 2.53
N ARG A 508 -61.56 19.35 2.89
CA ARG A 508 -62.70 19.65 2.03
C ARG A 508 -63.16 21.07 2.28
N LEU A 509 -63.23 21.87 1.21
CA LEU A 509 -63.68 23.25 1.31
C LEU A 509 -65.19 23.39 1.25
N LEU A 510 -65.90 22.35 0.82
CA LEU A 510 -67.34 22.36 0.71
C LEU A 510 -67.97 21.65 1.90
N VAL A 511 -69.23 21.97 2.16
CA VAL A 511 -70.01 21.25 3.17
C VAL A 511 -70.56 19.98 2.53
N ASN A 512 -70.67 18.92 3.34
CA ASN A 512 -71.17 17.64 2.87
C ASN A 512 -72.63 17.46 3.22
N GLU A 513 -73.37 16.79 2.34
CA GLU A 513 -74.79 16.55 2.55
C GLU A 513 -75.05 15.07 2.78
N TYR A 519 -72.47 9.00 1.60
CA TYR A 519 -71.98 7.72 1.11
C TYR A 519 -73.05 6.64 1.21
N PHE A 520 -74.31 7.05 1.20
CA PHE A 520 -75.40 6.09 1.39
C PHE A 520 -75.68 5.32 0.11
N GLY A 521 -76.15 6.01 -0.93
CA GLY A 521 -76.36 5.35 -2.21
C GLY A 521 -75.66 6.04 -3.37
N ASN A 522 -75.47 7.35 -3.26
CA ASN A 522 -74.91 8.15 -4.34
C ASN A 522 -74.42 9.47 -3.75
N VAL A 523 -73.40 10.05 -4.40
CA VAL A 523 -72.84 11.33 -4.01
C VAL A 523 -72.56 12.12 -5.28
N ARG A 524 -73.27 13.23 -5.47
CA ARG A 524 -72.99 14.13 -6.59
C ARG A 524 -71.66 14.80 -6.34
N LEU A 525 -70.62 14.35 -7.03
CA LEU A 525 -69.26 14.76 -6.71
C LEU A 525 -69.02 16.22 -7.08
N ARG A 526 -68.52 16.98 -6.10
CA ARG A 526 -68.11 18.36 -6.32
C ARG A 526 -66.77 18.71 -5.71
N GLU A 527 -66.31 17.97 -4.69
CA GLU A 527 -65.02 18.20 -4.04
C GLU A 527 -64.26 16.87 -3.92
N CYS A 528 -64.16 16.16 -5.04
CA CYS A 528 -63.48 14.88 -5.09
C CYS A 528 -62.15 15.02 -5.82
N TYR A 529 -61.20 14.19 -5.43
CA TYR A 529 -59.93 14.10 -6.15
C TYR A 529 -60.12 13.22 -7.38
N ALA A 530 -59.30 13.45 -8.40
CA ALA A 530 -59.36 12.62 -9.59
C ALA A 530 -57.97 12.46 -10.17
N GLN A 531 -57.71 11.25 -10.66
CA GLN A 531 -56.51 10.94 -11.43
C GLN A 531 -56.89 10.82 -12.90
N ARG A 532 -56.18 11.55 -13.75
CA ARG A 532 -56.45 11.57 -15.18
C ARG A 532 -55.46 10.67 -15.90
N PHE A 533 -55.98 9.74 -16.70
CA PHE A 533 -55.14 8.84 -17.49
C PHE A 533 -55.43 9.03 -18.97
N TYR A 534 -54.38 9.26 -19.75
CA TYR A 534 -54.50 9.46 -21.18
C TYR A 534 -54.70 8.12 -21.87
N LEU A 535 -55.74 8.02 -22.69
CA LEU A 535 -56.07 6.78 -23.38
C LEU A 535 -55.94 6.90 -24.89
N ALA A 536 -56.59 7.89 -25.50
CA ALA A 536 -56.56 8.05 -26.94
C ALA A 536 -56.33 9.52 -27.28
N GLU A 537 -56.34 9.82 -28.57
CA GLU A 537 -56.01 11.17 -29.03
C GLU A 537 -57.01 12.20 -28.54
N SER A 538 -58.28 11.83 -28.43
CA SER A 538 -59.33 12.74 -28.00
C SER A 538 -59.90 12.43 -26.63
N LEU A 539 -60.09 11.15 -26.31
CA LEU A 539 -60.71 10.76 -25.05
C LEU A 539 -59.66 10.50 -23.99
N VAL A 540 -59.93 10.96 -22.78
CA VAL A 540 -59.10 10.69 -21.61
C VAL A 540 -60.01 10.23 -20.48
N GLY A 541 -59.47 9.38 -19.61
CA GLY A 541 -60.23 8.82 -18.52
C GLY A 541 -59.95 9.52 -17.21
N PHE A 542 -60.97 9.57 -16.36
CA PHE A 542 -60.87 10.17 -15.04
C PHE A 542 -61.27 9.15 -13.99
N LEU A 543 -60.54 9.16 -12.87
CA LEU A 543 -60.80 8.29 -11.73
C LEU A 543 -61.07 9.19 -10.53
N PHE A 544 -62.33 9.27 -10.12
CA PHE A 544 -62.74 10.12 -9.01
C PHE A 544 -62.80 9.32 -7.72
N TYR A 545 -62.42 9.97 -6.62
CA TYR A 545 -62.43 9.35 -5.30
C TYR A 545 -62.46 10.46 -4.25
N GLN A 546 -63.02 10.14 -3.09
CA GLN A 546 -63.21 11.13 -2.04
C GLN A 546 -62.33 10.93 -0.83
N LYS A 547 -61.55 9.86 -0.76
CA LYS A 547 -60.69 9.60 0.38
C LYS A 547 -59.22 9.63 -0.04
N THR A 548 -58.35 9.80 0.95
CA THR A 548 -56.91 9.85 0.75
C THR A 548 -56.24 8.78 1.61
N GLY A 549 -54.91 8.74 1.54
CA GLY A 549 -54.14 7.80 2.32
C GLY A 549 -53.86 6.50 1.58
N GLU A 550 -53.76 5.40 2.32
CA GLU A 550 -53.51 4.09 1.74
C GLU A 550 -54.63 3.09 2.02
N ARG A 551 -55.77 3.56 2.52
CA ARG A 551 -56.88 2.68 2.83
C ARG A 551 -57.68 2.35 1.56
N SER A 552 -58.58 1.37 1.68
CA SER A 552 -59.43 0.99 0.57
C SER A 552 -60.46 2.09 0.31
N ARG A 553 -60.71 2.37 -0.96
CA ARG A 553 -61.60 3.45 -1.36
C ARG A 553 -62.65 2.91 -2.33
N CYS A 554 -63.57 3.80 -2.70
CA CYS A 554 -64.61 3.55 -3.69
C CYS A 554 -64.37 4.53 -4.83
N TYR A 555 -63.79 4.05 -5.92
CA TYR A 555 -63.45 4.89 -7.07
C TYR A 555 -64.57 4.86 -8.10
N SER A 556 -64.59 5.89 -8.94
CA SER A 556 -65.56 6.00 -10.02
C SER A 556 -64.82 6.38 -11.30
N VAL A 557 -64.95 5.56 -12.33
CA VAL A 557 -64.24 5.76 -13.59
C VAL A 557 -65.20 6.36 -14.60
N TYR A 558 -64.79 7.47 -15.21
CA TYR A 558 -65.52 8.16 -16.27
C TYR A 558 -64.58 8.36 -17.45
N LEU A 559 -65.17 8.65 -18.62
CA LEU A 559 -64.39 8.98 -19.80
C LEU A 559 -64.72 10.39 -20.28
N SER A 560 -63.93 10.86 -21.25
CA SER A 560 -64.20 12.14 -21.90
C SER A 560 -63.72 12.03 -23.34
N ASP A 561 -64.66 11.83 -24.26
CA ASP A 561 -64.32 11.71 -25.68
C ASP A 561 -64.02 13.08 -26.29
N ASN A 562 -65.02 13.96 -26.31
CA ASN A 562 -64.86 15.32 -26.80
C ASN A 562 -65.53 16.32 -25.86
N GLY A 563 -65.60 15.97 -24.58
CA GLY A 563 -66.31 16.75 -23.59
C GLY A 563 -67.54 16.06 -23.03
N VAL A 564 -68.03 15.04 -23.71
CA VAL A 564 -69.19 14.28 -23.25
C VAL A 564 -68.75 13.24 -22.23
N MET A 565 -68.78 13.61 -20.95
CA MET A 565 -68.34 12.72 -19.89
C MET A 565 -69.37 11.60 -19.74
N SER A 566 -69.03 10.42 -20.27
CA SER A 566 -69.86 9.24 -20.10
C SER A 566 -69.37 8.43 -18.91
N GLU A 567 -70.31 7.92 -18.12
CA GLU A 567 -69.97 7.15 -16.94
C GLU A 567 -69.54 5.75 -17.35
N GLN A 568 -68.32 5.36 -16.95
CA GLN A 568 -67.85 4.00 -17.21
C GLN A 568 -68.17 3.06 -16.06
N GLY A 569 -68.24 3.57 -14.84
CA GLY A 569 -68.74 2.77 -13.74
C GLY A 569 -68.16 3.24 -12.42
N SER A 570 -68.41 2.43 -11.38
CA SER A 570 -67.90 2.67 -10.05
C SER A 570 -67.59 1.34 -9.40
N PHE A 571 -66.49 1.30 -8.64
CA PHE A 571 -66.06 0.07 -8.00
C PHE A 571 -65.39 0.41 -6.68
N TYR A 572 -65.10 -0.63 -5.90
CA TYR A 572 -64.48 -0.49 -4.58
C TYR A 572 -63.25 -1.37 -4.53
N CYS A 573 -62.11 -0.79 -4.14
CA CYS A 573 -60.88 -1.56 -4.15
C CYS A 573 -59.86 -0.89 -3.23
N ASP A 574 -58.79 -1.66 -2.95
CA ASP A 574 -57.62 -1.18 -2.23
C ASP A 574 -56.55 -0.77 -3.23
N PRO A 575 -56.01 0.45 -3.14
CA PRO A 575 -55.09 0.90 -4.19
C PRO A 575 -53.76 0.18 -4.19
N LYS A 576 -53.22 -0.16 -3.03
CA LYS A 576 -51.89 -0.74 -2.93
C LYS A 576 -51.85 -2.21 -3.35
N ARG A 577 -52.91 -2.74 -3.94
CA ARG A 577 -52.95 -4.11 -4.42
C ARG A 577 -52.99 -4.20 -5.93
N PHE A 578 -52.73 -3.10 -6.64
CA PHE A 578 -52.77 -3.06 -8.09
C PHE A 578 -51.48 -2.49 -8.66
N PHE A 579 -50.34 -2.92 -8.12
CA PHE A 579 -49.06 -2.42 -8.62
C PHE A 579 -48.48 -3.30 -9.71
N LEU A 580 -48.78 -4.60 -9.71
CA LEU A 580 -48.24 -5.49 -10.74
C LEU A 580 -48.68 -5.11 -12.14
N PRO A 581 -49.97 -4.83 -12.43
CA PRO A 581 -50.34 -4.52 -13.81
C PRO A 581 -50.14 -3.06 -14.18
N VAL A 582 -49.38 -2.32 -13.37
CA VAL A 582 -49.25 -0.87 -13.58
C VAL A 582 -48.71 -0.57 -14.97
N PHE A 583 -47.61 -1.23 -15.35
CA PHE A 583 -47.03 -1.04 -16.68
C PHE A 583 -46.78 -2.37 -17.39
N SER A 584 -47.23 -3.48 -16.82
CA SER A 584 -46.97 -4.79 -17.41
C SER A 584 -48.10 -5.23 -18.35
N ASP A 585 -48.46 -4.36 -19.29
CA ASP A 585 -49.46 -4.75 -20.29
C ASP A 585 -48.88 -5.66 -21.36
N GLU A 586 -47.56 -5.66 -21.53
CA GLU A 586 -46.89 -6.57 -22.46
C GLU A 586 -46.23 -7.74 -21.77
N VAL A 587 -45.81 -7.58 -20.51
CA VAL A 587 -45.16 -8.67 -19.79
C VAL A 587 -46.13 -9.84 -19.61
N LEU A 588 -47.32 -9.55 -19.08
CA LEU A 588 -48.32 -10.60 -18.90
C LEU A 588 -48.81 -11.13 -20.23
N ALA A 589 -48.87 -10.28 -21.26
CA ALA A 589 -49.24 -10.74 -22.59
C ALA A 589 -48.23 -11.76 -23.11
N GLY A 590 -46.93 -11.46 -22.96
CA GLY A 590 -45.92 -12.41 -23.39
C GLY A 590 -45.92 -13.67 -22.55
N MET A 591 -46.20 -13.55 -21.26
CA MET A 591 -46.32 -14.72 -20.40
C MET A 591 -47.42 -15.64 -20.89
N CYS A 592 -48.62 -15.09 -21.13
CA CYS A 592 -49.73 -15.88 -21.63
C CYS A 592 -49.42 -16.46 -23.01
N GLU A 593 -48.73 -15.69 -23.86
CA GLU A 593 -48.39 -16.17 -25.19
C GLU A 593 -47.45 -17.36 -25.12
N GLU A 594 -46.43 -17.31 -24.27
CA GLU A 594 -45.51 -18.43 -24.17
C GLU A 594 -46.17 -19.63 -23.50
N MET A 595 -47.04 -19.38 -22.52
CA MET A 595 -47.77 -20.50 -21.92
C MET A 595 -48.67 -21.18 -22.95
N THR A 596 -49.31 -20.40 -23.82
CA THR A 596 -50.12 -20.98 -24.88
C THR A 596 -49.25 -21.73 -25.88
N SER A 597 -48.09 -21.17 -26.22
CA SER A 597 -47.18 -21.84 -27.14
C SER A 597 -46.64 -23.15 -26.57
N TRP A 598 -46.60 -23.28 -25.24
CA TRP A 598 -46.22 -24.55 -24.64
C TRP A 598 -47.13 -25.69 -25.09
N LEU A 599 -48.37 -25.37 -25.47
CA LEU A 599 -49.34 -26.35 -25.92
C LEU A 599 -49.45 -26.40 -27.44
N ASP A 600 -48.34 -26.19 -28.15
CA ASP A 600 -48.37 -26.23 -29.61
C ASP A 600 -48.56 -27.63 -30.16
N PHE A 601 -48.41 -28.66 -29.32
CA PHE A 601 -48.55 -30.03 -29.80
C PHE A 601 -49.96 -30.35 -30.25
N ASP A 602 -50.97 -29.65 -29.74
CA ASP A 602 -52.36 -29.89 -30.11
C ASP A 602 -52.92 -28.59 -30.66
N THR A 603 -52.80 -28.44 -31.99
CA THR A 603 -53.36 -27.28 -32.68
C THR A 603 -54.87 -27.31 -32.52
N GLY A 604 -55.38 -26.47 -31.64
CA GLY A 604 -56.77 -26.49 -31.26
C GLY A 604 -56.93 -26.38 -29.76
N LEU A 605 -56.16 -27.17 -29.01
CA LEU A 605 -56.21 -27.09 -27.55
C LEU A 605 -55.64 -25.76 -27.07
N MET A 606 -54.54 -25.32 -27.67
CA MET A 606 -54.02 -23.99 -27.36
C MET A 606 -55.01 -22.91 -27.77
N ASN A 607 -55.78 -23.14 -28.83
CA ASN A 607 -56.76 -22.15 -29.27
C ASN A 607 -57.90 -21.97 -28.29
N ASP A 608 -58.23 -23.01 -27.50
CA ASP A 608 -59.22 -22.81 -26.46
C ASP A 608 -58.60 -22.36 -25.15
N THR A 609 -57.37 -22.77 -24.87
CA THR A 609 -56.74 -22.48 -23.59
C THR A 609 -56.04 -21.12 -23.57
N GLY A 610 -55.87 -20.46 -24.72
CA GLY A 610 -55.27 -19.15 -24.76
C GLY A 610 -56.17 -18.06 -24.21
N PRO A 611 -57.33 -17.85 -24.86
CA PRO A 611 -58.26 -16.85 -24.34
C PRO A 611 -58.72 -17.13 -22.92
N ILE A 612 -58.91 -18.39 -22.56
CA ILE A 612 -59.28 -18.71 -21.18
C ILE A 612 -58.17 -18.31 -20.22
N LEU A 613 -56.92 -18.55 -20.61
CA LEU A 613 -55.80 -18.15 -19.76
C LEU A 613 -55.71 -16.63 -19.62
N ARG A 614 -55.88 -15.92 -20.73
CA ARG A 614 -55.84 -14.45 -20.66
C ARG A 614 -56.98 -13.91 -19.79
N LEU A 615 -58.17 -14.50 -19.92
CA LEU A 615 -59.29 -14.08 -19.09
C LEU A 615 -59.04 -14.38 -17.62
N LEU A 616 -58.43 -15.53 -17.33
CA LEU A 616 -58.09 -15.86 -15.94
C LEU A 616 -57.08 -14.88 -15.38
N VAL A 617 -56.06 -14.53 -16.16
CA VAL A 617 -55.06 -13.56 -15.69
C VAL A 617 -55.72 -12.21 -15.46
N LEU A 618 -56.61 -11.80 -16.37
CA LEU A 618 -57.29 -10.51 -16.22
C LEU A 618 -58.16 -10.49 -14.97
N ALA A 619 -58.87 -11.59 -14.71
CA ALA A 619 -59.70 -11.65 -13.52
C ALA A 619 -58.87 -11.71 -12.24
N ILE A 620 -57.71 -12.36 -12.29
CA ILE A 620 -56.83 -12.40 -11.13
C ILE A 620 -56.29 -11.00 -10.84
N LEU A 621 -55.92 -10.26 -11.89
CA LEU A 621 -55.39 -8.91 -11.68
C LEU A 621 -56.46 -7.95 -11.20
N CYS A 622 -57.65 -8.02 -11.81
CA CYS A 622 -58.73 -7.10 -11.42
C CYS A 622 -59.35 -7.46 -10.09
N SER A 623 -58.99 -8.60 -9.49
CA SER A 623 -59.50 -9.01 -8.18
C SER A 623 -58.38 -9.68 -7.40
N PRO A 624 -57.42 -8.90 -6.89
CA PRO A 624 -56.34 -9.46 -6.06
C PRO A 624 -56.84 -9.73 -4.64
N SER A 625 -57.02 -11.00 -4.33
CA SER A 625 -57.53 -11.40 -3.02
C SER A 625 -56.75 -12.60 -2.51
N LYS A 626 -56.62 -12.69 -1.18
CA LYS A 626 -55.94 -13.82 -0.58
C LYS A 626 -56.66 -15.13 -0.88
N ARG A 627 -57.98 -15.08 -1.06
CA ARG A 627 -58.73 -16.28 -1.36
C ARG A 627 -58.33 -16.86 -2.71
N ASN A 628 -58.07 -16.00 -3.70
CA ASN A 628 -57.63 -16.49 -5.00
C ASN A 628 -56.25 -17.11 -4.92
N GLN A 629 -55.36 -16.51 -4.13
CA GLN A 629 -54.03 -17.10 -3.92
C GLN A 629 -54.15 -18.47 -3.29
N THR A 630 -54.99 -18.60 -2.26
CA THR A 630 -55.16 -19.89 -1.60
C THR A 630 -55.76 -20.91 -2.55
N PHE A 631 -56.71 -20.49 -3.39
CA PHE A 631 -57.33 -21.41 -4.34
C PHE A 631 -56.33 -21.88 -5.38
N LEU A 632 -55.47 -20.98 -5.87
CA LEU A 632 -54.48 -21.38 -6.86
C LEU A 632 -53.40 -22.26 -6.25
N GLN A 633 -53.03 -22.03 -4.99
CA GLN A 633 -52.12 -22.96 -4.32
C GLN A 633 -52.75 -24.33 -4.15
N GLY A 634 -54.04 -24.36 -3.78
CA GLY A 634 -54.74 -25.62 -3.72
C GLY A 634 -54.78 -26.33 -5.06
N LEU A 635 -54.91 -25.56 -6.14
CA LEU A 635 -54.88 -26.17 -7.48
C LEU A 635 -53.49 -26.71 -7.80
N ARG A 636 -52.45 -26.02 -7.33
CA ARG A 636 -51.09 -26.55 -7.48
C ARG A 636 -50.95 -27.90 -6.80
N TYR A 637 -51.41 -27.99 -5.56
CA TYR A 637 -51.33 -29.27 -4.84
C TYR A 637 -52.21 -30.33 -5.50
N PHE A 638 -53.36 -29.93 -6.04
CA PHE A 638 -54.23 -30.87 -6.74
C PHE A 638 -53.53 -31.42 -7.98
N LEU A 639 -52.86 -30.57 -8.74
CA LEU A 639 -52.12 -31.05 -9.91
C LEU A 639 -50.98 -31.97 -9.50
N MET A 640 -50.27 -31.61 -8.42
CA MET A 640 -49.20 -32.45 -7.92
C MET A 640 -49.72 -33.83 -7.55
N ALA A 641 -50.90 -33.90 -6.94
CA ALA A 641 -51.48 -35.20 -6.60
C ALA A 641 -52.02 -35.92 -7.82
N PHE A 642 -52.49 -35.17 -8.82
CA PHE A 642 -53.06 -35.78 -10.02
C PHE A 642 -51.98 -36.44 -10.87
N ALA A 643 -50.81 -35.81 -10.98
CA ALA A 643 -49.76 -36.38 -11.81
C ALA A 643 -49.22 -37.67 -11.21
N ASN A 644 -49.13 -37.74 -9.89
CA ASN A 644 -48.60 -38.92 -9.20
C ASN A 644 -49.69 -39.97 -9.07
N GLN A 645 -49.45 -40.96 -8.21
CA GLN A 645 -50.34 -42.11 -8.07
C GLN A 645 -51.02 -42.21 -6.70
N ILE A 646 -50.41 -41.71 -5.63
CA ILE A 646 -50.95 -41.82 -4.29
C ILE A 646 -51.08 -40.42 -3.69
N HIS A 647 -52.20 -40.15 -3.04
CA HIS A 647 -52.42 -38.85 -2.43
C HIS A 647 -53.25 -39.00 -1.16
N HIS A 648 -53.21 -37.98 -0.32
CA HIS A 648 -53.89 -38.01 0.96
C HIS A 648 -55.40 -37.98 0.76
N ILE A 649 -56.12 -38.55 1.73
CA ILE A 649 -57.57 -38.63 1.63
C ILE A 649 -58.21 -37.27 1.89
N ASP A 650 -57.56 -36.42 2.67
CA ASP A 650 -58.08 -35.09 2.97
C ASP A 650 -57.54 -34.02 2.03
N LEU A 651 -57.19 -34.40 0.80
CA LEU A 651 -56.67 -33.42 -0.16
C LEU A 651 -57.75 -32.44 -0.59
N THR A 652 -58.86 -32.96 -1.14
CA THR A 652 -59.91 -32.09 -1.65
C THR A 652 -60.58 -31.28 -0.55
N SER A 653 -60.44 -31.69 0.71
CA SER A 653 -60.99 -30.90 1.81
C SER A 653 -60.17 -29.65 2.08
N LYS A 654 -58.94 -29.58 1.58
CA LYS A 654 -58.09 -28.42 1.76
C LYS A 654 -58.04 -27.51 0.54
N LEU A 655 -58.54 -27.96 -0.61
CA LEU A 655 -58.55 -27.13 -1.80
C LEU A 655 -59.72 -26.16 -1.84
N VAL A 656 -60.77 -26.42 -1.06
CA VAL A 656 -61.94 -25.54 -1.07
C VAL A 656 -61.62 -24.24 -0.35
N VAL A 657 -62.03 -23.13 -0.95
CA VAL A 657 -61.87 -21.80 -0.37
C VAL A 657 -63.22 -21.10 -0.47
N GLU A 658 -63.71 -20.61 0.66
CA GLU A 658 -64.98 -19.89 0.67
C GLU A 658 -64.85 -18.61 -0.13
N CYS A 659 -65.71 -18.45 -1.13
CA CYS A 659 -65.58 -17.34 -2.06
C CYS A 659 -65.94 -16.02 -1.40
N LYS A 660 -67.11 -15.95 -0.76
CA LYS A 660 -67.65 -14.75 -0.14
C LYS A 660 -67.90 -13.62 -1.14
N SER A 661 -67.76 -13.89 -2.44
CA SER A 661 -67.98 -12.90 -3.48
C SER A 661 -67.96 -13.60 -4.82
N SER A 662 -68.65 -13.01 -5.80
CA SER A 662 -68.66 -13.57 -7.15
C SER A 662 -67.34 -13.36 -7.88
N SER A 663 -66.57 -12.34 -7.49
CA SER A 663 -65.27 -12.11 -8.11
C SER A 663 -64.31 -13.27 -7.85
N GLU A 664 -64.52 -14.03 -6.78
CA GLU A 664 -63.76 -15.24 -6.54
C GLU A 664 -64.35 -16.44 -7.27
N VAL A 665 -65.68 -16.50 -7.34
CA VAL A 665 -66.34 -17.62 -8.03
C VAL A 665 -65.94 -17.65 -9.49
N VAL A 666 -65.82 -16.48 -10.13
CA VAL A 666 -65.50 -16.45 -11.55
C VAL A 666 -64.09 -16.97 -11.80
N VAL A 667 -63.13 -16.55 -10.97
CA VAL A 667 -61.75 -17.00 -11.19
C VAL A 667 -61.62 -18.48 -10.85
N GLN A 668 -62.38 -18.96 -9.86
CA GLN A 668 -62.34 -20.39 -9.55
C GLN A 668 -62.92 -21.20 -10.69
N ARG A 669 -64.04 -20.73 -11.27
CA ARG A 669 -64.61 -21.41 -12.43
C ARG A 669 -63.63 -21.42 -13.59
N LEU A 670 -62.95 -20.30 -13.83
CA LEU A 670 -62.00 -20.23 -14.93
C LEU A 670 -60.85 -21.21 -14.72
N ALA A 671 -60.27 -21.22 -13.52
CA ALA A 671 -59.15 -22.11 -13.25
C ALA A 671 -59.56 -23.57 -13.34
N VAL A 672 -60.74 -23.92 -12.80
CA VAL A 672 -61.18 -25.31 -12.85
C VAL A 672 -61.50 -25.72 -14.27
N GLY A 673 -62.10 -24.82 -15.06
CA GLY A 673 -62.36 -25.13 -16.45
C GLY A 673 -61.09 -25.33 -17.25
N LEU A 674 -60.06 -24.52 -16.95
CA LEU A 674 -58.76 -24.71 -17.62
C LEU A 674 -58.15 -26.05 -17.25
N PHE A 675 -58.15 -26.39 -15.96
CA PHE A 675 -57.63 -27.68 -15.52
C PHE A 675 -58.38 -28.83 -16.17
N ILE A 676 -59.70 -28.71 -16.28
CA ILE A 676 -60.50 -29.78 -16.87
C ILE A 676 -60.21 -29.90 -18.35
N ARG A 677 -60.17 -28.77 -19.07
CA ARG A 677 -59.87 -28.80 -20.49
C ARG A 677 -58.49 -29.39 -20.75
N LEU A 678 -57.54 -29.20 -19.83
CA LEU A 678 -56.22 -29.79 -20.00
C LEU A 678 -56.12 -31.22 -19.50
N LEU A 679 -57.06 -31.68 -18.68
CA LEU A 679 -56.95 -33.01 -18.07
C LEU A 679 -58.09 -33.95 -18.44
N SER A 680 -59.29 -33.45 -18.65
CA SER A 680 -60.44 -34.32 -18.88
C SER A 680 -60.36 -35.00 -20.25
N GLY A 681 -61.00 -36.16 -20.34
CA GLY A 681 -60.98 -36.95 -21.55
C GLY A 681 -60.73 -38.42 -21.29
N GLU A 682 -61.02 -39.27 -22.28
CA GLU A 682 -60.91 -40.71 -22.09
C GLU A 682 -59.54 -41.23 -22.55
N SER A 683 -59.20 -41.03 -23.82
CA SER A 683 -57.95 -41.52 -24.38
C SER A 683 -57.06 -40.39 -24.87
N ASP A 684 -57.58 -39.51 -25.72
CA ASP A 684 -56.79 -38.41 -26.27
C ASP A 684 -56.89 -37.18 -25.37
N ALA A 685 -56.44 -37.36 -24.13
CA ALA A 685 -56.47 -36.30 -23.14
C ALA A 685 -55.13 -36.00 -22.49
N SER A 686 -54.13 -36.87 -22.64
CA SER A 686 -52.81 -36.70 -22.05
C SER A 686 -51.74 -36.90 -23.11
N LEU A 687 -51.91 -36.23 -24.25
CA LEU A 687 -50.97 -36.39 -25.36
C LEU A 687 -49.56 -36.00 -24.92
N PHE A 688 -49.35 -34.74 -24.57
CA PHE A 688 -48.08 -34.25 -24.05
C PHE A 688 -48.30 -33.86 -22.59
N PHE A 689 -48.17 -34.84 -21.70
CA PHE A 689 -48.48 -34.57 -20.30
C PHE A 689 -47.41 -33.75 -19.59
N SER A 690 -46.18 -33.74 -20.11
CA SER A 690 -45.16 -32.86 -19.53
C SER A 690 -45.52 -31.40 -19.76
N ARG A 691 -45.88 -31.06 -21.00
CA ARG A 691 -46.34 -29.71 -21.30
C ARG A 691 -47.59 -29.36 -20.51
N ARG A 692 -48.51 -30.32 -20.38
CA ARG A 692 -49.73 -30.07 -19.61
C ARG A 692 -49.42 -29.79 -18.16
N PHE A 693 -48.53 -30.58 -17.56
CA PHE A 693 -48.15 -30.36 -16.17
C PHE A 693 -47.47 -29.02 -15.99
N LYS A 694 -46.57 -28.66 -16.91
CA LYS A 694 -45.91 -27.36 -16.83
C LYS A 694 -46.92 -26.22 -16.91
N TYR A 695 -47.84 -26.31 -17.88
CA TYR A 695 -48.87 -25.29 -18.05
C TYR A 695 -49.72 -25.15 -16.79
N LEU A 696 -50.21 -26.27 -16.26
CA LEU A 696 -51.07 -26.20 -15.10
C LEU A 696 -50.33 -25.74 -13.85
N LEU A 697 -49.06 -26.12 -13.72
CA LEU A 697 -48.28 -25.66 -12.57
C LEU A 697 -48.05 -24.16 -12.64
N ASN A 698 -47.80 -23.63 -13.85
CA ASN A 698 -47.65 -22.19 -13.99
C ASN A 698 -48.97 -21.47 -13.76
N VAL A 699 -50.07 -22.06 -14.21
CA VAL A 699 -51.39 -21.45 -13.97
C VAL A 699 -51.69 -21.41 -12.48
N SER A 700 -51.29 -22.44 -11.75
CA SER A 700 -51.51 -22.45 -10.31
C SER A 700 -50.56 -21.49 -9.60
N TYR A 701 -49.34 -21.35 -10.10
CA TYR A 701 -48.40 -20.39 -9.54
C TYR A 701 -48.72 -18.95 -9.93
N LEU A 702 -49.68 -18.75 -10.83
CA LEU A 702 -50.19 -17.41 -11.11
C LEU A 702 -50.70 -16.69 -9.87
N CYS A 703 -50.84 -17.39 -8.74
CA CYS A 703 -51.21 -16.73 -7.49
C CYS A 703 -50.18 -15.70 -7.06
N HIS A 704 -48.94 -15.81 -7.55
CA HIS A 704 -47.93 -14.81 -7.23
C HIS A 704 -48.20 -13.48 -7.91
N LEU A 705 -49.08 -13.45 -8.92
CA LEU A 705 -49.49 -12.18 -9.50
C LEU A 705 -50.18 -11.31 -8.47
N ILE A 706 -50.99 -11.92 -7.60
CA ILE A 706 -51.62 -11.19 -6.52
C ILE A 706 -50.59 -10.89 -5.45
N THR A 707 -50.51 -9.63 -5.03
CA THR A 707 -49.56 -9.25 -4.00
C THR A 707 -49.95 -9.87 -2.66
N LYS A 708 -48.97 -9.90 -1.75
CA LYS A 708 -49.16 -10.43 -0.41
C LYS A 708 -48.85 -9.31 0.57
N GLU A 709 -49.87 -8.49 0.86
CA GLU A 709 -49.63 -7.31 1.70
C GLU A 709 -50.77 -7.09 2.70
N THR A 710 -51.40 -8.17 3.17
CA THR A 710 -52.37 -8.14 4.26
C THR A 710 -53.46 -7.10 4.02
N PRO A 711 -54.44 -7.39 3.13
CA PRO A 711 -55.51 -6.42 2.82
C PRO A 711 -56.06 -5.68 4.04
N ASP A 712 -56.16 -6.38 5.17
CA ASP A 712 -56.52 -5.77 6.44
C ASP A 712 -55.52 -6.23 7.49
N ARG A 713 -54.76 -5.28 8.04
CA ARG A 713 -53.73 -5.63 9.01
C ARG A 713 -54.34 -6.18 10.30
N LEU A 714 -55.41 -5.56 10.78
CA LEU A 714 -56.03 -6.03 12.02
C LEU A 714 -56.68 -7.39 11.83
N THR A 715 -57.34 -7.61 10.68
CA THR A 715 -57.96 -8.90 10.42
C THR A 715 -56.92 -10.00 10.34
N ASP A 716 -55.80 -9.74 9.67
CA ASP A 716 -54.76 -10.76 9.56
C ASP A 716 -54.05 -10.97 10.89
N GLN A 717 -53.95 -9.94 11.73
CA GLN A 717 -53.43 -10.14 13.08
C GLN A 717 -54.36 -11.02 13.89
N ILE A 718 -55.67 -10.80 13.78
CA ILE A 718 -56.65 -11.66 14.44
C ILE A 718 -56.51 -13.10 13.96
N LYS A 719 -56.36 -13.28 12.64
CA LYS A 719 -56.24 -14.63 12.10
C LYS A 719 -54.95 -15.30 12.55
N CYS A 720 -53.86 -14.54 12.65
CA CYS A 720 -52.61 -15.09 13.15
C CYS A 720 -52.73 -15.50 14.61
N PHE A 721 -53.38 -14.66 15.43
CA PHE A 721 -53.59 -15.03 16.82
C PHE A 721 -54.48 -16.27 16.94
N GLU A 722 -55.47 -16.38 16.06
CA GLU A 722 -56.32 -17.57 16.04
C GLU A 722 -55.51 -18.82 15.71
N LYS A 723 -54.70 -18.76 14.66
CA LYS A 723 -53.87 -19.89 14.29
C LYS A 723 -52.85 -20.21 15.38
N PHE A 724 -52.45 -19.21 16.16
CA PHE A 724 -51.46 -19.43 17.20
C PHE A 724 -52.08 -20.06 18.45
N ILE A 725 -53.31 -19.68 18.80
CA ILE A 725 -53.90 -20.10 20.07
C ILE A 725 -54.89 -21.26 19.93
N GLU A 726 -55.35 -21.58 18.72
CA GLU A 726 -56.30 -22.66 18.56
C GLU A 726 -55.72 -24.02 18.92
N PRO A 727 -54.50 -24.36 18.49
CA PRO A 727 -53.93 -25.65 18.93
C PRO A 727 -53.77 -25.76 20.44
N LYS A 728 -53.45 -24.66 21.12
CA LYS A 728 -53.29 -24.71 22.57
C LYS A 728 -54.63 -24.95 23.27
N VAL A 729 -55.68 -24.25 22.82
CA VAL A 729 -57.00 -24.44 23.41
C VAL A 729 -57.50 -25.85 23.13
N LYS A 730 -57.26 -26.35 21.91
CA LYS A 730 -57.69 -27.71 21.58
C LYS A 730 -56.89 -28.75 22.35
N PHE A 731 -55.64 -28.43 22.72
CA PHE A 731 -54.82 -29.37 23.47
C PHE A 731 -55.16 -29.34 24.95
N GLY A 732 -55.15 -28.16 25.55
CA GLY A 732 -55.51 -28.04 26.96
C GLY A 732 -54.42 -27.43 27.82
N CYS A 733 -53.49 -26.69 27.20
CA CYS A 733 -52.41 -26.01 27.93
C CYS A 733 -52.33 -24.59 27.38
N ALA A 734 -53.09 -23.69 27.99
CA ALA A 734 -53.16 -22.30 27.55
C ALA A 734 -53.10 -21.37 28.75
N VAL A 735 -52.12 -21.60 29.64
CA VAL A 735 -51.98 -20.77 30.83
C VAL A 735 -51.72 -19.33 30.42
N VAL A 736 -52.50 -18.41 30.98
CA VAL A 736 -52.47 -17.00 30.62
C VAL A 736 -51.80 -16.22 31.73
N ASN A 737 -50.87 -15.34 31.35
CA ASN A 737 -50.16 -14.47 32.28
C ASN A 737 -49.60 -15.26 33.47
N PRO A 738 -48.76 -16.28 33.22
CA PRO A 738 -48.38 -17.19 34.32
C PRO A 738 -47.66 -16.49 35.46
N SER A 739 -46.48 -15.94 35.19
CA SER A 739 -45.81 -15.09 36.17
C SER A 739 -45.13 -13.85 35.59
N LEU A 740 -44.74 -13.87 34.31
CA LEU A 740 -43.91 -12.84 33.68
C LEU A 740 -42.54 -12.73 34.35
N ASN A 741 -42.27 -13.58 35.33
CA ASN A 741 -40.97 -13.65 35.99
C ASN A 741 -40.40 -15.05 36.03
N GLY A 742 -41.24 -16.07 36.18
CA GLY A 742 -40.79 -17.45 36.24
C GLY A 742 -41.20 -18.18 37.49
N LYS A 743 -42.22 -17.65 38.18
CA LYS A 743 -42.75 -18.25 39.41
C LYS A 743 -44.19 -18.67 39.14
N LEU A 744 -44.36 -19.88 38.65
CA LEU A 744 -45.70 -20.37 38.32
C LEU A 744 -46.46 -20.74 39.59
N THR A 745 -47.78 -20.53 39.55
CA THR A 745 -48.64 -20.88 40.66
C THR A 745 -48.92 -22.37 40.64
N VAL A 746 -49.79 -22.81 41.56
CA VAL A 746 -50.10 -24.24 41.66
C VAL A 746 -50.93 -24.70 40.46
N ASP A 747 -51.94 -23.92 40.09
CA ASP A 747 -52.76 -24.29 38.94
C ASP A 747 -51.97 -24.21 37.64
N GLN A 748 -51.05 -23.25 37.55
CA GLN A 748 -50.25 -23.10 36.34
C GLN A 748 -49.30 -24.29 36.17
N GLU A 749 -48.58 -24.66 37.22
CA GLU A 749 -47.71 -25.83 37.13
C GLU A 749 -48.52 -27.10 36.92
N ASP A 750 -49.72 -27.18 37.51
CA ASP A 750 -50.57 -28.34 37.30
C ASP A 750 -50.97 -28.48 35.84
N ILE A 751 -51.41 -27.39 35.22
CA ILE A 751 -51.84 -27.47 33.83
C ILE A 751 -50.65 -27.69 32.92
N MET A 752 -49.46 -27.17 33.27
CA MET A 752 -48.27 -27.43 32.47
C MET A 752 -47.88 -28.89 32.52
N ILE A 753 -47.90 -29.50 33.71
CA ILE A 753 -47.56 -30.92 33.83
C ILE A 753 -48.60 -31.77 33.13
N ASN A 754 -49.88 -31.37 33.21
CA ASN A 754 -50.92 -32.10 32.49
C ASN A 754 -50.72 -32.02 30.99
N GLY A 755 -50.35 -30.84 30.48
CA GLY A 755 -50.04 -30.72 29.07
C GLY A 755 -48.87 -31.58 28.65
N LEU A 756 -47.83 -31.63 29.49
CA LEU A 756 -46.68 -32.49 29.18
C LEU A 756 -47.09 -33.95 29.15
N LYS A 757 -47.86 -34.39 30.15
CA LYS A 757 -48.30 -35.78 30.19
C LYS A 757 -49.16 -36.12 28.97
N LYS A 758 -50.07 -35.22 28.60
CA LYS A 758 -50.89 -35.45 27.41
C LYS A 758 -50.03 -35.46 26.15
N PHE A 759 -48.95 -34.69 26.13
CA PHE A 759 -48.05 -34.71 24.99
C PHE A 759 -47.27 -36.01 24.91
N PHE A 760 -47.05 -36.67 26.06
CA PHE A 760 -46.29 -37.91 26.10
C PHE A 760 -47.15 -39.10 26.53
N SER A 761 -48.44 -39.09 26.17
CA SER A 761 -49.33 -40.20 26.48
C SER A 761 -49.88 -40.85 25.23
N LYS A 762 -49.14 -40.81 24.13
CA LYS A 762 -49.57 -41.40 22.87
C LYS A 762 -49.05 -42.82 22.78
N SER A 763 -49.97 -43.79 22.76
CA SER A 763 -49.60 -45.19 22.66
C SER A 763 -49.20 -45.52 21.22
N LEU A 764 -48.83 -46.79 21.00
CA LEU A 764 -48.41 -47.25 19.69
C LEU A 764 -49.43 -48.18 19.04
N ARG A 765 -50.53 -48.49 19.72
CA ARG A 765 -51.55 -49.39 19.20
C ARG A 765 -52.92 -48.72 19.21
N ASP A 766 -52.95 -47.42 18.92
CA ASP A 766 -54.21 -46.68 18.86
C ASP A 766 -54.20 -45.78 17.65
N THR A 767 -55.28 -45.81 16.87
CA THR A 767 -55.40 -45.03 15.66
C THR A 767 -56.31 -43.82 15.83
N GLU A 768 -56.93 -43.65 16.99
CA GLU A 768 -57.77 -42.50 17.27
C GLU A 768 -56.98 -41.30 17.82
N ASP A 769 -55.66 -41.32 17.66
CA ASP A 769 -54.80 -40.25 18.18
C ASP A 769 -53.72 -39.88 17.18
N VAL A 770 -54.01 -39.97 15.89
CA VAL A 770 -53.02 -39.70 14.85
C VAL A 770 -53.16 -38.27 14.36
N GLN A 771 -53.86 -37.44 15.13
CA GLN A 771 -54.04 -36.04 14.78
C GLN A 771 -53.79 -35.07 15.92
N THR A 772 -53.82 -35.52 17.17
CA THR A 772 -53.55 -34.59 18.26
C THR A 772 -52.05 -34.43 18.48
N PRO A 773 -51.60 -33.24 18.86
CA PRO A 773 -50.17 -33.03 19.09
C PRO A 773 -49.63 -33.96 20.18
N GLY A 774 -48.41 -34.42 19.99
CA GLY A 774 -47.78 -35.31 20.94
C GLY A 774 -46.78 -36.21 20.23
N VAL A 775 -46.24 -37.14 21.01
CA VAL A 775 -45.23 -38.08 20.51
C VAL A 775 -45.34 -39.38 21.30
N CYS A 776 -45.11 -40.50 20.62
CA CYS A 776 -45.10 -41.80 21.28
C CYS A 776 -43.75 -42.00 21.97
N LYS A 777 -43.79 -42.32 23.26
CA LYS A 777 -42.56 -42.47 24.02
C LYS A 777 -41.77 -43.69 23.56
N GLU A 778 -42.45 -44.80 23.27
CA GLU A 778 -41.75 -46.00 22.85
C GLU A 778 -41.14 -45.83 21.46
N LEU A 779 -41.86 -45.19 20.54
CA LEU A 779 -41.30 -44.95 19.21
C LEU A 779 -40.13 -43.98 19.27
N LEU A 780 -40.22 -42.96 20.11
CA LEU A 780 -39.10 -42.04 20.28
C LEU A 780 -37.90 -42.75 20.90
N ASN A 781 -38.15 -43.67 21.83
CA ASN A 781 -37.06 -44.45 22.40
C ASN A 781 -36.39 -45.32 21.34
N TYR A 782 -37.19 -45.96 20.49
CA TYR A 782 -36.62 -46.76 19.41
C TYR A 782 -35.81 -45.89 18.46
N CYS A 783 -36.31 -44.69 18.16
CA CYS A 783 -35.58 -43.75 17.31
C CYS A 783 -34.23 -43.39 17.91
N VAL A 784 -34.22 -43.01 19.19
CA VAL A 784 -32.97 -42.62 19.83
C VAL A 784 -32.01 -43.80 19.92
N SER A 785 -32.54 -45.00 20.19
CA SER A 785 -31.68 -46.17 20.30
C SER A 785 -31.04 -46.52 18.96
N LEU A 786 -31.82 -46.44 17.87
CA LEU A 786 -31.27 -46.72 16.56
C LEU A 786 -30.32 -45.62 16.10
N PHE A 787 -30.51 -44.39 16.59
CA PHE A 787 -29.59 -43.32 16.24
C PHE A 787 -28.28 -43.45 16.99
N ASN A 788 -28.31 -43.93 18.24
CA ASN A 788 -27.11 -43.95 19.06
C ASN A 788 -26.08 -44.95 18.53
N ARG A 789 -26.51 -46.18 18.26
CA ARG A 789 -25.55 -47.23 17.91
C ARG A 789 -25.25 -47.27 16.41
N GLY A 790 -25.13 -46.09 15.80
CA GLY A 790 -24.90 -45.95 14.38
C GLY A 790 -25.71 -46.85 13.47
N LYS A 791 -27.00 -47.03 13.74
CA LYS A 791 -27.87 -47.85 12.89
C LYS A 791 -28.52 -47.03 11.78
N LEU A 792 -28.83 -45.76 12.05
CA LEU A 792 -29.43 -44.89 11.05
C LEU A 792 -28.37 -44.34 10.10
N LYS A 793 -28.84 -43.71 9.02
CA LYS A 793 -27.92 -43.12 8.06
C LYS A 793 -27.16 -41.93 8.64
N VAL A 794 -27.68 -41.30 9.68
CA VAL A 794 -26.96 -40.27 10.42
C VAL A 794 -26.44 -40.89 11.72
N SER A 795 -25.26 -40.47 12.13
CA SER A 795 -24.60 -41.04 13.30
C SER A 795 -24.36 -39.97 14.36
N GLY A 796 -24.26 -40.42 15.61
CA GLY A 796 -23.97 -39.53 16.71
C GLY A 796 -22.53 -39.08 16.82
N GLU A 797 -21.61 -39.73 16.08
CA GLU A 797 -20.20 -39.36 16.09
C GLU A 797 -20.04 -38.06 15.32
N LEU A 798 -20.28 -36.94 16.01
CA LEU A 798 -20.21 -35.63 15.39
C LEU A 798 -18.78 -35.10 15.41
N LYS A 799 -18.58 -33.99 14.70
CA LYS A 799 -17.30 -33.31 14.66
C LYS A 799 -17.51 -31.81 14.81
N ASN A 800 -16.47 -31.12 15.28
CA ASN A 800 -16.51 -29.68 15.51
C ASN A 800 -17.63 -29.33 16.50
N ASN A 801 -17.45 -29.80 17.73
CA ASN A 801 -18.39 -29.67 18.84
C ASN A 801 -19.03 -28.28 18.87
N PRO A 802 -20.35 -28.19 18.94
CA PRO A 802 -21.02 -26.88 18.82
C PRO A 802 -20.83 -25.97 20.02
N PHE A 803 -20.27 -26.46 21.13
CA PHE A 803 -20.12 -25.64 22.33
C PHE A 803 -19.07 -24.56 22.09
N ARG A 804 -19.52 -23.33 21.87
CA ARG A 804 -18.62 -22.21 21.64
C ARG A 804 -19.32 -20.88 21.93
N SER A 1101 -30.32 -9.42 35.61
CA SER A 1101 -29.10 -10.12 35.21
C SER A 1101 -29.24 -11.63 35.40
N PRO A 1102 -28.73 -12.41 34.44
CA PRO A 1102 -28.84 -13.86 34.55
C PRO A 1102 -27.92 -14.43 35.62
N THR A 1103 -28.34 -14.32 36.88
CA THR A 1103 -27.55 -14.78 38.01
C THR A 1103 -28.06 -16.10 38.57
N GLU A 1104 -29.37 -16.22 38.75
CA GLU A 1104 -29.99 -17.46 39.22
C GLU A 1104 -30.95 -17.95 38.15
N PHE A 1105 -30.77 -19.20 37.73
CA PHE A 1105 -31.55 -19.79 36.65
C PHE A 1105 -32.20 -21.07 37.12
N THR A 1106 -33.26 -21.46 36.42
CA THR A 1106 -33.98 -22.70 36.70
C THR A 1106 -34.57 -23.22 35.40
N SER A 1107 -35.49 -24.18 35.51
CA SER A 1107 -36.14 -24.75 34.35
C SER A 1107 -37.14 -23.80 33.69
N ILE A 1108 -37.54 -22.74 34.38
CA ILE A 1108 -38.55 -21.81 33.89
C ILE A 1108 -37.91 -20.56 33.31
N SER A 1109 -37.06 -19.89 34.08
CA SER A 1109 -36.46 -18.64 33.65
C SER A 1109 -35.06 -18.54 34.24
N SER A 1110 -34.47 -17.33 34.15
CA SER A 1110 -33.16 -17.06 34.71
C SER A 1110 -33.13 -15.71 35.43
N ASN A 1111 -34.30 -15.26 35.89
CA ASN A 1111 -34.45 -13.95 36.56
C ASN A 1111 -33.93 -12.82 35.69
N SER A 1112 -33.98 -13.00 34.38
CA SER A 1112 -33.68 -11.95 33.41
C SER A 1112 -34.73 -11.93 32.33
N GLY A 1113 -35.98 -12.16 32.72
CA GLY A 1113 -37.08 -12.34 31.79
C GLY A 1113 -37.63 -13.75 31.87
N ASN A 1114 -38.49 -14.08 30.89
CA ASN A 1114 -39.08 -15.40 30.81
C ASN A 1114 -39.08 -15.91 29.37
N LEU A 1115 -38.03 -15.59 28.61
CA LEU A 1115 -37.96 -15.88 27.19
C LEU A 1115 -39.20 -15.33 26.47
N LYS A 1116 -39.37 -14.02 26.59
CA LYS A 1116 -40.57 -13.36 26.10
C LYS A 1116 -40.47 -13.11 24.60
N PHE A 1117 -41.38 -13.71 23.84
CA PHE A 1117 -41.57 -13.41 22.43
C PHE A 1117 -42.84 -12.58 22.25
N GLY A 1118 -43.01 -12.06 21.05
CA GLY A 1118 -44.23 -11.34 20.71
C GLY A 1118 -44.75 -11.82 19.37
N LEU A 1119 -46.07 -12.02 19.31
CA LEU A 1119 -46.70 -12.63 18.15
C LEU A 1119 -46.88 -11.62 17.03
N SER A 1120 -46.73 -12.09 15.78
CA SER A 1120 -46.97 -11.28 14.60
C SER A 1120 -47.09 -12.23 13.40
N TYR A 1121 -47.34 -11.65 12.24
CA TYR A 1121 -47.49 -12.41 11.01
C TYR A 1121 -46.34 -12.11 10.05
N LYS A 1122 -46.26 -12.94 9.02
CA LYS A 1122 -45.32 -12.74 7.92
C LYS A 1122 -46.09 -12.93 6.62
N GLU A 1123 -46.03 -11.93 5.75
CA GLU A 1123 -46.81 -11.95 4.53
C GLU A 1123 -46.31 -13.05 3.60
N GLN A 1124 -47.18 -14.01 3.30
CA GLN A 1124 -46.89 -15.07 2.35
C GLN A 1124 -48.00 -15.12 1.31
N VAL A 1125 -47.81 -15.97 0.30
CA VAL A 1125 -48.76 -16.03 -0.81
C VAL A 1125 -50.06 -16.68 -0.35
N GLY A 1126 -49.99 -17.93 0.10
CA GLY A 1126 -51.17 -18.64 0.53
C GLY A 1126 -51.78 -18.12 1.82
N SER A 1127 -51.07 -18.31 2.92
CA SER A 1127 -51.52 -17.86 4.23
C SER A 1127 -50.37 -17.20 4.97
N ASN A 1128 -50.71 -16.19 5.77
CA ASN A 1128 -49.70 -15.48 6.54
C ASN A 1128 -49.01 -16.42 7.53
N ARG A 1129 -47.70 -16.55 7.40
CA ARG A 1129 -46.96 -17.41 8.29
C ARG A 1129 -46.86 -16.77 9.68
N GLU A 1130 -46.61 -17.60 10.69
CA GLU A 1130 -46.40 -17.08 12.03
C GLU A 1130 -45.06 -16.36 12.13
N LEU A 1131 -44.92 -15.52 13.15
CA LEU A 1131 -43.68 -14.80 13.38
C LEU A 1131 -43.60 -14.44 14.86
N TYR A 1132 -42.40 -14.58 15.42
CA TYR A 1132 -42.17 -14.31 16.84
C TYR A 1132 -40.97 -13.38 16.97
N VAL A 1133 -41.20 -12.17 17.46
CA VAL A 1133 -40.13 -11.21 17.69
C VAL A 1133 -39.80 -11.22 19.17
N GLY A 1134 -38.57 -11.63 19.51
CA GLY A 1134 -38.16 -11.76 20.88
C GLY A 1134 -37.26 -10.63 21.33
N ASP A 1135 -37.18 -10.44 22.64
CA ASP A 1135 -36.30 -9.45 23.24
C ASP A 1135 -34.84 -9.84 23.03
N LEU A 1136 -33.93 -9.05 23.59
CA LEU A 1136 -32.50 -9.27 23.33
C LEU A 1136 -32.03 -10.58 23.95
N ASN A 1137 -32.36 -10.82 25.22
CA ASN A 1137 -31.87 -12.01 25.90
C ASN A 1137 -32.46 -13.28 25.30
N THR A 1138 -33.76 -13.31 25.06
CA THR A 1138 -34.36 -14.49 24.46
C THR A 1138 -33.90 -14.67 23.01
N LYS A 1139 -33.61 -13.57 22.30
CA LYS A 1139 -33.06 -13.71 20.96
C LYS A 1139 -31.67 -14.31 21.01
N LEU A 1140 -30.87 -13.95 22.02
CA LEU A 1140 -29.56 -14.58 22.18
C LEU A 1140 -29.69 -16.05 22.51
N MET A 1141 -30.70 -16.41 23.31
CA MET A 1141 -30.92 -17.82 23.63
C MET A 1141 -31.30 -18.62 22.37
N THR A 1142 -32.23 -18.07 21.58
CA THR A 1142 -32.56 -18.70 20.30
C THR A 1142 -31.34 -18.81 19.40
N ARG A 1143 -30.52 -17.77 19.36
CA ARG A 1143 -29.29 -17.82 18.56
C ARG A 1143 -28.38 -18.95 19.03
N LEU A 1144 -28.26 -19.12 20.35
CA LEU A 1144 -27.46 -20.19 20.92
C LEU A 1144 -27.97 -21.55 20.46
N VAL A 1145 -29.26 -21.81 20.65
CA VAL A 1145 -29.83 -23.11 20.27
C VAL A 1145 -29.69 -23.31 18.77
N GLU A 1146 -29.84 -22.24 17.98
CA GLU A 1146 -29.73 -22.35 16.54
C GLU A 1146 -28.32 -22.71 16.11
N ASP A 1147 -27.31 -22.10 16.73
CA ASP A 1147 -25.93 -22.46 16.41
C ASP A 1147 -25.63 -23.90 16.80
N PHE A 1148 -26.10 -24.32 17.98
CA PHE A 1148 -25.88 -25.70 18.40
C PHE A 1148 -26.48 -26.68 17.40
N SER A 1149 -27.77 -26.52 17.09
CA SER A 1149 -28.44 -27.43 16.18
C SER A 1149 -27.87 -27.33 14.76
N GLU A 1150 -27.39 -26.15 14.35
CA GLU A 1150 -26.84 -26.00 13.02
C GLU A 1150 -25.50 -26.70 12.88
N ALA A 1151 -24.66 -26.61 13.92
CA ALA A 1151 -23.40 -27.36 13.90
C ALA A 1151 -23.67 -28.85 13.93
N VAL A 1152 -24.63 -29.29 14.75
CA VAL A 1152 -24.99 -30.71 14.77
C VAL A 1152 -25.46 -31.16 13.40
N GLY A 1153 -26.26 -30.33 12.72
CA GLY A 1153 -26.76 -30.70 11.40
C GLY A 1153 -25.66 -30.72 10.35
N ASN A 1154 -24.72 -29.79 10.43
CA ASN A 1154 -23.55 -29.85 9.55
C ASN A 1154 -22.75 -31.12 9.81
N SER A 1155 -22.73 -31.60 11.04
CA SER A 1155 -22.14 -32.91 11.31
C SER A 1155 -22.99 -34.03 10.72
N MET A 1156 -24.29 -33.81 10.53
CA MET A 1156 -25.15 -34.81 9.94
C MET A 1156 -24.97 -34.80 8.42
N LYS A 1157 -25.74 -35.61 7.71
CA LYS A 1157 -25.58 -35.75 6.27
C LYS A 1157 -26.80 -35.29 5.48
N TYR A 1158 -27.99 -35.80 5.81
CA TYR A 1158 -29.14 -35.68 4.93
C TYR A 1158 -30.01 -34.47 5.24
N THR A 1159 -29.55 -33.55 6.08
CA THR A 1159 -30.30 -32.32 6.35
C THR A 1159 -29.84 -31.22 5.40
N CYS A 1160 -30.80 -30.59 4.72
CA CYS A 1160 -30.52 -29.53 3.75
C CYS A 1160 -31.46 -28.35 4.00
N LEU A 1161 -31.08 -27.47 4.92
CA LEU A 1161 -31.79 -26.23 5.19
C LEU A 1161 -30.92 -25.00 5.03
N ASN A 1162 -29.65 -25.09 5.46
CA ASN A 1162 -28.70 -24.01 5.29
C ASN A 1162 -27.39 -24.51 4.70
N SER A 1163 -27.41 -25.68 4.06
CA SER A 1163 -26.26 -26.26 3.39
C SER A 1163 -26.65 -26.47 1.93
N GLU A 1164 -26.20 -25.56 1.06
CA GLU A 1164 -26.58 -25.63 -0.34
C GLU A 1164 -25.95 -26.84 -1.04
N LYS A 1165 -24.83 -27.33 -0.52
CA LYS A 1165 -24.24 -28.55 -1.07
C LYS A 1165 -25.20 -29.73 -0.92
N GLU A 1166 -25.74 -29.90 0.28
CA GLU A 1166 -26.69 -31.00 0.50
C GLU A 1166 -27.99 -30.77 -0.27
N PHE A 1167 -28.39 -29.52 -0.46
CA PHE A 1167 -29.59 -29.25 -1.25
C PHE A 1167 -29.38 -29.63 -2.71
N GLU A 1168 -28.21 -29.30 -3.27
CA GLU A 1168 -27.91 -29.71 -4.64
C GLU A 1168 -27.80 -31.22 -4.75
N ARG A 1169 -27.23 -31.87 -3.73
CA ARG A 1169 -27.18 -33.33 -3.73
C ARG A 1169 -28.58 -33.93 -3.73
N ALA A 1170 -29.46 -33.39 -2.90
CA ALA A 1170 -30.85 -33.85 -2.88
C ALA A 1170 -31.53 -33.60 -4.22
N ILE A 1171 -31.23 -32.46 -4.85
CA ILE A 1171 -31.80 -32.16 -6.16
C ILE A 1171 -31.38 -33.20 -7.19
N CYS A 1172 -30.08 -33.53 -7.21
CA CYS A 1172 -29.59 -34.50 -8.18
C CYS A 1172 -30.13 -35.89 -7.91
N ASP A 1173 -30.22 -36.28 -6.63
CA ASP A 1173 -30.77 -37.59 -6.29
C ASP A 1173 -32.24 -37.66 -6.67
N MET A 1174 -33.01 -36.60 -6.42
CA MET A 1174 -34.41 -36.57 -6.81
C MET A 1174 -34.56 -36.64 -8.33
N LYS A 1175 -33.69 -35.93 -9.06
CA LYS A 1175 -33.75 -35.97 -10.51
C LYS A 1175 -33.48 -37.37 -11.05
N MET A 1176 -32.44 -38.02 -10.54
CA MET A 1176 -32.13 -39.37 -11.02
C MET A 1176 -33.19 -40.37 -10.57
N ALA A 1177 -33.82 -40.14 -9.42
CA ALA A 1177 -34.89 -41.03 -8.97
C ALA A 1177 -36.13 -40.89 -9.85
N VAL A 1178 -36.50 -39.66 -10.20
CA VAL A 1178 -37.63 -39.46 -11.09
C VAL A 1178 -37.31 -39.99 -12.49
N ASN A 1179 -36.04 -39.93 -12.90
CA ASN A 1179 -35.67 -40.47 -14.20
C ASN A 1179 -35.63 -42.00 -14.20
N ASN A 1180 -35.36 -42.62 -13.06
CA ASN A 1180 -35.28 -44.07 -12.96
C ASN A 1180 -36.60 -44.70 -12.51
N GLY A 1181 -37.63 -43.90 -12.27
CA GLY A 1181 -38.92 -44.44 -11.87
C GLY A 1181 -39.04 -44.76 -10.41
N ASP A 1182 -38.23 -44.16 -9.56
CA ASP A 1182 -38.31 -44.42 -8.13
C ASP A 1182 -39.55 -43.75 -7.54
N LEU A 1183 -39.96 -44.22 -6.37
CA LEU A 1183 -41.13 -43.69 -5.69
C LEU A 1183 -40.74 -42.42 -4.95
N SER A 1184 -41.01 -41.26 -5.55
CA SER A 1184 -40.77 -39.99 -4.89
C SER A 1184 -41.97 -39.64 -4.03
N CYS A 1185 -41.73 -39.38 -2.75
CA CYS A 1185 -42.75 -38.99 -1.80
C CYS A 1185 -42.43 -37.56 -1.37
N SER A 1186 -43.15 -36.60 -1.91
CA SER A 1186 -43.01 -35.19 -1.53
C SER A 1186 -43.93 -34.97 -0.33
N TYR A 1187 -43.36 -35.05 0.87
CA TYR A 1187 -44.13 -34.97 2.10
C TYR A 1187 -44.10 -33.54 2.62
N ASP A 1188 -45.26 -33.03 3.01
CA ASP A 1188 -45.38 -31.79 3.74
C ASP A 1188 -45.98 -32.08 5.10
N HIS A 1189 -45.59 -31.29 6.10
CA HIS A 1189 -46.04 -31.48 7.47
C HIS A 1189 -46.92 -30.29 7.86
N SER A 1190 -48.17 -30.58 8.21
CA SER A 1190 -49.11 -29.53 8.58
C SER A 1190 -48.90 -29.11 10.02
N LYS A 1191 -48.95 -27.80 10.26
CA LYS A 1191 -48.81 -27.23 11.60
C LYS A 1191 -47.52 -27.69 12.26
N TRP A 1192 -46.42 -27.59 11.51
CA TRP A 1192 -45.12 -27.98 12.07
C TRP A 1192 -44.78 -27.14 13.28
N GLY A 1193 -44.87 -25.83 13.15
CA GLY A 1193 -44.63 -24.92 14.26
C GLY A 1193 -45.61 -25.09 15.41
N PRO A 1194 -46.91 -24.88 15.14
CA PRO A 1194 -47.91 -24.92 16.22
C PRO A 1194 -48.00 -26.26 16.95
N THR A 1195 -47.43 -27.34 16.43
CA THR A 1195 -47.48 -28.62 17.10
C THR A 1195 -46.16 -29.05 17.74
N MET A 1196 -45.03 -28.58 17.21
CA MET A 1196 -43.74 -28.92 17.80
C MET A 1196 -43.62 -28.30 19.19
N SER A 1197 -42.88 -28.99 20.06
CA SER A 1197 -42.74 -28.58 21.44
C SER A 1197 -41.28 -28.60 21.86
N PRO A 1198 -40.84 -27.62 22.64
CA PRO A 1198 -39.48 -27.70 23.21
C PRO A 1198 -39.31 -28.92 24.11
N ALA A 1199 -40.38 -29.39 24.76
CA ALA A 1199 -40.29 -30.60 25.55
C ALA A 1199 -39.95 -31.81 24.69
N LEU A 1200 -40.40 -31.82 23.43
CA LEU A 1200 -40.06 -32.91 22.53
C LEU A 1200 -38.56 -32.91 22.22
N PHE A 1201 -37.98 -31.74 21.98
CA PHE A 1201 -36.55 -31.67 21.76
C PHE A 1201 -35.78 -32.01 23.03
N LEU A 1202 -36.33 -31.68 24.19
CA LEU A 1202 -35.73 -32.09 25.46
C LEU A 1202 -35.70 -33.61 25.57
N ALA A 1203 -36.83 -34.26 25.29
CA ALA A 1203 -36.90 -35.71 25.35
C ALA A 1203 -35.97 -36.36 24.32
N LEU A 1204 -35.80 -35.72 23.16
CA LEU A 1204 -34.87 -36.23 22.16
C LEU A 1204 -33.43 -36.15 22.65
N LEU A 1205 -32.98 -34.93 22.99
CA LEU A 1205 -31.60 -34.72 23.40
C LEU A 1205 -31.29 -35.29 24.77
N GLN A 1206 -32.29 -35.80 25.50
CA GLN A 1206 -32.02 -36.40 26.80
C GLN A 1206 -31.12 -37.61 26.69
N MET A 1207 -31.34 -38.44 25.66
CA MET A 1207 -30.54 -39.65 25.47
C MET A 1207 -29.79 -39.66 24.14
N LEU A 1208 -29.65 -38.51 23.49
CA LEU A 1208 -28.79 -38.45 22.31
C LEU A 1208 -27.34 -38.55 22.72
N GLU A 1209 -26.59 -39.43 22.04
CA GLU A 1209 -25.17 -39.59 22.36
C GLU A 1209 -24.40 -38.35 21.97
N LEU A 1210 -24.41 -37.99 20.68
CA LEU A 1210 -23.69 -36.84 20.16
C LEU A 1210 -22.21 -36.92 20.54
N ARG A 1211 -21.56 -37.98 20.05
CA ARG A 1211 -20.18 -38.25 20.42
C ARG A 1211 -19.23 -37.27 19.75
N THR A 1212 -18.15 -36.95 20.46
CA THR A 1212 -17.12 -36.05 19.96
C THR A 1212 -16.28 -36.73 18.89
N PRO A 1213 -15.60 -35.95 18.04
CA PRO A 1213 -14.80 -36.57 16.97
C PRO A 1213 -13.50 -37.19 17.47
N VAL A 1214 -12.88 -36.58 18.48
CA VAL A 1214 -11.56 -36.99 18.94
C VAL A 1214 -11.62 -37.54 20.36
N ASP A 1215 -12.55 -37.04 21.16
CA ASP A 1215 -12.58 -37.38 22.58
C ASP A 1215 -13.41 -38.62 22.86
N ARG A 1216 -14.59 -38.73 22.24
CA ARG A 1216 -15.52 -39.85 22.46
C ARG A 1216 -15.92 -39.93 23.93
N SER A 1217 -16.58 -38.87 24.40
CA SER A 1217 -16.95 -38.75 25.81
C SER A 1217 -18.43 -38.50 26.03
N LYS A 1218 -19.24 -38.39 24.98
CA LYS A 1218 -20.68 -38.13 25.10
C LYS A 1218 -20.94 -36.83 25.87
N ILE A 1219 -20.52 -35.73 25.22
CA ILE A 1219 -20.61 -34.40 25.81
C ILE A 1219 -22.01 -34.17 26.36
N ASP A 1220 -22.08 -33.65 27.59
CA ASP A 1220 -23.35 -33.38 28.22
C ASP A 1220 -24.01 -32.16 27.59
N LEU A 1221 -25.33 -32.21 27.51
CA LEU A 1221 -26.15 -31.13 26.95
C LEU A 1221 -26.94 -30.42 28.04
N ASP A 1222 -26.31 -30.24 29.21
CA ASP A 1222 -27.02 -29.66 30.35
C ASP A 1222 -27.45 -28.22 30.07
N SER A 1223 -26.57 -27.42 29.47
CA SER A 1223 -26.94 -26.05 29.13
C SER A 1223 -27.96 -26.01 28.01
N VAL A 1224 -27.81 -26.90 27.01
CA VAL A 1224 -28.79 -26.96 25.93
C VAL A 1224 -30.14 -27.40 26.47
N LYS A 1225 -30.16 -28.37 27.38
CA LYS A 1225 -31.42 -28.78 27.99
C LYS A 1225 -32.01 -27.69 28.86
N SER A 1226 -31.16 -26.90 29.53
CA SER A 1226 -31.68 -25.80 30.34
C SER A 1226 -32.33 -24.73 29.47
N ILE A 1227 -31.69 -24.36 28.37
CA ILE A 1227 -32.28 -23.32 27.52
C ILE A 1227 -33.50 -23.88 26.78
N LEU A 1228 -33.54 -25.18 26.50
CA LEU A 1228 -34.74 -25.76 25.91
C LEU A 1228 -35.89 -25.81 26.92
N LYS A 1229 -35.58 -26.04 28.20
CA LYS A 1229 -36.60 -25.94 29.24
C LYS A 1229 -37.11 -24.51 29.37
N TRP A 1230 -36.20 -23.53 29.23
CA TRP A 1230 -36.62 -22.14 29.18
C TRP A 1230 -37.59 -21.91 28.02
N HIS A 1231 -37.24 -22.43 26.83
CA HIS A 1231 -38.12 -22.32 25.68
C HIS A 1231 -39.48 -22.97 25.95
N LEU A 1232 -39.47 -24.07 26.71
CA LEU A 1232 -40.73 -24.73 27.07
C LEU A 1232 -41.63 -23.80 27.88
N HIS A 1233 -41.04 -22.93 28.69
CA HIS A 1233 -41.77 -21.97 29.50
C HIS A 1233 -41.71 -20.56 28.93
N LYS A 1234 -41.71 -20.44 27.61
CA LYS A 1234 -41.69 -19.13 26.97
C LYS A 1234 -43.03 -18.45 27.12
N VAL A 1235 -43.02 -17.12 26.96
CA VAL A 1235 -44.21 -16.29 27.12
C VAL A 1235 -44.40 -15.49 25.85
N VAL A 1236 -45.52 -15.72 25.17
CA VAL A 1236 -45.81 -15.09 23.89
C VAL A 1236 -46.81 -13.95 24.12
N GLU A 1237 -46.35 -12.72 23.89
CA GLU A 1237 -47.22 -11.57 24.00
C GLU A 1237 -48.20 -11.54 22.83
N VAL A 1238 -49.48 -11.48 23.15
CA VAL A 1238 -50.54 -11.35 22.15
C VAL A 1238 -50.49 -9.91 21.62
N PRO A 1239 -50.91 -9.67 20.39
CA PRO A 1239 -50.91 -8.29 19.88
C PRO A 1239 -51.92 -7.44 20.64
N ILE A 1240 -51.51 -6.21 20.96
CA ILE A 1240 -52.41 -5.29 21.66
C ILE A 1240 -53.60 -4.94 20.78
N ASN A 1241 -53.40 -4.84 19.48
CA ASN A 1241 -54.51 -4.60 18.57
C ASN A 1241 -55.50 -5.75 18.58
N VAL A 1242 -54.99 -6.98 18.65
CA VAL A 1242 -55.88 -8.14 18.75
C VAL A 1242 -56.69 -8.08 20.04
N ALA A 1243 -56.04 -7.70 21.14
CA ALA A 1243 -56.76 -7.59 22.41
C ALA A 1243 -57.85 -6.53 22.35
N GLU A 1244 -57.51 -5.35 21.82
CA GLU A 1244 -58.50 -4.28 21.77
C GLU A 1244 -59.60 -4.57 20.77
N ALA A 1245 -59.34 -5.41 19.77
CA ALA A 1245 -60.39 -5.83 18.85
C ALA A 1245 -61.28 -6.89 19.47
N TYR A 1246 -60.72 -7.75 20.32
CA TYR A 1246 -61.52 -8.76 21.00
C TYR A 1246 -62.32 -8.19 22.17
N CYS A 1247 -61.88 -7.07 22.75
CA CYS A 1247 -62.64 -6.45 23.84
C CYS A 1247 -63.88 -5.74 23.34
N ILE A 1248 -63.84 -5.19 22.12
CA ILE A 1248 -64.97 -4.46 21.58
C ILE A 1248 -65.89 -5.41 20.82
N GLY A 1249 -65.61 -6.70 20.91
CA GLY A 1249 -66.40 -7.71 20.24
C GLY A 1249 -67.31 -8.48 21.18
N THR A 1263 -68.92 -16.21 15.41
CA THR A 1263 -68.30 -17.03 16.44
C THR A 1263 -66.85 -17.36 16.08
N SER A 1264 -66.05 -17.63 17.10
CA SER A 1264 -64.64 -17.98 16.89
C SER A 1264 -64.12 -18.65 18.15
N LEU A 1265 -63.25 -19.65 17.96
CA LEU A 1265 -62.68 -20.36 19.10
C LEU A 1265 -61.76 -19.44 19.91
N SER A 1266 -60.92 -18.67 19.22
CA SER A 1266 -60.05 -17.73 19.93
C SER A 1266 -60.86 -16.63 20.60
N GLU A 1267 -61.90 -16.14 19.94
CA GLU A 1267 -62.77 -15.14 20.55
C GLU A 1267 -63.50 -15.72 21.76
N GLU A 1268 -63.92 -16.98 21.67
CA GLU A 1268 -64.57 -17.63 22.81
C GLU A 1268 -63.61 -17.77 23.98
N PHE A 1269 -62.37 -18.16 23.71
CA PHE A 1269 -61.37 -18.26 24.78
C PHE A 1269 -61.08 -16.90 25.38
N PHE A 1270 -61.02 -15.86 24.54
CA PHE A 1270 -60.79 -14.51 25.04
C PHE A 1270 -61.94 -14.07 25.96
N HIS A 1271 -63.18 -14.33 25.55
CA HIS A 1271 -64.32 -13.98 26.39
C HIS A 1271 -64.30 -14.78 27.70
N GLN A 1272 -63.90 -16.04 27.64
CA GLN A 1272 -63.88 -16.87 28.84
C GLN A 1272 -62.80 -16.42 29.81
N THR A 1273 -61.64 -16.01 29.30
CA THR A 1273 -60.53 -15.61 30.15
C THR A 1273 -60.53 -14.11 30.46
N MET A 1274 -61.49 -13.35 29.93
CA MET A 1274 -61.55 -11.92 30.22
C MET A 1274 -61.68 -11.66 31.71
N GLN A 1275 -62.79 -12.10 32.32
CA GLN A 1275 -63.04 -11.83 33.73
C GLN A 1275 -63.51 -13.04 34.52
N LEU A 1276 -63.86 -14.15 33.86
CA LEU A 1276 -64.36 -15.32 34.59
C LEU A 1276 -63.25 -15.97 35.41
N ASN A 1277 -62.09 -16.18 34.81
CA ASN A 1277 -60.98 -16.81 35.51
C ASN A 1277 -60.05 -15.77 36.14
N GLY A 1278 -59.49 -14.88 35.33
CA GLY A 1278 -58.59 -13.87 35.83
C GLY A 1278 -58.88 -12.48 35.28
N GLN A 1279 -57.88 -11.88 34.66
CA GLN A 1279 -58.00 -10.55 34.06
C GLN A 1279 -57.78 -10.66 32.54
N ILE A 1280 -57.69 -9.51 31.90
CA ILE A 1280 -57.56 -9.45 30.43
C ILE A 1280 -56.35 -10.28 30.00
N PRO A 1281 -56.50 -11.18 29.02
CA PRO A 1281 -55.36 -11.99 28.58
C PRO A 1281 -54.37 -11.15 27.78
N SER A 1282 -53.09 -11.23 28.17
CA SER A 1282 -52.03 -10.53 27.46
C SER A 1282 -50.79 -11.36 27.22
N HIS A 1283 -50.64 -12.53 27.86
CA HIS A 1283 -49.49 -13.38 27.69
C HIS A 1283 -49.95 -14.83 27.66
N ILE A 1284 -49.32 -15.64 26.80
CA ILE A 1284 -49.72 -17.03 26.60
C ILE A 1284 -48.49 -17.91 26.73
N MET A 1285 -48.56 -18.90 27.61
CA MET A 1285 -47.54 -19.93 27.75
C MET A 1285 -48.14 -21.28 27.41
N SER A 1286 -47.36 -22.15 26.78
CA SER A 1286 -47.84 -23.47 26.40
C SER A 1286 -46.66 -24.41 26.28
N VAL A 1287 -46.96 -25.71 26.25
CA VAL A 1287 -45.92 -26.71 26.09
C VAL A 1287 -45.63 -26.94 24.61
N LEU A 1288 -46.67 -26.96 23.77
CA LEU A 1288 -46.50 -27.16 22.34
C LEU A 1288 -46.30 -25.79 21.67
N ASP A 1289 -46.42 -25.77 20.34
CA ASP A 1289 -46.26 -24.57 19.53
C ASP A 1289 -44.85 -23.98 19.69
N MET A 1290 -43.87 -24.74 19.20
CA MET A 1290 -42.55 -24.18 18.99
C MET A 1290 -42.64 -23.05 17.98
N GLY A 1291 -42.02 -21.91 18.30
CA GLY A 1291 -42.09 -20.75 17.44
C GLY A 1291 -41.47 -20.98 16.08
N GLN A 1292 -42.23 -20.72 15.02
CA GLN A 1292 -41.70 -20.86 13.67
C GLN A 1292 -40.57 -19.87 13.45
N GLY A 1293 -39.36 -20.40 13.27
CA GLY A 1293 -38.17 -19.58 13.18
C GLY A 1293 -37.45 -19.36 14.49
N ILE A 1294 -37.93 -19.96 15.58
CA ILE A 1294 -37.30 -19.87 16.89
C ILE A 1294 -36.38 -21.06 17.15
N LEU A 1295 -36.88 -22.27 16.90
CA LEU A 1295 -36.10 -23.49 17.02
C LEU A 1295 -36.02 -24.20 15.67
N HIS A 1296 -35.72 -23.44 14.61
CA HIS A 1296 -35.80 -23.97 13.25
C HIS A 1296 -34.79 -25.09 13.03
N ASN A 1297 -33.52 -24.84 13.36
CA ASN A 1297 -32.52 -25.88 13.16
C ASN A 1297 -32.69 -27.04 14.14
N THR A 1298 -33.21 -26.77 15.34
CA THR A 1298 -33.50 -27.86 16.26
C THR A 1298 -34.63 -28.74 15.73
N SER A 1299 -35.69 -28.12 15.20
CA SER A 1299 -36.75 -28.88 14.57
C SER A 1299 -36.22 -29.66 13.36
N ASP A 1300 -35.28 -29.06 12.63
CA ASP A 1300 -34.69 -29.76 11.50
C ASP A 1300 -33.91 -30.98 11.96
N LEU A 1301 -33.15 -30.85 13.05
CA LEU A 1301 -32.40 -31.98 13.57
C LEU A 1301 -33.34 -33.09 14.03
N TYR A 1302 -34.39 -32.73 14.76
CA TYR A 1302 -35.36 -33.73 15.21
C TYR A 1302 -36.02 -34.41 14.02
N GLY A 1303 -36.46 -33.63 13.04
CA GLY A 1303 -37.12 -34.21 11.87
C GLY A 1303 -36.18 -35.10 11.08
N LEU A 1304 -34.91 -34.72 10.97
CA LEU A 1304 -33.94 -35.54 10.26
C LEU A 1304 -33.72 -36.86 10.97
N ILE A 1305 -33.53 -36.82 12.30
CA ILE A 1305 -33.33 -38.05 13.06
C ILE A 1305 -34.55 -38.96 12.92
N THR A 1306 -35.75 -38.40 13.10
CA THR A 1306 -36.97 -39.20 13.01
C THR A 1306 -37.18 -39.74 11.62
N GLU A 1307 -36.84 -38.97 10.59
CA GLU A 1307 -37.04 -39.43 9.22
C GLU A 1307 -36.02 -40.48 8.82
N GLN A 1308 -34.79 -40.39 9.33
CA GLN A 1308 -33.84 -41.49 9.12
C GLN A 1308 -34.30 -42.74 9.84
N PHE A 1309 -34.89 -42.59 11.02
CA PHE A 1309 -35.47 -43.75 11.70
C PHE A 1309 -36.61 -44.35 10.87
N LEU A 1310 -37.44 -43.50 10.28
CA LEU A 1310 -38.54 -43.99 9.45
C LEU A 1310 -38.02 -44.67 8.18
N CYS A 1311 -36.93 -44.15 7.62
CA CYS A 1311 -36.33 -44.80 6.45
C CYS A 1311 -35.76 -46.16 6.81
N TYR A 1312 -35.10 -46.26 7.97
CA TYR A 1312 -34.63 -47.57 8.44
C TYR A 1312 -35.80 -48.52 8.66
N ALA A 1313 -36.90 -48.01 9.20
CA ALA A 1313 -38.08 -48.84 9.40
C ALA A 1313 -38.66 -49.31 8.07
N LEU A 1314 -38.69 -48.44 7.06
CA LEU A 1314 -39.17 -48.86 5.75
C LEU A 1314 -38.28 -49.93 5.15
N ASP A 1315 -36.96 -49.74 5.24
CA ASP A 1315 -36.02 -50.76 4.76
C ASP A 1315 -36.22 -52.07 5.51
N LEU A 1316 -36.56 -52.00 6.80
CA LEU A 1316 -36.72 -53.20 7.61
C LEU A 1316 -37.99 -53.95 7.23
N LEU A 1317 -39.12 -53.25 7.20
CA LEU A 1317 -40.40 -53.92 6.99
C LEU A 1317 -40.63 -54.25 5.52
N TYR A 1318 -40.52 -53.27 4.63
CA TYR A 1318 -40.94 -53.44 3.25
C TYR A 1318 -39.80 -53.74 2.29
N ASP A 1319 -38.57 -53.87 2.79
CA ASP A 1319 -37.43 -54.27 1.96
C ASP A 1319 -37.23 -53.33 0.76
N VAL A 1320 -37.34 -52.03 1.01
CA VAL A 1320 -37.12 -51.03 -0.01
C VAL A 1320 -35.87 -50.25 0.33
N ILE A 1321 -35.45 -49.39 -0.60
CA ILE A 1321 -34.26 -48.57 -0.39
C ILE A 1321 -34.67 -47.11 -0.30
N PRO A 1322 -34.96 -46.58 0.89
CA PRO A 1322 -35.36 -45.18 1.01
C PRO A 1322 -34.19 -44.26 1.33
N VAL A 1323 -34.22 -43.06 0.73
CA VAL A 1323 -33.26 -42.00 1.02
C VAL A 1323 -34.05 -40.70 1.13
N SER A 1324 -33.91 -40.01 2.26
CA SER A 1324 -34.76 -38.87 2.55
C SER A 1324 -33.92 -37.59 2.66
N TYR A 1325 -34.58 -36.47 2.41
CA TYR A 1325 -33.99 -35.14 2.58
C TYR A 1325 -35.05 -34.22 3.16
N THR A 1326 -34.75 -33.61 4.29
CA THR A 1326 -35.71 -32.78 5.01
C THR A 1326 -35.26 -31.32 5.00
N SER A 1327 -36.23 -30.44 5.30
CA SER A 1327 -35.95 -29.01 5.40
C SER A 1327 -36.68 -28.37 6.58
N SER A 1328 -37.09 -29.18 7.56
CA SER A 1328 -37.74 -28.73 8.80
C SER A 1328 -39.16 -28.25 8.58
N ASP A 1329 -39.57 -28.10 7.31
CA ASP A 1329 -40.97 -27.88 6.98
C ASP A 1329 -41.51 -28.97 6.08
N ASP A 1330 -40.82 -29.29 4.99
CA ASP A 1330 -41.22 -30.31 4.05
C ASP A 1330 -40.01 -31.16 3.70
N GLN A 1331 -40.27 -32.41 3.33
CA GLN A 1331 -39.21 -33.35 3.01
C GLN A 1331 -39.56 -34.09 1.73
N ILE A 1332 -38.58 -34.83 1.22
CA ILE A 1332 -38.78 -35.70 0.07
C ILE A 1332 -38.07 -37.01 0.33
N THR A 1333 -38.78 -38.12 0.08
CA THR A 1333 -38.25 -39.46 0.29
C THR A 1333 -38.25 -40.19 -1.05
N LEU A 1334 -37.06 -40.49 -1.56
CA LEU A 1334 -36.92 -41.28 -2.77
C LEU A 1334 -36.77 -42.75 -2.36
N ILE A 1335 -37.73 -43.57 -2.76
CA ILE A 1335 -37.79 -44.97 -2.37
C ILE A 1335 -37.56 -45.81 -3.62
N LYS A 1336 -36.41 -46.46 -3.70
CA LYS A 1336 -36.14 -47.44 -4.76
C LYS A 1336 -36.80 -48.76 -4.36
N THR A 1337 -37.77 -49.19 -5.18
CA THR A 1337 -38.53 -50.40 -4.95
C THR A 1337 -37.86 -51.59 -5.62
N PRO A 1338 -37.86 -52.75 -4.97
CA PRO A 1338 -37.26 -53.95 -5.57
C PRO A 1338 -38.19 -54.54 -6.63
N SER A 1339 -37.68 -55.55 -7.34
CA SER A 1339 -38.40 -56.23 -8.41
C SER A 1339 -38.99 -55.26 -9.43
N ASP A 1347 -50.15 -48.65 -11.35
CA ASP A 1347 -49.18 -49.26 -10.43
C ASP A 1347 -49.20 -48.55 -9.08
N ALA A 1348 -48.15 -48.77 -8.29
CA ALA A 1348 -48.00 -48.16 -6.97
C ALA A 1348 -49.17 -48.49 -6.05
N ALA A 1349 -49.81 -49.64 -6.27
CA ALA A 1349 -50.90 -50.07 -5.40
C ALA A 1349 -50.40 -50.94 -4.25
N GLU A 1350 -49.31 -51.67 -4.45
CA GLU A 1350 -48.74 -52.50 -3.40
C GLU A 1350 -47.94 -51.68 -2.39
N TRP A 1351 -47.58 -50.45 -2.73
CA TRP A 1351 -46.84 -49.57 -1.82
C TRP A 1351 -47.75 -48.62 -1.05
N LEU A 1352 -49.07 -48.72 -1.25
CA LEU A 1352 -49.97 -47.87 -0.49
C LEU A 1352 -49.91 -48.18 1.00
N GLU A 1353 -49.80 -49.47 1.35
CA GLU A 1353 -49.70 -49.85 2.76
C GLU A 1353 -48.43 -49.30 3.39
N MET A 1354 -47.33 -49.29 2.62
CA MET A 1354 -46.09 -48.72 3.15
C MET A 1354 -46.24 -47.24 3.43
N ILE A 1355 -46.90 -46.51 2.53
CA ILE A 1355 -47.10 -45.08 2.74
C ILE A 1355 -48.01 -44.84 3.94
N CYS A 1356 -49.08 -45.63 4.08
CA CYS A 1356 -49.96 -45.47 5.23
C CYS A 1356 -49.23 -45.76 6.53
N PHE A 1357 -48.37 -46.79 6.55
CA PHE A 1357 -47.63 -47.10 7.76
C PHE A 1357 -46.61 -46.02 8.09
N HIS A 1358 -45.96 -45.46 7.05
CA HIS A 1358 -45.04 -44.36 7.29
C HIS A 1358 -45.76 -43.15 7.86
N GLU A 1359 -46.93 -42.82 7.31
CA GLU A 1359 -47.69 -41.70 7.84
C GLU A 1359 -48.18 -41.97 9.25
N PHE A 1360 -48.54 -43.22 9.55
CA PHE A 1360 -48.96 -43.56 10.90
C PHE A 1360 -47.83 -43.40 11.90
N LEU A 1361 -46.62 -43.87 11.53
CA LEU A 1361 -45.47 -43.70 12.40
C LEU A 1361 -45.12 -42.22 12.57
N SER A 1362 -45.26 -41.43 11.50
CA SER A 1362 -45.00 -40.00 11.60
C SER A 1362 -46.00 -39.33 12.53
N SER A 1363 -47.27 -39.74 12.45
CA SER A 1363 -48.28 -39.17 13.34
C SER A 1363 -48.07 -39.62 14.78
N LYS A 1364 -47.48 -40.79 14.97
CA LYS A 1364 -47.10 -41.19 16.33
C LYS A 1364 -45.99 -40.31 16.89
N LEU A 1365 -45.20 -39.69 16.02
CA LEU A 1365 -44.31 -38.61 16.40
C LEU A 1365 -45.02 -37.29 16.15
N ASN A 1366 -44.30 -36.18 16.31
CA ASN A 1366 -44.87 -34.87 16.01
C ASN A 1366 -44.60 -34.46 14.57
N LYS A 1367 -44.93 -35.35 13.63
CA LYS A 1367 -44.65 -35.15 12.22
C LYS A 1367 -45.90 -35.45 11.40
N PHE A 1368 -47.03 -34.85 11.81
CA PHE A 1368 -48.29 -35.05 11.13
C PHE A 1368 -48.19 -34.70 9.66
N VAL A 1369 -48.36 -35.69 8.79
CA VAL A 1369 -48.19 -35.50 7.36
C VAL A 1369 -49.35 -34.66 6.83
N SER A 1370 -49.02 -33.53 6.20
CA SER A 1370 -50.04 -32.65 5.67
C SER A 1370 -50.76 -33.31 4.48
N PRO A 1371 -52.06 -33.05 4.33
CA PRO A 1371 -52.78 -33.59 3.16
C PRO A 1371 -52.26 -33.07 1.83
N LYS A 1372 -51.44 -32.02 1.83
CA LYS A 1372 -50.82 -31.53 0.61
C LYS A 1372 -49.64 -32.38 0.16
N SER A 1373 -49.32 -33.43 0.90
CA SER A 1373 -48.22 -34.32 0.53
C SER A 1373 -48.68 -35.31 -0.53
N VAL A 1374 -47.76 -35.68 -1.41
CA VAL A 1374 -48.07 -36.54 -2.55
C VAL A 1374 -47.02 -37.64 -2.63
N ILE A 1375 -47.41 -38.78 -3.19
CA ILE A 1375 -46.51 -39.91 -3.39
C ILE A 1375 -46.75 -40.47 -4.79
N GLY A 1376 -45.68 -40.58 -5.57
CA GLY A 1376 -45.83 -41.11 -6.92
C GLY A 1376 -44.49 -41.27 -7.58
N THR A 1377 -44.52 -41.79 -8.81
CA THR A 1377 -43.29 -42.07 -9.56
C THR A 1377 -43.21 -41.21 -10.81
N PHE A 1378 -43.84 -40.05 -10.82
CA PHE A 1378 -43.85 -39.21 -12.02
C PHE A 1378 -43.28 -37.82 -11.80
N VAL A 1379 -43.57 -37.19 -10.68
CA VAL A 1379 -43.06 -35.85 -10.41
C VAL A 1379 -42.79 -35.73 -8.91
N ALA A 1380 -41.71 -35.04 -8.57
CA ALA A 1380 -41.33 -34.81 -7.18
C ALA A 1380 -41.31 -33.31 -6.89
N GLU A 1381 -41.39 -32.97 -5.62
CA GLU A 1381 -41.40 -31.57 -5.20
C GLU A 1381 -40.56 -31.41 -3.95
N PHE A 1382 -39.74 -30.37 -3.93
CA PHE A 1382 -38.94 -30.05 -2.75
C PHE A 1382 -38.55 -28.59 -2.79
N LYS A 1383 -38.83 -27.86 -1.71
CA LYS A 1383 -38.48 -26.45 -1.58
C LYS A 1383 -39.02 -25.64 -2.75
N SER A 1384 -40.29 -25.87 -3.07
CA SER A 1384 -40.98 -25.20 -4.18
C SER A 1384 -40.26 -25.41 -5.50
N ARG A 1385 -39.59 -26.55 -5.65
CA ARG A 1385 -38.93 -26.93 -6.89
C ARG A 1385 -39.51 -28.27 -7.33
N PHE A 1386 -40.16 -28.28 -8.49
CA PHE A 1386 -40.82 -29.46 -9.03
C PHE A 1386 -39.93 -30.09 -10.09
N PHE A 1387 -39.68 -31.38 -9.95
CA PHE A 1387 -38.80 -32.12 -10.85
C PHE A 1387 -39.59 -33.20 -11.57
N VAL A 1388 -39.40 -33.27 -12.88
CA VAL A 1388 -40.19 -34.07 -13.80
C VAL A 1388 -39.25 -35.03 -14.52
N MET A 1389 -39.81 -36.14 -14.99
CA MET A 1389 -39.02 -37.12 -15.74
C MET A 1389 -38.32 -36.47 -16.93
N GLY A 1390 -36.99 -36.38 -16.85
CA GLY A 1390 -36.18 -35.87 -17.95
C GLY A 1390 -36.03 -34.37 -18.02
N GLU A 1391 -36.61 -33.61 -17.10
CA GLU A 1391 -36.53 -32.16 -17.13
C GLU A 1391 -36.90 -31.61 -15.76
N GLU A 1392 -37.13 -30.30 -15.70
CA GLU A 1392 -37.57 -29.62 -14.49
C GLU A 1392 -38.51 -28.49 -14.87
N THR A 1393 -39.61 -28.38 -14.15
CA THR A 1393 -40.59 -27.33 -14.45
C THR A 1393 -39.98 -25.96 -14.20
N PRO A 1394 -39.99 -25.06 -15.18
CA PRO A 1394 -39.31 -23.77 -15.01
C PRO A 1394 -39.98 -22.85 -14.01
N LEU A 1395 -41.28 -23.01 -13.75
CA LEU A 1395 -42.04 -22.09 -12.91
C LEU A 1395 -41.93 -20.66 -13.44
N LEU A 1396 -42.43 -20.47 -14.66
CA LEU A 1396 -42.28 -19.19 -15.35
C LEU A 1396 -43.05 -18.08 -14.63
N THR A 1397 -44.33 -18.33 -14.33
CA THR A 1397 -45.17 -17.28 -13.79
C THR A 1397 -44.70 -16.83 -12.41
N LYS A 1398 -44.16 -17.76 -11.61
CA LYS A 1398 -43.63 -17.38 -10.31
C LYS A 1398 -42.54 -16.33 -10.43
N PHE A 1399 -41.55 -16.60 -11.29
CA PHE A 1399 -40.44 -15.68 -11.43
C PHE A 1399 -40.85 -14.39 -12.15
N VAL A 1400 -41.79 -14.48 -13.10
CA VAL A 1400 -42.26 -13.27 -13.76
C VAL A 1400 -42.97 -12.37 -12.76
N ALA A 1401 -43.83 -12.95 -11.92
CA ALA A 1401 -44.51 -12.16 -10.90
C ALA A 1401 -43.54 -11.62 -9.86
N ALA A 1402 -42.48 -12.38 -9.54
CA ALA A 1402 -41.46 -11.86 -8.64
C ALA A 1402 -40.73 -10.68 -9.26
N ALA A 1403 -40.53 -10.72 -10.59
CA ALA A 1403 -39.92 -9.58 -11.28
C ALA A 1403 -40.84 -8.37 -11.29
N LEU A 1404 -42.14 -8.59 -11.47
CA LEU A 1404 -43.08 -7.49 -11.47
C LEU A 1404 -43.37 -6.98 -10.06
N HIS A 1405 -43.32 -7.86 -9.07
CA HIS A 1405 -43.53 -7.48 -7.68
C HIS A 1405 -42.19 -7.15 -7.03
N ASN A 1406 -42.19 -7.01 -5.71
CA ASN A 1406 -41.03 -6.72 -4.87
C ASN A 1406 -40.09 -5.69 -5.50
N VAL A 1407 -40.66 -4.65 -6.11
CA VAL A 1407 -39.88 -3.56 -6.66
C VAL A 1407 -39.58 -2.58 -5.54
N LYS A 1408 -38.46 -2.79 -4.86
CA LYS A 1408 -38.02 -1.89 -3.79
C LYS A 1408 -37.25 -0.75 -4.45
N CYS A 1409 -37.97 0.32 -4.77
CA CYS A 1409 -37.41 1.44 -5.51
C CYS A 1409 -36.94 2.50 -4.52
N LYS A 1410 -35.65 2.47 -4.19
CA LYS A 1410 -35.00 3.52 -3.41
C LYS A 1410 -34.14 4.42 -4.29
N THR A 1411 -33.29 3.83 -5.12
CA THR A 1411 -32.49 4.55 -6.09
C THR A 1411 -32.66 3.84 -7.43
N PRO A 1412 -32.87 4.57 -8.53
CA PRO A 1412 -33.05 3.90 -9.83
C PRO A 1412 -31.92 2.96 -10.20
N THR A 1413 -30.69 3.26 -9.80
CA THR A 1413 -29.59 2.32 -10.03
C THR A 1413 -29.80 1.05 -9.24
N GLN A 1414 -30.18 1.17 -7.96
CA GLN A 1414 -30.45 -0.01 -7.15
C GLN A 1414 -31.68 -0.75 -7.65
N LEU A 1415 -32.71 -0.01 -8.08
CA LEU A 1415 -33.88 -0.63 -8.68
C LEU A 1415 -33.49 -1.50 -9.87
N SER A 1416 -32.70 -0.93 -10.79
CA SER A 1416 -32.30 -1.68 -11.97
C SER A 1416 -31.37 -2.83 -11.63
N GLU A 1417 -30.51 -2.68 -10.62
CA GLU A 1417 -29.65 -3.78 -10.22
C GLU A 1417 -30.47 -4.96 -9.69
N THR A 1418 -31.45 -4.67 -8.83
CA THR A 1418 -32.31 -5.73 -8.32
C THR A 1418 -33.11 -6.38 -9.45
N ILE A 1419 -33.64 -5.58 -10.37
CA ILE A 1419 -34.41 -6.12 -11.48
C ILE A 1419 -33.52 -6.98 -12.37
N ASP A 1420 -32.27 -6.57 -12.56
CA ASP A 1420 -31.35 -7.35 -13.39
C ASP A 1420 -31.01 -8.68 -12.72
N THR A 1421 -30.79 -8.67 -11.40
CA THR A 1421 -30.57 -9.92 -10.68
C THR A 1421 -31.76 -10.85 -10.80
N ILE A 1422 -32.97 -10.30 -10.67
CA ILE A 1422 -34.18 -11.12 -10.78
C ILE A 1422 -34.33 -11.68 -12.18
N CYS A 1423 -34.08 -10.86 -13.20
CA CYS A 1423 -34.18 -11.33 -14.57
C CYS A 1423 -33.13 -12.39 -14.88
N ASP A 1424 -31.93 -12.26 -14.31
CA ASP A 1424 -30.91 -13.29 -14.51
C ASP A 1424 -31.33 -14.60 -13.86
N GLN A 1425 -31.80 -14.54 -12.60
CA GLN A 1425 -32.24 -15.76 -11.94
C GLN A 1425 -33.49 -16.35 -12.58
N CYS A 1426 -34.26 -15.55 -13.33
CA CYS A 1426 -35.42 -16.10 -14.02
C CYS A 1426 -35.02 -16.74 -15.35
N ILE A 1427 -34.14 -16.09 -16.12
CA ILE A 1427 -33.63 -16.69 -17.34
C ILE A 1427 -32.89 -17.98 -17.03
N ALA A 1428 -32.22 -18.04 -15.87
CA ALA A 1428 -31.63 -19.30 -15.44
C ALA A 1428 -32.68 -20.40 -15.39
N ASN A 1429 -33.87 -20.09 -14.88
CA ASN A 1429 -34.97 -21.05 -14.88
C ASN A 1429 -35.86 -20.89 -16.11
N GLY A 1430 -35.23 -20.85 -17.27
CA GLY A 1430 -35.90 -20.88 -18.57
C GLY A 1430 -37.20 -20.11 -18.72
N VAL A 1431 -37.18 -18.79 -18.50
CA VAL A 1431 -38.42 -18.03 -18.64
C VAL A 1431 -38.62 -17.67 -20.10
N SER A 1432 -37.75 -16.81 -20.64
CA SER A 1432 -37.80 -16.40 -22.04
C SER A 1432 -36.69 -15.38 -22.26
N THR A 1433 -36.53 -14.99 -23.53
CA THR A 1433 -35.80 -13.79 -23.89
C THR A 1433 -36.72 -12.68 -24.36
N LYS A 1434 -37.98 -13.00 -24.70
CA LYS A 1434 -38.97 -12.02 -25.12
C LYS A 1434 -39.77 -11.48 -23.95
N ILE A 1435 -39.85 -12.21 -22.85
CA ILE A 1435 -40.52 -11.70 -21.65
C ILE A 1435 -39.59 -10.85 -20.81
N VAL A 1436 -38.30 -11.17 -20.81
CA VAL A 1436 -37.35 -10.42 -19.98
C VAL A 1436 -37.11 -9.03 -20.57
N THR A 1437 -37.08 -8.91 -21.90
CA THR A 1437 -36.98 -7.59 -22.50
C THR A 1437 -38.21 -6.75 -22.19
N ARG A 1438 -39.38 -7.38 -22.09
CA ARG A 1438 -40.59 -6.62 -21.75
C ARG A 1438 -40.57 -6.23 -20.27
N ILE A 1439 -40.04 -7.09 -19.40
CA ILE A 1439 -39.85 -6.71 -18.01
C ILE A 1439 -38.90 -5.53 -17.90
N SER A 1440 -37.82 -5.55 -18.69
CA SER A 1440 -36.86 -4.45 -18.67
C SER A 1440 -37.50 -3.17 -19.20
N LYS A 1441 -38.33 -3.28 -20.24
CA LYS A 1441 -39.05 -2.11 -20.74
C LYS A 1441 -39.99 -1.56 -19.69
N ARG A 1442 -40.67 -2.45 -18.95
CA ARG A 1442 -41.57 -2.00 -17.89
C ARG A 1442 -40.79 -1.28 -16.80
N VAL A 1443 -39.62 -1.79 -16.44
CA VAL A 1443 -38.82 -1.15 -15.38
C VAL A 1443 -38.29 0.20 -15.85
N ASN A 1444 -37.87 0.28 -17.12
CA ASN A 1444 -37.42 1.55 -17.66
C ASN A 1444 -38.56 2.56 -17.71
N GLN A 1445 -39.77 2.09 -18.04
CA GLN A 1445 -40.93 2.97 -18.04
C GLN A 1445 -41.31 3.41 -16.63
N LEU A 1446 -41.13 2.53 -15.64
CA LEU A 1446 -41.35 2.91 -14.25
C LEU A 1446 -40.36 3.99 -13.82
N ILE A 1447 -39.09 3.84 -14.21
CA ILE A 1447 -38.08 4.84 -13.86
C ILE A 1447 -38.39 6.16 -14.56
N ARG A 1448 -38.79 6.10 -15.83
CA ARG A 1448 -39.11 7.30 -16.58
C ARG A 1448 -40.35 7.99 -16.05
N TYR A 1449 -41.32 7.22 -15.54
CA TYR A 1449 -42.53 7.82 -14.99
C TYR A 1449 -42.24 8.57 -13.70
N SER A 1450 -41.20 8.19 -12.97
CA SER A 1450 -40.85 8.85 -11.73
C SER A 1450 -40.21 10.22 -11.95
N GLY A 1451 -40.12 10.70 -13.19
CA GLY A 1451 -39.48 11.96 -13.48
C GLY A 1451 -37.96 11.89 -13.57
N TYR A 1452 -37.36 10.74 -13.30
CA TYR A 1452 -35.91 10.60 -13.38
C TYR A 1452 -35.39 10.71 -14.80
N GLY A 1453 -36.21 10.35 -15.79
CA GLY A 1453 -35.77 10.34 -17.17
C GLY A 1453 -34.90 9.14 -17.47
N GLU A 1454 -34.81 8.83 -18.77
CA GLU A 1454 -34.05 7.68 -19.22
C GLU A 1454 -32.56 8.00 -19.17
N THR A 1455 -31.77 7.07 -18.62
CA THR A 1455 -30.33 7.17 -18.57
C THR A 1455 -29.72 6.09 -19.46
N PRO A 1456 -28.50 6.29 -19.96
CA PRO A 1456 -27.85 5.24 -20.76
C PRO A 1456 -27.73 3.93 -20.02
N PHE A 1457 -27.79 3.93 -18.70
CA PHE A 1457 -27.77 2.73 -17.90
C PHE A 1457 -29.20 2.33 -17.53
N GLY A 1458 -29.31 1.31 -16.70
CA GLY A 1458 -30.62 0.82 -16.29
C GLY A 1458 -30.94 -0.53 -16.88
N ALA A 1459 -32.23 -0.82 -17.02
CA ALA A 1459 -32.65 -2.13 -17.51
C ALA A 1459 -32.18 -2.34 -18.95
N ILE A 1460 -31.72 -3.55 -19.23
CA ILE A 1460 -31.17 -3.89 -20.54
C ILE A 1460 -32.30 -4.38 -21.43
N GLU A 1461 -32.57 -3.64 -22.51
CA GLU A 1461 -33.57 -4.01 -23.48
C GLU A 1461 -32.91 -4.63 -24.71
N ASP A 1462 -33.69 -5.45 -25.41
CA ASP A 1462 -33.22 -6.18 -26.59
C ASP A 1462 -31.95 -6.97 -26.28
N GLN A 1463 -32.07 -7.83 -25.27
CA GLN A 1463 -30.96 -8.62 -24.78
C GLN A 1463 -31.01 -10.04 -25.36
N ASP A 1464 -29.88 -10.72 -25.24
CA ASP A 1464 -29.73 -12.10 -25.69
C ASP A 1464 -29.35 -12.97 -24.50
N VAL A 1465 -29.53 -14.29 -24.66
CA VAL A 1465 -29.17 -15.21 -23.60
C VAL A 1465 -27.69 -15.10 -23.25
N LYS A 1466 -26.85 -14.73 -24.22
CA LYS A 1466 -25.43 -14.55 -23.93
C LYS A 1466 -25.17 -13.32 -23.07
N ASP A 1467 -26.15 -12.42 -22.94
CA ASP A 1467 -26.02 -11.31 -22.01
C ASP A 1467 -26.25 -11.73 -20.57
N TRP A 1468 -26.87 -12.89 -20.35
CA TRP A 1468 -27.08 -13.44 -19.02
C TRP A 1468 -26.24 -14.68 -18.77
N VAL A 1469 -26.28 -15.65 -19.69
CA VAL A 1469 -25.30 -16.74 -19.65
C VAL A 1469 -23.94 -16.18 -20.02
N ASP A 1470 -22.92 -16.61 -19.27
CA ASP A 1470 -21.56 -16.07 -19.35
C ASP A 1470 -21.57 -14.55 -19.54
N GLY A 1471 -22.30 -13.87 -18.66
CA GLY A 1471 -22.38 -12.43 -18.70
C GLY A 1471 -22.92 -11.85 -17.42
N SER A 1472 -22.26 -10.82 -16.89
CA SER A 1472 -22.67 -10.19 -15.65
C SER A 1472 -23.42 -8.89 -15.97
N ARG A 1473 -23.78 -8.14 -14.92
CA ARG A 1473 -24.44 -6.86 -15.12
C ARG A 1473 -23.56 -5.88 -15.87
N GLY A 1474 -22.24 -5.93 -15.64
CA GLY A 1474 -21.34 -5.07 -16.38
C GLY A 1474 -21.39 -5.34 -17.88
N TYR A 1475 -21.45 -6.61 -18.27
CA TYR A 1475 -21.57 -6.93 -19.68
C TYR A 1475 -22.92 -6.52 -20.24
N ARG A 1476 -23.98 -6.59 -19.43
CA ARG A 1476 -25.28 -6.12 -19.88
C ARG A 1476 -25.25 -4.61 -20.14
N LEU A 1477 -24.62 -3.85 -19.24
CA LEU A 1477 -24.50 -2.41 -19.45
C LEU A 1477 -23.62 -2.11 -20.66
N GLN A 1478 -22.56 -2.89 -20.86
CA GLN A 1478 -21.73 -2.71 -22.05
C GLN A 1478 -22.53 -2.95 -23.33
N ARG A 1479 -23.34 -4.01 -23.35
CA ARG A 1479 -24.17 -4.28 -24.52
C ARG A 1479 -25.22 -3.20 -24.71
N LYS A 1480 -25.75 -2.64 -23.62
CA LYS A 1480 -26.71 -1.54 -23.74
C LYS A 1480 -26.06 -0.31 -24.36
N ILE A 1481 -24.85 0.03 -23.91
CA ILE A 1481 -24.13 1.17 -24.48
C ILE A 1481 -23.79 0.92 -25.94
N GLU A 1482 -23.44 -0.33 -26.27
CA GLU A 1482 -23.15 -0.65 -27.66
C GLU A 1482 -24.40 -0.55 -28.53
N ALA A 1483 -25.55 -0.94 -27.99
CA ALA A 1483 -26.80 -0.76 -28.71
C ALA A 1483 -27.14 0.72 -28.88
N ILE A 1484 -26.74 1.54 -27.91
CA ILE A 1484 -26.89 2.99 -28.08
C ILE A 1484 -26.04 3.48 -29.25
N PHE A 1485 -24.82 2.94 -29.37
CA PHE A 1485 -23.90 3.35 -30.42
C PHE A 1485 -24.00 2.35 -31.58
N HIS A 1486 -25.02 2.55 -32.41
CA HIS A 1486 -25.14 1.76 -33.62
C HIS A 1486 -23.95 2.03 -34.54
N ASP A 1487 -23.76 1.15 -35.52
CA ASP A 1487 -22.65 1.18 -36.47
C ASP A 1487 -21.34 1.56 -35.77
N ASP A 1488 -20.94 0.68 -34.86
CA ASP A 1488 -19.96 1.02 -33.83
C ASP A 1488 -18.61 1.33 -34.46
N LYS A 1489 -18.34 2.62 -34.62
CA LYS A 1489 -17.03 3.13 -34.99
C LYS A 1489 -16.34 3.84 -33.82
N GLU A 1490 -17.12 4.26 -32.82
CA GLU A 1490 -16.60 4.95 -31.65
C GLU A 1490 -16.43 4.01 -30.47
N THR A 1491 -17.47 3.24 -30.14
CA THR A 1491 -17.33 2.23 -29.10
C THR A 1491 -16.33 1.15 -29.50
N SER A 1492 -16.20 0.87 -30.80
CA SER A 1492 -15.15 -0.04 -31.26
C SER A 1492 -13.77 0.53 -30.98
N PHE A 1493 -13.61 1.85 -31.18
CA PHE A 1493 -12.34 2.49 -30.88
C PHE A 1493 -12.04 2.45 -29.38
N ILE A 1494 -13.07 2.68 -28.55
CA ILE A 1494 -12.88 2.60 -27.11
C ILE A 1494 -12.53 1.18 -26.68
N ARG A 1495 -13.14 0.18 -27.33
CA ARG A 1495 -12.82 -1.20 -27.02
C ARG A 1495 -11.39 -1.54 -27.44
N ASN A 1496 -10.94 -1.01 -28.57
CA ASN A 1496 -9.55 -1.22 -28.97
C ASN A 1496 -8.58 -0.57 -27.99
N CYS A 1497 -8.91 0.63 -27.52
CA CYS A 1497 -8.06 1.28 -26.52
C CYS A 1497 -8.04 0.48 -25.22
N ALA A 1498 -9.19 -0.05 -24.81
CA ALA A 1498 -9.23 -0.86 -23.59
C ALA A 1498 -8.46 -2.16 -23.77
N ARG A 1499 -8.52 -2.76 -24.95
CA ARG A 1499 -7.75 -3.97 -25.21
C ARG A 1499 -6.25 -3.67 -25.19
N LYS A 1500 -5.84 -2.52 -25.71
CA LYS A 1500 -4.45 -2.12 -25.64
C LYS A 1500 -4.01 -1.94 -24.19
N VAL A 1501 -4.82 -1.25 -23.39
CA VAL A 1501 -4.48 -1.04 -21.99
C VAL A 1501 -4.42 -2.37 -21.23
N PHE A 1502 -5.31 -3.29 -21.57
CA PHE A 1502 -5.31 -4.58 -20.87
C PHE A 1502 -4.14 -5.46 -21.31
N ASN A 1503 -3.77 -5.40 -22.59
CA ASN A 1503 -2.56 -6.09 -23.02
C ASN A 1503 -1.33 -5.48 -22.38
N ASP A 1504 -1.38 -4.20 -22.03
CA ASP A 1504 -0.25 -3.56 -21.37
C ASP A 1504 -0.19 -3.90 -19.89
N ILE A 1505 -1.33 -4.04 -19.22
CA ILE A 1505 -1.33 -4.30 -17.78
C ILE A 1505 -1.24 -5.80 -17.48
N LYS A 1506 -2.07 -6.62 -18.12
CA LYS A 1506 -1.99 -8.06 -17.93
C LYS A 1506 -0.61 -8.58 -18.33
N ARG A 1507 -0.21 -8.29 -19.57
CA ARG A 1507 1.13 -8.70 -20.10
C ARG A 1507 2.20 -8.34 -19.07
N GLY A 1508 1.83 -7.59 -18.02
CA GLY A 1508 2.77 -7.21 -16.96
C GLY A 1508 3.27 -5.79 -17.09
N ARG A 1509 4.40 -5.61 -17.80
CA ARG A 1509 5.09 -4.30 -18.02
C ARG A 1509 5.05 -3.45 -16.74
N ILE A 1510 4.56 -2.21 -16.82
CA ILE A 1510 4.50 -1.31 -15.64
C ILE A 1510 3.15 -0.59 -15.62
N PHE A 1511 2.11 -1.22 -15.05
CA PHE A 1511 0.76 -0.62 -15.00
C PHE A 1511 0.00 -1.11 -13.75
N GLU A 1512 0.23 -0.49 -12.60
CA GLU A 1512 -0.50 -0.87 -11.40
C GLU A 1512 -1.24 0.28 -10.73
N GLU A 1513 -0.56 1.36 -10.42
CA GLU A 1513 -1.08 2.38 -9.51
C GLU A 1513 -1.01 3.79 -10.06
N ASN A 1514 -0.35 4.00 -11.20
CA ASN A 1514 -0.49 5.28 -11.88
C ASN A 1514 -1.90 5.45 -12.42
N LEU A 1515 -2.55 4.35 -12.79
CA LEU A 1515 -3.93 4.42 -13.23
C LEU A 1515 -4.86 4.89 -12.12
N ILE A 1516 -4.53 4.56 -10.87
CA ILE A 1516 -5.35 5.02 -9.75
C ILE A 1516 -5.24 6.53 -9.59
N ASN A 1517 -4.03 7.06 -9.75
CA ASN A 1517 -3.85 8.51 -9.72
C ASN A 1517 -4.55 9.17 -10.91
N LEU A 1518 -4.59 8.49 -12.05
CA LEU A 1518 -5.21 9.06 -13.25
C LEU A 1518 -6.72 8.97 -13.23
N ILE A 1519 -7.29 8.07 -12.44
CA ILE A 1519 -8.74 7.86 -12.41
C ILE A 1519 -9.42 8.75 -11.39
N GLY A 1520 -8.76 9.00 -10.25
CA GLY A 1520 -9.36 9.75 -9.15
C GLY A 1520 -9.84 11.14 -9.52
N ARG A 1521 -9.41 11.67 -10.66
CA ARG A 1521 -9.87 13.01 -11.05
C ARG A 1521 -11.36 13.02 -11.33
N GLY A 1522 -11.84 12.06 -12.12
CA GLY A 1522 -13.24 11.99 -12.46
C GLY A 1522 -13.51 11.16 -13.70
N GLY A 1523 -14.38 11.65 -14.58
CA GLY A 1523 -14.69 10.93 -15.80
C GLY A 1523 -14.02 11.55 -17.01
N ASP A 1524 -13.90 12.88 -17.02
CA ASP A 1524 -13.31 13.57 -18.15
C ASP A 1524 -11.79 13.38 -18.18
N GLU A 1525 -11.11 13.82 -17.12
CA GLU A 1525 -9.65 13.76 -17.11
C GLU A 1525 -9.15 12.32 -17.12
N ALA A 1526 -9.86 11.41 -16.45
CA ALA A 1526 -9.46 10.01 -16.47
C ALA A 1526 -9.55 9.43 -17.87
N LEU A 1527 -10.64 9.73 -18.58
CA LEU A 1527 -10.78 9.23 -19.94
C LEU A 1527 -9.72 9.83 -20.85
N THR A 1528 -9.41 11.12 -20.68
CA THR A 1528 -8.35 11.73 -21.48
C THR A 1528 -7.02 11.04 -21.22
N GLY A 1529 -6.66 10.86 -19.94
CA GLY A 1529 -5.40 10.23 -19.61
C GLY A 1529 -5.30 8.81 -20.13
N PHE A 1530 -6.39 8.05 -20.03
CA PHE A 1530 -6.38 6.70 -20.57
C PHE A 1530 -6.31 6.70 -22.09
N LEU A 1531 -6.83 7.74 -22.74
CA LEU A 1531 -6.68 7.86 -24.17
C LEU A 1531 -5.28 8.31 -24.56
N GLN A 1532 -4.58 9.01 -23.68
CA GLN A 1532 -3.22 9.43 -23.98
C GLN A 1532 -2.23 8.27 -23.96
N TYR A 1533 -2.62 7.11 -23.43
CA TYR A 1533 -1.76 5.93 -23.55
C TYR A 1533 -1.79 5.39 -24.97
N ALA A 1534 -2.97 5.36 -25.59
CA ALA A 1534 -3.05 5.19 -27.02
C ALA A 1534 -2.66 6.50 -27.70
N GLY A 1535 -2.73 6.52 -29.02
CA GLY A 1535 -2.34 7.71 -29.74
C GLY A 1535 -3.47 8.69 -29.95
N CYS A 1536 -4.33 8.84 -28.95
CA CYS A 1536 -5.47 9.76 -29.02
C CYS A 1536 -4.97 11.18 -28.80
N SER A 1537 -4.88 11.94 -29.89
CA SER A 1537 -4.46 13.33 -29.82
C SER A 1537 -5.65 14.20 -29.42
N GLU A 1538 -5.45 15.52 -29.40
CA GLU A 1538 -6.53 16.44 -29.08
C GLU A 1538 -7.63 16.44 -30.12
N GLN A 1539 -7.47 15.71 -31.22
CA GLN A 1539 -8.51 15.57 -32.23
C GLN A 1539 -9.44 14.41 -31.89
N GLU A 1540 -8.88 13.24 -31.60
CA GLU A 1540 -9.70 12.07 -31.28
C GLU A 1540 -10.26 12.13 -29.86
N VAL A 1541 -9.55 12.77 -28.94
CA VAL A 1541 -10.04 12.88 -27.56
C VAL A 1541 -11.30 13.73 -27.52
N ASN A 1542 -11.29 14.88 -28.18
CA ASN A 1542 -12.48 15.72 -28.23
C ASN A 1542 -13.60 15.05 -28.99
N ARG A 1543 -13.29 14.23 -29.99
CA ARG A 1543 -14.31 13.47 -30.67
C ARG A 1543 -14.92 12.41 -29.77
N VAL A 1544 -14.14 11.85 -28.85
CA VAL A 1544 -14.65 10.85 -27.92
C VAL A 1544 -15.47 11.52 -26.82
N LEU A 1545 -14.98 12.62 -26.25
CA LEU A 1545 -15.67 13.29 -25.16
C LEU A 1545 -16.95 13.99 -25.59
N ASN A 1546 -17.25 14.02 -26.88
CA ASN A 1546 -18.43 14.75 -27.35
C ASN A 1546 -19.72 14.10 -26.89
N TYR A 1547 -19.70 12.79 -26.65
CA TYR A 1547 -20.88 12.07 -26.21
C TYR A 1547 -21.01 12.18 -24.69
N ARG A 1548 -22.03 12.89 -24.22
CA ARG A 1548 -22.26 13.08 -22.81
C ARG A 1548 -23.65 12.58 -22.42
N TRP A 1549 -23.83 12.33 -21.13
CA TRP A 1549 -25.13 11.95 -20.58
C TRP A 1549 -25.30 12.63 -19.22
N VAL A 1550 -26.51 13.11 -18.97
CA VAL A 1550 -26.78 13.83 -17.73
C VAL A 1550 -26.79 12.84 -16.57
N ASN A 1551 -25.83 12.98 -15.66
CA ASN A 1551 -25.72 12.13 -14.48
C ASN A 1551 -26.25 12.89 -13.29
N LEU A 1552 -27.46 12.55 -12.84
CA LEU A 1552 -28.05 13.23 -11.69
C LEU A 1552 -27.28 12.89 -10.41
N SER A 1553 -26.79 11.67 -10.28
CA SER A 1553 -26.00 11.26 -9.12
C SER A 1553 -24.51 11.45 -9.38
N SER A 1554 -24.13 12.66 -9.78
CA SER A 1554 -22.73 12.96 -10.08
C SER A 1554 -21.97 13.41 -8.84
N PHE A 1555 -22.53 14.35 -8.08
CA PHE A 1555 -21.90 14.87 -6.87
C PHE A 1555 -22.29 14.09 -5.62
N GLY A 1556 -22.63 12.82 -5.76
CA GLY A 1556 -23.03 12.00 -4.64
C GLY A 1556 -24.20 11.09 -4.99
N ASP A 1557 -25.18 11.02 -4.10
CA ASP A 1557 -26.39 10.23 -4.33
C ASP A 1557 -27.60 11.14 -4.23
N LEU A 1558 -28.69 10.71 -4.88
CA LEU A 1558 -29.93 11.48 -4.85
C LEU A 1558 -30.49 11.50 -3.43
N ARG A 1559 -31.05 12.65 -3.04
CA ARG A 1559 -31.60 12.83 -1.71
C ARG A 1559 -33.06 12.36 -1.71
N LEU A 1560 -33.34 11.28 -0.99
CA LEU A 1560 -34.69 10.75 -0.88
C LEU A 1560 -34.98 10.42 0.58
N VAL A 1561 -36.22 10.65 1.00
CA VAL A 1561 -36.64 10.32 2.35
C VAL A 1561 -37.85 9.40 2.30
N GLU A 1576 -19.53 11.47 4.20
CA GLU A 1576 -19.11 12.34 3.12
C GLU A 1576 -19.43 11.72 1.76
N GLU A 1577 -20.52 10.95 1.72
CA GLU A 1577 -20.99 10.28 0.50
C GLU A 1577 -19.90 9.37 -0.07
N VAL A 1578 -19.48 8.40 0.75
CA VAL A 1578 -18.48 7.42 0.34
C VAL A 1578 -19.10 6.51 -0.71
N PRO A 1579 -18.31 5.92 -1.60
CA PRO A 1579 -18.87 5.09 -2.67
C PRO A 1579 -19.61 3.87 -2.11
N THR A 1580 -20.48 3.32 -2.96
CA THR A 1580 -21.26 2.15 -2.55
C THR A 1580 -20.40 0.92 -2.31
N LEU A 1581 -19.16 0.92 -2.81
CA LEU A 1581 -18.27 -0.21 -2.54
C LEU A 1581 -17.96 -0.32 -1.05
N ILE A 1582 -17.74 0.81 -0.38
CA ILE A 1582 -17.55 0.78 1.06
C ILE A 1582 -18.80 0.26 1.76
N LYS A 1583 -19.97 0.64 1.25
CA LYS A 1583 -21.22 0.18 1.86
C LYS A 1583 -21.37 -1.32 1.74
N THR A 1584 -21.11 -1.87 0.55
CA THR A 1584 -21.27 -3.31 0.37
C THR A 1584 -20.21 -4.08 1.15
N LEU A 1585 -19.01 -3.51 1.29
CA LEU A 1585 -17.99 -4.16 2.12
C LEU A 1585 -18.42 -4.18 3.59
N GLN A 1586 -18.95 -3.06 4.09
CA GLN A 1586 -19.42 -3.03 5.47
C GLN A 1586 -20.58 -3.99 5.68
N SER A 1587 -21.45 -4.12 4.68
CA SER A 1587 -22.58 -5.04 4.79
C SER A 1587 -22.13 -6.51 4.73
N LYS A 1588 -21.08 -6.80 3.97
CA LYS A 1588 -20.61 -8.17 3.85
C LYS A 1588 -19.75 -8.60 5.02
N LEU A 1589 -18.98 -7.68 5.61
CA LEU A 1589 -18.14 -8.06 6.74
C LEU A 1589 -18.97 -8.30 7.99
N SER A 1590 -20.04 -7.54 8.17
CA SER A 1590 -20.93 -7.71 9.33
C SER A 1590 -21.89 -8.84 9.05
N ARG A 1591 -21.68 -9.98 9.73
CA ARG A 1591 -22.51 -11.17 9.58
C ARG A 1591 -22.58 -11.63 8.13
N GLN A 1611 -42.47 -4.32 5.85
CA GLN A 1611 -43.87 -4.20 6.22
C GLN A 1611 -44.62 -3.30 5.25
N SER A 1612 -43.91 -2.33 4.68
CA SER A 1612 -44.52 -1.43 3.71
C SER A 1612 -44.74 -2.14 2.38
N SER A 1613 -45.85 -1.82 1.72
CA SER A 1613 -46.18 -2.46 0.46
C SER A 1613 -45.27 -1.98 -0.66
N VAL A 1614 -45.22 -2.77 -1.73
CA VAL A 1614 -44.40 -2.39 -2.88
C VAL A 1614 -45.01 -1.18 -3.59
N ALA A 1615 -46.34 -1.07 -3.60
CA ALA A 1615 -46.97 0.10 -4.18
C ALA A 1615 -46.66 1.36 -3.39
N SER A 1616 -46.63 1.25 -2.06
CA SER A 1616 -46.23 2.39 -1.24
C SER A 1616 -44.77 2.75 -1.48
N GLY A 1617 -43.93 1.74 -1.71
CA GLY A 1617 -42.54 2.02 -2.04
C GLY A 1617 -42.40 2.75 -3.37
N PHE A 1618 -43.16 2.32 -4.38
CA PHE A 1618 -43.13 3.02 -5.66
C PHE A 1618 -43.68 4.43 -5.55
N ILE A 1619 -44.69 4.62 -4.71
CA ILE A 1619 -45.24 5.96 -4.49
C ILE A 1619 -44.19 6.86 -3.85
N GLY A 1620 -43.52 6.36 -2.81
CA GLY A 1620 -42.44 7.13 -2.20
C GLY A 1620 -41.30 7.39 -3.15
N PHE A 1621 -41.03 6.45 -4.06
CA PHE A 1621 -39.97 6.64 -5.05
C PHE A 1621 -40.33 7.76 -6.03
N CYS A 1622 -41.54 7.71 -6.59
CA CYS A 1622 -41.98 8.76 -7.50
C CYS A 1622 -42.13 10.10 -6.78
N LYS A 1623 -42.38 10.07 -5.47
CA LYS A 1623 -42.51 11.31 -4.72
C LYS A 1623 -41.16 11.95 -4.43
N SER A 1624 -40.18 11.14 -4.02
CA SER A 1624 -38.85 11.67 -3.75
C SER A 1624 -38.07 11.99 -5.03
N MET A 1625 -38.45 11.39 -6.15
CA MET A 1625 -37.81 11.69 -7.43
C MET A 1625 -38.38 12.93 -8.10
N GLY A 1626 -39.23 13.68 -7.40
CA GLY A 1626 -39.78 14.90 -7.95
C GLY A 1626 -39.48 16.10 -7.08
N SER A 1627 -38.97 15.84 -5.88
CA SER A 1627 -38.60 16.88 -4.94
C SER A 1627 -37.13 17.26 -5.14
N LYS A 1628 -36.58 18.05 -4.22
CA LYS A 1628 -35.19 18.44 -4.30
C LYS A 1628 -34.28 17.26 -3.97
N CYS A 1629 -33.92 16.48 -4.98
CA CYS A 1629 -33.07 15.31 -4.82
C CYS A 1629 -31.70 15.44 -5.45
N VAL A 1630 -31.60 16.09 -6.60
CA VAL A 1630 -30.32 16.25 -7.28
C VAL A 1630 -29.49 17.29 -6.53
N ARG A 1631 -28.32 16.89 -6.07
CA ARG A 1631 -27.41 17.78 -5.35
C ARG A 1631 -26.39 18.38 -6.31
N ASP A 1632 -26.08 19.66 -6.11
CA ASP A 1632 -25.17 20.39 -6.96
C ASP A 1632 -23.78 20.53 -6.37
N GLY A 1633 -23.45 19.75 -5.34
CA GLY A 1633 -22.15 19.78 -4.71
C GLY A 1633 -22.02 20.78 -3.58
N LYS A 1634 -22.72 21.91 -3.66
CA LYS A 1634 -22.68 22.95 -2.63
C LYS A 1634 -23.75 22.77 -1.57
N GLY A 1635 -24.37 21.59 -1.49
CA GLY A 1635 -25.36 21.32 -0.48
C GLY A 1635 -26.77 21.74 -0.82
N GLY A 1636 -26.99 22.40 -1.95
CA GLY A 1636 -28.32 22.85 -2.31
C GLY A 1636 -28.99 21.96 -3.32
N PHE A 1637 -29.92 21.12 -2.86
CA PHE A 1637 -30.60 20.19 -3.75
C PHE A 1637 -31.57 20.93 -4.66
N LEU A 1638 -31.63 20.49 -5.92
CA LEU A 1638 -32.53 21.07 -6.91
C LEU A 1638 -33.32 19.97 -7.60
N TYR A 1639 -34.36 20.37 -8.32
CA TYR A 1639 -35.25 19.43 -8.98
C TYR A 1639 -34.59 18.82 -10.22
N ILE A 1640 -35.13 17.69 -10.65
CA ILE A 1640 -34.66 17.06 -11.88
C ILE A 1640 -35.16 17.84 -13.10
N LYS A 1641 -36.34 18.46 -12.99
CA LYS A 1641 -36.84 19.28 -14.08
C LYS A 1641 -35.92 20.46 -14.37
N GLU A 1642 -35.36 21.06 -13.32
CA GLU A 1642 -34.47 22.20 -13.50
C GLU A 1642 -33.14 21.77 -14.09
N VAL A 1643 -32.73 20.53 -13.84
CA VAL A 1643 -31.52 19.99 -14.45
C VAL A 1643 -31.75 19.72 -15.93
N TYR A 1644 -32.86 19.07 -16.26
CA TYR A 1644 -33.16 18.73 -17.64
C TYR A 1644 -33.72 19.91 -18.43
N SER A 1645 -33.96 21.05 -17.79
CA SER A 1645 -34.40 22.23 -18.51
C SER A 1645 -33.25 23.01 -19.12
N GLY A 1646 -32.03 22.82 -18.62
CA GLY A 1646 -30.87 23.47 -19.17
C GLY A 1646 -30.35 22.90 -20.47
N VAL A 1647 -31.01 21.87 -20.99
CA VAL A 1647 -30.59 21.27 -22.25
C VAL A 1647 -31.08 22.13 -23.41
N SER A 1648 -30.33 22.10 -24.51
CA SER A 1648 -30.65 22.87 -25.70
C SER A 1648 -30.87 21.94 -26.88
N ALA A 1649 -31.59 22.44 -27.88
CA ALA A 1649 -31.85 21.67 -29.09
C ALA A 1649 -30.59 21.58 -29.93
N CYS A 1650 -29.84 20.50 -29.75
CA CYS A 1650 -28.55 20.36 -30.45
C CYS A 1650 -28.76 19.90 -31.89
N THR A 1651 -29.44 18.76 -32.07
CA THR A 1651 -29.77 18.15 -33.36
C THR A 1651 -28.65 18.34 -34.39
N CYS A 1652 -27.47 17.85 -34.01
CA CYS A 1652 -26.28 17.95 -34.86
C CYS A 1652 -25.72 16.58 -35.23
N GLU A 1653 -26.59 15.57 -35.30
CA GLU A 1653 -26.29 14.18 -35.64
C GLU A 1653 -25.50 13.46 -34.55
N ILE A 1654 -25.15 14.14 -33.45
CA ILE A 1654 -24.58 13.47 -32.30
C ILE A 1654 -25.60 13.32 -31.17
N CYS A 1655 -26.52 14.26 -31.02
CA CYS A 1655 -27.60 14.16 -30.04
C CYS A 1655 -28.85 13.51 -30.63
N ALA A 1656 -28.74 12.90 -31.81
CA ALA A 1656 -29.90 12.31 -32.48
C ALA A 1656 -29.83 10.79 -32.55
N LEU A 1657 -28.69 10.17 -32.23
CA LEU A 1657 -28.61 8.72 -32.25
C LEU A 1657 -29.32 8.09 -31.05
N LYS A 1658 -29.57 8.87 -30.01
CA LYS A 1658 -30.31 8.40 -28.84
C LYS A 1658 -30.89 9.61 -28.11
N PRO A 1659 -32.08 10.06 -28.49
CA PRO A 1659 -32.63 11.29 -27.90
C PRO A 1659 -32.88 11.14 -26.41
N LYS A 1660 -32.68 12.25 -25.69
CA LYS A 1660 -32.89 12.35 -24.25
C LYS A 1660 -32.02 11.38 -23.45
N ILE A 1661 -30.99 10.83 -24.09
CA ILE A 1661 -30.08 9.89 -23.43
C ILE A 1661 -28.65 10.38 -23.61
N ILE A 1662 -28.26 10.63 -24.86
CA ILE A 1662 -26.91 11.08 -25.19
C ILE A 1662 -27.00 12.52 -25.67
N TYR A 1663 -26.16 13.38 -25.11
CA TYR A 1663 -26.12 14.79 -25.45
C TYR A 1663 -24.72 15.17 -25.92
N CYS A 1664 -24.61 16.38 -26.48
CA CYS A 1664 -23.32 16.88 -26.93
C CYS A 1664 -22.57 17.56 -25.80
N ASN A 1665 -21.35 18.02 -26.12
CA ASN A 1665 -20.56 18.78 -25.17
C ASN A 1665 -21.10 20.20 -25.02
N ASN A 1666 -21.44 20.85 -26.14
CA ASN A 1666 -21.99 22.19 -26.12
C ASN A 1666 -23.47 22.22 -25.79
N SER A 1667 -24.17 21.10 -25.97
CA SER A 1667 -25.59 21.04 -25.65
C SER A 1667 -25.86 21.04 -24.16
N LEU A 1668 -24.84 20.94 -23.33
CA LEU A 1668 -24.97 20.98 -21.88
C LEU A 1668 -24.14 22.12 -21.30
N ASN A 1669 -24.05 23.23 -22.02
CA ASN A 1669 -23.29 24.38 -21.53
C ASN A 1669 -24.01 25.07 -20.37
N LYS A 1670 -25.35 25.09 -20.40
CA LYS A 1670 -26.10 25.72 -19.32
C LYS A 1670 -26.01 24.91 -18.03
N VAL A 1671 -25.96 23.59 -18.15
CA VAL A 1671 -25.76 22.69 -17.02
C VAL A 1671 -24.63 21.74 -17.38
N SER A 1672 -23.40 22.06 -16.96
CA SER A 1672 -22.23 21.26 -17.26
C SER A 1672 -21.74 20.45 -16.07
N GLN A 1673 -22.22 20.75 -14.86
CA GLN A 1673 -21.80 19.98 -13.69
C GLN A 1673 -22.29 18.55 -13.78
N PHE A 1674 -23.50 18.33 -14.28
CA PHE A 1674 -24.04 17.00 -14.50
C PHE A 1674 -23.86 16.58 -15.96
N SER A 1675 -22.60 16.50 -16.37
CA SER A 1675 -22.25 16.12 -17.75
C SER A 1675 -21.06 15.18 -17.68
N LYS A 1676 -21.32 13.88 -17.80
CA LYS A 1676 -20.29 12.88 -17.73
C LYS A 1676 -20.15 12.17 -19.08
N PRO A 1677 -18.93 11.77 -19.45
CA PRO A 1677 -18.75 11.07 -20.73
C PRO A 1677 -19.29 9.65 -20.64
N ILE A 1678 -20.19 9.30 -21.57
CA ILE A 1678 -20.70 7.94 -21.61
C ILE A 1678 -19.62 6.99 -22.11
N LEU A 1679 -18.70 7.48 -22.93
CA LEU A 1679 -17.64 6.61 -23.44
C LEU A 1679 -16.62 6.27 -22.38
N TRP A 1680 -16.42 7.15 -21.40
CA TRP A 1680 -15.57 6.78 -20.26
C TRP A 1680 -16.20 5.65 -19.47
N ASP A 1681 -17.51 5.72 -19.24
CA ASP A 1681 -18.21 4.64 -18.56
C ASP A 1681 -18.14 3.35 -19.37
N TYR A 1682 -18.23 3.47 -20.69
CA TYR A 1682 -18.11 2.29 -21.54
C TYR A 1682 -16.70 1.68 -21.44
N PHE A 1683 -15.68 2.54 -21.43
CA PHE A 1683 -14.31 2.07 -21.26
C PHE A 1683 -14.15 1.34 -19.94
N SER A 1684 -14.67 1.92 -18.86
CA SER A 1684 -14.55 1.30 -17.55
C SER A 1684 -15.30 -0.03 -17.50
N LEU A 1685 -16.49 -0.08 -18.09
CA LEU A 1685 -17.26 -1.31 -18.13
C LEU A 1685 -16.55 -2.40 -18.92
N VAL A 1686 -15.94 -2.02 -20.05
CA VAL A 1686 -15.23 -3.00 -20.86
C VAL A 1686 -14.01 -3.52 -20.11
N LEU A 1687 -13.28 -2.64 -19.41
CA LEU A 1687 -12.12 -3.09 -18.66
C LEU A 1687 -12.52 -3.99 -17.50
N THR A 1688 -13.62 -3.68 -16.83
CA THR A 1688 -14.07 -4.53 -15.73
C THR A 1688 -14.61 -5.86 -16.23
N ASN A 1689 -15.24 -5.88 -17.42
CA ASN A 1689 -15.66 -7.15 -18.00
C ASN A 1689 -14.46 -7.98 -18.39
N ALA A 1690 -13.39 -7.33 -18.88
CA ALA A 1690 -12.15 -8.04 -19.13
C ALA A 1690 -11.58 -8.62 -17.84
N CYS A 1691 -11.69 -7.87 -16.74
CA CYS A 1691 -11.31 -8.42 -15.44
C CYS A 1691 -12.10 -9.68 -15.12
N GLU A 1692 -13.44 -9.58 -15.18
CA GLU A 1692 -14.30 -10.54 -14.52
C GLU A 1692 -14.51 -11.78 -15.39
N LEU A 1693 -14.75 -11.61 -16.68
CA LEU A 1693 -15.16 -12.73 -17.52
C LEU A 1693 -14.41 -12.77 -18.85
N GLY A 1694 -13.15 -12.33 -18.86
CA GLY A 1694 -12.25 -12.67 -19.95
C GLY A 1694 -12.13 -11.62 -21.03
N GLU A 1695 -11.38 -12.01 -22.06
CA GLU A 1695 -10.96 -11.12 -23.14
C GLU A 1695 -11.99 -11.01 -24.26
N TRP A 1696 -13.04 -11.83 -24.26
CA TRP A 1696 -13.99 -11.82 -25.36
C TRP A 1696 -14.91 -10.60 -25.34
N VAL A 1697 -14.71 -9.65 -24.43
CA VAL A 1697 -15.53 -8.45 -24.39
C VAL A 1697 -14.91 -7.37 -25.25
N PHE A 1698 -13.85 -7.71 -25.99
CA PHE A 1698 -13.19 -6.77 -26.88
C PHE A 1698 -13.54 -6.97 -28.35
N SER A 1699 -13.91 -8.19 -28.74
CA SER A 1699 -14.22 -8.47 -30.13
C SER A 1699 -15.57 -7.85 -30.52
N THR A 1700 -15.74 -7.65 -31.82
CA THR A 1700 -17.00 -7.11 -32.32
C THR A 1700 -18.06 -8.20 -32.41
N VAL A 1701 -19.32 -7.77 -32.37
CA VAL A 1701 -20.44 -8.71 -32.34
C VAL A 1701 -20.77 -9.14 -33.76
N LYS A 1702 -20.79 -10.45 -33.97
CA LYS A 1702 -21.25 -11.04 -35.23
C LYS A 1702 -22.45 -11.92 -34.97
N GLU A 1703 -23.29 -12.08 -36.00
CA GLU A 1703 -24.57 -12.74 -35.82
C GLU A 1703 -24.64 -14.06 -36.59
N PRO A 1704 -25.42 -15.03 -36.09
CA PRO A 1704 -25.74 -16.19 -36.93
C PRO A 1704 -26.66 -15.79 -38.06
N GLN A 1705 -26.55 -16.53 -39.18
CA GLN A 1705 -27.17 -16.02 -40.39
C GLN A 1705 -28.66 -16.33 -40.47
N LYS A 1706 -29.03 -17.59 -40.69
CA LYS A 1706 -30.44 -17.96 -40.67
C LYS A 1706 -30.93 -18.38 -39.28
N PRO A 1707 -30.24 -19.30 -38.58
CA PRO A 1707 -30.86 -19.81 -37.35
C PRO A 1707 -30.77 -18.83 -36.19
N LEU A 1710 -35.99 -22.61 -35.72
CA LEU A 1710 -36.32 -23.95 -36.14
C LEU A 1710 -36.30 -24.94 -34.98
N ASN A 1711 -36.27 -24.40 -33.76
CA ASN A 1711 -36.21 -25.21 -32.55
C ASN A 1711 -37.56 -25.35 -31.86
N ASN A 1712 -38.64 -24.96 -32.53
CA ASN A 1712 -40.01 -25.16 -32.06
C ASN A 1712 -40.28 -24.46 -30.73
N GLN A 1713 -39.43 -23.51 -30.34
CA GLN A 1713 -39.58 -22.70 -29.14
C GLN A 1713 -39.67 -23.53 -27.86
N ASN A 1714 -39.31 -24.81 -27.92
CA ASN A 1714 -39.42 -25.68 -26.74
C ASN A 1714 -38.21 -26.58 -26.55
N PHE A 1715 -37.16 -26.43 -27.35
CA PHE A 1715 -35.94 -27.22 -27.20
C PHE A 1715 -35.15 -26.65 -26.02
N PHE A 1716 -35.61 -27.00 -24.83
CA PHE A 1716 -34.96 -26.55 -23.60
C PHE A 1716 -33.76 -27.44 -23.28
N TRP A 1717 -32.69 -26.83 -22.78
CA TRP A 1717 -31.50 -27.54 -22.38
C TRP A 1717 -30.69 -26.66 -21.43
N ALA A 1718 -29.79 -27.29 -20.68
CA ALA A 1718 -28.97 -26.60 -19.71
C ALA A 1718 -27.64 -26.21 -20.35
N VAL A 1719 -27.26 -24.95 -20.17
CA VAL A 1719 -25.97 -24.44 -20.65
C VAL A 1719 -25.19 -23.92 -19.45
N LYS A 1720 -23.87 -24.01 -19.56
CA LYS A 1720 -22.96 -23.58 -18.51
C LYS A 1720 -22.32 -22.24 -18.86
N PRO A 1721 -22.07 -21.40 -17.86
CA PRO A 1721 -21.37 -20.14 -18.13
C PRO A 1721 -19.98 -20.40 -18.69
N LYS A 1722 -19.69 -19.74 -19.81
CA LYS A 1722 -18.42 -19.90 -20.52
C LYS A 1722 -17.39 -18.87 -20.08
N VAL A 1723 -17.44 -18.42 -18.84
CA VAL A 1723 -16.51 -17.40 -18.36
C VAL A 1723 -15.12 -17.98 -18.22
N VAL A 1724 -14.11 -17.15 -18.47
CA VAL A 1724 -12.71 -17.53 -18.39
C VAL A 1724 -12.04 -16.61 -17.37
N ARG A 1725 -12.79 -16.29 -16.31
CA ARG A 1725 -12.37 -15.35 -15.27
C ARG A 1725 -10.89 -15.48 -14.92
N GLN A 1726 -10.22 -14.34 -14.83
CA GLN A 1726 -8.79 -14.25 -14.56
C GLN A 1726 -8.51 -13.33 -13.37
N ILE A 1727 -9.26 -13.53 -12.29
CA ILE A 1727 -9.11 -12.74 -11.08
C ILE A 1727 -8.57 -13.59 -9.93
N GLU A 1728 -7.92 -14.71 -10.24
CA GLU A 1728 -7.37 -15.72 -9.34
C GLU A 1728 -8.45 -16.58 -8.72
N ASP A 1729 -9.72 -16.36 -9.05
CA ASP A 1729 -10.82 -17.28 -8.75
C ASP A 1729 -11.14 -17.37 -7.26
N GLN A 1730 -10.35 -16.71 -6.41
CA GLN A 1730 -10.63 -16.68 -4.98
C GLN A 1730 -11.29 -15.37 -4.56
N LEU A 1731 -10.61 -14.24 -4.79
CA LEU A 1731 -11.11 -12.90 -4.49
C LEU A 1731 -11.74 -12.83 -3.10
N GLY A 1732 -10.90 -13.03 -2.10
CA GLY A 1732 -11.34 -12.96 -0.72
C GLY A 1732 -11.62 -11.53 -0.28
N MET A 1733 -12.32 -11.43 0.86
CA MET A 1733 -12.60 -10.13 1.44
C MET A 1733 -11.32 -9.44 1.88
N ASN A 1734 -10.40 -10.19 2.48
CA ASN A 1734 -9.13 -9.65 2.95
C ASN A 1734 -8.22 -9.23 1.81
N HIS A 1735 -8.55 -9.57 0.56
CA HIS A 1735 -7.82 -9.07 -0.59
C HIS A 1735 -8.31 -7.69 -1.00
N VAL A 1736 -9.64 -7.52 -1.09
CA VAL A 1736 -10.20 -6.21 -1.40
C VAL A 1736 -9.89 -5.21 -0.30
N LEU A 1737 -9.97 -5.64 0.96
CA LEU A 1737 -9.64 -4.75 2.06
C LEU A 1737 -8.18 -4.32 2.00
N GLN A 1738 -7.28 -5.25 1.70
CA GLN A 1738 -5.87 -4.91 1.60
C GLN A 1738 -5.60 -3.97 0.43
N SER A 1739 -6.26 -4.21 -0.70
CA SER A 1739 -6.07 -3.34 -1.86
C SER A 1739 -6.59 -1.94 -1.58
N ILE A 1740 -7.70 -1.82 -0.86
CA ILE A 1740 -8.22 -0.51 -0.48
C ILE A 1740 -7.26 0.18 0.48
N ARG A 1741 -6.70 -0.57 1.43
CA ARG A 1741 -5.73 0.01 2.35
C ARG A 1741 -4.50 0.53 1.62
N ARG A 1742 -4.03 -0.22 0.63
CA ARG A 1742 -2.85 0.20 -0.12
C ARG A 1742 -3.14 1.41 -0.99
N ASN A 1743 -4.25 1.37 -1.74
CA ASN A 1743 -4.52 2.41 -2.72
C ASN A 1743 -5.14 3.65 -2.09
N TYR A 1744 -6.12 3.46 -1.20
CA TYR A 1744 -6.85 4.57 -0.57
C TYR A 1744 -6.67 4.46 0.95
N PRO A 1745 -5.51 4.85 1.47
CA PRO A 1745 -5.31 4.74 2.93
C PRO A 1745 -6.13 5.72 3.73
N VAL A 1746 -6.27 6.96 3.24
CA VAL A 1746 -7.11 7.93 3.94
C VAL A 1746 -8.57 7.53 3.88
N LEU A 1747 -8.96 6.77 2.85
CA LEU A 1747 -10.30 6.21 2.77
C LEU A 1747 -10.41 4.87 3.47
N PHE A 1748 -9.28 4.23 3.77
CA PHE A 1748 -9.30 2.99 4.55
C PHE A 1748 -9.38 3.27 6.04
N ASP A 1749 -8.77 4.36 6.50
CA ASP A 1749 -8.80 4.70 7.92
C ASP A 1749 -10.18 5.23 8.32
N GLU A 1750 -10.61 6.32 7.69
CA GLU A 1750 -11.93 6.88 7.93
C GLU A 1750 -12.95 6.24 7.01
N HIS A 1751 -14.18 6.10 7.50
CA HIS A 1751 -15.31 5.47 6.83
C HIS A 1751 -15.11 3.97 6.61
N LEU A 1752 -14.01 3.40 7.07
CA LEU A 1752 -13.72 1.99 6.88
C LEU A 1752 -12.94 1.48 8.07
N THR A 1753 -13.16 0.19 8.39
CA THR A 1753 -12.54 -0.50 9.51
C THR A 1753 -12.50 0.26 10.85
N PRO A 1754 -13.66 0.82 11.32
CA PRO A 1754 -13.74 1.15 12.74
C PRO A 1754 -14.23 -0.04 13.55
N PHE A 1755 -15.05 -0.87 12.92
CA PHE A 1755 -15.62 -2.07 13.53
C PHE A 1755 -14.87 -3.31 13.05
N MET A 1756 -13.61 -3.40 13.44
CA MET A 1756 -12.75 -4.48 12.97
C MET A 1756 -11.78 -4.88 14.05
N ASN A 1757 -11.56 -6.20 14.16
CA ASN A 1757 -10.56 -6.75 15.06
C ASN A 1757 -9.59 -7.69 14.35
N ASP A 1758 -9.76 -7.93 13.06
CA ASP A 1758 -8.89 -8.79 12.27
C ASP A 1758 -8.06 -7.98 11.28
N LEU A 1759 -7.62 -6.80 11.70
CA LEU A 1759 -6.75 -5.99 10.84
C LEU A 1759 -5.37 -6.61 10.69
N GLN A 1760 -4.98 -7.51 11.60
CA GLN A 1760 -3.65 -8.10 11.53
C GLN A 1760 -3.47 -8.96 10.29
N VAL A 1761 -4.47 -9.78 9.96
CA VAL A 1761 -4.37 -10.64 8.77
C VAL A 1761 -4.47 -9.80 7.50
N SER A 1762 -5.31 -8.77 7.51
CA SER A 1762 -5.40 -7.87 6.38
C SER A 1762 -4.19 -6.97 6.24
N ARG A 1763 -3.31 -6.94 7.24
CA ARG A 1763 -2.12 -6.10 7.20
C ARG A 1763 -0.85 -6.86 6.80
N THR A 1764 -0.77 -8.15 7.13
CA THR A 1764 0.47 -8.90 6.90
C THR A 1764 0.52 -9.53 5.51
N MET A 1765 0.20 -8.72 4.50
CA MET A 1765 0.34 -9.10 3.09
C MET A 1765 -0.29 -10.46 2.79
N ASP A 1766 -1.60 -10.54 3.02
CA ASP A 1766 -2.36 -11.75 2.73
C ASP A 1766 -2.58 -11.84 1.23
N SER A 1767 -1.72 -12.61 0.56
CA SER A 1767 -1.73 -12.71 -0.91
C SER A 1767 -1.65 -11.32 -1.53
N GLY A 1768 -0.54 -10.65 -1.26
CA GLY A 1768 -0.42 -9.24 -1.62
C GLY A 1768 -0.50 -9.04 -3.11
N ARG A 1769 -1.20 -7.97 -3.51
CA ARG A 1769 -1.31 -7.52 -4.89
C ARG A 1769 -1.89 -8.62 -5.78
N LEU A 1770 -3.16 -8.91 -5.53
CA LEU A 1770 -3.91 -9.77 -6.44
C LEU A 1770 -4.00 -9.11 -7.81
N LYS A 1771 -4.09 -9.95 -8.84
CA LYS A 1771 -4.12 -9.44 -10.21
C LYS A 1771 -5.42 -8.71 -10.47
N PHE A 1772 -5.32 -7.50 -11.04
CA PHE A 1772 -6.47 -6.68 -11.40
C PHE A 1772 -7.34 -6.37 -10.18
N LEU A 1773 -6.69 -5.91 -9.12
CA LEU A 1773 -7.40 -5.46 -7.92
C LEU A 1773 -6.94 -4.07 -7.49
N ASP A 1774 -6.29 -3.32 -8.37
CA ASP A 1774 -5.90 -1.95 -8.04
C ASP A 1774 -6.57 -0.93 -8.97
N VAL A 1775 -6.52 -1.13 -10.28
CA VAL A 1775 -7.24 -0.27 -11.20
C VAL A 1775 -8.67 -0.75 -11.41
N CYS A 1776 -8.85 -2.07 -11.38
CA CYS A 1776 -10.15 -2.67 -11.59
C CYS A 1776 -11.02 -2.60 -10.34
N ILE A 1777 -10.47 -2.12 -9.23
CA ILE A 1777 -11.25 -1.79 -8.03
C ILE A 1777 -11.50 -0.29 -8.03
N ALA A 1778 -10.59 0.48 -8.66
CA ALA A 1778 -10.80 1.91 -8.78
C ALA A 1778 -11.96 2.21 -9.72
N LEU A 1779 -12.08 1.45 -10.82
CA LEU A 1779 -13.22 1.62 -11.71
C LEU A 1779 -14.54 1.36 -11.00
N ASP A 1780 -14.53 0.50 -9.99
CA ASP A 1780 -15.73 0.25 -9.20
C ASP A 1780 -15.94 1.34 -8.15
N MET A 1781 -14.86 1.83 -7.56
CA MET A 1781 -14.97 2.81 -6.49
C MET A 1781 -15.43 4.16 -7.04
N MET A 1782 -15.04 4.49 -8.27
CA MET A 1782 -15.41 5.78 -8.84
C MET A 1782 -16.70 5.75 -9.64
N ASN A 1783 -17.10 4.60 -10.17
CA ASN A 1783 -18.36 4.47 -10.90
C ASN A 1783 -19.41 3.87 -9.97
N GLU A 1784 -20.43 4.66 -9.66
CA GLU A 1784 -21.48 4.25 -8.73
C GLU A 1784 -22.52 3.33 -9.36
N ASN A 1785 -22.38 2.97 -10.64
CA ASN A 1785 -23.30 2.07 -11.28
C ASN A 1785 -22.62 0.85 -11.89
N LEU A 1786 -21.30 0.71 -11.73
CA LEU A 1786 -20.59 -0.44 -12.30
C LEU A 1786 -20.70 -1.65 -11.40
N GLY A 1787 -20.15 -1.55 -10.19
CA GLY A 1787 -20.26 -2.62 -9.20
C GLY A 1787 -19.73 -3.98 -9.63
N ILE A 1788 -18.42 -4.11 -9.80
CA ILE A 1788 -17.84 -5.42 -10.14
C ILE A 1788 -17.38 -6.16 -8.89
N ILE A 1789 -16.84 -5.44 -7.90
CA ILE A 1789 -16.32 -6.11 -6.70
C ILE A 1789 -17.44 -6.80 -5.94
N SER A 1790 -18.66 -6.27 -6.01
CA SER A 1790 -19.80 -6.96 -5.41
C SER A 1790 -20.05 -8.29 -6.09
N HIS A 1791 -19.81 -8.38 -7.40
CA HIS A 1791 -19.95 -9.64 -8.11
C HIS A 1791 -18.73 -10.55 -7.91
N LEU A 1792 -17.55 -9.96 -7.74
CA LEU A 1792 -16.35 -10.76 -7.51
C LEU A 1792 -16.36 -11.40 -6.13
N LEU A 1793 -16.94 -10.72 -5.14
CA LEU A 1793 -17.10 -11.28 -3.81
C LEU A 1793 -18.41 -12.05 -3.68
N LYS A 1794 -18.66 -12.95 -4.62
CA LYS A 1794 -19.93 -13.67 -4.68
C LYS A 1794 -19.79 -14.81 -5.68
N THR A 1795 -20.73 -15.74 -5.61
CA THR A 1795 -20.80 -16.84 -6.55
C THR A 1795 -21.80 -16.50 -7.66
N ARG A 1796 -21.80 -17.32 -8.72
CA ARG A 1796 -22.73 -17.11 -9.82
C ARG A 1796 -24.18 -17.26 -9.36
N ASP A 1797 -24.41 -18.05 -8.31
CA ASP A 1797 -25.72 -18.27 -7.70
C ASP A 1797 -26.64 -19.08 -8.59
N ASN A 1798 -26.24 -19.32 -9.84
CA ASN A 1798 -26.98 -20.19 -10.75
C ASN A 1798 -26.16 -21.39 -11.17
N SER A 1799 -24.95 -21.18 -11.68
CA SER A 1799 -24.02 -22.23 -12.08
C SER A 1799 -24.56 -23.09 -13.23
N VAL A 1800 -25.77 -22.78 -13.68
CA VAL A 1800 -26.39 -23.48 -14.80
C VAL A 1800 -27.59 -22.66 -15.28
N TYR A 1801 -27.83 -22.65 -16.58
CA TYR A 1801 -28.89 -21.83 -17.17
C TYR A 1801 -29.74 -22.70 -18.06
N ILE A 1802 -31.00 -22.91 -17.68
CA ILE A 1802 -31.96 -23.58 -18.54
C ILE A 1802 -32.43 -22.58 -19.59
N VAL A 1803 -32.16 -22.87 -20.86
CA VAL A 1803 -32.53 -21.98 -21.95
C VAL A 1803 -33.05 -22.81 -23.11
N LYS A 1804 -33.92 -22.21 -23.92
CA LYS A 1804 -34.45 -22.89 -25.10
C LYS A 1804 -33.50 -22.68 -26.27
N GLN A 1805 -33.32 -23.74 -27.06
CA GLN A 1805 -32.37 -23.69 -28.18
C GLN A 1805 -32.74 -22.65 -29.21
N SER A 1806 -33.99 -22.21 -29.25
CA SER A 1806 -34.37 -21.15 -30.17
C SER A 1806 -33.68 -19.83 -29.84
N ASP A 1807 -33.23 -19.66 -28.60
CA ASP A 1807 -32.50 -18.45 -28.21
C ASP A 1807 -31.00 -18.60 -28.44
N CYS A 1808 -30.46 -19.80 -28.24
CA CYS A 1808 -29.04 -20.01 -28.50
C CYS A 1808 -28.72 -19.98 -29.99
N ALA A 1809 -29.65 -20.43 -30.83
CA ALA A 1809 -29.47 -20.31 -32.27
C ALA A 1809 -29.53 -18.86 -32.73
N LEU A 1810 -30.22 -18.00 -31.98
CA LEU A 1810 -30.28 -16.57 -32.24
C LEU A 1810 -29.21 -15.80 -31.48
N ALA A 1811 -28.43 -16.49 -30.65
CA ALA A 1811 -27.47 -15.83 -29.79
C ALA A 1811 -26.37 -15.16 -30.61
N HIS A 1812 -26.01 -13.94 -30.22
CA HIS A 1812 -24.94 -13.22 -30.88
C HIS A 1812 -23.61 -13.89 -30.61
N ILE A 1813 -22.78 -13.98 -31.65
CA ILE A 1813 -21.49 -14.65 -31.57
C ILE A 1813 -20.42 -13.60 -31.25
N ARG A 1814 -19.70 -13.78 -30.15
CA ARG A 1814 -18.65 -12.86 -29.75
C ARG A 1814 -17.63 -13.66 -28.95
N GLN A 1815 -16.55 -14.07 -29.62
CA GLN A 1815 -15.51 -14.86 -28.99
C GLN A 1815 -14.22 -14.05 -28.90
N SER A 1816 -13.36 -14.47 -27.98
CA SER A 1816 -12.08 -13.80 -27.78
C SER A 1816 -11.15 -14.09 -28.96
N SER A 1817 -10.49 -13.04 -29.44
CA SER A 1817 -9.57 -13.14 -30.56
C SER A 1817 -8.23 -12.56 -30.14
N TYR A 1818 -7.15 -13.30 -30.42
CA TYR A 1818 -5.83 -12.82 -30.07
C TYR A 1818 -5.49 -11.57 -30.87
N THR A 1819 -5.02 -10.53 -30.17
CA THR A 1819 -4.66 -9.29 -30.83
C THR A 1819 -3.31 -9.37 -31.54
N ASP A 1820 -2.49 -10.36 -31.22
CA ASP A 1820 -1.19 -10.52 -31.84
C ASP A 1820 -1.25 -11.19 -33.21
N TRP A 1821 -2.45 -11.56 -33.67
CA TRP A 1821 -2.62 -12.22 -34.97
C TRP A 1821 -1.84 -13.53 -35.04
N GLU A 1822 -1.81 -14.26 -33.92
CA GLU A 1822 -1.11 -15.54 -33.83
C GLU A 1822 0.36 -15.39 -34.22
N LEU A 1823 1.01 -14.37 -33.66
CA LEU A 1823 2.39 -14.05 -34.00
C LEU A 1823 3.33 -13.99 -32.80
N GLY A 1824 2.82 -14.20 -31.59
CA GLY A 1824 3.65 -14.03 -30.40
C GLY A 1824 4.86 -14.92 -30.37
N LEU A 1825 4.67 -16.22 -30.16
CA LEU A 1825 5.77 -17.16 -30.22
C LEU A 1825 5.43 -18.49 -30.88
N SER A 1826 4.16 -18.73 -31.26
CA SER A 1826 3.74 -20.02 -31.80
C SER A 1826 4.17 -21.14 -30.87
N PRO A 1827 3.45 -21.35 -29.75
CA PRO A 1827 3.94 -22.20 -28.64
C PRO A 1827 4.66 -23.48 -29.02
N GLN A 1828 4.39 -24.03 -30.21
CA GLN A 1828 5.23 -25.10 -30.73
C GLN A 1828 6.69 -24.68 -30.72
N GLN A 1829 6.96 -23.44 -31.16
CA GLN A 1829 8.32 -22.91 -31.10
C GLN A 1829 8.78 -22.77 -29.66
N ILE A 1830 7.88 -22.39 -28.75
CA ILE A 1830 8.24 -22.28 -27.34
C ILE A 1830 8.79 -23.61 -26.83
N CYS A 1831 8.02 -24.68 -27.03
CA CYS A 1831 8.41 -25.98 -26.48
C CYS A 1831 9.65 -26.53 -27.18
N THR A 1832 9.76 -26.35 -28.50
CA THR A 1832 10.94 -26.87 -29.17
C THR A 1832 12.19 -26.08 -28.80
N ASN A 1833 12.05 -24.78 -28.55
CA ASN A 1833 13.20 -24.00 -28.08
C ASN A 1833 13.61 -24.40 -26.67
N PHE A 1834 12.64 -24.67 -25.80
CA PHE A 1834 13.00 -25.15 -24.47
C PHE A 1834 13.70 -26.50 -24.55
N LYS A 1835 13.17 -27.40 -25.38
CA LYS A 1835 13.82 -28.70 -25.54
C LYS A 1835 15.23 -28.56 -26.07
N THR A 1836 15.44 -27.68 -27.05
CA THR A 1836 16.77 -27.49 -27.60
C THR A 1836 17.71 -26.90 -26.58
N GLN A 1837 17.25 -25.92 -25.80
CA GLN A 1837 18.08 -25.36 -24.75
C GLN A 1837 18.47 -26.42 -23.74
N LEU A 1838 17.50 -27.24 -23.32
CA LEU A 1838 17.77 -28.29 -22.34
C LEU A 1838 18.80 -29.28 -22.88
N VAL A 1839 18.63 -29.71 -24.13
CA VAL A 1839 19.53 -30.71 -24.69
C VAL A 1839 20.93 -30.14 -24.88
N LEU A 1840 21.03 -28.93 -25.43
CA LEU A 1840 22.33 -28.35 -25.71
C LEU A 1840 23.04 -27.88 -24.44
N SER A 1841 22.31 -27.64 -23.36
CA SER A 1841 22.95 -27.38 -22.07
C SER A 1841 23.30 -28.66 -21.34
N SER A 1842 22.56 -29.75 -21.60
CA SER A 1842 22.94 -31.05 -21.06
C SER A 1842 24.23 -31.54 -21.73
N MET A 1843 24.38 -31.28 -23.02
CA MET A 1843 25.58 -31.74 -23.71
C MET A 1843 26.74 -30.77 -23.54
N VAL A 1844 26.98 -30.32 -22.31
CA VAL A 1844 28.21 -29.62 -21.98
C VAL A 1844 28.74 -30.15 -20.66
N ASN A 1845 27.88 -30.85 -19.91
CA ASN A 1845 28.22 -31.44 -18.63
C ASN A 1845 27.06 -32.30 -18.13
N PRO A 1846 27.33 -33.36 -17.37
CA PRO A 1846 26.23 -34.16 -16.82
C PRO A 1846 25.47 -33.38 -15.77
N LEU A 1847 24.16 -33.29 -15.95
CA LEU A 1847 23.29 -32.56 -15.04
C LEU A 1847 22.13 -33.43 -14.63
N VAL A 1848 21.68 -33.25 -13.38
CA VAL A 1848 20.54 -34.01 -12.88
C VAL A 1848 19.26 -33.44 -13.49
N LEU A 1849 18.38 -34.34 -13.94
CA LEU A 1849 17.11 -33.92 -14.54
C LEU A 1849 16.04 -33.68 -13.47
N SER A 1850 16.39 -32.88 -12.47
CA SER A 1850 15.44 -32.49 -11.44
C SER A 1850 14.71 -31.23 -11.91
N THR A 1851 13.88 -30.67 -11.03
CA THR A 1851 13.24 -29.40 -11.36
C THR A 1851 14.22 -28.25 -11.32
N SER A 1852 15.37 -28.42 -10.65
CA SER A 1852 16.38 -27.36 -10.62
C SER A 1852 16.89 -27.06 -12.02
N CYS A 1853 17.18 -28.10 -12.80
CA CYS A 1853 17.64 -27.94 -14.17
C CYS A 1853 16.48 -27.74 -15.15
N LEU A 1854 15.28 -27.48 -14.63
CA LEU A 1854 14.13 -27.14 -15.46
C LEU A 1854 13.58 -25.76 -15.13
N LYS A 1855 13.38 -25.45 -13.85
CA LYS A 1855 12.85 -24.15 -13.48
C LYS A 1855 13.88 -23.04 -13.69
N SER A 1856 15.17 -23.36 -13.54
CA SER A 1856 16.23 -22.37 -13.72
C SER A 1856 16.58 -22.12 -15.18
N PHE A 1857 15.72 -22.56 -16.11
CA PHE A 1857 15.92 -22.35 -17.53
C PHE A 1857 15.00 -21.23 -18.01
N PHE A 1858 15.53 -20.36 -18.87
CA PHE A 1858 14.74 -19.23 -19.36
C PHE A 1858 13.50 -19.71 -20.11
N TRP A 1859 13.70 -20.55 -21.12
CA TRP A 1859 12.59 -20.93 -21.98
C TRP A 1859 11.64 -21.90 -21.33
N PHE A 1860 11.73 -22.11 -20.02
CA PHE A 1860 10.74 -22.91 -19.33
C PHE A 1860 9.51 -22.07 -19.05
N ASN A 1861 8.93 -21.48 -20.10
CA ASN A 1861 7.66 -20.77 -20.01
C ASN A 1861 6.47 -21.70 -20.11
N GLU A 1862 6.68 -23.01 -19.99
CA GLU A 1862 5.59 -23.96 -20.02
C GLU A 1862 4.64 -23.77 -18.85
N VAL A 1863 5.10 -23.15 -17.76
CA VAL A 1863 4.20 -22.79 -16.67
C VAL A 1863 3.23 -21.71 -17.11
N LEU A 1864 3.58 -20.93 -18.14
CA LEU A 1864 2.66 -20.01 -18.77
C LEU A 1864 1.87 -20.77 -19.82
N GLU A 1865 1.19 -20.04 -20.72
CA GLU A 1865 0.37 -20.65 -21.77
C GLU A 1865 -0.73 -21.53 -21.17
N LEU A 1866 -1.68 -20.83 -20.53
CA LEU A 1866 -2.80 -21.44 -19.80
C LEU A 1866 -3.38 -22.66 -20.52
N GLU A 1867 -3.46 -22.61 -21.84
CA GLU A 1867 -3.85 -23.79 -22.61
C GLU A 1867 -2.70 -24.79 -22.61
N ASP A 1868 -2.71 -25.71 -21.65
CA ASP A 1868 -1.62 -26.66 -21.44
C ASP A 1868 -1.91 -28.02 -22.07
N ASP A 1869 -2.60 -28.03 -23.21
CA ASP A 1869 -2.91 -29.29 -23.88
C ASP A 1869 -1.69 -29.95 -24.49
N SER A 1870 -0.63 -29.20 -24.75
CA SER A 1870 0.56 -29.71 -25.44
C SER A 1870 1.81 -29.31 -24.66
N GLN A 1871 2.53 -30.32 -24.16
CA GLN A 1871 3.82 -30.11 -23.53
C GLN A 1871 4.92 -30.50 -24.52
N ILE A 1872 6.16 -30.55 -24.05
CA ILE A 1872 7.30 -30.46 -24.96
C ILE A 1872 7.47 -31.68 -25.84
N GLU A 1873 7.94 -32.80 -25.29
CA GLU A 1873 7.91 -34.05 -26.06
C GLU A 1873 7.52 -35.26 -25.22
N LEU A 1874 8.08 -35.35 -24.02
CA LEU A 1874 8.00 -36.57 -23.23
C LEU A 1874 7.76 -36.36 -21.74
N ALA A 1875 8.00 -35.17 -21.20
CA ALA A 1875 7.94 -34.93 -19.76
C ALA A 1875 6.61 -34.33 -19.34
N GLU A 1876 5.53 -34.68 -20.03
CA GLU A 1876 4.22 -34.08 -19.77
C GLU A 1876 3.82 -34.23 -18.31
N LEU A 1877 4.13 -35.37 -17.71
CA LEU A 1877 3.70 -35.62 -16.33
C LEU A 1877 4.43 -34.73 -15.35
N THR A 1878 5.73 -34.49 -15.56
CA THR A 1878 6.44 -33.63 -14.63
C THR A 1878 6.00 -32.18 -14.76
N ASP A 1879 5.60 -31.75 -15.96
CA ASP A 1879 5.03 -30.41 -16.10
C ASP A 1879 3.66 -30.32 -15.43
N PHE A 1880 2.84 -31.36 -15.59
CA PHE A 1880 1.55 -31.38 -14.92
C PHE A 1880 1.72 -31.35 -13.41
N ALA A 1881 2.75 -32.03 -12.89
CA ALA A 1881 3.03 -31.97 -11.46
C ALA A 1881 3.57 -30.61 -11.06
N LEU A 1882 4.34 -29.95 -11.93
CA LEU A 1882 4.80 -28.60 -11.65
C LEU A 1882 3.65 -27.61 -11.62
N MET A 1883 2.57 -27.92 -12.35
CA MET A 1883 1.35 -27.14 -12.19
C MET A 1883 0.79 -27.27 -10.77
N VAL A 1884 1.05 -28.40 -10.12
CA VAL A 1884 0.73 -28.56 -8.70
C VAL A 1884 1.86 -28.12 -7.79
N LYS A 1885 2.95 -27.58 -8.37
CA LYS A 1885 4.12 -27.12 -7.61
C LYS A 1885 4.73 -28.26 -6.79
N ASN A 1886 5.22 -29.27 -7.52
CA ASN A 1886 5.83 -30.42 -6.89
C ASN A 1886 7.29 -30.13 -6.55
N GLN A 1887 7.81 -30.89 -5.58
CA GLN A 1887 9.20 -30.77 -5.17
C GLN A 1887 10.00 -32.04 -5.46
N ASN A 1888 9.52 -32.84 -6.42
CA ASN A 1888 10.19 -34.08 -6.78
C ASN A 1888 11.58 -33.80 -7.37
N VAL A 1889 12.34 -34.88 -7.52
CA VAL A 1889 13.69 -34.76 -8.07
C VAL A 1889 13.81 -35.62 -9.32
N SER A 1890 13.72 -36.93 -9.17
CA SER A 1890 13.98 -37.84 -10.28
C SER A 1890 13.41 -39.22 -9.97
N ARG A 1891 12.97 -39.90 -11.03
CA ARG A 1891 12.51 -41.27 -10.97
C ARG A 1891 12.51 -41.82 -12.39
N ALA A 1892 11.89 -42.98 -12.58
CA ALA A 1892 11.77 -43.60 -13.90
C ALA A 1892 10.53 -43.04 -14.58
N MET A 1893 10.70 -41.89 -15.23
CA MET A 1893 9.61 -41.26 -15.98
C MET A 1893 9.65 -41.77 -17.41
N PHE A 1894 9.12 -42.97 -17.60
CA PHE A 1894 9.05 -43.65 -18.89
C PHE A 1894 7.64 -44.15 -19.14
N VAL A 1895 6.66 -43.25 -18.96
CA VAL A 1895 5.25 -43.61 -19.04
C VAL A 1895 4.84 -44.12 -20.42
N GLU A 1896 5.73 -44.03 -21.42
CA GLU A 1896 5.47 -44.68 -22.69
C GLU A 1896 5.13 -46.15 -22.49
N ASP A 1897 5.90 -46.84 -21.66
CA ASP A 1897 5.50 -48.11 -21.08
C ASP A 1897 4.71 -47.79 -19.81
N ILE A 1898 3.39 -47.98 -19.88
CA ILE A 1898 2.51 -47.48 -18.82
C ILE A 1898 2.89 -48.11 -17.49
N ALA A 1899 3.33 -47.26 -16.56
CA ALA A 1899 3.66 -47.71 -15.21
C ALA A 1899 2.43 -47.76 -14.29
N MET A 1900 1.41 -46.98 -14.59
CA MET A 1900 0.17 -47.05 -13.81
C MET A 1900 -0.69 -48.22 -14.23
N GLY A 1901 -0.62 -48.63 -15.51
CA GLY A 1901 -1.34 -49.78 -16.00
C GLY A 1901 -0.44 -51.00 -16.12
N TYR A 1902 -1.08 -52.16 -16.28
CA TYR A 1902 -0.41 -53.44 -16.40
C TYR A 1902 0.53 -53.67 -15.20
N VAL A 1903 -0.07 -53.70 -14.02
CA VAL A 1903 0.65 -53.81 -12.76
C VAL A 1903 0.17 -55.07 -12.04
N VAL A 1904 1.13 -55.80 -11.46
CA VAL A 1904 0.79 -57.01 -10.73
C VAL A 1904 -0.08 -56.67 -9.53
N SER A 1905 -1.03 -57.56 -9.22
CA SER A 1905 -1.98 -57.35 -8.14
C SER A 1905 -1.80 -58.40 -7.04
N ASN A 1906 -0.56 -58.69 -6.68
CA ASN A 1906 -0.25 -59.65 -5.61
C ASN A 1906 -0.57 -58.99 -4.28
N PHE A 1907 -1.85 -59.05 -3.91
CA PHE A 1907 -2.35 -58.40 -2.72
C PHE A 1907 -2.67 -59.43 -1.64
N GLU A 1908 -2.51 -59.01 -0.38
CA GLU A 1908 -2.76 -59.88 0.76
C GLU A 1908 -2.96 -59.01 2.00
N GLY A 1909 -3.11 -59.65 3.16
CA GLY A 1909 -3.29 -58.94 4.41
C GLY A 1909 -2.62 -59.69 5.54
N VAL A 1910 -2.61 -59.06 6.71
CA VAL A 1910 -1.97 -59.63 7.89
C VAL A 1910 -2.93 -59.58 9.07
N ARG A 1911 -2.45 -60.01 10.24
CA ARG A 1911 -3.27 -60.04 11.45
C ARG A 1911 -3.44 -58.63 12.01
N ILE A 1912 -4.05 -58.52 13.18
CA ILE A 1912 -4.39 -57.23 13.78
C ILE A 1912 -3.73 -57.13 15.15
N SER A 1913 -3.84 -55.94 15.74
CA SER A 1913 -3.36 -55.68 17.10
C SER A 1913 -4.41 -54.77 17.75
N LEU A 1914 -5.23 -55.35 18.63
CA LEU A 1914 -6.32 -54.61 19.24
C LEU A 1914 -5.79 -53.55 20.19
N SER A 1915 -6.26 -52.31 20.05
CA SER A 1915 -5.93 -51.24 20.97
C SER A 1915 -6.78 -51.41 22.24
N ASN A 1916 -6.70 -50.44 23.15
CA ASN A 1916 -7.32 -50.55 24.47
C ASN A 1916 -6.90 -51.86 25.13
N VAL A 1917 -5.59 -51.92 25.41
CA VAL A 1917 -4.91 -53.17 25.68
C VAL A 1917 -5.51 -53.92 26.87
N MET A 1918 -6.12 -55.06 26.60
CA MET A 1918 -6.57 -55.98 27.63
C MET A 1918 -6.33 -57.43 27.24
N VAL A 1919 -5.71 -57.69 26.09
CA VAL A 1919 -5.51 -59.06 25.62
C VAL A 1919 -4.20 -59.67 26.11
N ASP A 1920 -3.23 -58.86 26.53
CA ASP A 1920 -1.98 -59.40 27.04
C ASP A 1920 -2.20 -60.18 28.32
N GLY A 1921 -3.25 -59.86 29.07
CA GLY A 1921 -3.60 -60.60 30.27
C GLY A 1921 -4.34 -61.90 30.03
N VAL A 1922 -4.84 -62.12 28.81
CA VAL A 1922 -5.56 -63.32 28.46
C VAL A 1922 -4.90 -64.09 27.31
N GLN A 1923 -3.69 -63.70 26.92
CA GLN A 1923 -2.97 -64.39 25.86
C GLN A 1923 -2.11 -65.53 26.38
N LEU A 1924 -1.40 -65.31 27.49
CA LEU A 1924 -0.54 -66.33 28.08
C LEU A 1924 -1.29 -67.42 28.86
N PRO A 1925 -2.41 -67.14 29.54
CA PRO A 1925 -3.11 -68.22 30.27
C PRO A 1925 -3.45 -69.41 29.38
N PRO A 1926 -3.81 -69.21 28.09
CA PRO A 1926 -3.90 -70.38 27.21
C PRO A 1926 -2.54 -71.03 27.01
N GLN A 1927 -2.37 -72.25 27.52
CA GLN A 1927 -1.12 -72.96 27.40
C GLN A 1927 -1.32 -74.47 27.50
N ASP A 1932 -7.99 -70.95 28.73
CA ASP A 1932 -7.49 -71.33 27.42
C ASP A 1932 -8.33 -70.68 26.31
N ILE A 1933 -8.15 -71.18 25.08
CA ILE A 1933 -8.87 -70.61 23.95
C ILE A 1933 -10.37 -70.84 24.09
N GLY A 1934 -10.77 -71.98 24.68
CA GLY A 1934 -12.19 -72.19 24.93
C GLY A 1934 -12.75 -71.19 25.91
N GLU A 1935 -11.97 -70.83 26.93
CA GLU A 1935 -12.40 -69.79 27.86
C GLU A 1935 -12.52 -68.45 27.14
N LEU A 1936 -11.62 -68.17 26.19
CA LEU A 1936 -11.71 -66.93 25.42
C LEU A 1936 -12.98 -66.92 24.56
N PHE A 1937 -13.30 -68.05 23.94
CA PHE A 1937 -14.52 -68.14 23.14
C PHE A 1937 -15.75 -67.97 24.01
N GLY A 1938 -15.76 -68.58 25.20
CA GLY A 1938 -16.86 -68.40 26.11
C GLY A 1938 -17.01 -66.96 26.57
N LEU A 1939 -15.89 -66.27 26.79
CA LEU A 1939 -15.93 -64.86 27.12
C LEU A 1939 -16.53 -64.06 25.97
N LYS A 1940 -16.15 -64.41 24.73
CA LYS A 1940 -16.77 -63.79 23.57
C LYS A 1940 -18.17 -64.32 23.30
N ALA A 1941 -18.64 -65.30 24.06
CA ALA A 1941 -19.98 -65.84 23.89
C ALA A 1941 -20.94 -65.20 24.88
N GLY A 1947 -24.28 -58.29 32.08
CA GLY A 1947 -24.63 -57.59 30.87
C GLY A 1947 -23.62 -57.76 29.75
N LEU A 1948 -23.87 -57.09 28.63
CA LEU A 1948 -22.98 -57.20 27.49
C LEU A 1948 -21.75 -56.31 27.68
N VAL A 1949 -20.63 -56.77 27.16
CA VAL A 1949 -19.37 -56.02 27.22
C VAL A 1949 -18.96 -55.68 25.79
N VAL A 1950 -19.96 -55.40 24.94
CA VAL A 1950 -19.72 -55.12 23.53
C VAL A 1950 -19.29 -53.68 23.36
N GLN A 1951 -17.98 -53.44 23.40
CA GLN A 1951 -17.42 -52.11 23.26
C GLN A 1951 -16.90 -51.92 21.83
N ILE A 1952 -16.15 -50.84 21.62
CA ILE A 1952 -15.58 -50.58 20.30
C ILE A 1952 -14.45 -51.58 20.01
N ASP A 1953 -14.06 -51.64 18.75
CA ASP A 1953 -13.02 -52.54 18.28
C ASP A 1953 -12.01 -51.78 17.45
N HIS A 1954 -10.75 -52.20 17.53
CA HIS A 1954 -9.65 -51.54 16.84
C HIS A 1954 -8.96 -52.57 15.94
N VAL A 1955 -8.93 -52.30 14.64
CA VAL A 1955 -8.38 -53.20 13.66
C VAL A 1955 -7.08 -52.61 13.12
N ARG A 1956 -6.06 -53.45 12.99
CA ARG A 1956 -4.77 -53.04 12.46
C ARG A 1956 -4.40 -53.94 11.28
N MET A 1957 -4.00 -53.32 10.18
CA MET A 1957 -3.64 -54.08 8.98
C MET A 1957 -2.38 -53.48 8.37
N SER A 1958 -1.49 -54.35 7.89
CA SER A 1958 -0.27 -53.95 7.19
C SER A 1958 -0.22 -54.75 5.89
N THR A 1959 -0.84 -54.22 4.85
CA THR A 1959 -0.99 -54.92 3.58
C THR A 1959 0.13 -54.47 2.65
N LYS A 1960 1.06 -55.36 2.36
CA LYS A 1960 2.22 -55.07 1.53
C LYS A 1960 2.08 -55.76 0.17
N PHE A 1961 2.36 -55.02 -0.89
CA PHE A 1961 2.28 -55.52 -2.26
C PHE A 1961 3.54 -55.14 -3.00
N LYS A 1962 3.68 -55.71 -4.20
CA LYS A 1962 4.90 -55.57 -5.01
C LYS A 1962 4.56 -55.01 -6.37
N LEU A 1963 3.78 -53.92 -6.40
CA LEU A 1963 3.34 -53.29 -7.64
C LEU A 1963 4.52 -53.01 -8.57
N LYS A 1964 4.52 -53.64 -9.74
CA LYS A 1964 5.55 -53.47 -10.75
C LYS A 1964 5.10 -52.45 -11.79
N ARG A 1965 5.85 -52.36 -12.88
CA ARG A 1965 5.52 -51.46 -13.97
C ARG A 1965 5.77 -52.18 -15.30
N LYS A 1966 5.40 -51.51 -16.39
CA LYS A 1966 5.61 -52.09 -17.71
C LYS A 1966 7.08 -52.03 -18.11
N MET A 1967 7.73 -50.88 -17.91
CA MET A 1967 9.15 -50.76 -18.18
C MET A 1967 9.95 -51.54 -17.13
N VAL A 1968 11.27 -51.53 -17.30
CA VAL A 1968 12.15 -52.26 -16.40
C VAL A 1968 12.25 -51.51 -15.08
N TYR A 1969 11.48 -51.96 -14.08
CA TYR A 1969 11.43 -51.32 -12.77
C TYR A 1969 10.65 -52.22 -11.83
N SER A 1970 10.64 -51.85 -10.56
CA SER A 1970 9.91 -52.58 -9.53
C SER A 1970 9.62 -51.63 -8.39
N PHE A 1971 8.72 -52.06 -7.50
CA PHE A 1971 8.33 -51.24 -6.37
C PHE A 1971 7.63 -52.12 -5.34
N SER A 1972 7.82 -51.79 -4.06
CA SER A 1972 7.19 -52.49 -2.94
C SER A 1972 6.49 -51.47 -2.08
N LEU A 1973 5.16 -51.56 -1.99
CA LEU A 1973 4.35 -50.57 -1.29
C LEU A 1973 3.50 -51.27 -0.24
N GLU A 1974 3.58 -50.80 0.99
CA GLU A 1974 2.78 -51.35 2.09
C GLU A 1974 1.90 -50.25 2.67
N CYS A 1975 0.66 -50.59 2.99
CA CYS A 1975 -0.31 -49.66 3.53
C CYS A 1975 -0.72 -50.13 4.92
N ILE A 1976 -0.69 -49.21 5.88
CA ILE A 1976 -1.16 -49.49 7.24
C ILE A 1976 -2.57 -48.91 7.39
N MET A 1977 -3.45 -49.72 7.96
CA MET A 1977 -4.86 -49.38 8.13
C MET A 1977 -5.21 -49.51 9.61
N ASP A 1978 -5.66 -48.42 10.22
CA ASP A 1978 -6.14 -48.40 11.59
C ASP A 1978 -7.63 -48.09 11.55
N VAL A 1979 -8.45 -49.09 11.86
CA VAL A 1979 -9.90 -49.02 11.71
C VAL A 1979 -10.54 -48.96 13.09
N GLY A 1980 -11.30 -47.90 13.33
CA GLY A 1980 -12.12 -47.80 14.53
C GLY A 1980 -13.55 -48.24 14.26
N GLU A 1981 -13.87 -49.49 14.62
CA GLU A 1981 -15.17 -50.07 14.38
C GLU A 1981 -15.88 -50.33 15.70
N ILE A 1982 -17.07 -50.92 15.62
CA ILE A 1982 -17.85 -51.30 16.79
C ILE A 1982 -18.09 -52.80 16.75
N GLN A 1983 -17.78 -53.48 17.84
CA GLN A 1983 -18.02 -54.92 17.91
C GLN A 1983 -19.51 -55.22 17.74
N ASN A 1984 -19.79 -56.38 17.16
CA ASN A 1984 -21.16 -56.81 16.89
C ASN A 1984 -21.57 -57.88 17.91
N LYS A 1985 -22.88 -58.01 18.09
CA LYS A 1985 -23.40 -59.04 18.97
C LYS A 1985 -23.18 -60.42 18.37
N GLU A 1986 -23.79 -60.68 17.20
CA GLU A 1986 -23.68 -62.00 16.59
C GLU A 1986 -23.44 -62.02 15.09
N VAL A 1987 -23.82 -60.99 14.33
CA VAL A 1987 -23.95 -61.20 12.90
C VAL A 1987 -22.62 -61.00 12.15
N ILE A 1988 -22.15 -59.76 12.02
CA ILE A 1988 -20.86 -59.56 11.37
C ILE A 1988 -19.95 -58.61 12.16
N LEU A 1989 -20.32 -57.34 12.19
CA LEU A 1989 -19.47 -56.26 12.70
C LEU A 1989 -20.23 -54.94 12.51
N LYS A 1990 -19.64 -53.87 13.04
CA LYS A 1990 -20.13 -52.52 12.82
C LYS A 1990 -18.93 -51.57 12.82
N VAL A 1991 -18.92 -50.64 11.87
CA VAL A 1991 -17.76 -49.76 11.69
C VAL A 1991 -18.19 -48.31 11.84
N VAL A 1992 -17.28 -47.49 12.36
CA VAL A 1992 -17.50 -46.06 12.51
C VAL A 1992 -16.56 -45.30 11.58
N ALA A 1993 -15.25 -45.48 11.76
CA ALA A 1993 -14.29 -44.71 10.98
C ALA A 1993 -13.10 -45.59 10.61
N VAL A 1994 -12.41 -45.19 9.55
CA VAL A 1994 -11.21 -45.87 9.08
C VAL A 1994 -10.13 -44.82 8.84
N ASP A 1995 -8.91 -45.30 8.57
CA ASP A 1995 -7.79 -44.44 8.25
C ASP A 1995 -6.74 -45.24 7.52
N GLN A 1996 -6.07 -44.60 6.56
CA GLN A 1996 -5.09 -45.25 5.70
C GLN A 1996 -3.80 -44.46 5.70
N SER A 1997 -2.69 -45.18 5.59
CA SER A 1997 -1.38 -44.52 5.43
C SER A 1997 -0.51 -45.44 4.58
N VAL A 1998 -0.24 -45.00 3.34
CA VAL A 1998 0.62 -45.76 2.44
C VAL A 1998 2.07 -45.54 2.86
N SER A 1999 2.98 -46.35 2.32
CA SER A 1999 4.41 -46.21 2.55
C SER A 1999 5.12 -47.20 1.64
N GLY A 2000 6.44 -47.09 1.60
CA GLY A 2000 7.27 -48.00 0.82
C GLY A 2000 7.87 -47.32 -0.39
N SER A 2001 8.61 -48.12 -1.15
CA SER A 2001 9.34 -47.63 -2.32
C SER A 2001 8.44 -47.78 -3.54
N GLY A 2002 8.12 -46.66 -4.17
CA GLY A 2002 7.27 -46.70 -5.36
C GLY A 2002 7.10 -45.34 -6.01
N GLY A 2003 6.95 -45.33 -7.33
CA GLY A 2003 6.72 -44.10 -8.06
C GLY A 2003 5.31 -43.59 -7.86
N ASN A 2004 5.06 -42.40 -8.41
CA ASN A 2004 3.74 -41.79 -8.28
C ASN A 2004 2.66 -42.63 -8.94
N HIS A 2005 2.95 -43.17 -10.14
CA HIS A 2005 1.97 -44.02 -10.81
C HIS A 2005 1.73 -45.30 -10.04
N MET A 2006 2.78 -45.86 -9.43
CA MET A 2006 2.62 -47.09 -8.65
C MET A 2006 1.70 -46.88 -7.46
N LEU A 2007 1.95 -45.84 -6.67
CA LEU A 2007 1.10 -45.56 -5.52
C LEU A 2007 -0.30 -45.16 -5.96
N LEU A 2008 -0.43 -44.48 -7.10
CA LEU A 2008 -1.75 -44.14 -7.62
C LEU A 2008 -2.55 -45.40 -7.94
N ASP A 2009 -1.93 -46.34 -8.66
CA ASP A 2009 -2.60 -47.61 -8.96
C ASP A 2009 -2.93 -48.36 -7.68
N GLY A 2010 -2.02 -48.35 -6.71
CA GLY A 2010 -2.27 -49.07 -5.46
C GLY A 2010 -3.44 -48.49 -4.68
N VAL A 2011 -3.51 -47.16 -4.60
CA VAL A 2011 -4.60 -46.53 -3.86
C VAL A 2011 -5.90 -46.63 -4.65
N SER A 2012 -5.82 -46.79 -5.97
CA SER A 2012 -7.03 -47.00 -6.76
C SER A 2012 -7.57 -48.41 -6.58
N VAL A 2013 -6.68 -49.41 -6.52
CA VAL A 2013 -7.15 -50.78 -6.40
C VAL A 2013 -7.55 -51.11 -4.97
N VAL A 2014 -6.90 -50.49 -3.97
CA VAL A 2014 -7.28 -50.76 -2.58
C VAL A 2014 -8.64 -50.15 -2.26
N ALA A 2015 -9.07 -49.14 -3.02
CA ALA A 2015 -10.40 -48.58 -2.86
C ALA A 2015 -11.44 -49.27 -3.73
N SER A 2016 -11.01 -50.13 -4.65
CA SER A 2016 -11.92 -50.85 -5.56
C SER A 2016 -11.54 -52.33 -5.62
N LEU A 2017 -11.32 -52.92 -4.46
CA LEU A 2017 -10.91 -54.31 -4.35
C LEU A 2017 -12.06 -55.16 -3.82
N PRO A 2018 -11.98 -56.50 -3.97
CA PRO A 2018 -12.94 -57.38 -3.30
C PRO A 2018 -12.91 -57.31 -1.78
N LEU A 2019 -12.17 -56.35 -1.23
CA LEU A 2019 -12.07 -56.18 0.22
C LEU A 2019 -13.39 -55.62 0.75
N PHE A 2020 -13.35 -55.15 2.00
CA PHE A 2020 -14.51 -54.75 2.81
C PHE A 2020 -15.62 -54.12 1.99
N THR A 2021 -15.28 -53.24 1.04
CA THR A 2021 -16.30 -52.73 0.13
C THR A 2021 -16.75 -53.85 -0.80
N GLY A 2022 -17.81 -54.55 -0.43
CA GLY A 2022 -18.28 -55.69 -1.18
C GLY A 2022 -18.42 -56.93 -0.32
N GLN A 2023 -18.04 -58.10 -0.85
CA GLN A 2023 -18.09 -59.33 -0.08
C GLN A 2023 -17.03 -59.40 1.01
N ALA A 2024 -16.03 -58.52 0.94
CA ALA A 2024 -15.00 -58.32 1.97
C ALA A 2024 -13.99 -59.46 2.02
N SER A 2025 -14.25 -60.55 1.29
CA SER A 2025 -13.36 -61.70 1.20
C SER A 2025 -12.69 -62.01 2.54
N PHE A 2026 -13.50 -62.01 3.60
CA PHE A 2026 -12.99 -62.08 4.96
C PHE A 2026 -12.81 -63.54 5.35
N ASP A 2027 -11.55 -63.95 5.54
CA ASP A 2027 -11.22 -65.30 6.00
C ASP A 2027 -10.92 -65.25 7.50
N LEU A 2028 -11.99 -65.25 8.30
CA LEU A 2028 -11.82 -65.17 9.74
C LEU A 2028 -11.45 -66.53 10.32
N ALA A 2029 -12.36 -67.50 10.20
CA ALA A 2029 -12.11 -68.91 10.56
C ALA A 2029 -11.47 -69.07 11.94
N ALA A 2030 -11.65 -68.08 12.83
CA ALA A 2030 -10.99 -68.06 14.14
C ALA A 2030 -9.48 -68.22 14.01
N MET A 2031 -8.91 -67.73 12.91
CA MET A 2031 -7.49 -67.86 12.62
C MET A 2031 -6.69 -66.63 13.02
N LEU A 2032 -7.16 -65.44 12.64
CA LEU A 2032 -6.46 -64.22 13.02
C LEU A 2032 -6.46 -64.02 14.53
N ILE A 2033 -7.58 -64.38 15.18
CA ILE A 2033 -7.63 -64.31 16.64
C ILE A 2033 -6.69 -65.35 17.24
N GLU A 2034 -6.60 -66.53 16.63
CA GLU A 2034 -5.67 -67.56 17.10
C GLU A 2034 -4.22 -67.09 16.99
N SER A 2035 -3.93 -66.19 16.05
CA SER A 2035 -2.60 -65.61 15.97
C SER A 2035 -2.41 -64.51 16.99
N ASN A 2036 -3.41 -63.64 17.15
CA ASN A 2036 -3.36 -62.61 18.18
C ASN A 2036 -3.42 -63.24 19.57
N LEU A 2037 -4.52 -63.94 19.87
CA LEU A 2037 -4.61 -64.75 21.08
C LEU A 2037 -3.92 -66.08 20.79
N ALA A 2038 -2.66 -66.19 21.21
CA ALA A 2038 -1.85 -67.35 20.88
C ALA A 2038 -2.52 -68.64 21.36
N GLY A 2039 -2.90 -69.49 20.41
CA GLY A 2039 -3.55 -70.74 20.75
C GLY A 2039 -3.49 -71.71 19.59
N SER A 2040 -3.50 -73.00 19.91
CA SER A 2040 -3.43 -74.06 18.93
C SER A 2040 -4.61 -75.02 19.07
N ASN A 2041 -5.80 -74.47 19.29
CA ASN A 2041 -7.00 -75.26 19.45
C ASN A 2041 -8.19 -74.51 18.85
N ASP A 2042 -9.25 -75.25 18.56
CA ASP A 2042 -10.47 -74.68 17.99
C ASP A 2042 -11.67 -75.21 18.76
N ASN A 2043 -12.76 -74.43 18.72
CA ASN A 2043 -13.99 -74.77 19.42
C ASN A 2043 -15.15 -75.06 18.48
N PHE A 2044 -14.84 -75.40 17.22
CA PHE A 2044 -15.84 -75.77 16.21
C PHE A 2044 -16.82 -74.65 15.92
N LEU A 2045 -16.47 -73.41 16.25
CA LEU A 2045 -17.32 -72.24 15.97
C LEU A 2045 -16.39 -71.12 15.50
N MET A 2046 -16.33 -70.91 14.19
CA MET A 2046 -15.45 -69.88 13.64
C MET A 2046 -15.99 -68.49 13.94
N ARG A 2047 -17.28 -68.27 13.69
CA ARG A 2047 -17.94 -66.97 13.88
C ARG A 2047 -17.23 -65.88 13.08
N ASN A 2048 -17.27 -66.03 11.77
CA ASN A 2048 -16.61 -65.09 10.87
C ASN A 2048 -17.27 -63.72 10.95
N VAL A 2049 -16.50 -62.68 10.63
CA VAL A 2049 -16.95 -61.30 10.67
C VAL A 2049 -16.80 -60.69 9.29
N THR A 2050 -17.32 -59.47 9.15
CA THR A 2050 -17.29 -58.76 7.87
C THR A 2050 -17.31 -57.27 8.15
N LEU A 2051 -16.32 -56.56 7.61
CA LEU A 2051 -16.23 -55.12 7.82
C LEU A 2051 -17.21 -54.37 6.92
N ASP A 2052 -17.62 -53.20 7.40
CA ASP A 2052 -18.57 -52.33 6.70
C ASP A 2052 -18.03 -50.92 6.61
N LEU A 2053 -16.78 -50.80 6.16
CA LEU A 2053 -16.10 -49.51 6.12
C LEU A 2053 -16.87 -48.50 5.26
N GLY A 2054 -16.69 -47.22 5.58
CA GLY A 2054 -17.49 -46.19 4.94
C GLY A 2054 -17.18 -46.02 3.47
N GLY A 2055 -15.89 -45.87 3.13
CA GLY A 2055 -15.53 -45.65 1.75
C GLY A 2055 -14.76 -44.37 1.51
N PHE A 2056 -14.02 -43.91 2.52
CA PHE A 2056 -13.21 -42.70 2.39
C PHE A 2056 -12.22 -42.84 1.24
N SER A 2057 -11.70 -41.69 0.78
CA SER A 2057 -10.80 -41.62 -0.37
C SER A 2057 -9.46 -41.04 0.08
N PRO A 2058 -8.57 -41.86 0.63
CA PRO A 2058 -7.23 -41.38 1.04
C PRO A 2058 -6.23 -41.45 -0.10
N GLU A 2059 -6.41 -40.58 -1.10
CA GLU A 2059 -5.59 -40.55 -2.30
C GLU A 2059 -5.02 -39.16 -2.52
N LEU A 2060 -4.45 -38.58 -1.45
CA LEU A 2060 -3.98 -37.21 -1.47
C LEU A 2060 -2.46 -37.10 -1.56
N SER A 2061 -1.78 -38.17 -1.99
CA SER A 2061 -0.33 -38.10 -2.15
C SER A 2061 0.06 -37.73 -3.57
N ASP A 2062 -0.27 -38.59 -4.53
CA ASP A 2062 -0.09 -38.35 -5.97
C ASP A 2062 1.24 -37.69 -6.34
N LYS A 2063 2.32 -38.01 -5.62
CA LYS A 2063 3.63 -37.46 -5.91
C LYS A 2063 4.69 -38.52 -5.64
N TYR A 2064 5.95 -38.15 -5.80
CA TYR A 2064 7.06 -39.04 -5.52
C TYR A 2064 7.22 -39.35 -4.04
N SER A 2065 6.55 -38.61 -3.17
CA SER A 2065 6.72 -38.79 -1.73
C SER A 2065 6.34 -40.20 -1.31
N TYR A 2066 7.13 -40.77 -0.41
CA TYR A 2066 6.93 -42.13 0.08
C TYR A 2066 5.86 -42.21 1.16
N ARG A 2067 5.00 -41.19 1.26
CA ARG A 2067 3.86 -41.17 2.18
C ARG A 2067 4.33 -41.28 3.64
N LEU A 2068 5.04 -40.24 4.07
CA LEU A 2068 5.31 -39.92 5.48
C LEU A 2068 6.12 -40.99 6.22
N SER A 2069 6.54 -42.04 5.53
CA SER A 2069 7.37 -43.06 6.15
C SER A 2069 7.96 -43.96 5.07
N GLY A 2070 9.12 -44.53 5.36
CA GLY A 2070 9.76 -45.46 4.45
C GLY A 2070 11.21 -45.69 4.80
N PRO A 2071 11.65 -46.95 4.72
CA PRO A 2071 13.06 -47.25 5.02
C PRO A 2071 14.02 -46.86 3.91
N GLU A 2072 13.53 -46.66 2.69
CA GLU A 2072 14.35 -46.28 1.55
C GLU A 2072 13.87 -44.94 1.02
N ASN A 2073 14.78 -43.97 0.93
CA ASN A 2073 14.40 -42.62 0.53
C ASN A 2073 15.62 -41.90 -0.02
N GLN A 2074 15.38 -41.00 -0.97
CA GLN A 2074 16.39 -40.12 -1.55
C GLN A 2074 17.52 -40.92 -2.19
N GLU A 2075 17.15 -41.71 -3.20
CA GLU A 2075 18.10 -42.49 -3.97
C GLU A 2075 17.65 -42.51 -5.42
N ASP A 2076 18.43 -43.21 -6.26
CA ASP A 2076 18.15 -43.38 -7.68
C ASP A 2076 18.03 -42.05 -8.39
N PRO A 2077 19.14 -41.30 -8.55
CA PRO A 2077 19.05 -40.02 -9.25
C PRO A 2077 19.16 -40.16 -10.76
N LEU A 2078 18.23 -39.52 -11.48
CA LEU A 2078 18.25 -39.53 -12.94
C LEU A 2078 19.02 -38.32 -13.45
N VAL A 2079 19.97 -38.57 -14.35
CA VAL A 2079 20.81 -37.51 -14.89
C VAL A 2079 20.68 -37.46 -16.41
N LEU A 2080 21.41 -36.55 -17.05
CA LEU A 2080 21.38 -36.40 -18.49
C LEU A 2080 22.75 -35.93 -18.96
N LYS A 2081 23.33 -36.65 -19.91
CA LYS A 2081 24.65 -36.32 -20.43
C LYS A 2081 24.62 -35.96 -21.91
N ASP A 2082 24.03 -36.80 -22.74
CA ASP A 2082 23.99 -36.55 -24.18
C ASP A 2082 22.56 -36.62 -24.70
N GLY A 2083 21.64 -35.97 -24.01
CA GLY A 2083 20.24 -36.08 -24.36
C GLY A 2083 19.66 -37.46 -24.14
N ALA A 2084 20.33 -38.30 -23.36
CA ALA A 2084 19.91 -39.67 -23.10
C ALA A 2084 19.77 -39.86 -21.60
N PHE A 2085 18.61 -40.34 -21.17
CA PHE A 2085 18.34 -40.50 -19.74
C PHE A 2085 19.22 -41.60 -19.17
N TYR A 2086 20.05 -41.24 -18.19
CA TYR A 2086 20.92 -42.18 -17.49
C TYR A 2086 20.38 -42.35 -16.07
N VAL A 2087 19.83 -43.53 -15.78
CA VAL A 2087 19.30 -43.78 -14.45
C VAL A 2087 20.43 -43.98 -13.45
N GLY A 2088 21.42 -44.79 -13.81
CA GLY A 2088 22.58 -45.00 -12.98
C GLY A 2088 23.84 -45.19 -13.80
N GLY A 2089 23.69 -45.10 -15.12
CA GLY A 2089 24.78 -45.33 -16.03
C GLY A 2089 24.32 -46.06 -17.28
N GLU A 2090 23.07 -46.52 -17.27
CA GLU A 2090 22.48 -47.22 -18.40
C GLU A 2090 21.63 -46.24 -19.21
N ARG A 2091 21.83 -46.24 -20.53
CA ARG A 2091 21.10 -45.34 -21.40
C ARG A 2091 19.69 -45.87 -21.64
N LEU A 2092 18.69 -45.03 -21.37
CA LEU A 2092 17.30 -45.41 -21.63
C LEU A 2092 16.94 -45.19 -23.09
N SER A 2093 16.96 -43.93 -23.53
CA SER A 2093 16.59 -43.55 -24.89
C SER A 2093 16.89 -42.08 -25.07
N THR A 2094 16.72 -41.61 -26.31
CA THR A 2094 16.90 -40.21 -26.66
C THR A 2094 15.64 -39.72 -27.36
N TYR A 2095 15.13 -38.57 -26.94
CA TYR A 2095 13.94 -38.00 -27.54
C TYR A 2095 14.33 -36.95 -28.58
N LYS A 2096 13.65 -36.99 -29.72
CA LYS A 2096 14.01 -36.16 -30.85
C LYS A 2096 13.80 -34.68 -30.55
N VAL A 2097 14.76 -33.86 -30.98
CA VAL A 2097 14.70 -32.40 -30.84
C VAL A 2097 15.29 -31.79 -32.10
N GLU A 2098 14.59 -30.84 -32.70
CA GLU A 2098 15.03 -30.14 -33.90
C GLU A 2098 15.51 -28.75 -33.55
N PHE A 2099 16.53 -28.27 -34.27
CA PHE A 2099 17.11 -26.97 -34.00
C PHE A 2099 17.27 -26.14 -35.27
N THR A 2100 17.37 -26.82 -36.41
CA THR A 2100 17.46 -26.16 -37.72
C THR A 2100 18.69 -25.26 -37.85
N GLY A 2101 19.72 -25.53 -37.06
CA GLY A 2101 20.99 -24.84 -37.22
C GLY A 2101 21.07 -23.44 -36.63
N ASP A 2102 20.14 -22.55 -37.02
CA ASP A 2102 20.17 -21.19 -36.50
C ASP A 2102 20.00 -21.19 -34.98
N LEU A 2103 19.12 -22.05 -34.46
CA LEU A 2103 19.00 -22.20 -33.02
C LEU A 2103 20.29 -22.77 -32.42
N VAL A 2104 20.99 -23.63 -33.16
CA VAL A 2104 22.25 -24.18 -32.68
C VAL A 2104 23.28 -23.07 -32.49
N VAL A 2105 23.43 -22.19 -33.49
CA VAL A 2105 24.43 -21.14 -33.37
C VAL A 2105 23.99 -20.09 -32.36
N LYS A 2106 22.68 -19.83 -32.25
CA LYS A 2106 22.21 -18.93 -31.21
C LYS A 2106 22.50 -19.47 -29.81
N ALA A 2107 22.45 -20.79 -29.65
CA ALA A 2107 22.87 -21.40 -28.39
C ALA A 2107 24.38 -21.29 -28.21
N LEU A 2108 25.14 -21.51 -29.29
CA LEU A 2108 26.58 -21.41 -29.21
C LEU A 2108 27.04 -20.00 -28.81
N GLY A 2109 26.27 -18.98 -29.18
CA GLY A 2109 26.67 -17.62 -28.87
C GLY A 2109 26.74 -17.36 -27.38
N ALA A 2110 25.65 -17.66 -26.67
CA ALA A 2110 25.57 -17.39 -25.23
C ALA A 2110 26.11 -18.61 -24.49
N LEU A 2111 27.40 -18.60 -24.19
CA LEU A 2111 28.05 -19.67 -23.45
C LEU A 2111 29.07 -19.05 -22.50
N GLU A 2112 29.89 -19.91 -21.89
CA GLU A 2112 30.80 -19.48 -20.83
C GLU A 2112 32.21 -19.23 -21.33
N ASP A 2113 32.84 -20.24 -21.93
CA ASP A 2113 34.25 -20.12 -22.31
C ASP A 2113 34.47 -20.95 -23.58
N ASP A 2114 35.74 -21.22 -23.88
CA ASP A 2114 36.08 -21.92 -25.12
C ASP A 2114 35.87 -23.42 -24.99
N GLU A 2115 36.39 -24.01 -23.91
CA GLU A 2115 36.32 -25.47 -23.77
C GLU A 2115 34.88 -25.94 -23.61
N SER A 2116 34.01 -25.11 -23.03
CA SER A 2116 32.59 -25.44 -22.99
C SER A 2116 32.02 -25.55 -24.40
N VAL A 2117 32.37 -24.58 -25.27
CA VAL A 2117 31.95 -24.65 -26.67
C VAL A 2117 32.51 -25.91 -27.33
N VAL A 2118 33.77 -26.24 -27.02
CA VAL A 2118 34.38 -27.43 -27.61
C VAL A 2118 33.60 -28.68 -27.22
N SER A 2119 33.29 -28.83 -25.93
CA SER A 2119 32.55 -30.00 -25.48
C SER A 2119 31.16 -30.04 -26.12
N MET A 2120 30.46 -28.90 -26.14
CA MET A 2120 29.09 -28.88 -26.62
C MET A 2120 29.02 -29.11 -28.13
N LEU A 2121 30.05 -28.71 -28.87
CA LEU A 2121 30.07 -28.94 -30.30
C LEU A 2121 30.60 -30.32 -30.66
N HIS A 2122 31.44 -30.91 -29.82
CA HIS A 2122 31.90 -32.27 -30.05
C HIS A 2122 30.83 -33.29 -29.70
N GLN A 2123 29.97 -32.99 -28.74
CA GLN A 2123 28.90 -33.90 -28.36
C GLN A 2123 27.64 -33.68 -29.20
N LEU A 2124 27.70 -32.86 -30.25
CA LEU A 2124 26.51 -32.54 -31.02
C LEU A 2124 26.21 -33.62 -32.06
N TRP A 2125 27.14 -33.85 -32.99
CA TRP A 2125 26.89 -34.85 -34.02
C TRP A 2125 26.70 -36.26 -33.48
N PRO A 2126 27.38 -36.70 -32.41
CA PRO A 2126 26.98 -37.96 -31.78
C PRO A 2126 25.53 -37.97 -31.34
N TYR A 2127 25.01 -36.83 -30.87
CA TYR A 2127 23.58 -36.74 -30.58
C TYR A 2127 22.76 -36.65 -31.85
N LEU A 2128 23.28 -35.98 -32.88
CA LEU A 2128 22.58 -35.93 -34.16
C LEU A 2128 22.47 -37.29 -34.81
N LYS A 2129 23.30 -38.25 -34.39
CA LYS A 2129 23.13 -39.62 -34.85
C LYS A 2129 21.79 -40.19 -34.40
N ALA A 2130 21.32 -39.79 -33.22
CA ALA A 2130 20.01 -40.19 -32.71
C ALA A 2130 18.89 -39.26 -33.17
N THR A 2131 19.13 -38.42 -34.16
CA THR A 2131 18.14 -37.50 -34.68
C THR A 2131 18.27 -37.47 -36.20
N SER A 2132 17.37 -36.76 -36.86
CA SER A 2132 17.40 -36.62 -38.31
C SER A 2132 17.06 -35.16 -38.64
N GLN A 2133 18.10 -34.35 -38.85
CA GLN A 2133 17.89 -32.92 -39.12
C GLN A 2133 19.02 -32.43 -40.00
N VAL A 2134 18.76 -32.33 -41.30
CA VAL A 2134 19.66 -31.69 -42.25
C VAL A 2134 19.11 -30.35 -42.71
N ILE A 2135 18.00 -29.89 -42.10
CA ILE A 2135 17.38 -28.63 -42.48
C ILE A 2135 18.27 -27.45 -42.11
N LEU A 2136 19.26 -27.66 -41.25
CA LEU A 2136 20.20 -26.60 -40.88
C LEU A 2136 20.80 -25.95 -42.12
N PHE A 2137 20.71 -24.62 -42.18
CA PHE A 2137 21.10 -23.87 -43.35
C PHE A 2137 22.59 -24.03 -43.66
N GLN A 2138 22.90 -24.72 -44.75
CA GLN A 2138 24.28 -24.86 -45.21
C GLN A 2138 24.61 -23.73 -46.18
N GLN A 2139 24.69 -22.54 -45.61
CA GLN A 2139 24.87 -21.30 -46.37
C GLN A 2139 25.66 -20.33 -45.50
N GLU A 2140 25.57 -19.04 -45.81
CA GLU A 2140 26.30 -18.02 -45.06
C GLU A 2140 26.13 -18.15 -43.56
N ASP A 2141 25.03 -18.76 -43.11
CA ASP A 2141 24.88 -19.07 -41.69
C ASP A 2141 26.03 -19.96 -41.20
N PHE A 2142 26.42 -20.94 -42.01
CA PHE A 2142 27.55 -21.79 -41.64
C PHE A 2142 28.85 -20.99 -41.63
N THR A 2143 28.99 -20.01 -42.53
CA THR A 2143 30.16 -19.14 -42.48
C THR A 2143 30.16 -18.28 -41.21
N ILE A 2144 28.98 -17.95 -40.68
CA ILE A 2144 28.91 -17.25 -39.42
C ILE A 2144 29.31 -18.17 -38.27
N VAL A 2145 28.83 -19.41 -38.29
CA VAL A 2145 29.23 -20.39 -37.28
C VAL A 2145 30.74 -20.64 -37.35
N HIS A 2146 31.34 -20.46 -38.52
CA HIS A 2146 32.79 -20.63 -38.68
C HIS A 2146 33.60 -19.72 -37.77
N ASP A 2147 32.98 -18.76 -37.09
CA ASP A 2147 33.71 -17.93 -36.14
C ASP A 2147 34.34 -18.76 -35.04
N LEU A 2148 33.74 -19.91 -34.72
CA LEU A 2148 34.29 -20.85 -33.75
C LEU A 2148 35.07 -21.91 -34.54
N TYR A 2149 36.37 -21.71 -34.67
CA TYR A 2149 37.19 -22.61 -35.47
C TYR A 2149 37.41 -23.92 -34.74
N LYS A 2150 36.51 -24.89 -34.97
CA LYS A 2150 36.53 -26.19 -34.32
C LYS A 2150 36.53 -27.30 -35.38
N LYS A 2151 37.44 -27.17 -36.35
CA LYS A 2151 37.49 -28.12 -37.47
C LYS A 2151 37.70 -29.55 -36.98
N GLN A 2152 38.41 -29.73 -35.87
CA GLN A 2152 38.59 -31.08 -35.33
C GLN A 2152 37.26 -31.69 -34.91
N LEU A 2153 36.37 -30.86 -34.37
CA LEU A 2153 35.11 -31.37 -33.83
C LEU A 2153 34.19 -31.88 -34.94
N THR A 2154 34.06 -31.10 -36.02
CA THR A 2154 33.23 -31.52 -37.15
C THR A 2154 33.88 -32.63 -37.96
N LYS A 2155 35.18 -32.84 -37.82
CA LYS A 2155 35.88 -33.92 -38.49
C LYS A 2155 36.12 -35.11 -37.58
N SER A 2156 35.54 -35.11 -36.38
CA SER A 2156 35.69 -36.22 -35.44
C SER A 2156 34.60 -37.27 -35.61
N ILE A 2157 33.37 -36.84 -35.90
CA ILE A 2157 32.28 -37.81 -36.08
C ILE A 2157 32.39 -38.49 -37.44
N GLU A 2158 33.02 -37.84 -38.42
CA GLU A 2158 33.18 -38.39 -39.76
C GLU A 2158 31.85 -38.79 -40.38
N LEU B 33 -27.97 -46.01 -20.19
CA LEU B 33 -29.26 -46.62 -19.90
C LEU B 33 -30.40 -45.75 -20.38
N TYR B 34 -31.49 -46.37 -20.81
CA TYR B 34 -32.67 -45.64 -21.28
C TYR B 34 -33.47 -45.16 -20.07
N GLY B 35 -34.70 -44.71 -20.32
CA GLY B 35 -35.55 -44.22 -19.26
C GLY B 35 -36.08 -45.29 -18.33
N ARG B 36 -37.23 -45.02 -17.71
CA ARG B 36 -37.83 -45.92 -16.72
C ARG B 36 -38.96 -46.75 -17.31
N TYR B 37 -38.86 -47.12 -18.59
CA TYR B 37 -39.90 -47.86 -19.29
C TYR B 37 -41.22 -47.09 -19.27
N ASN B 38 -41.14 -45.81 -19.61
CA ASN B 38 -42.31 -44.94 -19.69
C ASN B 38 -42.33 -44.25 -21.05
N CYS B 39 -43.53 -43.85 -21.47
CA CYS B 39 -43.66 -43.21 -22.77
C CYS B 39 -42.98 -41.84 -22.81
N LYS B 40 -42.94 -41.15 -21.66
CA LYS B 40 -42.32 -39.83 -21.51
C LYS B 40 -43.10 -38.78 -22.28
N CYS B 41 -44.12 -39.20 -23.02
CA CYS B 41 -44.97 -38.29 -23.78
C CYS B 41 -46.33 -38.13 -23.12
N CYS B 42 -46.99 -39.25 -22.81
CA CYS B 42 -48.25 -39.24 -22.08
C CYS B 42 -48.05 -39.52 -20.59
N TRP B 43 -46.85 -39.95 -20.21
CA TRP B 43 -46.42 -40.23 -18.84
C TRP B 43 -47.05 -41.50 -18.27
N PHE B 44 -48.12 -41.98 -18.88
CA PHE B 44 -48.80 -43.19 -18.38
C PHE B 44 -48.80 -44.25 -19.46
N ALA B 45 -47.69 -44.96 -19.63
CA ALA B 45 -47.65 -46.09 -20.55
C ALA B 45 -46.44 -46.95 -20.20
N ASP B 46 -46.70 -48.16 -19.67
CA ASP B 46 -45.65 -49.16 -19.48
C ASP B 46 -46.15 -50.44 -20.14
N THR B 47 -46.02 -50.49 -21.47
CA THR B 47 -46.41 -51.66 -22.26
C THR B 47 -45.94 -51.52 -23.69
N ASN B 48 -45.27 -52.54 -24.21
CA ASN B 48 -44.80 -52.63 -25.60
C ASN B 48 -44.30 -51.27 -26.11
N LEU B 49 -43.33 -50.71 -25.40
CA LEU B 49 -42.80 -49.41 -25.74
C LEU B 49 -41.65 -49.54 -26.75
N ILE B 50 -41.46 -48.49 -27.53
CA ILE B 50 -40.39 -48.41 -28.51
C ILE B 50 -39.49 -47.24 -28.12
N THR B 51 -38.18 -47.46 -28.14
CA THR B 51 -37.23 -46.42 -27.78
C THR B 51 -37.08 -45.44 -28.95
N CYS B 52 -37.14 -44.15 -28.66
CA CYS B 52 -36.97 -43.15 -29.70
C CYS B 52 -35.49 -42.93 -30.03
N ASN B 53 -34.78 -42.27 -29.11
CA ASN B 53 -33.33 -42.15 -29.23
C ASN B 53 -32.60 -42.39 -27.92
N ASP B 54 -33.19 -42.03 -26.78
CA ASP B 54 -32.64 -42.28 -25.46
C ASP B 54 -33.69 -42.66 -24.43
N HIS B 55 -34.97 -42.47 -24.73
CA HIS B 55 -36.09 -42.78 -23.86
C HIS B 55 -36.99 -43.80 -24.55
N TYR B 56 -38.09 -44.13 -23.90
CA TYR B 56 -39.08 -45.03 -24.48
C TYR B 56 -40.27 -44.24 -25.01
N LEU B 57 -41.14 -44.92 -25.75
CA LEU B 57 -42.27 -44.28 -26.41
C LEU B 57 -43.27 -45.35 -26.80
N CYS B 58 -44.55 -45.07 -26.55
CA CYS B 58 -45.60 -46.03 -26.85
C CYS B 58 -45.97 -45.96 -28.33
N LEU B 59 -46.96 -46.76 -28.73
CA LEU B 59 -47.33 -46.87 -30.13
C LEU B 59 -48.14 -45.66 -30.59
N ARG B 60 -49.18 -45.30 -29.82
CA ARG B 60 -50.06 -44.22 -30.26
C ARG B 60 -49.34 -42.87 -30.26
N CYS B 61 -48.52 -42.61 -29.24
CA CYS B 61 -47.76 -41.36 -29.22
C CYS B 61 -46.78 -41.30 -30.37
N HIS B 62 -46.10 -42.42 -30.66
CA HIS B 62 -45.17 -42.48 -31.78
C HIS B 62 -45.89 -42.18 -33.10
N GLN B 63 -47.02 -42.86 -33.34
CA GLN B 63 -47.76 -42.63 -34.56
C GLN B 63 -48.29 -41.21 -34.67
N THR B 64 -48.70 -40.62 -33.54
CA THR B 64 -49.23 -39.25 -33.57
C THR B 64 -48.13 -38.24 -33.88
N MET B 65 -46.98 -38.36 -33.22
CA MET B 65 -45.87 -37.46 -33.50
C MET B 65 -45.19 -37.76 -34.83
N LEU B 66 -45.46 -38.91 -35.44
CA LEU B 66 -44.91 -39.23 -36.75
C LEU B 66 -45.79 -38.77 -37.89
N ARG B 67 -47.11 -38.86 -37.73
CA ARG B 67 -48.02 -38.49 -38.82
C ARG B 67 -48.11 -36.98 -39.03
N ASN B 68 -47.52 -36.18 -38.15
CA ASN B 68 -47.55 -34.73 -38.31
C ASN B 68 -46.18 -34.13 -38.60
N SER B 69 -45.10 -34.77 -38.17
CA SER B 69 -43.76 -34.24 -38.38
C SER B 69 -42.77 -35.39 -38.25
N GLU B 70 -41.51 -35.10 -38.57
CA GLU B 70 -40.44 -36.08 -38.47
C GLU B 70 -39.62 -35.97 -37.18
N LEU B 71 -39.81 -34.89 -36.43
CA LEU B 71 -39.07 -34.70 -35.19
C LEU B 71 -39.80 -35.41 -34.04
N CYS B 72 -39.20 -35.37 -32.85
CA CYS B 72 -39.75 -36.08 -31.71
C CYS B 72 -40.53 -35.19 -30.76
N HIS B 73 -40.17 -33.91 -30.65
CA HIS B 73 -40.80 -32.95 -29.74
C HIS B 73 -40.62 -33.32 -28.28
N ILE B 74 -39.82 -34.35 -27.98
CA ILE B 74 -39.49 -34.72 -26.61
C ILE B 74 -37.98 -34.72 -26.47
N CYS B 75 -37.30 -35.49 -27.31
CA CYS B 75 -35.85 -35.45 -27.40
C CYS B 75 -35.35 -34.61 -28.57
N TRP B 76 -36.26 -34.15 -29.44
CA TRP B 76 -35.93 -33.31 -30.59
C TRP B 76 -34.92 -34.01 -31.50
N LYS B 77 -35.24 -35.24 -31.86
CA LYS B 77 -34.43 -36.07 -32.74
C LYS B 77 -35.36 -36.82 -33.68
N PRO B 78 -34.87 -37.24 -34.85
CA PRO B 78 -35.74 -37.93 -35.80
C PRO B 78 -36.27 -39.23 -35.23
N LEU B 79 -37.55 -39.49 -35.48
CA LEU B 79 -38.21 -40.68 -34.95
C LEU B 79 -37.75 -41.92 -35.71
N PRO B 80 -37.74 -43.08 -35.05
CA PRO B 80 -37.37 -44.32 -35.74
C PRO B 80 -38.43 -44.72 -36.76
N THR B 81 -38.08 -45.73 -37.55
CA THR B 81 -38.99 -46.24 -38.57
C THR B 81 -39.77 -47.44 -38.05
N ASP D 2 -17.66 45.43 30.74
CA ASP D 2 -17.10 44.15 31.13
C ASP D 2 -17.96 43.00 30.62
N GLU D 3 -17.59 42.45 29.46
CA GLU D 3 -18.34 41.39 28.82
C GLU D 3 -17.69 40.02 29.00
N TYR D 4 -16.36 39.95 29.00
CA TYR D 4 -15.65 38.71 29.25
C TYR D 4 -15.13 38.61 30.68
N VAL D 5 -15.32 39.65 31.48
CA VAL D 5 -14.89 39.61 32.88
C VAL D 5 -15.78 38.69 33.69
N GLN D 6 -17.07 38.67 33.40
CA GLN D 6 -18.02 37.92 34.22
C GLN D 6 -18.05 36.43 33.85
N GLU D 7 -17.80 36.09 32.59
CA GLU D 7 -17.91 34.69 32.19
C GLU D 7 -16.80 33.84 32.77
N LEU D 8 -15.66 34.44 33.12
CA LEU D 8 -14.57 33.68 33.73
C LEU D 8 -15.02 33.04 35.03
N LYS D 9 -15.92 33.69 35.76
CA LYS D 9 -16.43 33.14 37.00
C LYS D 9 -17.15 31.82 36.80
N GLY D 10 -17.46 31.46 35.55
CA GLY D 10 -18.06 30.18 35.26
C GLY D 10 -17.11 29.25 34.53
N LEU D 11 -16.05 29.81 33.96
CA LEU D 11 -15.10 29.02 33.19
C LEU D 11 -14.07 28.34 34.06
N ILE D 12 -13.49 29.07 35.02
CA ILE D 12 -12.45 28.50 35.87
C ILE D 12 -13.01 27.47 36.83
N ARG D 13 -14.32 27.52 37.11
CA ARG D 13 -14.93 26.54 38.00
C ARG D 13 -14.79 25.10 37.52
N LYS D 14 -14.42 24.90 36.26
CA LYS D 14 -14.17 23.55 35.73
C LYS D 14 -12.74 23.10 36.08
N HIS D 15 -12.50 23.00 37.39
CA HIS D 15 -11.19 22.58 37.90
C HIS D 15 -11.31 21.94 39.26
N GLU D 21 -3.00 23.16 45.84
CA GLU D 21 -4.32 23.78 45.76
C GLU D 21 -4.23 25.29 45.90
N PHE D 22 -4.48 26.00 44.79
CA PHE D 22 -4.43 27.46 44.77
C PHE D 22 -5.77 28.05 45.22
N GLY D 23 -6.15 27.66 46.46
CA GLY D 23 -7.45 28.10 46.97
C GLY D 23 -7.55 29.59 47.12
N HIS D 24 -6.55 30.22 47.75
CA HIS D 24 -6.59 31.66 47.96
C HIS D 24 -6.56 32.41 46.63
N GLN D 25 -5.71 31.97 45.70
CA GLN D 25 -5.64 32.62 44.40
C GLN D 25 -6.92 32.40 43.61
N LYS D 26 -7.51 31.20 43.71
CA LYS D 26 -8.78 30.95 43.04
C LYS D 26 -9.87 31.87 43.57
N VAL D 27 -9.92 32.04 44.90
CA VAL D 27 -10.94 32.91 45.48
C VAL D 27 -10.73 34.36 45.05
N THR D 28 -9.48 34.85 45.16
CA THR D 28 -9.21 36.22 44.75
C THR D 28 -9.39 36.43 43.26
N PHE D 29 -9.40 35.34 42.47
CA PHE D 29 -9.76 35.46 41.06
C PHE D 29 -11.28 35.48 40.87
N LEU D 30 -12.02 34.74 41.69
CA LEU D 30 -13.47 34.76 41.62
C LEU D 30 -14.09 36.03 42.20
N SER D 31 -13.31 36.86 42.88
CA SER D 31 -13.83 38.05 43.54
C SER D 31 -13.15 39.31 43.02
N GLN D 32 -12.93 39.37 41.71
CA GLN D 32 -12.32 40.54 41.09
C GLN D 32 -12.66 40.60 39.61
N SER D 36 -9.01 46.42 35.39
CA SER D 36 -7.61 46.83 35.41
C SER D 36 -6.64 45.78 36.02
N PRO D 37 -7.01 45.10 37.11
CA PRO D 37 -6.14 44.05 37.64
C PRO D 37 -6.45 42.64 37.12
N LEU D 38 -7.41 42.51 36.20
CA LEU D 38 -7.83 41.19 35.74
C LEU D 38 -6.73 40.50 34.95
N LEU D 39 -6.08 41.22 34.04
CA LEU D 39 -4.99 40.62 33.28
C LEU D 39 -3.84 40.20 34.18
N THR D 40 -3.49 41.04 35.16
CA THR D 40 -2.38 40.72 36.05
C THR D 40 -2.68 39.48 36.88
N GLU D 41 -3.86 39.41 37.49
CA GLU D 41 -4.20 38.24 38.29
C GLU D 41 -4.36 37.00 37.43
N GLY D 42 -4.86 37.15 36.20
CA GLY D 42 -4.97 36.00 35.31
C GLY D 42 -3.61 35.44 34.93
N PHE D 43 -2.67 36.31 34.57
CA PHE D 43 -1.33 35.86 34.25
C PHE D 43 -0.64 35.27 35.47
N LYS D 44 -0.86 35.87 36.65
CA LYS D 44 -0.31 35.32 37.88
C LYS D 44 -0.83 33.92 38.15
N LEU D 45 -2.15 33.71 37.97
CA LEU D 45 -2.73 32.40 38.21
C LEU D 45 -2.21 31.38 37.20
N LEU D 46 -2.07 31.78 35.93
CA LEU D 46 -1.52 30.86 34.93
C LEU D 46 -0.08 30.48 35.28
N SER D 47 0.75 31.46 35.62
CA SER D 47 2.12 31.17 36.01
C SER D 47 2.17 30.27 37.23
N SER D 48 1.30 30.51 38.21
CA SER D 48 1.30 29.70 39.42
C SER D 48 0.90 28.26 39.12
N LEU D 49 -0.14 28.07 38.30
CA LEU D 49 -0.58 26.71 38.00
C LEU D 49 0.48 25.96 37.19
N VAL D 50 1.10 26.62 36.20
CA VAL D 50 2.08 25.91 35.40
C VAL D 50 3.34 25.64 36.21
N GLU D 51 3.71 26.55 37.12
CA GLU D 51 4.84 26.31 38.00
C GLU D 51 4.59 25.14 38.94
N LEU D 52 3.40 25.09 39.54
CA LEU D 52 3.07 23.99 40.42
C LEU D 52 3.06 22.68 39.67
N GLU D 53 2.49 22.65 38.46
CA GLU D 53 2.46 21.41 37.69
C GLU D 53 3.86 20.98 37.27
N SER D 54 4.74 21.96 37.08
CA SER D 54 6.14 21.73 36.62
C SER D 54 7.03 21.14 37.73
N CYS D 55 7.01 21.74 38.93
CA CYS D 55 7.88 21.24 40.04
C CYS D 55 7.21 20.08 40.80
N GLU D 56 5.95 19.76 40.46
CA GLU D 56 5.27 18.60 41.09
C GLU D 56 5.89 17.33 40.49
N ALA D 57 6.44 17.48 39.28
CA ALA D 57 7.14 16.38 38.62
C ALA D 57 8.53 16.14 39.19
N HIS D 58 9.04 17.04 40.03
CA HIS D 58 10.39 16.92 40.57
C HIS D 58 10.41 17.00 42.10
N ALA D 59 9.33 16.62 42.77
CA ALA D 59 9.24 16.63 44.23
C ALA D 59 9.51 18.04 44.79
N CYS D 60 8.56 18.92 44.52
CA CYS D 60 8.65 20.35 44.79
C CYS D 60 7.48 20.86 45.64
N GLN D 61 7.65 22.06 46.18
CA GLN D 61 6.68 22.67 47.07
C GLN D 61 5.83 23.69 46.30
N ALA D 62 5.00 24.41 47.04
CA ALA D 62 4.13 25.42 46.46
C ALA D 62 4.52 26.80 46.98
N ASP D 89 11.58 30.52 44.25
CA ASP D 89 10.34 29.95 43.74
C ASP D 89 9.94 28.73 44.54
N GLY D 90 10.89 27.83 44.79
CA GLY D 90 10.63 26.66 45.61
C GLY D 90 11.79 26.31 46.53
N PHE D 91 11.52 26.28 47.83
CA PHE D 91 12.52 25.93 48.84
C PHE D 91 12.20 24.57 49.44
N LYS D 92 13.25 23.77 49.66
CA LYS D 92 13.13 22.52 50.39
C LYS D 92 14.31 22.44 51.36
N LEU D 93 14.07 22.79 52.62
CA LEU D 93 15.11 22.80 53.64
C LEU D 93 14.97 21.58 54.53
N THR D 94 16.05 20.81 54.65
CA THR D 94 16.08 19.62 55.50
C THR D 94 17.47 19.49 56.10
N GLY D 95 17.57 19.70 57.41
CA GLY D 95 18.85 19.61 58.09
C GLY D 95 19.74 20.82 57.85
N LYS D 96 20.86 20.61 57.19
CA LYS D 96 21.82 21.67 56.87
C LYS D 96 22.07 21.74 55.37
N THR D 97 21.00 21.57 54.58
CA THR D 97 21.10 21.63 53.13
C THR D 97 19.75 22.04 52.58
N LEU D 98 19.74 22.99 51.65
CA LEU D 98 18.51 23.49 51.04
C LEU D 98 18.55 23.24 49.54
N ILE D 99 17.41 22.83 49.00
CA ILE D 99 17.22 22.63 47.57
C ILE D 99 16.37 23.78 47.05
N LEU D 100 16.91 24.54 46.10
CA LEU D 100 16.25 25.70 45.54
C LEU D 100 15.87 25.40 44.09
N LEU D 101 14.58 25.40 43.80
CA LEU D 101 14.06 25.11 42.46
C LEU D 101 13.35 26.34 41.93
N GLU D 102 13.84 26.86 40.81
CA GLU D 102 13.24 27.99 40.13
C GLU D 102 12.78 27.55 38.74
N THR D 103 11.57 27.91 38.36
CA THR D 103 10.99 27.47 37.10
C THR D 103 10.60 28.66 36.25
N PHE D 104 10.41 28.39 34.96
CA PHE D 104 9.97 29.38 34.00
C PHE D 104 9.31 28.67 32.83
N VAL D 105 8.56 29.44 32.04
CA VAL D 105 7.80 28.92 30.90
C VAL D 105 8.04 29.84 29.73
N ARG D 106 8.70 29.32 28.69
CA ARG D 106 8.93 30.05 27.44
C ARG D 106 8.82 29.05 26.30
N VAL D 107 7.86 29.28 25.40
CA VAL D 107 7.63 28.33 24.32
C VAL D 107 8.65 28.48 23.20
N ASN D 108 9.30 29.64 23.08
CA ASN D 108 10.33 29.82 22.07
C ASN D 108 11.66 29.29 22.60
N PRO D 109 12.35 28.42 21.86
CA PRO D 109 13.64 27.90 22.36
C PRO D 109 14.67 28.98 22.59
N ASP D 110 14.61 30.09 21.87
CA ASP D 110 15.55 31.18 22.06
C ASP D 110 15.40 31.78 23.46
N GLU D 111 14.21 32.31 23.77
CA GLU D 111 13.97 32.85 25.10
C GLU D 111 14.02 31.78 26.16
N PHE D 112 13.68 30.53 25.80
CA PHE D 112 13.83 29.42 26.72
C PHE D 112 15.27 29.28 27.19
N GLU D 113 16.21 29.17 26.24
CA GLU D 113 17.62 29.06 26.60
C GLU D 113 18.12 30.32 27.29
N LYS D 114 17.62 31.49 26.87
CA LYS D 114 18.03 32.74 27.51
C LYS D 114 17.68 32.74 29.00
N LYS D 115 16.42 32.46 29.32
CA LYS D 115 16.01 32.42 30.72
C LYS D 115 16.66 31.27 31.47
N TRP D 116 16.91 30.15 30.79
CA TRP D 116 17.60 29.03 31.42
C TRP D 116 18.99 29.46 31.89
N LYS D 117 19.77 30.07 30.99
CA LYS D 117 21.12 30.48 31.34
C LYS D 117 21.12 31.61 32.37
N ALA D 118 20.17 32.55 32.25
CA ALA D 118 20.09 33.63 33.22
C ALA D 118 19.75 33.12 34.61
N ASP D 119 18.82 32.17 34.70
CA ASP D 119 18.46 31.59 35.98
C ASP D 119 19.63 30.80 36.56
N MET D 120 20.32 30.02 35.73
CA MET D 120 21.49 29.29 36.19
C MET D 120 22.54 30.25 36.73
N SER D 121 22.76 31.37 36.04
CA SER D 121 23.78 32.32 36.47
C SER D 121 23.41 32.98 37.79
N LYS D 122 22.17 33.47 37.90
CA LYS D 122 21.78 34.17 39.13
C LYS D 122 21.47 33.22 40.28
N LEU D 123 21.41 31.91 40.03
CA LEU D 123 21.38 30.94 41.13
C LEU D 123 22.76 30.44 41.51
N LEU D 124 23.71 30.44 40.57
CA LEU D 124 25.08 30.04 40.87
C LEU D 124 25.88 31.15 41.52
N ASN D 125 25.51 32.42 41.28
CA ASN D 125 26.19 33.53 41.94
C ASN D 125 25.87 33.63 43.42
N LEU D 126 24.87 32.87 43.91
CA LEU D 126 24.44 32.98 45.30
C LEU D 126 25.14 32.00 46.23
N LYS D 127 25.51 30.81 45.73
CA LYS D 127 26.18 29.84 46.57
C LYS D 127 27.59 30.29 46.94
N HIS D 128 28.19 31.19 46.14
CA HIS D 128 29.48 31.74 46.51
C HIS D 128 29.37 32.57 47.79
N ASP D 129 28.19 33.13 48.05
CA ASP D 129 27.96 33.91 49.26
C ASP D 129 27.35 33.10 50.39
N LEU D 130 26.59 32.04 50.08
CA LEU D 130 26.02 31.21 51.13
C LEU D 130 27.02 30.20 51.70
N GLN D 131 28.08 29.86 50.95
CA GLN D 131 29.02 28.86 51.44
C GLN D 131 29.99 29.42 52.47
N LYS D 132 30.27 30.72 52.41
CA LYS D 132 31.21 31.35 53.33
C LYS D 132 30.68 31.33 54.77
N THR D 136 25.78 24.56 51.68
CA THR D 136 25.63 24.32 50.25
C THR D 136 24.17 24.27 49.84
N LEU D 137 23.91 24.48 48.55
CA LEU D 137 22.55 24.48 48.02
C LEU D 137 22.49 23.55 46.81
N VAL D 138 21.32 22.97 46.61
CA VAL D 138 21.05 22.12 45.45
C VAL D 138 20.25 22.95 44.44
N PRO D 139 20.88 23.43 43.36
CA PRO D 139 20.14 24.27 42.40
C PRO D 139 19.41 23.44 41.35
N ILE D 140 18.14 23.77 41.11
CA ILE D 140 17.37 23.16 40.03
C ILE D 140 16.62 24.25 39.30
N VAL D 141 16.74 24.27 37.97
CA VAL D 141 15.99 25.17 37.12
C VAL D 141 15.09 24.33 36.21
N ASP D 142 13.83 24.72 36.13
CA ASP D 142 12.81 23.95 35.40
C ASP D 142 12.22 24.85 34.31
N GLY D 143 12.70 24.67 33.08
CA GLY D 143 12.13 25.38 31.95
C GLY D 143 11.13 24.53 31.21
N ARG D 144 9.86 24.93 31.23
CA ARG D 144 8.79 24.20 30.56
C ARG D 144 8.57 24.81 29.18
N SER D 145 8.93 24.08 28.14
CA SER D 145 8.83 24.56 26.76
C SER D 145 7.38 24.70 26.30
N ASN D 146 6.41 24.39 27.14
CA ASN D 146 5.01 24.58 26.80
C ASN D 146 4.25 24.91 28.08
N TYR D 147 2.92 24.80 28.03
CA TYR D 147 2.06 25.03 29.18
C TYR D 147 1.33 23.77 29.61
N ASN D 148 1.98 22.61 29.47
CA ASN D 148 1.34 21.34 29.78
C ASN D 148 0.93 21.28 31.26
N ASN D 149 -0.21 20.67 31.52
CA ASN D 149 -0.74 20.52 32.87
C ASN D 149 -1.24 19.11 33.08
N ARG D 150 -1.59 18.82 34.34
CA ARG D 150 -2.18 17.54 34.71
C ARG D 150 -3.30 17.73 35.72
N PHE D 151 -4.02 18.85 35.64
CA PHE D 151 -5.03 19.19 36.62
C PHE D 151 -6.40 18.62 36.28
N VAL D 152 -6.97 18.96 35.12
CA VAL D 152 -8.20 18.29 34.73
C VAL D 152 -8.04 17.57 33.40
N ALA D 153 -8.06 18.32 32.30
CA ALA D 153 -7.54 17.88 31.00
C ALA D 153 -7.52 19.01 30.00
N ASP D 154 -6.33 19.53 29.66
CA ASP D 154 -6.09 20.34 28.46
C ASP D 154 -7.22 21.31 28.11
N TRP D 155 -7.95 21.82 29.11
CA TRP D 155 -9.08 22.70 28.82
C TRP D 155 -8.87 24.10 29.36
N VAL D 156 -8.70 24.28 30.67
CA VAL D 156 -8.36 25.60 31.18
C VAL D 156 -6.84 25.68 31.30
N ILE D 157 -6.15 25.78 30.17
CA ILE D 157 -4.75 26.19 30.14
C ILE D 157 -4.55 27.22 29.04
N GLU D 158 -4.94 26.86 27.81
CA GLU D 158 -4.75 27.72 26.66
C GLU D 158 -5.97 28.58 26.37
N ARG D 159 -7.17 28.08 26.68
CA ARG D 159 -8.37 28.89 26.49
C ARG D 159 -8.34 30.13 27.38
N ILE D 160 -7.87 29.97 28.62
CA ILE D 160 -7.82 31.10 29.55
C ILE D 160 -6.81 32.14 29.07
N ARG D 161 -5.65 31.71 28.59
CA ARG D 161 -4.68 32.66 28.06
C ARG D 161 -5.18 33.34 26.80
N TRP D 162 -5.87 32.58 25.93
CA TRP D 162 -6.42 33.16 24.71
C TRP D 162 -7.46 34.23 25.03
N LEU D 163 -8.39 33.92 25.94
CA LEU D 163 -9.37 34.92 26.31
C LEU D 163 -8.74 36.09 27.05
N LEU D 164 -7.64 35.86 27.77
CA LEU D 164 -6.98 36.97 28.46
C LEU D 164 -6.35 37.93 27.47
N ILE D 165 -5.65 37.41 26.45
CA ILE D 165 -5.10 38.31 25.45
C ILE D 165 -6.22 38.91 24.61
N GLU D 166 -7.37 38.23 24.50
CA GLU D 166 -8.51 38.82 23.83
C GLU D 166 -9.06 40.01 24.63
N ILE D 167 -9.11 39.88 25.95
CA ILE D 167 -9.53 41.00 26.79
C ILE D 167 -8.54 42.15 26.67
N LEU D 168 -7.24 41.83 26.63
CA LEU D 168 -6.23 42.86 26.41
C LEU D 168 -6.46 43.58 25.09
N LYS D 169 -6.79 42.82 24.04
CA LYS D 169 -7.14 43.42 22.75
C LYS D 169 -8.36 44.33 22.89
N ALA D 170 -9.36 43.90 23.65
CA ALA D 170 -10.57 44.71 23.83
C ALA D 170 -10.29 45.94 24.68
N SER D 171 -9.50 45.78 25.75
CA SER D 171 -9.17 46.90 26.63
C SER D 171 -7.68 46.93 26.95
N GLU D 180 -0.44 48.87 27.92
CA GLU D 180 0.95 49.03 27.52
C GLU D 180 1.12 48.81 26.03
N ASP D 181 2.34 49.02 25.54
CA ASP D 181 2.66 48.84 24.13
C ASP D 181 3.65 47.70 23.89
N GLN D 182 4.82 47.75 24.54
CA GLN D 182 5.80 46.68 24.35
C GLN D 182 5.37 45.40 25.06
N GLU D 183 4.74 45.51 26.24
CA GLU D 183 4.29 44.32 26.95
C GLU D 183 3.02 43.75 26.34
N TYR D 184 2.13 44.61 25.85
CA TYR D 184 0.95 44.13 25.16
C TYR D 184 1.30 43.33 23.91
N GLN D 185 2.48 43.59 23.34
CA GLN D 185 2.98 42.80 22.22
C GLN D 185 3.80 41.60 22.68
N ARG D 186 4.50 41.72 23.80
CA ARG D 186 5.22 40.58 24.35
C ARG D 186 4.27 39.46 24.75
N LEU D 187 3.13 39.82 25.34
CA LEU D 187 2.21 38.81 25.85
C LEU D 187 1.65 37.93 24.73
N ILE D 188 1.49 38.48 23.54
CA ILE D 188 0.98 37.70 22.41
C ILE D 188 2.11 37.08 21.59
N HIS D 189 3.24 37.78 21.44
CA HIS D 189 4.37 37.21 20.72
C HIS D 189 4.96 36.02 21.44
N SER D 190 4.81 35.94 22.76
CA SER D 190 5.43 34.88 23.53
C SER D 190 4.78 33.53 23.31
N LEU D 191 3.50 33.49 22.91
CA LEU D 191 2.76 32.22 22.81
C LEU D 191 1.82 32.26 21.60
N SER D 192 2.29 31.77 20.44
CA SER D 192 1.36 31.33 19.41
C SER D 192 1.53 29.85 19.11
N ASN D 193 2.63 29.42 18.48
CA ASN D 193 3.16 28.09 18.72
C ASN D 193 4.65 28.12 19.02
N VAL D 194 5.44 28.41 17.98
CA VAL D 194 6.86 28.77 18.11
C VAL D 194 7.18 29.84 17.07
N LYS D 195 6.32 29.95 16.05
CA LYS D 195 6.69 30.66 14.83
C LYS D 195 5.62 31.66 14.40
N ASN D 196 4.36 31.39 14.76
CA ASN D 196 3.26 32.22 14.30
C ASN D 196 3.38 33.63 14.82
N GLN D 197 3.74 34.58 13.93
CA GLN D 197 3.98 35.97 14.27
C GLN D 197 5.11 36.14 15.29
N SER D 198 6.00 35.16 15.38
CA SER D 198 7.10 35.25 16.34
C SER D 198 8.46 35.03 15.70
N LEU D 199 8.58 34.11 14.75
CA LEU D 199 9.87 33.85 14.11
C LEU D 199 10.21 35.00 13.15
N GLY D 200 11.32 35.68 13.42
CA GLY D 200 11.70 36.85 12.67
C GLY D 200 12.45 36.59 11.37
N LEU D 201 11.74 36.19 10.32
CA LEU D 201 12.33 36.03 9.01
C LEU D 201 12.75 37.40 8.46
N GLU D 202 13.34 37.40 7.26
CA GLU D 202 13.87 38.65 6.72
C GLU D 202 12.78 39.49 6.07
N ASN D 203 11.64 39.62 6.75
CA ASN D 203 10.58 40.53 6.34
C ASN D 203 9.90 41.15 7.55
N LEU D 204 10.57 41.17 8.69
CA LEU D 204 9.99 41.62 9.96
C LEU D 204 10.91 42.67 10.58
N GLU D 205 10.66 43.94 10.23
CA GLU D 205 11.31 45.07 10.87
C GLU D 205 10.32 45.85 11.74
N HIS D 206 9.18 45.25 12.06
CA HIS D 206 8.11 45.93 12.79
C HIS D 206 8.18 45.61 14.27
N LEU D 207 9.27 46.05 14.91
CA LEU D 207 9.41 45.91 16.35
C LEU D 207 9.37 47.26 17.04
N LYS D 208 10.37 48.13 16.81
CA LYS D 208 10.26 49.53 17.20
C LYS D 208 10.76 50.44 16.09
N ARG D 209 11.84 50.03 15.44
CA ARG D 209 12.65 50.90 14.58
C ARG D 209 12.90 52.25 15.25
N ASN D 210 13.54 52.18 16.43
CA ASN D 210 13.79 53.35 17.25
C ASN D 210 15.28 53.61 17.38
N SER D 211 15.61 54.84 17.75
CA SER D 211 16.99 55.28 17.92
C SER D 211 17.30 55.47 19.40
N LEU D 212 18.60 55.41 19.72
CA LEU D 212 19.07 55.52 21.10
C LEU D 212 20.21 56.52 21.21
N ASP D 213 20.23 57.53 20.35
CA ASP D 213 21.26 58.57 20.32
C ASP D 213 22.63 57.99 19.95
N TYR D 214 22.64 56.88 19.23
CA TYR D 214 23.89 56.29 18.75
C TYR D 214 23.84 55.86 17.29
N ASP D 215 22.66 55.60 16.72
CA ASP D 215 22.58 55.11 15.36
C ASP D 215 22.95 56.18 14.34
N GLU D 216 22.64 57.44 14.63
CA GLU D 216 22.95 58.51 13.68
C GLU D 216 24.44 58.68 13.50
N ARG D 217 25.21 58.61 14.60
CA ARG D 217 26.66 58.70 14.50
C ARG D 217 27.23 57.47 13.80
N LEU D 218 26.64 56.30 14.05
CA LEU D 218 27.09 55.08 13.36
C LEU D 218 26.91 55.22 11.86
N ASN D 219 25.72 55.64 11.42
CA ASN D 219 25.47 55.85 10.00
C ASN D 219 26.30 56.98 9.42
N GLU D 220 26.68 57.97 10.25
CA GLU D 220 27.57 59.02 9.79
C GLU D 220 28.98 58.48 9.58
N SER D 221 29.39 57.47 10.35
CA SER D 221 30.70 56.87 10.20
C SER D 221 30.68 55.61 9.35
N LEU D 222 29.54 55.30 8.73
CA LEU D 222 29.44 54.07 7.95
C LEU D 222 28.90 54.32 6.53
N PHE D 223 28.02 55.30 6.38
CA PHE D 223 27.36 55.59 5.10
C PHE D 223 27.45 57.07 4.76
N ILE D 224 28.66 57.63 4.86
CA ILE D 224 28.84 59.05 4.56
C ILE D 224 29.50 59.22 3.19
N GLY D 225 30.30 58.24 2.78
CA GLY D 225 31.00 58.29 1.52
C GLY D 225 30.46 57.40 0.44
N LEU D 226 29.29 56.80 0.63
CA LEU D 226 28.72 55.86 -0.33
C LEU D 226 27.73 56.58 -1.22
N LYS D 227 27.99 56.58 -2.52
CA LYS D 227 27.10 57.15 -3.52
C LYS D 227 26.48 56.13 -4.44
N GLY D 228 27.27 55.19 -4.97
CA GLY D 228 26.76 54.08 -5.75
C GLY D 228 26.12 54.44 -7.07
N ASP D 229 25.91 55.73 -7.36
CA ASP D 229 25.33 56.17 -8.62
C ASP D 229 26.37 56.77 -9.56
N ILE D 230 27.63 56.38 -9.40
CA ILE D 230 28.69 56.95 -10.23
C ILE D 230 28.59 56.40 -11.65
N ARG D 231 28.88 57.26 -12.62
CA ARG D 231 28.84 56.85 -14.02
C ARG D 231 29.98 55.88 -14.32
N GLU D 232 29.97 55.36 -15.55
CA GLU D 232 31.00 54.41 -15.95
C GLU D 232 32.24 55.08 -16.50
N SER D 233 32.08 56.13 -17.31
CA SER D 233 33.23 56.78 -17.93
C SER D 233 34.15 57.39 -16.88
N THR D 234 33.57 57.99 -15.83
CA THR D 234 34.38 58.54 -14.76
C THR D 234 35.16 57.46 -14.02
N VAL D 235 34.52 56.32 -13.76
CA VAL D 235 35.23 55.20 -13.13
C VAL D 235 36.35 54.71 -14.02
N ARG D 236 36.10 54.65 -15.34
CA ARG D 236 37.12 54.19 -16.26
C ARG D 236 38.32 55.11 -16.27
N GLU D 237 38.10 56.42 -16.39
CA GLU D 237 39.23 57.34 -16.41
C GLU D 237 39.93 57.41 -15.06
N GLU D 238 39.18 57.26 -13.97
CA GLU D 238 39.82 57.19 -12.66
C GLU D 238 40.71 55.97 -12.55
N LEU D 239 40.27 54.83 -13.09
CA LEU D 239 41.11 53.64 -13.09
C LEU D 239 42.33 53.82 -13.98
N ILE D 240 42.17 54.51 -15.11
CA ILE D 240 43.33 54.81 -15.96
C ILE D 240 44.36 55.63 -15.19
N LYS D 241 43.90 56.69 -14.52
CA LYS D 241 44.82 57.53 -13.76
C LYS D 241 45.43 56.76 -12.58
N LEU D 242 44.65 55.87 -11.96
CA LEU D 242 45.16 55.08 -10.85
C LEU D 242 46.24 54.11 -11.31
N LYS D 243 46.05 53.47 -12.46
CA LYS D 243 47.08 52.61 -13.02
C LYS D 243 48.32 53.42 -13.39
N LEU D 244 48.12 54.62 -13.94
CA LEU D 244 49.26 55.47 -14.29
C LEU D 244 50.05 55.85 -13.04
N TRP D 245 49.34 56.11 -11.93
CA TRP D 245 50.02 56.43 -10.69
C TRP D 245 50.73 55.21 -10.10
N PHE D 246 50.09 54.04 -10.17
CA PHE D 246 50.67 52.84 -9.58
C PHE D 246 51.91 52.38 -10.34
N LYS D 247 51.88 52.48 -11.67
CA LYS D 247 53.01 52.00 -12.46
C LYS D 247 54.26 52.82 -12.21
N ASP D 248 54.12 54.07 -11.77
CA ASP D 248 55.25 54.96 -11.61
C ASP D 248 55.57 55.28 -10.16
N GLU D 249 54.70 54.94 -9.21
CA GLU D 249 54.92 55.26 -7.80
C GLU D 249 55.03 54.06 -6.88
N VAL D 250 54.49 52.91 -7.25
CA VAL D 250 54.53 51.74 -6.37
C VAL D 250 55.20 50.57 -7.08
N PHE D 251 55.11 50.53 -8.40
CA PHE D 251 55.70 49.43 -9.15
C PHE D 251 57.13 49.73 -9.59
N SER D 252 57.35 50.92 -10.15
CA SER D 252 58.70 51.30 -10.57
C SER D 252 59.61 51.54 -9.37
N LYS D 253 59.05 51.77 -8.19
CA LYS D 253 59.85 51.95 -6.98
C LYS D 253 60.24 50.63 -6.33
N GLY D 254 59.77 49.50 -6.86
CA GLY D 254 60.08 48.21 -6.27
C GLY D 254 59.24 47.82 -5.09
N LEU D 255 58.12 48.50 -4.86
CA LEU D 255 57.24 48.20 -3.74
C LEU D 255 56.17 47.18 -4.09
N GLY D 256 56.29 46.49 -5.22
CA GLY D 256 55.32 45.47 -5.57
C GLY D 256 55.44 44.25 -4.68
N LYS D 257 54.30 43.66 -4.37
CA LYS D 257 54.24 42.50 -3.49
C LYS D 257 54.41 41.18 -4.21
N PHE D 258 54.65 41.20 -5.52
CA PHE D 258 54.87 39.99 -6.30
C PHE D 258 56.12 40.15 -7.15
N LYS D 259 56.78 39.03 -7.42
CA LYS D 259 58.03 39.05 -8.16
C LYS D 259 58.13 37.78 -8.98
N LEU D 260 59.15 37.74 -9.84
CA LEU D 260 59.42 36.54 -10.63
C LEU D 260 59.97 35.44 -9.74
N THR D 261 60.07 34.24 -10.31
CA THR D 261 60.44 33.07 -9.52
C THR D 261 61.92 33.08 -9.16
N ASP D 262 62.79 33.08 -10.17
CA ASP D 262 64.22 32.87 -9.99
C ASP D 262 64.46 31.53 -9.27
N ARG D 263 64.10 30.46 -10.00
CA ARG D 263 64.11 29.12 -9.44
C ARG D 263 65.42 28.79 -8.71
N ARG D 264 66.55 29.28 -9.21
CA ARG D 264 67.81 29.10 -8.50
C ARG D 264 67.74 29.76 -7.13
N GLU D 265 67.29 31.02 -7.07
CA GLU D 265 67.17 31.71 -5.80
C GLU D 265 66.12 31.04 -4.91
N LEU D 266 65.06 30.51 -5.51
CA LEU D 266 64.06 29.79 -4.73
C LEU D 266 64.68 28.57 -4.05
N LEU D 267 65.49 27.81 -4.80
CA LEU D 267 66.13 26.63 -4.21
C LEU D 267 67.15 27.03 -3.14
N GLU D 268 67.90 28.12 -3.37
CA GLU D 268 68.84 28.58 -2.35
C GLU D 268 68.11 29.00 -1.08
N SER D 269 66.99 29.71 -1.22
CA SER D 269 66.23 30.13 -0.04
C SER D 269 65.63 28.92 0.67
N LEU D 270 65.16 27.92 -0.09
CA LEU D 270 64.64 26.71 0.54
C LEU D 270 65.72 26.00 1.32
N SER D 271 66.91 25.87 0.75
CA SER D 271 68.02 25.23 1.47
C SER D 271 68.44 26.07 2.67
N SER D 272 68.27 27.38 2.61
CA SER D 272 68.66 28.23 3.73
C SER D 272 67.65 28.19 4.87
N LEU D 273 66.36 28.07 4.57
CA LEU D 273 65.34 28.08 5.61
C LEU D 273 65.07 26.70 6.19
N GLY D 274 65.06 25.66 5.34
CA GLY D 274 64.75 24.33 5.80
C GLY D 274 65.97 23.52 6.19
N ALA D 275 66.94 23.41 5.29
CA ALA D 275 68.15 22.65 5.56
C ALA D 275 69.04 23.41 6.51
N HIS D 276 68.93 23.12 7.81
CA HIS D 276 69.71 23.82 8.81
C HIS D 276 71.18 23.45 8.68
N LEU D 277 72.02 24.47 8.51
CA LEU D 277 73.47 24.28 8.41
C LEU D 277 74.22 24.75 9.64
N ASP D 278 73.65 25.67 10.42
CA ASP D 278 74.29 26.18 11.62
C ASP D 278 73.87 25.44 12.88
N SER D 279 73.16 24.32 12.74
CA SER D 279 72.70 23.54 13.88
C SER D 279 73.67 22.39 14.14
N ASP D 280 73.90 22.09 15.42
CA ASP D 280 74.80 21.03 15.82
C ASP D 280 74.14 19.66 15.84
N VAL D 281 72.96 19.51 15.23
CA VAL D 281 72.29 18.22 15.22
C VAL D 281 73.00 17.29 14.24
N SER D 282 72.95 15.99 14.53
CA SER D 282 73.63 15.01 13.71
C SER D 282 72.85 14.78 12.41
N SER D 283 73.54 14.20 11.43
CA SER D 283 72.92 13.82 10.16
C SER D 283 72.39 12.38 10.22
N CYS D 284 71.60 12.09 11.24
CA CYS D 284 71.02 10.77 11.43
C CYS D 284 69.69 10.90 12.16
N PRO D 285 68.60 10.44 11.55
CA PRO D 285 67.28 10.56 12.20
C PRO D 285 67.17 9.76 13.49
N PHE D 286 67.89 8.64 13.60
CA PHE D 286 67.83 7.85 14.82
C PHE D 286 68.54 8.52 15.97
N CYS D 287 69.64 9.23 15.70
CA CYS D 287 70.34 9.95 16.76
C CYS D 287 69.49 11.08 17.32
N ASN D 288 68.73 11.76 16.45
CA ASN D 288 68.01 12.95 16.89
C ASN D 288 66.66 12.61 17.51
N ASN D 289 65.94 11.66 16.93
CA ASN D 289 64.62 11.26 17.43
C ASN D 289 64.77 10.01 18.29
N LYS D 290 64.31 10.09 19.54
CA LYS D 290 64.46 8.97 20.46
C LYS D 290 63.57 7.80 20.04
N LEU D 291 62.38 8.08 19.54
CA LEU D 291 61.49 7.00 19.10
C LEU D 291 62.05 6.29 17.87
N MET D 292 62.67 7.03 16.96
CA MET D 292 63.33 6.40 15.83
C MET D 292 64.51 5.55 16.29
N GLU D 293 65.24 6.03 17.30
CA GLU D 293 66.33 5.25 17.87
C GLU D 293 65.81 3.94 18.45
N ILE D 294 64.68 4.00 19.16
CA ILE D 294 64.11 2.80 19.77
C ILE D 294 63.62 1.84 18.69
N VAL D 295 62.98 2.37 17.64
CA VAL D 295 62.52 1.51 16.55
C VAL D 295 63.69 0.83 15.87
N TYR D 296 64.78 1.58 15.63
CA TYR D 296 65.96 1.00 15.03
C TYR D 296 66.57 -0.08 15.92
N ASN D 297 66.64 0.18 17.23
CA ASN D 297 67.18 -0.80 18.16
C ASN D 297 66.36 -2.08 18.14
N VAL D 298 65.04 -1.96 18.27
CA VAL D 298 64.18 -3.14 18.30
C VAL D 298 64.27 -3.90 16.98
N THR D 299 64.27 -3.18 15.86
CA THR D 299 64.33 -3.83 14.55
C THR D 299 65.63 -4.60 14.39
N PHE D 300 66.76 -3.90 14.48
CA PHE D 300 68.05 -4.54 14.24
C PHE D 300 68.53 -5.35 15.43
N SER D 301 67.72 -5.50 16.48
CA SER D 301 67.97 -6.52 17.49
C SER D 301 67.05 -7.71 17.35
N CYS D 302 65.94 -7.57 16.61
CA CYS D 302 65.06 -8.70 16.35
C CYS D 302 65.37 -9.40 15.04
N VAL D 303 65.99 -8.71 14.08
CA VAL D 303 66.27 -9.32 12.79
C VAL D 303 67.61 -10.05 12.77
N GLU D 304 68.56 -9.66 13.62
CA GLU D 304 69.87 -10.31 13.61
C GLU D 304 69.94 -11.50 14.56
N ARG D 305 69.16 -11.49 15.65
CA ARG D 305 69.26 -12.57 16.63
C ARG D 305 68.40 -13.76 16.24
N THR D 306 67.09 -13.57 16.12
CA THR D 306 66.18 -14.66 15.81
C THR D 306 65.50 -14.48 14.45
N ASP D 307 64.84 -13.35 14.22
CA ASP D 307 64.10 -13.12 12.98
C ASP D 307 64.97 -12.42 11.95
N THR D 319 54.67 -28.31 23.35
CA THR D 319 54.06 -27.53 24.41
C THR D 319 54.74 -26.17 24.55
N HIS D 320 55.53 -25.81 23.54
CA HIS D 320 56.23 -24.52 23.58
C HIS D 320 55.24 -23.36 23.58
N SER D 321 54.14 -23.49 22.85
CA SER D 321 53.10 -22.47 22.77
C SER D 321 51.79 -22.98 23.34
N ASN D 322 51.87 -23.72 24.45
CA ASN D 322 50.70 -24.25 25.13
C ASN D 322 50.48 -23.61 26.49
N ILE D 323 51.52 -23.57 27.33
CA ILE D 323 51.37 -22.97 28.65
C ILE D 323 51.22 -21.46 28.54
N GLU D 324 51.84 -20.85 27.53
CA GLU D 324 51.69 -19.41 27.31
C GLU D 324 50.23 -19.05 27.04
N LYS D 325 49.55 -19.82 26.20
CA LYS D 325 48.15 -19.54 25.93
C LYS D 325 47.29 -19.80 27.17
N HIS D 326 47.66 -20.79 27.99
CA HIS D 326 46.95 -21.02 29.24
C HIS D 326 47.07 -19.81 30.16
N TYR D 327 48.29 -19.29 30.30
CA TYR D 327 48.51 -18.08 31.10
C TYR D 327 47.70 -16.91 30.54
N LEU D 328 47.70 -16.74 29.22
CA LEU D 328 46.96 -15.65 28.61
C LEU D 328 45.46 -15.79 28.86
N SER D 329 44.96 -17.02 28.84
CA SER D 329 43.54 -17.25 29.07
C SER D 329 43.14 -16.91 30.50
N VAL D 330 43.92 -17.40 31.48
CA VAL D 330 43.57 -17.07 32.86
C VAL D 330 43.78 -15.59 33.14
N LEU D 331 44.74 -14.95 32.45
CA LEU D 331 44.92 -13.52 32.59
C LEU D 331 43.72 -12.76 32.05
N SER D 332 43.18 -13.19 30.91
CA SER D 332 41.96 -12.59 30.38
C SER D 332 40.80 -12.79 31.33
N LEU D 333 40.71 -13.97 31.96
CA LEU D 333 39.64 -14.22 32.92
C LEU D 333 39.76 -13.30 34.13
N CYS D 334 40.97 -13.11 34.64
CA CYS D 334 41.15 -12.23 35.80
C CYS D 334 40.92 -10.77 35.43
N ASN D 335 41.25 -10.37 34.20
CA ASN D 335 40.91 -9.03 33.76
C ASN D 335 39.41 -8.87 33.57
N LYS D 336 38.70 -9.97 33.30
CA LYS D 336 37.25 -9.90 33.20
C LYS D 336 36.62 -9.54 34.54
N ILE D 337 37.05 -10.19 35.62
CA ILE D 337 36.53 -9.90 36.95
C ILE D 337 37.18 -8.67 37.57
N LYS D 338 38.05 -7.98 36.84
CA LYS D 338 38.66 -6.76 37.36
C LYS D 338 37.67 -5.60 37.32
N GLY D 339 36.84 -5.52 36.29
CA GLY D 339 35.96 -4.39 36.13
C GLY D 339 34.49 -4.66 36.41
N LEU D 340 34.19 -5.70 37.19
CA LEU D 340 32.83 -5.99 37.59
C LEU D 340 32.48 -5.47 38.98
N LYS D 341 33.47 -4.98 39.73
CA LYS D 341 33.26 -4.47 41.09
C LYS D 341 32.64 -5.54 41.99
N VAL D 342 33.27 -6.72 41.98
CA VAL D 342 32.79 -7.84 42.79
C VAL D 342 33.46 -7.80 44.16
N PHE D 343 34.14 -6.70 44.46
CA PHE D 343 34.78 -6.49 45.75
C PHE D 343 34.44 -5.09 46.26
N ASN D 344 34.93 -4.79 47.46
CA ASN D 344 34.62 -3.51 48.09
C ASN D 344 35.56 -2.41 47.61
N THR D 345 36.86 -2.61 47.78
CA THR D 345 37.86 -1.61 47.45
C THR D 345 38.73 -2.12 46.31
N ARG D 346 39.16 -1.19 45.45
CA ARG D 346 39.95 -1.55 44.27
C ARG D 346 41.25 -2.22 44.68
N ARG D 347 41.88 -1.76 45.76
CA ARG D 347 43.16 -2.34 46.19
C ARG D 347 43.01 -3.83 46.50
N ASN D 348 41.93 -4.20 47.19
CA ASN D 348 41.70 -5.62 47.47
C ASN D 348 41.46 -6.42 46.20
N THR D 349 40.81 -5.81 45.21
CA THR D 349 40.60 -6.50 43.93
C THR D 349 41.94 -6.77 43.25
N LEU D 350 42.80 -5.75 43.16
CA LEU D 350 44.11 -5.95 42.56
C LEU D 350 44.92 -6.98 43.35
N LEU D 351 44.81 -6.96 44.68
CA LEU D 351 45.58 -7.92 45.48
C LEU D 351 45.07 -9.34 45.28
N PHE D 352 43.75 -9.52 45.16
CA PHE D 352 43.20 -10.85 44.93
C PHE D 352 43.57 -11.37 43.55
N LEU D 353 43.57 -10.50 42.54
CA LEU D 353 43.98 -10.93 41.21
C LEU D 353 45.47 -11.25 41.18
N ASP D 354 46.28 -10.48 41.92
CA ASP D 354 47.70 -10.81 42.07
C ASP D 354 47.86 -12.17 42.72
N LEU D 355 47.05 -12.46 43.76
CA LEU D 355 47.12 -13.76 44.41
C LEU D 355 46.76 -14.88 43.45
N ILE D 356 45.74 -14.67 42.62
CA ILE D 356 45.35 -15.69 41.64
C ILE D 356 46.48 -15.93 40.65
N MET D 357 47.11 -14.86 40.17
CA MET D 357 48.19 -15.01 39.20
C MET D 357 49.39 -15.70 39.83
N VAL D 358 49.70 -15.39 41.08
CA VAL D 358 50.83 -16.02 41.76
C VAL D 358 50.56 -17.50 42.00
N ASN D 359 49.32 -17.85 42.37
CA ASN D 359 48.97 -19.25 42.54
C ASN D 359 49.05 -19.98 41.21
N LEU D 360 48.66 -19.33 40.12
CA LEU D 360 48.85 -19.92 38.81
C LEU D 360 50.33 -20.15 38.52
N MET D 361 51.17 -19.18 38.87
CA MET D 361 52.60 -19.33 38.66
C MET D 361 53.15 -20.53 39.42
N VAL D 362 52.75 -20.67 40.69
CA VAL D 362 53.30 -21.78 41.49
C VAL D 362 52.71 -23.11 41.03
N ASP D 363 51.50 -23.09 40.46
CA ASP D 363 50.94 -24.33 39.92
C ASP D 363 51.60 -24.73 38.61
N ILE D 364 52.06 -23.75 37.82
CA ILE D 364 52.77 -24.07 36.60
C ILE D 364 54.23 -24.46 36.87
N SER D 365 54.81 -23.95 37.96
CA SER D 365 56.21 -24.26 38.27
C SER D 365 56.42 -25.77 38.38
N ASP D 366 55.57 -26.45 39.14
CA ASP D 366 55.62 -27.90 39.23
C ASP D 366 54.81 -28.50 38.08
N SER D 367 54.74 -29.84 38.06
CA SER D 367 54.09 -30.59 37.00
C SER D 367 54.70 -30.31 35.63
N CYS D 368 55.93 -29.81 35.61
CA CYS D 368 56.65 -29.53 34.37
C CYS D 368 58.14 -29.46 34.69
N GLN D 369 58.96 -29.93 33.75
CA GLN D 369 60.41 -29.99 33.99
C GLN D 369 60.98 -28.60 34.20
N ASP D 370 60.90 -27.74 33.19
CA ASP D 370 61.36 -26.35 33.26
C ASP D 370 60.25 -25.49 32.68
N ALA D 371 59.43 -24.90 33.56
CA ALA D 371 58.30 -24.09 33.12
C ALA D 371 58.66 -22.61 33.00
N ILE D 372 59.18 -22.03 34.08
CA ILE D 372 59.49 -20.60 34.07
C ILE D 372 60.77 -20.32 33.30
N GLU D 373 61.73 -21.23 33.31
CA GLU D 373 63.01 -21.02 32.66
C GLU D 373 62.96 -21.24 31.16
N SER D 374 61.90 -21.85 30.64
CA SER D 374 61.80 -22.17 29.23
C SER D 374 60.72 -21.39 28.49
N LEU D 375 59.54 -21.23 29.08
CA LEU D 375 58.43 -20.56 28.42
C LEU D 375 58.14 -19.17 28.97
N ARG D 376 58.28 -18.96 30.28
CA ARG D 376 58.10 -17.62 30.82
C ARG D 376 59.19 -16.69 30.31
N LYS D 377 60.44 -17.13 30.37
CA LYS D 377 61.53 -16.34 29.81
C LYS D 377 61.35 -16.11 28.32
N SER D 378 60.72 -17.06 27.62
CA SER D 378 60.43 -16.92 26.20
C SER D 378 59.04 -16.34 25.93
N GLY D 379 58.21 -16.19 26.95
CA GLY D 379 56.88 -15.66 26.78
C GLY D 379 56.65 -14.33 27.46
N LEU D 380 55.78 -14.30 28.46
CA LEU D 380 55.40 -13.07 29.15
C LEU D 380 55.94 -13.11 30.57
N ILE D 381 57.20 -12.68 30.73
CA ILE D 381 57.80 -12.46 32.03
C ILE D 381 59.02 -11.58 31.82
N VAL D 382 59.35 -10.77 32.83
CA VAL D 382 60.46 -9.83 32.76
C VAL D 382 61.37 -10.08 33.95
N GLY D 383 62.42 -9.27 34.04
CA GLY D 383 63.39 -9.41 35.11
C GLY D 383 62.79 -9.22 36.49
N GLN D 384 62.66 -10.31 37.24
CA GLN D 384 62.17 -10.36 38.61
C GLN D 384 60.69 -10.00 38.74
N MET D 385 60.02 -9.59 37.66
CA MET D 385 58.64 -9.16 37.73
C MET D 385 57.78 -9.99 36.81
N VAL D 386 56.50 -10.13 37.16
CA VAL D 386 55.55 -10.93 36.43
C VAL D 386 54.39 -10.04 36.01
N MET D 387 53.80 -10.38 34.85
CA MET D 387 52.68 -9.61 34.31
C MET D 387 51.39 -9.95 35.05
N LEU D 388 50.62 -8.92 35.36
CA LEU D 388 49.37 -9.09 36.09
C LEU D 388 48.21 -8.44 35.33
N VAL D 389 47.05 -8.33 35.98
CA VAL D 389 45.88 -7.71 35.38
C VAL D 389 46.10 -6.21 35.23
N ASN D 390 45.23 -5.56 34.45
CA ASN D 390 45.30 -4.12 34.22
C ASN D 390 46.63 -3.71 33.60
N ASP D 391 47.20 -4.60 32.80
CA ASP D 391 48.46 -4.36 32.07
C ASP D 391 49.64 -4.09 33.00
N ARG D 392 49.50 -4.38 34.28
CA ARG D 392 50.56 -4.10 35.25
C ARG D 392 51.62 -5.19 35.21
N VAL D 393 52.82 -4.84 35.68
CA VAL D 393 53.89 -5.80 35.91
C VAL D 393 54.43 -5.54 37.31
N LEU D 394 54.38 -6.55 38.16
CA LEU D 394 54.74 -6.38 39.56
C LEU D 394 55.93 -7.25 39.90
N ASP D 395 56.85 -6.69 40.69
CA ASP D 395 57.99 -7.46 41.20
C ASP D 395 57.50 -8.63 42.01
N ILE D 396 57.98 -9.83 41.66
CA ILE D 396 57.56 -11.04 42.36
C ILE D 396 57.88 -10.93 43.85
N LEU D 397 59.05 -10.38 44.18
CA LEU D 397 59.39 -10.12 45.57
C LEU D 397 58.30 -9.32 46.27
N GLU D 398 58.08 -8.09 45.80
CA GLU D 398 57.06 -7.24 46.41
C GLU D 398 55.66 -7.78 46.19
N ALA D 399 55.44 -8.57 45.15
CA ALA D 399 54.16 -9.23 44.99
C ALA D 399 53.86 -10.13 46.19
N VAL D 400 54.78 -11.06 46.49
CA VAL D 400 54.55 -11.93 47.63
C VAL D 400 54.65 -11.18 48.96
N LYS D 401 55.38 -10.06 49.00
CA LYS D 401 55.38 -9.24 50.21
C LYS D 401 53.99 -8.65 50.47
N LEU D 402 53.36 -8.12 49.43
CA LEU D 402 51.99 -7.62 49.56
C LEU D 402 51.02 -8.74 49.87
N ILE D 403 51.26 -9.93 49.29
CA ILE D 403 50.40 -11.07 49.58
C ILE D 403 50.51 -11.49 51.03
N ARG D 404 51.70 -11.35 51.63
CA ARG D 404 51.86 -11.66 53.05
C ARG D 404 50.94 -10.78 53.90
N LYS D 405 50.79 -9.52 53.52
CA LYS D 405 49.79 -8.67 54.15
C LYS D 405 48.40 -9.02 53.61
N LYS D 406 47.38 -8.60 54.35
CA LYS D 406 45.97 -8.87 54.08
C LYS D 406 45.61 -10.34 54.28
N ILE D 407 46.58 -11.20 54.59
CA ILE D 407 46.30 -12.57 54.99
C ILE D 407 46.86 -12.86 56.39
N GLY D 408 47.91 -12.16 56.80
CA GLY D 408 48.43 -12.28 58.15
C GLY D 408 47.79 -11.25 59.06
N THR D 409 47.61 -10.04 58.53
CA THR D 409 46.88 -8.98 59.22
C THR D 409 45.38 -9.09 58.98
N ASN D 410 44.93 -10.00 58.13
CA ASN D 410 43.51 -10.19 57.85
C ASN D 410 43.29 -11.65 57.48
N PRO D 411 43.26 -12.54 58.47
CA PRO D 411 43.10 -13.96 58.17
C PRO D 411 41.70 -14.26 57.64
N ASN D 412 41.55 -15.47 57.10
CA ASN D 412 40.29 -15.95 56.53
C ASN D 412 39.80 -15.01 55.42
N TRP D 413 40.73 -14.41 54.68
CA TRP D 413 40.39 -13.50 53.59
C TRP D 413 40.14 -14.23 52.29
N VAL D 414 40.88 -15.31 52.02
CA VAL D 414 40.72 -16.03 50.77
C VAL D 414 39.36 -16.70 50.70
N LYS D 415 38.90 -17.28 51.82
CA LYS D 415 37.63 -18.00 51.81
C LYS D 415 36.47 -17.10 51.43
N ASN D 416 36.31 -15.97 52.13
CA ASN D 416 35.19 -15.10 51.82
C ASN D 416 35.41 -14.34 50.52
N CYS D 417 36.66 -14.02 50.18
CA CYS D 417 36.92 -13.35 48.91
C CYS D 417 36.65 -14.26 47.71
N SER D 418 36.69 -15.58 47.91
CA SER D 418 36.30 -16.51 46.87
C SER D 418 34.81 -16.83 46.90
N LYS D 419 34.21 -16.84 48.08
CA LYS D 419 32.77 -17.05 48.18
C LYS D 419 31.99 -15.89 47.58
N ILE D 420 32.51 -14.66 47.71
CA ILE D 420 31.85 -13.51 47.12
C ILE D 420 31.97 -13.53 45.60
N LEU D 421 32.98 -14.23 45.06
CA LEU D 421 33.15 -14.32 43.62
C LEU D 421 32.34 -15.47 43.02
N GLU D 422 32.32 -16.63 43.68
CA GLU D 422 31.54 -17.75 43.18
C GLU D 422 30.05 -17.44 43.20
N ARG D 423 29.57 -16.81 44.27
CA ARG D 423 28.16 -16.45 44.35
C ARG D 423 27.78 -15.34 43.40
N SER D 424 28.75 -14.58 42.87
CA SER D 424 28.46 -13.47 41.97
C SER D 424 28.60 -13.83 40.51
N HIS D 425 29.54 -14.70 40.15
CA HIS D 425 29.77 -15.06 38.75
C HIS D 425 30.15 -16.53 38.66
N PRO D 426 29.16 -17.42 38.65
CA PRO D 426 29.46 -18.86 38.50
C PRO D 426 29.62 -19.27 37.05
N GLU D 427 30.34 -18.45 36.27
CA GLU D 427 30.66 -18.81 34.89
C GLU D 427 32.15 -18.63 34.68
N ILE D 428 32.76 -17.81 35.51
CA ILE D 428 34.20 -17.59 35.50
C ILE D 428 34.90 -18.42 36.58
N TRP D 429 34.21 -19.45 37.09
CA TRP D 429 34.75 -20.34 38.11
C TRP D 429 35.76 -21.33 37.55
N HIS D 430 36.26 -21.11 36.33
CA HIS D 430 37.33 -21.94 35.78
C HIS D 430 38.55 -21.95 36.70
N HIS D 431 38.73 -20.90 37.49
CA HIS D 431 39.75 -20.90 38.54
C HIS D 431 39.41 -21.96 39.58
N LEU D 432 40.20 -23.02 39.65
CA LEU D 432 39.94 -24.12 40.56
C LEU D 432 41.02 -24.32 41.62
N SER D 433 42.28 -24.06 41.28
CA SER D 433 43.38 -24.20 42.23
C SER D 433 44.16 -22.91 42.42
N THR D 434 43.64 -21.79 41.91
CA THR D 434 44.32 -20.50 42.04
C THR D 434 43.84 -19.73 43.26
N LEU D 435 42.53 -19.47 43.36
CA LEU D 435 42.00 -18.74 44.50
C LEU D 435 41.98 -19.65 45.72
N ILE D 436 43.17 -20.01 46.20
CA ILE D 436 43.34 -20.94 47.31
C ILE D 436 44.16 -20.25 48.40
N LYS D 437 44.51 -21.00 49.43
CA LYS D 437 45.25 -20.46 50.57
C LYS D 437 46.69 -20.16 50.13
N GLN D 438 47.55 -19.87 51.11
CA GLN D 438 48.90 -19.34 50.93
C GLN D 438 49.58 -19.95 49.71
N PRO D 439 50.04 -19.11 48.78
CA PRO D 439 50.51 -19.65 47.49
C PRO D 439 51.94 -20.18 47.53
N ASP D 440 52.27 -20.96 48.57
CA ASP D 440 53.55 -21.66 48.67
C ASP D 440 54.71 -20.67 48.61
N PHE D 441 54.78 -19.85 49.67
CA PHE D 441 55.67 -18.69 49.70
C PHE D 441 57.13 -19.08 49.45
N ASN D 442 57.56 -20.23 49.96
CA ASN D 442 58.97 -20.60 49.83
C ASN D 442 59.31 -20.97 48.39
N SER D 443 58.42 -21.69 47.71
CA SER D 443 58.60 -21.91 46.28
C SER D 443 58.61 -20.59 45.54
N LEU D 444 57.82 -19.61 46.01
CA LEU D 444 57.78 -18.31 45.37
C LEU D 444 59.13 -17.60 45.49
N ILE D 445 59.72 -17.59 46.69
CA ILE D 445 60.98 -16.89 46.84
C ILE D 445 62.11 -17.64 46.15
N SER D 446 62.01 -18.97 46.05
CA SER D 446 63.01 -19.71 45.27
C SER D 446 62.90 -19.38 43.78
N ILE D 447 61.67 -19.29 43.26
CA ILE D 447 61.47 -18.86 41.88
C ILE D 447 62.02 -17.46 41.66
N ALA D 448 61.77 -16.57 42.62
CA ALA D 448 62.27 -15.20 42.50
C ALA D 448 63.79 -15.15 42.49
N GLN D 449 64.43 -15.87 43.42
CA GLN D 449 65.89 -15.91 43.45
C GLN D 449 66.46 -16.68 42.27
N HIS D 450 65.64 -17.44 41.54
CA HIS D 450 66.11 -18.07 40.31
C HIS D 450 66.28 -17.03 39.20
N LEU D 451 65.24 -16.23 38.95
CA LEU D 451 65.26 -15.21 37.91
C LEU D 451 65.57 -13.86 38.54
N VAL D 452 66.87 -13.61 38.76
CA VAL D 452 67.35 -12.35 39.29
C VAL D 452 67.99 -11.59 38.14
N SER D 453 67.27 -10.61 37.60
CA SER D 453 67.76 -9.79 36.50
C SER D 453 67.55 -8.31 36.84
N ASP D 454 68.19 -7.45 36.06
CA ASP D 454 68.09 -6.02 36.28
C ASP D 454 66.67 -5.53 35.97
N ARG D 455 66.21 -4.58 36.77
CA ARG D 455 64.89 -4.00 36.57
C ARG D 455 64.94 -2.91 35.50
N PRO D 456 63.82 -2.61 34.86
CA PRO D 456 63.80 -1.52 33.88
C PRO D 456 64.17 -0.20 34.52
N ILE D 457 64.93 0.61 33.78
CA ILE D 457 65.51 1.83 34.32
C ILE D 457 64.57 3.02 34.18
N MET D 458 63.80 3.08 33.08
CA MET D 458 62.87 4.17 32.80
C MET D 458 63.62 5.52 32.77
N ARG D 459 64.48 5.64 31.77
CA ARG D 459 65.24 6.86 31.56
C ARG D 459 64.32 8.06 31.42
N TYR D 460 64.42 9.00 32.36
CA TYR D 460 63.59 10.21 32.33
C TYR D 460 64.34 11.42 31.78
N SER D 461 65.66 11.39 31.78
CA SER D 461 66.46 12.52 31.31
C SER D 461 66.75 12.38 29.81
N VAL D 462 66.48 13.44 29.06
CA VAL D 462 66.72 13.45 27.63
C VAL D 462 68.21 13.46 27.34
N LYS D 468 77.57 12.12 19.77
CA LYS D 468 77.83 10.74 20.16
C LYS D 468 78.16 9.89 18.94
N ILE D 469 78.46 8.61 19.18
CA ILE D 469 78.78 7.69 18.10
C ILE D 469 77.51 7.42 17.29
N CYS D 470 77.68 7.17 15.99
CA CYS D 470 76.55 7.08 15.08
C CYS D 470 76.46 5.70 14.43
N ARG D 471 76.58 4.64 15.23
CA ARG D 471 76.42 3.30 14.70
C ARG D 471 74.96 3.04 14.35
N HIS D 472 74.57 3.42 13.13
CA HIS D 472 73.17 3.23 12.70
C HIS D 472 73.07 2.68 11.29
N LYS D 473 74.16 2.17 10.71
CA LYS D 473 74.15 1.42 9.46
C LYS D 473 73.72 2.26 8.26
N LEU D 474 73.48 3.56 8.45
CA LEU D 474 73.25 4.49 7.34
C LEU D 474 72.05 4.03 6.50
N PHE D 475 70.86 4.23 7.08
CA PHE D 475 69.58 3.74 6.56
C PHE D 475 69.49 3.74 5.04
N GLN D 476 70.09 4.74 4.39
CA GLN D 476 70.13 4.77 2.93
C GLN D 476 70.64 3.45 2.35
N GLU D 477 71.73 2.93 2.90
CA GLU D 477 72.29 1.66 2.41
C GLU D 477 71.78 0.47 3.22
N MET D 478 70.46 0.34 3.31
CA MET D 478 69.83 -0.81 3.94
C MET D 478 69.04 -1.60 2.90
N SER D 479 68.98 -2.91 3.11
CA SER D 479 68.25 -3.76 2.18
C SER D 479 66.75 -3.47 2.26
N SER D 480 66.03 -3.92 1.24
CA SER D 480 64.59 -3.68 1.14
C SER D 480 63.79 -4.42 2.20
N PHE D 481 64.43 -5.26 3.02
CA PHE D 481 63.76 -5.99 4.08
C PHE D 481 63.87 -5.31 5.43
N GLU D 482 65.02 -4.71 5.74
CA GLU D 482 65.20 -4.05 7.02
C GLU D 482 64.31 -2.81 7.14
N GLN D 483 64.02 -2.14 6.03
CA GLN D 483 63.13 -0.98 6.08
C GLN D 483 61.70 -1.40 6.40
N MET D 484 61.21 -2.46 5.75
CA MET D 484 59.90 -2.98 6.07
C MET D 484 59.85 -3.51 7.50
N ARG D 485 60.96 -4.06 7.99
CA ARG D 485 61.01 -4.49 9.38
C ARG D 485 60.95 -3.29 10.34
N LEU D 486 61.60 -2.19 9.97
CA LEU D 486 61.46 -0.96 10.74
C LEU D 486 60.02 -0.49 10.78
N PHE D 487 59.33 -0.55 9.64
CA PHE D 487 57.93 -0.14 9.60
C PHE D 487 57.06 -1.06 10.45
N LYS D 488 57.32 -2.37 10.41
CA LYS D 488 56.56 -3.30 11.25
C LYS D 488 56.81 -3.06 12.73
N THR D 489 58.07 -2.76 13.10
CA THR D 489 58.37 -2.44 14.48
C THR D 489 57.66 -1.17 14.91
N LEU D 490 57.65 -0.16 14.05
CA LEU D 490 56.90 1.06 14.35
C LEU D 490 55.42 0.76 14.54
N SER D 491 54.87 -0.14 13.71
CA SER D 491 53.47 -0.51 13.84
C SER D 491 53.20 -1.17 15.19
N SER D 492 54.06 -2.12 15.57
CA SER D 492 53.88 -2.80 16.86
C SER D 492 53.99 -1.82 18.02
N ILE D 493 54.98 -0.92 17.97
CA ILE D 493 55.17 0.03 19.06
C ILE D 493 54.02 1.01 19.13
N SER D 494 53.47 1.42 17.98
CA SER D 494 52.34 2.35 17.98
C SER D 494 51.09 1.66 18.51
N LEU D 495 50.88 0.39 18.16
CA LEU D 495 49.74 -0.35 18.71
C LEU D 495 49.89 -0.52 20.21
N SER D 496 51.13 -0.74 20.69
CA SER D 496 51.36 -0.83 22.12
C SER D 496 51.12 0.50 22.81
N LEU D 497 51.44 1.61 22.14
CA LEU D 497 51.13 2.93 22.68
C LEU D 497 49.63 3.12 22.80
N ILE D 498 48.89 2.75 21.76
CA ILE D 498 47.44 2.88 21.77
C ILE D 498 46.84 2.04 22.89
N ASN D 499 47.34 0.82 23.07
CA ASN D 499 46.87 -0.04 24.16
C ASN D 499 47.29 0.50 25.52
N SER D 500 48.42 1.22 25.59
CA SER D 500 48.81 1.88 26.83
C SER D 500 47.83 2.98 27.17
N MET D 501 47.31 3.68 26.16
CA MET D 501 46.24 4.64 26.39
C MET D 501 44.96 3.95 26.83
N LYS D 502 44.82 2.65 26.58
CA LYS D 502 43.64 1.88 26.95
C LYS D 502 43.60 1.51 28.42
N THR D 503 44.70 1.67 29.15
CA THR D 503 44.77 1.22 30.53
C THR D 503 43.82 2.03 31.41
N SER D 504 43.01 1.34 32.20
CA SER D 504 42.10 1.99 33.11
C SER D 504 42.86 2.58 34.30
N PHE D 505 42.26 3.59 34.91
CA PHE D 505 42.88 4.29 36.04
C PHE D 505 42.89 3.37 37.26
N SER D 506 44.06 2.81 37.57
CA SER D 506 44.24 1.96 38.72
C SER D 506 44.95 2.74 39.82
N SER D 507 45.31 2.06 40.90
CA SER D 507 46.03 2.67 42.01
C SER D 507 47.32 1.91 42.26
N ARG D 508 48.31 2.61 42.79
CA ARG D 508 49.62 2.04 43.07
C ARG D 508 49.62 1.38 44.45
N LEU D 509 49.97 0.10 44.50
CA LEU D 509 50.02 -0.62 45.76
C LEU D 509 51.34 -0.44 46.49
N LEU D 510 52.36 0.08 45.83
CA LEU D 510 53.68 0.29 46.42
C LEU D 510 53.85 1.76 46.79
N VAL D 511 54.76 2.01 47.72
CA VAL D 511 55.16 3.37 48.05
C VAL D 511 56.19 3.85 47.04
N ASN D 512 56.16 5.14 46.73
CA ASN D 512 57.06 5.74 45.76
C ASN D 512 58.22 6.41 46.48
N GLU D 513 59.39 6.37 45.85
CA GLU D 513 60.59 6.97 46.40
C GLU D 513 61.03 8.16 45.56
N TYR D 519 60.59 10.69 39.37
CA TYR D 519 60.65 11.05 37.96
C TYR D 519 61.76 12.06 37.69
N PHE D 520 62.79 12.05 38.55
CA PHE D 520 63.86 13.05 38.43
C PHE D 520 64.84 12.66 37.31
N GLY D 521 65.55 11.55 37.48
CA GLY D 521 66.43 11.09 36.43
C GLY D 521 66.19 9.65 36.03
N ASN D 522 65.70 8.83 36.95
CA ASN D 522 65.52 7.41 36.74
C ASN D 522 64.55 6.87 37.78
N VAL D 523 63.83 5.82 37.41
CA VAL D 523 62.89 5.16 38.32
C VAL D 523 63.04 3.65 38.10
N ARG D 524 63.51 2.94 39.13
CA ARG D 524 63.57 1.48 39.09
C ARG D 524 62.15 0.96 39.12
N LEU D 525 61.65 0.50 37.97
CA LEU D 525 60.23 0.19 37.84
C LEU D 525 59.87 -1.07 38.60
N ARG D 526 58.85 -0.96 39.46
CA ARG D 526 58.29 -2.10 40.17
C ARG D 526 56.77 -2.15 40.15
N GLU D 527 56.09 -1.04 39.93
CA GLU D 527 54.63 -0.97 39.87
C GLU D 527 54.20 -0.19 38.63
N CYS D 528 54.75 -0.57 37.48
CA CYS D 528 54.45 0.08 36.22
C CYS D 528 53.58 -0.82 35.36
N TYR D 529 52.75 -0.20 34.54
CA TYR D 529 51.99 -0.93 33.53
C TYR D 529 52.88 -1.22 32.34
N ALA D 530 52.56 -2.30 31.62
CA ALA D 530 53.31 -2.61 30.41
C ALA D 530 52.39 -3.23 29.38
N GLN D 531 52.64 -2.87 28.13
CA GLN D 531 52.00 -3.48 26.96
C GLN D 531 53.00 -4.39 26.28
N ARG D 532 52.60 -5.63 26.06
CA ARG D 532 53.47 -6.64 25.45
C ARG D 532 53.11 -6.79 23.98
N PHE D 533 54.11 -6.66 23.11
CA PHE D 533 53.92 -6.84 21.68
C PHE D 533 54.79 -7.98 21.17
N TYR D 534 54.16 -8.92 20.47
CA TYR D 534 54.86 -10.07 19.93
C TYR D 534 55.61 -9.68 18.66
N LEU D 535 56.91 -9.98 18.63
CA LEU D 535 57.76 -9.61 17.51
C LEU D 535 58.29 -10.82 16.75
N ALA D 536 58.91 -11.77 17.45
CA ALA D 536 59.49 -12.94 16.80
C ALA D 536 59.13 -14.18 17.60
N GLU D 537 59.65 -15.33 17.16
CA GLU D 537 59.27 -16.60 17.75
C GLU D 537 59.70 -16.70 19.21
N SER D 538 60.84 -16.11 19.55
CA SER D 538 61.37 -16.17 20.91
C SER D 538 61.34 -14.84 21.64
N LEU D 539 61.64 -13.74 20.95
CA LEU D 539 61.71 -12.44 21.60
C LEU D 539 60.37 -11.72 21.49
N VAL D 540 59.97 -11.07 22.59
CA VAL D 540 58.79 -10.22 22.63
C VAL D 540 59.19 -8.90 23.27
N GLY D 541 58.51 -7.82 22.88
CA GLY D 541 58.82 -6.50 23.36
C GLY D 541 57.85 -6.05 24.44
N PHE D 542 58.34 -5.25 25.36
CA PHE D 542 57.56 -4.70 26.45
C PHE D 542 57.65 -3.18 26.43
N LEU D 543 56.53 -2.53 26.69
CA LEU D 543 56.44 -1.07 26.77
C LEU D 543 55.96 -0.71 28.16
N PHE D 544 56.85 -0.20 29.00
CA PHE D 544 56.54 0.14 30.38
C PHE D 544 56.19 1.62 30.48
N TYR D 545 55.25 1.93 31.37
CA TYR D 545 54.80 3.29 31.61
C TYR D 545 54.13 3.34 32.97
N GLN D 546 54.17 4.52 33.59
CA GLN D 546 53.67 4.68 34.96
C GLN D 546 52.41 5.51 35.05
N LYS D 547 51.92 6.09 33.95
CA LYS D 547 50.73 6.92 33.98
C LYS D 547 49.62 6.27 33.14
N THR D 548 48.39 6.70 33.40
CA THR D 548 47.21 6.22 32.69
C THR D 548 46.48 7.40 32.05
N GLY D 549 45.35 7.09 31.42
CA GLY D 549 44.55 8.12 30.78
C GLY D 549 44.90 8.35 29.33
N GLU D 550 44.73 9.59 28.87
CA GLU D 550 45.03 9.96 27.49
C GLU D 550 46.09 11.06 27.41
N ARG D 551 46.78 11.36 28.50
CA ARG D 551 47.80 12.38 28.52
C ARG D 551 49.11 11.84 27.97
N SER D 552 50.05 12.76 27.70
CA SER D 552 51.37 12.36 27.23
C SER D 552 52.15 11.69 28.34
N ARG D 553 52.87 10.62 28.00
CA ARG D 553 53.60 9.83 28.97
C ARG D 553 55.05 9.68 28.55
N CYS D 554 55.82 9.03 29.40
CA CYS D 554 57.22 8.68 29.16
C CYS D 554 57.31 7.16 29.19
N TYR D 555 57.38 6.56 28.00
CA TYR D 555 57.41 5.11 27.87
C TYR D 555 58.84 4.61 27.81
N SER D 556 59.02 3.33 28.13
CA SER D 556 60.32 2.67 28.07
C SER D 556 60.15 1.34 27.36
N VAL D 557 60.89 1.14 26.29
CA VAL D 557 60.79 -0.06 25.47
C VAL D 557 61.95 -0.99 25.80
N TYR D 558 61.62 -2.24 26.12
CA TYR D 558 62.58 -3.30 26.38
C TYR D 558 62.24 -4.50 25.50
N LEU D 559 63.19 -5.42 25.37
CA LEU D 559 62.98 -6.66 24.64
C LEU D 559 63.17 -7.85 25.58
N SER D 560 62.82 -9.03 25.07
CA SER D 560 63.06 -10.28 25.79
C SER D 560 63.30 -11.36 24.74
N ASP D 561 64.57 -11.72 24.53
CA ASP D 561 64.91 -12.74 23.56
C ASP D 561 64.64 -14.14 24.11
N ASN D 562 65.34 -14.51 25.18
CA ASN D 562 65.12 -15.79 25.85
C ASN D 562 65.07 -15.61 27.35
N GLY D 563 64.65 -14.43 27.81
CA GLY D 563 64.66 -14.06 29.21
C GLY D 563 65.64 -12.95 29.53
N VAL D 564 66.59 -12.67 28.64
CA VAL D 564 67.56 -11.61 28.86
C VAL D 564 66.94 -10.29 28.42
N MET D 565 66.32 -9.58 29.37
CA MET D 565 65.67 -8.31 29.08
C MET D 565 66.73 -7.25 28.78
N SER D 566 66.92 -6.95 27.51
CA SER D 566 67.82 -5.89 27.10
C SER D 566 67.04 -4.60 26.91
N GLU D 567 67.62 -3.49 27.37
CA GLU D 567 66.97 -2.20 27.26
C GLU D 567 67.07 -1.69 25.83
N GLN D 568 65.92 -1.40 25.22
CA GLN D 568 65.90 -0.81 23.89
C GLN D 568 65.89 0.71 23.94
N GLY D 569 65.30 1.29 24.97
CA GLY D 569 65.42 2.71 25.19
C GLY D 569 64.23 3.26 25.96
N SER D 570 64.17 4.59 26.02
CA SER D 570 63.08 5.30 26.66
C SER D 570 62.81 6.57 25.89
N PHE D 571 61.52 6.93 25.77
CA PHE D 571 61.12 8.10 25.01
C PHE D 571 59.88 8.71 25.66
N TYR D 572 59.51 9.88 25.18
CA TYR D 572 58.37 10.63 25.69
C TYR D 572 57.44 10.98 24.53
N CYS D 573 56.17 10.64 24.66
CA CYS D 573 55.25 10.87 23.55
C CYS D 573 53.82 10.91 24.06
N ASP D 574 52.93 11.37 23.18
CA ASP D 574 51.49 11.35 23.39
C ASP D 574 50.91 10.13 22.69
N PRO D 575 50.13 9.29 23.39
CA PRO D 575 49.70 8.03 22.77
C PRO D 575 48.69 8.21 21.65
N LYS D 576 47.78 9.17 21.78
CA LYS D 576 46.70 9.34 20.81
C LYS D 576 47.16 9.97 19.50
N ARG D 577 48.47 10.11 19.28
CA ARG D 577 49.00 10.66 18.04
C ARG D 577 49.72 9.61 17.21
N PHE D 578 49.57 8.33 17.53
CA PHE D 578 50.23 7.24 16.82
C PHE D 578 49.23 6.19 16.38
N PHE D 579 48.10 6.61 15.84
CA PHE D 579 47.10 5.66 15.37
C PHE D 579 47.26 5.31 13.91
N LEU D 580 47.80 6.22 13.09
CA LEU D 580 47.96 5.94 11.67
C LEU D 580 48.89 4.75 11.41
N PRO D 581 50.07 4.64 12.03
CA PRO D 581 50.95 3.50 11.70
C PRO D 581 50.62 2.24 12.49
N VAL D 582 49.44 2.19 13.13
CA VAL D 582 49.12 1.07 14.02
C VAL D 582 49.20 -0.25 13.26
N PHE D 583 48.54 -0.34 12.11
CA PHE D 583 48.57 -1.55 11.30
C PHE D 583 48.95 -1.27 9.85
N SER D 584 49.33 -0.04 9.52
CA SER D 584 49.65 0.33 8.14
C SER D 584 51.14 0.16 7.85
N ASP D 585 51.68 -1.01 8.14
CA ASP D 585 53.08 -1.28 7.79
C ASP D 585 53.23 -1.58 6.30
N GLU D 586 52.16 -1.99 5.63
CA GLU D 586 52.17 -2.22 4.19
C GLU D 586 51.54 -1.10 3.39
N VAL D 587 50.59 -0.38 3.98
CA VAL D 587 49.94 0.73 3.28
C VAL D 587 50.95 1.81 2.94
N LEU D 588 51.69 2.27 3.96
CA LEU D 588 52.71 3.29 3.72
C LEU D 588 53.85 2.76 2.85
N ALA D 589 54.17 1.48 2.98
CA ALA D 589 55.18 0.88 2.10
C ALA D 589 54.73 0.94 0.65
N GLY D 590 53.48 0.58 0.36
CA GLY D 590 52.98 0.68 -1.00
C GLY D 590 52.88 2.10 -1.49
N MET D 591 52.53 3.03 -0.59
CA MET D 591 52.51 4.45 -0.96
C MET D 591 53.89 4.91 -1.40
N CYS D 592 54.91 4.63 -0.59
CA CYS D 592 56.26 5.01 -0.95
C CYS D 592 56.73 4.31 -2.22
N GLU D 593 56.33 3.06 -2.40
CA GLU D 593 56.73 2.31 -3.60
C GLU D 593 56.14 2.94 -4.85
N GLU D 594 54.86 3.31 -4.81
CA GLU D 594 54.25 3.92 -5.99
C GLU D 594 54.78 5.33 -6.23
N MET D 595 55.06 6.07 -5.16
CA MET D 595 55.67 7.39 -5.33
C MET D 595 57.05 7.27 -5.97
N THR D 596 57.82 6.25 -5.57
CA THR D 596 59.12 6.03 -6.19
C THR D 596 58.97 5.59 -7.64
N SER D 597 57.99 4.74 -7.93
CA SER D 597 57.73 4.31 -9.30
C SER D 597 57.29 5.46 -10.19
N TRP D 598 56.69 6.51 -9.60
CA TRP D 598 56.37 7.70 -10.39
C TRP D 598 57.61 8.29 -11.06
N LEU D 599 58.78 8.07 -10.48
CA LEU D 599 60.04 8.59 -11.01
C LEU D 599 60.82 7.53 -11.79
N ASP D 600 60.12 6.63 -12.48
CA ASP D 600 60.79 5.60 -13.27
C ASP D 600 61.50 6.15 -14.50
N PHE D 601 61.22 7.40 -14.88
CA PHE D 601 61.84 7.97 -16.07
C PHE D 601 63.35 8.15 -15.91
N ASP D 602 63.85 8.26 -14.68
CA ASP D 602 65.27 8.45 -14.44
C ASP D 602 65.73 7.32 -13.53
N THR D 603 66.18 6.23 -14.16
CA THR D 603 66.73 5.10 -13.44
C THR D 603 67.99 5.55 -12.71
N GLY D 604 67.86 5.75 -11.41
CA GLY D 604 68.90 6.34 -10.61
C GLY D 604 68.35 7.40 -9.68
N LEU D 605 67.52 8.31 -10.21
CA LEU D 605 66.90 9.32 -9.36
C LEU D 605 65.92 8.70 -8.39
N MET D 606 65.13 7.73 -8.87
CA MET D 606 64.26 6.99 -7.96
C MET D 606 65.07 6.20 -6.95
N ASN D 607 66.26 5.73 -7.33
CA ASN D 607 67.09 4.98 -6.40
C ASN D 607 67.62 5.83 -5.26
N ASP D 608 67.78 7.14 -5.46
CA ASP D 608 68.15 7.98 -4.34
C ASP D 608 66.93 8.52 -3.60
N THR D 609 65.82 8.73 -4.30
CA THR D 609 64.64 9.34 -3.69
C THR D 609 63.73 8.33 -3.00
N GLY D 610 63.96 7.04 -3.19
CA GLY D 610 63.18 6.02 -2.52
C GLY D 610 63.49 5.91 -1.05
N PRO D 611 64.74 5.54 -0.72
CA PRO D 611 65.11 5.46 0.70
C PRO D 611 64.95 6.79 1.44
N ILE D 612 65.22 7.92 0.78
CA ILE D 612 65.01 9.21 1.43
C ILE D 612 63.52 9.40 1.74
N LEU D 613 62.65 9.02 0.81
CA LEU D 613 61.22 9.14 1.05
C LEU D 613 60.76 8.24 2.19
N ARG D 614 61.24 7.00 2.21
CA ARG D 614 60.87 6.09 3.30
C ARG D 614 61.36 6.61 4.65
N LEU D 615 62.57 7.16 4.68
CA LEU D 615 63.10 7.73 5.91
C LEU D 615 62.30 8.95 6.34
N LEU D 616 61.88 9.78 5.39
CA LEU D 616 61.05 10.93 5.71
C LEU D 616 59.71 10.50 6.29
N VAL D 617 59.09 9.48 5.68
CA VAL D 617 57.82 8.99 6.20
C VAL D 617 57.99 8.41 7.60
N LEU D 618 59.08 7.67 7.82
CA LEU D 618 59.34 7.09 9.13
C LEU D 618 59.54 8.17 10.18
N ALA D 619 60.28 9.23 9.83
CA ALA D 619 60.50 10.32 10.77
C ALA D 619 59.23 11.12 11.03
N ILE D 620 58.38 11.26 10.01
CA ILE D 620 57.09 11.93 10.20
C ILE D 620 56.20 11.14 11.14
N LEU D 621 56.18 9.82 10.98
CA LEU D 621 55.35 8.98 11.82
C LEU D 621 55.86 8.93 13.25
N CYS D 622 57.18 8.78 13.42
CA CYS D 622 57.76 8.70 14.76
C CYS D 622 57.80 10.04 15.46
N SER D 623 57.46 11.13 14.78
CA SER D 623 57.40 12.46 15.39
C SER D 623 56.23 13.24 14.81
N PRO D 624 55.00 12.90 15.24
CA PRO D 624 53.82 13.64 14.77
C PRO D 624 53.67 14.95 15.53
N SER D 625 53.97 16.06 14.84
CA SER D 625 53.92 17.37 15.47
C SER D 625 53.27 18.36 14.51
N LYS D 626 52.60 19.36 15.07
CA LYS D 626 51.97 20.39 14.26
C LYS D 626 53.02 21.17 13.46
N ARG D 627 54.23 21.28 13.99
CA ARG D 627 55.29 22.00 13.28
C ARG D 627 55.64 21.31 11.98
N ASN D 628 55.68 19.97 11.97
CA ASN D 628 55.98 19.24 10.75
C ASN D 628 54.85 19.40 9.73
N GLN D 629 53.60 19.41 10.19
CA GLN D 629 52.48 19.66 9.28
C GLN D 629 52.59 21.05 8.66
N THR D 630 52.90 22.06 9.48
CA THR D 630 53.04 23.42 8.96
C THR D 630 54.20 23.51 7.97
N PHE D 631 55.30 22.82 8.26
CA PHE D 631 56.45 22.86 7.36
C PHE D 631 56.14 22.19 6.03
N LEU D 632 55.40 21.06 6.07
CA LEU D 632 55.07 20.39 4.82
C LEU D 632 54.05 21.17 4.01
N GLN D 633 53.13 21.87 4.68
CA GLN D 633 52.23 22.76 3.95
C GLN D 633 53.00 23.91 3.32
N GLY D 634 53.96 24.48 4.04
CA GLY D 634 54.82 25.50 3.47
C GLY D 634 55.58 24.98 2.27
N LEU D 635 56.03 23.72 2.33
CA LEU D 635 56.71 23.13 1.18
C LEU D 635 55.76 22.95 0.01
N ARG D 636 54.49 22.63 0.29
CA ARG D 636 53.49 22.57 -0.78
C ARG D 636 53.35 23.91 -1.48
N TYR D 637 53.23 24.98 -0.69
CA TYR D 637 53.12 26.32 -1.28
C TYR D 637 54.39 26.70 -2.01
N PHE D 638 55.55 26.30 -1.49
CA PHE D 638 56.81 26.57 -2.18
C PHE D 638 56.87 25.88 -3.53
N LEU D 639 56.43 24.63 -3.60
CA LEU D 639 56.41 23.93 -4.88
C LEU D 639 55.43 24.59 -5.84
N MET D 640 54.26 24.98 -5.32
CA MET D 640 53.28 25.68 -6.15
C MET D 640 53.86 26.95 -6.75
N ALA D 641 54.64 27.69 -5.96
CA ALA D 641 55.27 28.90 -6.46
C ALA D 641 56.45 28.59 -7.40
N PHE D 642 57.12 27.46 -7.16
CA PHE D 642 58.28 27.11 -7.98
C PHE D 642 57.85 26.70 -9.38
N ALA D 643 56.75 25.95 -9.50
CA ALA D 643 56.31 25.49 -10.81
C ALA D 643 55.85 26.66 -11.68
N ASN D 644 55.21 27.65 -11.08
CA ASN D 644 54.70 28.80 -11.81
C ASN D 644 55.81 29.81 -12.05
N GLN D 645 55.43 31.03 -12.42
CA GLN D 645 56.39 32.07 -12.79
C GLN D 645 56.40 33.28 -11.87
N ILE D 646 55.30 33.59 -11.20
CA ILE D 646 55.20 34.77 -10.34
C ILE D 646 54.75 34.32 -8.96
N HIS D 647 55.39 34.87 -7.92
CA HIS D 647 55.04 34.52 -6.55
C HIS D 647 55.24 35.72 -5.65
N HIS D 648 54.61 35.66 -4.47
CA HIS D 648 54.65 36.76 -3.53
C HIS D 648 56.05 36.93 -2.94
N ILE D 649 56.37 38.16 -2.54
CA ILE D 649 57.69 38.44 -2.01
C ILE D 649 57.85 37.89 -0.60
N ASP D 650 56.75 37.76 0.15
CA ASP D 650 56.80 37.23 1.51
C ASP D 650 56.52 35.73 1.55
N LEU D 651 56.83 35.00 0.49
CA LEU D 651 56.59 33.57 0.47
C LEU D 651 57.51 32.84 1.43
N THR D 652 58.82 33.01 1.26
CA THR D 652 59.79 32.29 2.09
C THR D 652 59.71 32.71 3.55
N SER D 653 59.12 33.87 3.86
CA SER D 653 58.95 34.28 5.24
C SER D 653 57.85 33.50 5.94
N LYS D 654 56.99 32.82 5.18
CA LYS D 654 55.91 32.02 5.76
C LYS D 654 56.22 30.53 5.76
N LEU D 655 57.26 30.09 5.06
CA LEU D 655 57.61 28.67 5.05
C LEU D 655 58.45 28.27 6.25
N VAL D 656 59.07 29.23 6.93
CA VAL D 656 59.91 28.90 8.08
C VAL D 656 59.04 28.50 9.26
N VAL D 657 59.43 27.44 9.94
CA VAL D 657 58.75 26.97 11.14
C VAL D 657 59.82 26.72 12.21
N GLU D 658 59.65 27.35 13.38
CA GLU D 658 60.60 27.15 14.46
C GLU D 658 60.57 25.71 14.92
N CYS D 659 61.73 25.06 14.90
CA CYS D 659 61.78 23.63 15.16
C CYS D 659 61.53 23.32 16.64
N LYS D 660 62.25 23.99 17.53
CA LYS D 660 62.20 23.79 18.97
C LYS D 660 62.62 22.39 19.39
N SER D 661 63.11 21.57 18.45
CA SER D 661 63.57 20.22 18.73
C SER D 661 64.28 19.69 17.51
N SER D 662 65.19 18.74 17.74
CA SER D 662 65.91 18.11 16.63
C SER D 662 65.03 17.17 15.82
N SER D 663 63.98 16.62 16.43
CA SER D 663 63.06 15.75 15.70
C SER D 663 62.35 16.49 14.57
N GLU D 664 62.25 17.81 14.66
CA GLU D 664 61.72 18.61 13.56
C GLU D 664 62.81 18.98 12.56
N VAL D 665 64.02 19.25 13.07
CA VAL D 665 65.14 19.60 12.19
C VAL D 665 65.44 18.46 11.23
N VAL D 666 65.36 17.22 11.70
CA VAL D 666 65.71 16.10 10.84
C VAL D 666 64.69 15.95 9.71
N VAL D 667 63.40 16.08 10.02
CA VAL D 667 62.40 15.93 8.97
C VAL D 667 62.44 17.10 8.01
N GLN D 668 62.77 18.31 8.50
CA GLN D 668 62.90 19.44 7.61
C GLN D 668 64.10 19.26 6.68
N ARG D 669 65.22 18.78 7.21
CA ARG D 669 66.37 18.48 6.37
C ARG D 669 66.03 17.42 5.32
N LEU D 670 65.31 16.38 5.72
CA LEU D 670 64.94 15.32 4.78
C LEU D 670 64.05 15.87 3.66
N ALA D 671 63.03 16.64 4.02
CA ALA D 671 62.11 17.18 3.03
C ALA D 671 62.83 18.14 2.08
N VAL D 672 63.68 19.01 2.62
CA VAL D 672 64.39 19.98 1.79
C VAL D 672 65.39 19.27 0.89
N GLY D 673 66.06 18.23 1.39
CA GLY D 673 66.97 17.47 0.56
C GLY D 673 66.25 16.74 -0.56
N LEU D 674 65.05 16.23 -0.28
CA LEU D 674 64.26 15.59 -1.32
C LEU D 674 63.85 16.60 -2.39
N PHE D 675 63.34 17.76 -1.96
CA PHE D 675 62.97 18.81 -2.91
C PHE D 675 64.16 19.25 -3.75
N ILE D 676 65.33 19.37 -3.14
CA ILE D 676 66.51 19.80 -3.87
C ILE D 676 66.94 18.72 -4.87
N ARG D 677 66.98 17.46 -4.44
CA ARG D 677 67.35 16.37 -5.33
C ARG D 677 66.39 16.28 -6.50
N LEU D 678 65.12 16.63 -6.31
CA LEU D 678 64.16 16.61 -7.40
C LEU D 678 64.16 17.88 -8.23
N LEU D 679 64.72 18.97 -7.73
CA LEU D 679 64.64 20.25 -8.43
C LEU D 679 65.99 20.84 -8.81
N SER D 680 67.03 20.61 -8.02
CA SER D 680 68.31 21.25 -8.27
C SER D 680 69.00 20.67 -9.51
N GLY D 681 69.83 21.49 -10.14
CA GLY D 681 70.52 21.12 -11.35
C GLY D 681 70.51 22.21 -12.39
N GLU D 682 71.37 22.09 -13.41
CA GLU D 682 71.49 23.14 -14.42
C GLU D 682 70.61 22.86 -15.64
N SER D 683 70.84 21.73 -16.30
CA SER D 683 70.09 21.37 -17.49
C SER D 683 69.29 20.09 -17.32
N ASP D 684 69.93 19.01 -16.89
CA ASP D 684 69.25 17.72 -16.72
C ASP D 684 68.68 17.60 -15.31
N ALA D 685 67.78 18.54 -14.99
CA ALA D 685 67.14 18.57 -13.68
C ALA D 685 65.63 18.57 -13.72
N SER D 686 65.01 18.83 -14.87
CA SER D 686 63.57 18.86 -15.02
C SER D 686 63.13 17.98 -16.19
N LEU D 687 63.65 16.75 -16.23
CA LEU D 687 63.34 15.85 -17.33
C LEU D 687 61.84 15.62 -17.45
N PHE D 688 61.24 15.01 -16.44
CA PHE D 688 59.79 14.80 -16.36
C PHE D 688 59.27 15.67 -15.21
N PHE D 689 58.96 16.92 -15.52
CA PHE D 689 58.56 17.84 -14.46
C PHE D 689 57.14 17.60 -13.97
N SER D 690 56.29 16.95 -14.77
CA SER D 690 54.96 16.59 -14.28
C SER D 690 55.06 15.55 -13.18
N ARG D 691 55.86 14.50 -13.40
CA ARG D 691 56.11 13.50 -12.38
C ARG D 691 56.77 14.12 -11.16
N ARG D 692 57.73 15.03 -11.39
CA ARG D 692 58.40 15.69 -10.27
C ARG D 692 57.42 16.51 -9.43
N PHE D 693 56.54 17.26 -10.10
CA PHE D 693 55.56 18.06 -9.39
C PHE D 693 54.59 17.18 -8.61
N LYS D 694 54.14 16.08 -9.22
CA LYS D 694 53.25 15.16 -8.51
C LYS D 694 53.94 14.57 -7.29
N TYR D 695 55.18 14.12 -7.44
CA TYR D 695 55.94 13.55 -6.34
C TYR D 695 56.09 14.55 -5.21
N LEU D 696 56.52 15.78 -5.53
CA LEU D 696 56.75 16.77 -4.49
C LEU D 696 55.46 17.22 -3.83
N LEU D 697 54.37 17.30 -4.60
CA LEU D 697 53.09 17.67 -4.02
C LEU D 697 52.60 16.60 -3.06
N ASN D 698 52.80 15.33 -3.40
CA ASN D 698 52.42 14.25 -2.49
C ASN D 698 53.32 14.23 -1.26
N VAL D 699 54.61 14.52 -1.44
CA VAL D 699 55.53 14.58 -0.30
C VAL D 699 55.12 15.70 0.64
N SER D 700 54.67 16.83 0.09
CA SER D 700 54.23 17.93 0.93
C SER D 700 52.89 17.62 1.60
N TYR D 701 52.00 16.90 0.89
CA TYR D 701 50.73 16.50 1.48
C TYR D 701 50.89 15.35 2.46
N LEU D 702 52.08 14.77 2.56
CA LEU D 702 52.36 13.80 3.62
C LEU D 702 52.10 14.35 5.02
N CYS D 703 51.88 15.66 5.15
CA CYS D 703 51.51 16.22 6.45
C CYS D 703 50.20 15.65 6.97
N HIS D 704 49.36 15.10 6.10
CA HIS D 704 48.13 14.48 6.54
C HIS D 704 48.38 13.17 7.28
N LEU D 705 49.59 12.60 7.16
CA LEU D 705 49.92 11.43 7.97
C LEU D 705 49.90 11.78 9.45
N ILE D 706 50.35 12.98 9.81
CA ILE D 706 50.27 13.43 11.19
C ILE D 706 48.83 13.80 11.50
N THR D 707 48.31 13.27 12.61
CA THR D 707 46.95 13.58 13.00
C THR D 707 46.82 15.03 13.43
N LYS D 708 45.59 15.51 13.44
CA LYS D 708 45.26 16.89 13.84
C LYS D 708 44.33 16.81 15.03
N GLU D 709 44.91 16.71 16.24
CA GLU D 709 44.09 16.51 17.43
C GLU D 709 44.59 17.34 18.61
N THR D 710 45.16 18.51 18.35
CA THR D 710 45.52 19.49 19.37
C THR D 710 46.37 18.88 20.48
N PRO D 711 47.67 18.62 20.24
CA PRO D 711 48.53 18.00 21.26
C PRO D 711 48.31 18.52 22.66
N ASP D 712 48.05 19.82 22.79
CA ASP D 712 47.68 20.43 24.06
C ASP D 712 46.43 21.27 23.82
N ARG D 713 45.34 20.90 24.47
CA ARG D 713 44.08 21.63 24.28
C ARG D 713 44.17 23.05 24.80
N LEU D 714 44.76 23.23 25.98
CA LEU D 714 44.85 24.58 26.56
C LEU D 714 45.80 25.45 25.74
N THR D 715 46.92 24.90 25.28
CA THR D 715 47.86 25.67 24.48
C THR D 715 47.22 26.11 23.17
N ASP D 716 46.47 25.21 22.52
CA ASP D 716 45.83 25.58 21.27
C ASP D 716 44.67 26.54 21.49
N GLN D 717 43.99 26.45 22.63
CA GLN D 717 42.99 27.47 22.96
C GLN D 717 43.63 28.83 23.15
N ILE D 718 44.78 28.88 23.82
CA ILE D 718 45.52 30.12 23.98
C ILE D 718 45.92 30.67 22.62
N LYS D 719 46.40 29.80 21.73
CA LYS D 719 46.83 30.25 20.40
C LYS D 719 45.64 30.75 19.58
N CYS D 720 44.49 30.10 19.71
CA CYS D 720 43.29 30.55 19.02
C CYS D 720 42.84 31.91 19.53
N PHE D 721 42.87 32.10 20.85
CA PHE D 721 42.52 33.41 21.40
C PHE D 721 43.51 34.48 20.94
N GLU D 722 44.79 34.12 20.83
CA GLU D 722 45.78 35.06 20.34
C GLU D 722 45.48 35.46 18.90
N LYS D 723 45.23 34.47 18.04
CA LYS D 723 44.91 34.76 16.65
C LYS D 723 43.61 35.55 16.52
N PHE D 724 42.71 35.39 17.50
CA PHE D 724 41.42 36.09 17.44
C PHE D 724 41.55 37.53 17.90
N ILE D 725 42.39 37.81 18.91
CA ILE D 725 42.44 39.13 19.52
C ILE D 725 43.60 39.98 19.04
N GLU D 726 44.60 39.41 18.38
CA GLU D 726 45.75 40.19 17.93
C GLU D 726 45.35 41.23 16.86
N PRO D 727 44.56 40.87 15.84
CA PRO D 727 44.14 41.91 14.88
C PRO D 727 43.36 43.04 15.52
N LYS D 728 42.55 42.76 16.53
CA LYS D 728 41.78 43.83 17.17
C LYS D 728 42.70 44.77 17.96
N VAL D 729 43.65 44.21 18.70
CA VAL D 729 44.58 45.04 19.45
C VAL D 729 45.46 45.86 18.50
N LYS D 730 45.89 45.25 17.40
CA LYS D 730 46.69 45.97 16.42
C LYS D 730 45.87 47.04 15.70
N PHE D 731 44.56 46.84 15.58
CA PHE D 731 43.71 47.82 14.92
C PHE D 731 43.35 48.96 15.86
N GLY D 732 42.81 48.64 17.03
CA GLY D 732 42.49 49.65 18.02
C GLY D 732 41.03 49.66 18.43
N CYS D 733 40.34 48.53 18.23
CA CYS D 733 38.94 48.40 18.63
C CYS D 733 38.80 47.05 19.35
N ALA D 734 39.01 47.08 20.66
CA ALA D 734 38.96 45.87 21.49
C ALA D 734 38.18 46.14 22.76
N VAL D 735 36.99 46.73 22.62
CA VAL D 735 36.16 47.04 23.78
C VAL D 735 35.80 45.75 24.51
N VAL D 736 36.05 45.73 25.81
CA VAL D 736 35.89 44.54 26.65
C VAL D 736 34.64 44.69 27.51
N ASN D 737 33.81 43.66 27.54
CA ASN D 737 32.60 43.63 28.34
C ASN D 737 31.75 44.89 28.14
N PRO D 738 31.35 45.19 26.90
CA PRO D 738 30.73 46.49 26.63
C PRO D 738 29.45 46.73 27.42
N SER D 739 28.42 45.92 27.17
CA SER D 739 27.22 45.96 28.01
C SER D 739 26.63 44.58 28.30
N LEU D 740 26.85 43.58 27.45
CA LEU D 740 26.18 42.27 27.52
C LEU D 740 24.67 42.39 27.33
N ASN D 741 24.19 43.60 27.10
CA ASN D 741 22.77 43.86 26.83
C ASN D 741 22.57 44.68 25.56
N GLY D 742 23.44 45.63 25.28
CA GLY D 742 23.31 46.46 24.09
C GLY D 742 23.28 47.94 24.41
N LYS D 743 23.75 48.32 25.59
CA LYS D 743 23.79 49.72 26.03
C LYS D 743 25.25 50.10 26.22
N LEU D 744 25.89 50.56 25.15
CA LEU D 744 27.30 50.92 25.21
C LEU D 744 27.49 52.25 25.94
N THR D 745 28.61 52.36 26.65
CA THR D 745 28.94 53.58 27.36
C THR D 745 29.52 54.60 26.37
N VAL D 746 29.96 55.74 26.92
CA VAL D 746 30.49 56.81 26.06
C VAL D 746 31.83 56.40 25.47
N ASP D 747 32.72 55.83 26.28
CA ASP D 747 34.02 55.41 25.78
C ASP D 747 33.88 54.24 24.81
N GLN D 748 32.92 53.35 25.06
CA GLN D 748 32.72 52.20 24.19
C GLN D 748 32.22 52.64 22.81
N GLU D 749 31.20 53.51 22.77
CA GLU D 749 30.74 54.01 21.48
C GLU D 749 31.80 54.85 20.80
N ASP D 750 32.61 55.59 21.58
CA ASP D 750 33.69 56.37 21.00
C ASP D 750 34.71 55.48 20.31
N ILE D 751 35.14 54.41 20.98
CA ILE D 751 36.14 53.54 20.39
C ILE D 751 35.54 52.75 19.23
N MET D 752 34.25 52.44 19.28
CA MET D 752 33.62 51.76 18.14
C MET D 752 33.57 52.67 16.92
N ILE D 753 33.19 53.93 17.11
CA ILE D 753 33.14 54.86 15.98
C ILE D 753 34.54 55.14 15.46
N ASN D 754 35.53 55.20 16.35
CA ASN D 754 36.91 55.37 15.91
C ASN D 754 37.38 54.17 15.10
N GLY D 755 37.04 52.96 15.52
CA GLY D 755 37.36 51.78 14.74
C GLY D 755 36.70 51.79 13.37
N LEU D 756 35.44 52.21 13.32
CA LEU D 756 34.75 52.31 12.03
C LEU D 756 35.43 53.32 11.11
N LYS D 757 35.75 54.49 11.65
CA LYS D 757 36.42 55.51 10.85
C LYS D 757 37.79 55.03 10.36
N LYS D 758 38.55 54.36 11.23
CA LYS D 758 39.83 53.81 10.80
C LYS D 758 39.65 52.72 9.75
N PHE D 759 38.54 51.98 9.83
CA PHE D 759 38.26 50.96 8.82
C PHE D 759 37.89 51.59 7.48
N PHE D 760 37.34 52.80 7.51
CA PHE D 760 36.92 53.48 6.28
C PHE D 760 37.73 54.75 6.02
N SER D 761 39.00 54.76 6.41
CA SER D 761 39.89 55.89 6.15
C SER D 761 41.07 55.51 5.26
N LYS D 762 40.89 54.52 4.39
CA LYS D 762 41.95 54.07 3.50
C LYS D 762 41.83 54.82 2.17
N SER D 763 42.85 55.62 1.87
CA SER D 763 42.88 56.38 0.63
C SER D 763 43.22 55.46 -0.54
N LEU D 764 43.27 56.04 -1.74
CA LEU D 764 43.58 55.29 -2.95
C LEU D 764 44.95 55.64 -3.52
N ARG D 765 45.68 56.56 -2.90
CA ARG D 765 46.98 56.98 -3.38
C ARG D 765 48.04 56.85 -2.29
N ASP D 766 47.92 55.80 -1.47
CA ASP D 766 48.88 55.55 -0.40
C ASP D 766 49.21 54.06 -0.38
N THR D 767 50.50 53.76 -0.34
CA THR D 767 50.98 52.38 -0.34
C THR D 767 51.45 51.92 1.04
N GLU D 768 51.42 52.79 2.03
CA GLU D 768 51.80 52.43 3.39
C GLU D 768 50.61 51.89 4.19
N ASP D 769 49.53 51.50 3.52
CA ASP D 769 48.34 51.00 4.20
C ASP D 769 47.75 49.81 3.47
N VAL D 770 48.60 48.98 2.86
CA VAL D 770 48.13 47.84 2.07
C VAL D 770 48.15 46.58 2.93
N GLN D 771 48.26 46.76 4.26
CA GLN D 771 48.28 45.63 5.18
C GLN D 771 47.34 45.78 6.37
N THR D 772 46.90 46.99 6.70
CA THR D 772 46.00 47.12 7.83
C THR D 772 44.56 46.87 7.40
N PRO D 773 43.75 46.28 8.27
CA PRO D 773 42.35 46.01 7.90
C PRO D 773 41.61 47.29 7.57
N GLY D 774 40.72 47.19 6.59
CA GLY D 774 39.93 48.34 6.15
C GLY D 774 39.57 48.19 4.69
N VAL D 775 38.95 49.25 4.17
CA VAL D 775 38.50 49.27 2.79
C VAL D 775 38.52 50.72 2.30
N CYS D 776 38.85 50.91 1.03
CA CYS D 776 38.82 52.23 0.42
C CYS D 776 37.40 52.58 0.02
N LYS D 777 36.93 53.73 0.48
CA LYS D 777 35.55 54.13 0.21
C LYS D 777 35.32 54.41 -1.26
N GLU D 778 36.28 55.06 -1.91
CA GLU D 778 36.11 55.38 -3.33
C GLU D 778 36.15 54.13 -4.20
N LEU D 779 37.04 53.20 -3.88
CA LEU D 779 37.11 51.95 -4.64
C LEU D 779 35.85 51.11 -4.43
N LEU D 780 35.33 51.09 -3.20
CA LEU D 780 34.08 50.37 -2.94
C LEU D 780 32.92 51.04 -3.67
N ASN D 781 32.92 52.37 -3.75
CA ASN D 781 31.88 53.06 -4.50
C ASN D 781 31.95 52.71 -5.97
N TYR D 782 33.17 52.67 -6.54
CA TYR D 782 33.31 52.27 -7.94
C TYR D 782 32.83 50.85 -8.15
N CYS D 783 33.15 49.96 -7.20
CA CYS D 783 32.70 48.57 -7.29
C CYS D 783 31.17 48.49 -7.30
N VAL D 784 30.52 49.18 -6.36
CA VAL D 784 29.06 49.13 -6.29
C VAL D 784 28.44 49.75 -7.54
N SER D 785 29.02 50.84 -8.03
CA SER D 785 28.48 51.49 -9.22
C SER D 785 28.59 50.62 -10.45
N LEU D 786 29.73 49.93 -10.61
CA LEU D 786 29.88 49.04 -11.76
C LEU D 786 29.02 47.79 -11.60
N PHE D 787 28.72 47.39 -10.37
CA PHE D 787 27.84 46.24 -10.18
C PHE D 787 26.38 46.60 -10.45
N ASN D 788 25.98 47.83 -10.14
CA ASN D 788 24.57 48.19 -10.25
C ASN D 788 24.13 48.23 -11.71
N ARG D 789 24.88 48.92 -12.56
CA ARG D 789 24.42 49.15 -13.93
C ARG D 789 24.82 48.01 -14.87
N GLY D 790 24.73 46.78 -14.39
CA GLY D 790 25.12 45.60 -15.13
C GLY D 790 26.43 45.68 -15.91
N LYS D 791 27.47 46.26 -15.32
CA LYS D 791 28.77 46.36 -15.99
C LYS D 791 29.66 45.17 -15.67
N LEU D 792 29.55 44.60 -14.47
CA LEU D 792 30.32 43.43 -14.08
C LEU D 792 29.71 42.16 -14.65
N LYS D 793 30.45 41.05 -14.54
CA LYS D 793 29.96 39.77 -15.02
C LYS D 793 28.79 39.26 -14.18
N VAL D 794 28.64 39.73 -12.95
CA VAL D 794 27.46 39.46 -12.13
C VAL D 794 26.58 40.69 -12.13
N SER D 795 25.26 40.47 -12.13
CA SER D 795 24.30 41.55 -12.23
C SER D 795 23.40 41.59 -11.00
N GLY D 796 22.85 42.77 -10.72
CA GLY D 796 21.92 42.94 -9.63
C GLY D 796 20.52 42.42 -9.89
N GLU D 797 20.20 42.11 -11.14
CA GLU D 797 18.88 41.58 -11.48
C GLU D 797 18.80 40.13 -11.01
N LEU D 798 18.47 39.97 -9.73
CA LEU D 798 18.40 38.65 -9.13
C LEU D 798 17.03 38.01 -9.35
N LYS D 799 16.93 36.74 -9.00
CA LYS D 799 15.69 35.98 -9.10
C LYS D 799 15.49 35.19 -7.82
N ASN D 800 14.23 34.85 -7.53
CA ASN D 800 13.86 34.10 -6.34
C ASN D 800 14.33 34.83 -5.07
N ASN D 801 13.73 36.00 -4.86
CA ASN D 801 14.04 36.91 -3.76
C ASN D 801 14.27 36.18 -2.46
N PRO D 802 15.38 36.46 -1.77
CA PRO D 802 15.74 35.66 -0.58
C PRO D 802 14.85 35.90 0.63
N PHE D 803 13.98 36.90 0.60
CA PHE D 803 13.14 37.23 1.76
C PHE D 803 12.11 36.13 1.95
N ARG D 804 12.35 35.27 2.94
CA ARG D 804 11.42 34.18 3.25
C ARG D 804 11.62 33.69 4.68
N SER D 1101 12.75 38.58 25.02
CA SER D 1101 12.01 38.49 23.77
C SER D 1101 12.37 39.63 22.83
N PRO D 1102 12.51 39.33 21.54
CA PRO D 1102 12.88 40.38 20.58
C PRO D 1102 11.73 41.33 20.30
N THR D 1103 11.50 42.27 21.23
CA THR D 1103 10.41 43.23 21.13
C THR D 1103 10.89 44.61 20.69
N GLU D 1104 11.99 45.09 21.26
CA GLU D 1104 12.58 46.37 20.88
C GLU D 1104 14.00 46.12 20.39
N PHE D 1105 14.29 46.58 19.18
CA PHE D 1105 15.56 46.33 18.53
C PHE D 1105 16.20 47.65 18.12
N THR D 1106 17.52 47.61 17.93
CA THR D 1106 18.28 48.76 17.51
C THR D 1106 19.48 48.27 16.70
N SER D 1107 20.43 49.18 16.46
CA SER D 1107 21.65 48.82 15.72
C SER D 1107 22.59 47.95 16.52
N ILE D 1108 22.41 47.85 17.83
CA ILE D 1108 23.32 47.10 18.69
C ILE D 1108 22.75 45.73 19.02
N SER D 1109 21.53 45.68 19.54
CA SER D 1109 20.92 44.43 19.98
C SER D 1109 19.42 44.50 19.74
N SER D 1110 18.70 43.53 20.31
CA SER D 1110 17.24 43.48 20.23
C SER D 1110 16.62 43.13 21.57
N ASN D 1111 17.34 43.41 22.66
CA ASN D 1111 16.90 43.09 24.02
C ASN D 1111 16.58 41.61 24.18
N SER D 1112 17.25 40.78 23.39
CA SER D 1112 17.18 39.33 23.50
C SER D 1112 18.59 38.75 23.42
N GLY D 1113 19.55 39.44 24.01
CA GLY D 1113 20.95 39.11 23.88
C GLY D 1113 21.69 40.20 23.13
N ASN D 1114 22.94 39.89 22.77
CA ASN D 1114 23.78 40.80 22.01
C ASN D 1114 24.52 40.08 20.90
N LEU D 1115 23.87 39.10 20.27
CA LEU D 1115 24.50 38.22 19.28
C LEU D 1115 25.78 37.61 19.86
N LYS D 1116 25.60 36.88 20.95
CA LYS D 1116 26.72 36.35 21.71
C LYS D 1116 27.24 35.07 21.07
N PHE D 1117 28.49 35.10 20.64
CA PHE D 1117 29.22 33.91 20.21
C PHE D 1117 30.23 33.51 21.27
N GLY D 1118 30.80 32.33 21.11
CA GLY D 1118 31.86 31.87 21.99
C GLY D 1118 33.00 31.31 21.18
N LEU D 1119 34.23 31.68 21.58
CA LEU D 1119 35.42 31.36 20.81
C LEU D 1119 35.85 29.92 21.03
N SER D 1120 36.37 29.30 19.98
CA SER D 1120 36.93 27.95 20.06
C SER D 1120 37.75 27.71 18.80
N TYR D 1121 38.37 26.53 18.73
CA TYR D 1121 39.20 26.17 17.60
C TYR D 1121 38.56 25.03 16.82
N LYS D 1122 39.12 24.78 15.64
CA LYS D 1122 38.73 23.66 14.80
C LYS D 1122 40.01 23.00 14.32
N GLU D 1123 40.14 21.70 14.58
CA GLU D 1123 41.37 20.98 14.26
C GLU D 1123 41.57 20.91 12.76
N GLN D 1124 42.66 21.50 12.28
CA GLN D 1124 43.05 21.43 10.88
C GLN D 1124 44.49 20.93 10.80
N VAL D 1125 44.95 20.70 9.57
CA VAL D 1125 46.28 20.14 9.35
C VAL D 1125 47.35 21.17 9.71
N GLY D 1126 47.35 22.30 8.99
CA GLY D 1126 48.36 23.31 9.22
C GLY D 1126 48.20 24.05 10.53
N SER D 1127 47.12 24.83 10.66
CA SER D 1127 46.86 25.59 11.87
C SER D 1127 45.40 25.46 12.23
N ASN D 1128 45.11 25.47 13.53
CA ASN D 1128 43.75 25.35 14.00
C ASN D 1128 42.91 26.54 13.54
N ARG D 1129 41.85 26.25 12.78
CA ARG D 1129 40.98 27.31 12.30
C ARG D 1129 40.16 27.88 13.44
N GLU D 1130 39.67 29.11 13.25
CA GLU D 1130 38.79 29.71 14.23
C GLU D 1130 37.42 29.03 14.22
N LEU D 1131 36.68 29.19 15.31
CA LEU D 1131 35.34 28.64 15.41
C LEU D 1131 34.54 29.46 16.41
N TYR D 1132 33.28 29.72 16.07
CA TYR D 1132 32.40 30.53 16.90
C TYR D 1132 31.10 29.77 17.12
N VAL D 1133 30.82 29.39 18.36
CA VAL D 1133 29.58 28.71 18.72
C VAL D 1133 28.63 29.73 19.33
N GLY D 1134 27.51 29.98 18.67
CA GLY D 1134 26.57 30.98 19.10
C GLY D 1134 25.35 30.38 19.77
N ASP D 1135 24.66 31.22 20.56
CA ASP D 1135 23.43 30.82 21.20
C ASP D 1135 22.32 30.62 20.17
N LEU D 1136 21.11 30.31 20.64
CA LEU D 1136 20.04 29.97 19.70
C LEU D 1136 19.63 31.16 18.86
N ASN D 1137 19.41 32.32 19.49
CA ASN D 1137 18.93 33.49 18.76
C ASN D 1137 19.97 34.00 17.77
N THR D 1138 21.23 34.11 18.21
CA THR D 1138 22.27 34.57 17.29
C THR D 1138 22.54 33.53 16.20
N LYS D 1139 22.36 32.24 16.51
CA LYS D 1139 22.50 31.24 15.47
C LYS D 1139 21.40 31.37 14.44
N LEU D 1140 20.18 31.70 14.87
CA LEU D 1140 19.11 31.94 13.92
C LEU D 1140 19.38 33.17 13.09
N MET D 1141 19.98 34.21 13.68
CA MET D 1141 20.34 35.40 12.90
C MET D 1141 21.40 35.07 11.85
N THR D 1142 22.44 34.33 12.23
CA THR D 1142 23.42 33.88 11.27
C THR D 1142 22.79 33.04 10.17
N ARG D 1143 21.85 32.15 10.54
CA ARG D 1143 21.16 31.35 9.55
C ARG D 1143 20.39 32.23 8.58
N LEU D 1144 19.74 33.28 9.09
CA LEU D 1144 19.02 34.22 8.23
C LEU D 1144 19.94 34.87 7.22
N VAL D 1145 21.05 35.45 7.71
CA VAL D 1145 21.99 36.13 6.82
C VAL D 1145 22.58 35.14 5.82
N GLU D 1146 22.81 33.91 6.26
CA GLU D 1146 23.39 32.89 5.38
C GLU D 1146 22.41 32.52 4.28
N ASP D 1147 21.13 32.37 4.60
CA ASP D 1147 20.15 32.07 3.56
C ASP D 1147 20.04 33.22 2.57
N PHE D 1148 20.00 34.46 3.08
CA PHE D 1148 19.92 35.61 2.19
C PHE D 1148 21.09 35.64 1.22
N SER D 1149 22.31 35.59 1.76
CA SER D 1149 23.50 35.64 0.91
C SER D 1149 23.60 34.44 -0.01
N GLU D 1150 23.11 33.27 0.44
CA GLU D 1150 23.19 32.07 -0.38
C GLU D 1150 22.23 32.15 -1.56
N ALA D 1151 21.02 32.66 -1.33
CA ALA D 1151 20.09 32.87 -2.44
C ALA D 1151 20.62 33.92 -3.40
N VAL D 1152 21.19 35.00 -2.87
CA VAL D 1152 21.80 36.02 -3.74
C VAL D 1152 22.91 35.41 -4.58
N GLY D 1153 23.73 34.54 -3.96
CA GLY D 1153 24.82 33.92 -4.70
C GLY D 1153 24.34 32.94 -5.76
N ASN D 1154 23.28 32.19 -5.45
CA ASN D 1154 22.66 31.34 -6.46
C ASN D 1154 22.12 32.17 -7.62
N SER D 1155 21.65 33.39 -7.33
CA SER D 1155 21.31 34.30 -8.40
C SER D 1155 22.54 34.78 -9.16
N MET D 1156 23.71 34.78 -8.52
CA MET D 1156 24.94 35.18 -9.19
C MET D 1156 25.45 34.02 -10.05
N LYS D 1157 26.61 34.19 -10.67
CA LYS D 1157 27.13 33.19 -11.59
C LYS D 1157 28.44 32.58 -11.13
N TYR D 1158 29.44 33.40 -10.82
CA TYR D 1158 30.82 32.92 -10.67
C TYR D 1158 31.18 32.54 -9.24
N THR D 1159 30.22 32.46 -8.33
CA THR D 1159 30.48 32.02 -6.96
C THR D 1159 30.26 30.52 -6.85
N CYS D 1160 31.27 29.82 -6.33
CA CYS D 1160 31.22 28.36 -6.17
C CYS D 1160 31.70 27.98 -4.77
N LEU D 1161 30.77 28.00 -3.82
CA LEU D 1161 31.00 27.55 -2.46
C LEU D 1161 30.05 26.45 -2.03
N ASN D 1162 28.78 26.55 -2.42
CA ASN D 1162 27.78 25.52 -2.13
C ASN D 1162 27.01 25.14 -3.40
N SER D 1163 27.56 25.44 -4.57
CA SER D 1163 26.98 25.07 -5.85
C SER D 1163 28.00 24.23 -6.59
N GLU D 1164 27.81 22.91 -6.58
CA GLU D 1164 28.76 22.00 -7.20
C GLU D 1164 28.78 22.15 -8.71
N LYS D 1165 27.68 22.61 -9.30
CA LYS D 1165 27.67 22.87 -10.74
C LYS D 1165 28.69 23.95 -11.10
N GLU D 1166 28.68 25.06 -10.37
CA GLU D 1166 29.64 26.12 -10.63
C GLU D 1166 31.05 25.68 -10.30
N PHE D 1167 31.23 24.83 -9.30
CA PHE D 1167 32.56 24.34 -8.98
C PHE D 1167 33.10 23.46 -10.11
N GLU D 1168 32.26 22.60 -10.68
CA GLU D 1168 32.69 21.79 -11.82
C GLU D 1168 32.96 22.67 -13.05
N ARG D 1169 32.15 23.71 -13.23
CA ARG D 1169 32.42 24.65 -14.32
C ARG D 1169 33.77 25.33 -14.15
N ALA D 1170 34.06 25.78 -12.93
CA ALA D 1170 35.36 26.39 -12.63
C ALA D 1170 36.48 25.38 -12.86
N ILE D 1171 36.26 24.13 -12.49
CA ILE D 1171 37.27 23.08 -12.69
C ILE D 1171 37.57 22.92 -14.17
N CYS D 1172 36.53 22.85 -15.00
CA CYS D 1172 36.73 22.66 -16.43
C CYS D 1172 37.38 23.88 -17.07
N ASP D 1173 36.97 25.08 -16.64
CA ASP D 1173 37.58 26.29 -17.18
C ASP D 1173 39.05 26.38 -16.79
N MET D 1174 39.37 26.03 -15.54
CA MET D 1174 40.77 26.02 -15.11
C MET D 1174 41.58 24.99 -15.88
N LYS D 1175 41.00 23.82 -16.13
CA LYS D 1175 41.69 22.78 -16.89
C LYS D 1175 42.00 23.26 -18.30
N MET D 1176 41.00 23.82 -18.98
CA MET D 1176 41.23 24.28 -20.35
C MET D 1176 42.17 25.48 -20.38
N ALA D 1177 42.16 26.31 -19.33
CA ALA D 1177 43.09 27.44 -19.28
C ALA D 1177 44.53 26.97 -19.10
N VAL D 1178 44.75 26.00 -18.21
CA VAL D 1178 46.08 25.45 -18.03
C VAL D 1178 46.53 24.70 -19.28
N ASN D 1179 45.59 24.10 -20.01
CA ASN D 1179 45.95 23.41 -21.25
C ASN D 1179 46.23 24.39 -22.39
N ASN D 1180 45.63 25.57 -22.36
CA ASN D 1180 45.83 26.57 -23.41
C ASN D 1180 46.91 27.59 -23.05
N GLY D 1181 47.55 27.47 -21.89
CA GLY D 1181 48.60 28.38 -21.51
C GLY D 1181 48.14 29.69 -20.93
N ASP D 1182 46.91 29.74 -20.41
CA ASP D 1182 46.41 30.98 -19.81
C ASP D 1182 47.10 31.23 -18.46
N LEU D 1183 47.04 32.48 -18.03
CA LEU D 1183 47.65 32.89 -16.77
C LEU D 1183 46.71 32.52 -15.63
N SER D 1184 46.97 31.39 -14.98
CA SER D 1184 46.20 30.99 -13.81
C SER D 1184 46.80 31.65 -12.57
N CYS D 1185 45.96 32.36 -11.83
CA CYS D 1185 46.35 33.02 -10.58
C CYS D 1185 45.57 32.35 -9.47
N SER D 1186 46.24 31.47 -8.72
CA SER D 1186 45.66 30.82 -7.56
C SER D 1186 45.88 31.73 -6.36
N TYR D 1187 44.87 32.55 -6.05
CA TYR D 1187 44.98 33.56 -5.01
C TYR D 1187 44.42 33.01 -3.71
N ASP D 1188 45.16 33.21 -2.63
CA ASP D 1188 44.67 32.96 -1.28
C ASP D 1188 44.66 34.28 -0.52
N HIS D 1189 43.71 34.41 0.41
CA HIS D 1189 43.54 35.63 1.18
C HIS D 1189 43.88 35.34 2.63
N SER D 1190 44.88 36.04 3.16
CA SER D 1190 45.32 35.83 4.53
C SER D 1190 44.42 36.57 5.50
N LYS D 1191 44.07 35.90 6.60
CA LYS D 1191 43.24 36.48 7.66
C LYS D 1191 41.92 36.99 7.09
N TRP D 1192 41.27 36.15 6.29
CA TRP D 1192 39.97 36.53 5.72
C TRP D 1192 38.96 36.81 6.82
N GLY D 1193 38.82 35.87 7.75
CA GLY D 1193 37.94 36.05 8.88
C GLY D 1193 38.32 37.21 9.79
N PRO D 1194 39.53 37.14 10.37
CA PRO D 1194 39.93 38.18 11.35
C PRO D 1194 39.96 39.60 10.80
N THR D 1195 39.92 39.79 9.48
CA THR D 1195 39.95 41.13 8.91
C THR D 1195 38.61 41.58 8.36
N MET D 1196 37.75 40.66 7.92
CA MET D 1196 36.45 41.04 7.41
C MET D 1196 35.59 41.63 8.54
N SER D 1197 34.71 42.56 8.15
CA SER D 1197 33.90 43.27 9.12
C SER D 1197 32.44 43.28 8.67
N PRO D 1198 31.50 43.13 9.61
CA PRO D 1198 30.08 43.31 9.25
C PRO D 1198 29.79 44.72 8.75
N ALA D 1199 30.54 45.72 9.21
CA ALA D 1199 30.37 47.08 8.70
C ALA D 1199 30.71 47.15 7.22
N LEU D 1200 31.66 46.34 6.76
CA LEU D 1200 31.99 46.31 5.34
C LEU D 1200 30.83 45.78 4.52
N PHE D 1201 30.18 44.70 4.98
CA PHE D 1201 29.01 44.19 4.29
C PHE D 1201 27.85 45.18 4.36
N LEU D 1202 27.75 45.94 5.46
CA LEU D 1202 26.76 47.00 5.55
C LEU D 1202 27.01 48.06 4.48
N ALA D 1203 28.26 48.52 4.37
CA ALA D 1203 28.59 49.52 3.35
C ALA D 1203 28.38 48.98 1.94
N LEU D 1204 28.60 47.69 1.74
CA LEU D 1204 28.34 47.09 0.42
C LEU D 1204 26.85 47.09 0.11
N LEU D 1205 26.05 46.46 0.98
CA LEU D 1205 24.61 46.32 0.74
C LEU D 1205 23.87 47.64 0.89
N GLN D 1206 24.53 48.71 1.33
CA GLN D 1206 23.84 49.99 1.47
C GLN D 1206 23.36 50.50 0.11
N MET D 1207 24.18 50.34 -0.92
CA MET D 1207 23.82 50.81 -2.26
C MET D 1207 23.77 49.69 -3.29
N LEU D 1208 23.68 48.43 -2.86
CA LEU D 1208 23.44 47.35 -3.80
C LEU D 1208 22.01 47.42 -4.30
N GLU D 1209 21.84 47.33 -5.63
CA GLU D 1209 20.51 47.37 -6.20
C GLU D 1209 19.73 46.11 -5.83
N LEU D 1210 20.25 44.94 -6.24
CA LEU D 1210 19.60 43.66 -6.00
C LEU D 1210 18.15 43.68 -6.50
N ARG D 1211 18.03 43.86 -7.82
CA ARG D 1211 16.72 44.02 -8.43
C ARG D 1211 15.98 42.70 -8.48
N THR D 1212 14.65 42.79 -8.36
CA THR D 1212 13.79 41.61 -8.41
C THR D 1212 13.67 41.09 -9.84
N PRO D 1213 13.29 39.82 -10.01
CA PRO D 1213 13.18 39.28 -11.37
C PRO D 1213 11.96 39.76 -12.14
N VAL D 1214 10.85 39.98 -11.43
CA VAL D 1214 9.59 40.30 -12.08
C VAL D 1214 9.13 41.71 -11.72
N ASP D 1215 9.49 42.16 -10.52
CA ASP D 1215 8.95 43.43 -10.02
C ASP D 1215 9.82 44.62 -10.42
N ARG D 1216 11.15 44.48 -10.30
CA ARG D 1216 12.09 45.56 -10.60
C ARG D 1216 11.81 46.77 -9.71
N SER D 1217 11.96 46.57 -8.40
CA SER D 1217 11.64 47.60 -7.42
C SER D 1217 12.77 47.92 -6.45
N LYS D 1218 13.92 47.24 -6.57
CA LYS D 1218 15.07 47.47 -5.69
C LYS D 1218 14.67 47.24 -4.22
N ILE D 1219 14.36 45.98 -3.94
CA ILE D 1219 13.90 45.57 -2.62
C ILE D 1219 14.83 46.11 -1.54
N ASP D 1220 14.24 46.68 -0.50
CA ASP D 1220 15.02 47.24 0.59
C ASP D 1220 15.61 46.13 1.45
N LEU D 1221 16.81 46.38 1.95
CA LEU D 1221 17.53 45.44 2.81
C LEU D 1221 17.59 45.95 4.24
N ASP D 1222 16.49 46.55 4.70
CA ASP D 1222 16.49 47.16 6.04
C ASP D 1222 16.68 46.11 7.13
N SER D 1223 16.01 44.97 7.02
CA SER D 1223 16.18 43.91 8.01
C SER D 1223 17.57 43.28 7.89
N VAL D 1224 18.05 43.09 6.67
CA VAL D 1224 19.40 42.55 6.48
C VAL D 1224 20.44 43.52 7.05
N LYS D 1225 20.26 44.81 6.81
CA LYS D 1225 21.17 45.79 7.39
C LYS D 1225 21.07 45.84 8.90
N SER D 1226 19.87 45.64 9.46
CA SER D 1226 19.73 45.64 10.91
C SER D 1226 20.46 44.45 11.53
N ILE D 1227 20.30 43.26 10.93
CA ILE D 1227 20.99 42.10 11.51
C ILE D 1227 22.49 42.18 11.26
N LEU D 1228 22.92 42.82 10.18
CA LEU D 1228 24.35 43.03 9.98
C LEU D 1228 24.91 44.04 10.98
N LYS D 1229 24.14 45.06 11.34
CA LYS D 1229 24.55 45.96 12.40
C LYS D 1229 24.62 45.24 13.73
N TRP D 1230 23.69 44.31 13.98
CA TRP D 1230 23.78 43.46 15.15
C TRP D 1230 25.08 42.67 15.14
N HIS D 1231 25.42 42.07 14.00
CA HIS D 1231 26.67 41.34 13.86
C HIS D 1231 27.87 42.25 14.12
N LEU D 1232 27.76 43.51 13.72
CA LEU D 1232 28.84 44.46 13.98
C LEU D 1232 29.07 44.65 15.47
N HIS D 1233 28.01 44.55 16.28
CA HIS D 1233 28.09 44.68 17.73
C HIS D 1233 28.00 43.32 18.42
N LYS D 1234 28.55 42.28 17.82
CA LYS D 1234 28.53 40.97 18.43
C LYS D 1234 29.50 40.92 19.61
N VAL D 1235 29.28 39.94 20.49
CA VAL D 1235 30.06 39.78 21.70
C VAL D 1235 30.62 38.36 21.71
N VAL D 1236 31.95 38.25 21.69
CA VAL D 1236 32.64 36.96 21.61
C VAL D 1236 33.16 36.61 23.00
N GLU D 1237 32.60 35.55 23.57
CA GLU D 1237 33.06 35.06 24.86
C GLU D 1237 34.43 34.39 24.71
N VAL D 1238 35.40 34.87 25.48
CA VAL D 1238 36.72 34.27 25.53
C VAL D 1238 36.61 32.94 26.27
N PRO D 1239 37.47 31.97 26.00
CA PRO D 1239 37.41 30.72 26.74
C PRO D 1239 37.78 30.92 28.20
N ILE D 1240 37.01 30.28 29.09
CA ILE D 1240 37.29 30.38 30.52
C ILE D 1240 38.64 29.77 30.85
N ASN D 1241 39.02 28.70 30.14
CA ASN D 1241 40.33 28.11 30.35
C ASN D 1241 41.44 29.07 29.94
N VAL D 1242 41.23 29.82 28.86
CA VAL D 1242 42.20 30.83 28.44
C VAL D 1242 42.33 31.90 29.51
N ALA D 1243 41.20 32.32 30.10
CA ALA D 1243 41.24 33.35 31.14
C ALA D 1243 41.99 32.84 32.37
N GLU D 1244 41.69 31.62 32.81
CA GLU D 1244 42.34 31.09 34.01
C GLU D 1244 43.80 30.78 33.75
N ALA D 1245 44.19 30.54 32.50
CA ALA D 1245 45.61 30.36 32.18
C ALA D 1245 46.33 31.69 32.12
N TYR D 1246 45.65 32.75 31.69
CA TYR D 1246 46.26 34.08 31.66
C TYR D 1246 46.32 34.73 33.03
N CYS D 1247 45.45 34.33 33.96
CA CYS D 1247 45.50 34.89 35.30
C CYS D 1247 46.65 34.33 36.13
N ILE D 1248 47.03 33.08 35.88
CA ILE D 1248 48.11 32.44 36.63
C ILE D 1248 49.44 32.69 35.94
N GLY D 1249 49.43 33.54 34.91
CA GLY D 1249 50.64 33.87 34.19
C GLY D 1249 51.17 35.26 34.51
N THR D 1263 56.76 36.37 26.56
CA THR D 1263 55.94 37.53 26.22
C THR D 1263 54.91 37.18 25.16
N SER D 1264 53.81 37.93 25.13
CA SER D 1264 52.75 37.71 24.16
C SER D 1264 51.89 38.95 24.08
N LEU D 1265 51.42 39.27 22.87
CA LEU D 1265 50.57 40.45 22.70
C LEU D 1265 49.23 40.26 23.38
N SER D 1266 48.62 39.07 23.22
CA SER D 1266 47.36 38.80 23.88
C SER D 1266 47.53 38.75 25.40
N GLU D 1267 48.63 38.16 25.87
CA GLU D 1267 48.90 38.15 27.30
C GLU D 1267 49.13 39.55 27.83
N GLU D 1268 49.80 40.40 27.05
CA GLU D 1268 50.01 41.79 27.46
C GLU D 1268 48.69 42.53 27.54
N PHE D 1269 47.80 42.33 26.56
CA PHE D 1269 46.50 42.97 26.61
C PHE D 1269 45.67 42.46 27.79
N PHE D 1270 45.78 41.16 28.09
CA PHE D 1270 45.08 40.61 29.24
C PHE D 1270 45.56 41.24 30.54
N HIS D 1271 46.89 41.36 30.69
CA HIS D 1271 47.44 41.99 31.89
C HIS D 1271 47.02 43.46 31.97
N GLN D 1272 46.96 44.15 30.83
CA GLN D 1272 46.59 45.56 30.84
C GLN D 1272 45.12 45.75 31.21
N THR D 1273 44.25 44.87 30.73
CA THR D 1273 42.82 44.99 30.98
C THR D 1273 42.37 44.25 32.23
N MET D 1274 43.28 43.57 32.93
CA MET D 1274 42.91 42.87 34.16
C MET D 1274 42.30 43.83 35.18
N GLN D 1275 43.09 44.78 35.67
CA GLN D 1275 42.64 45.70 36.71
C GLN D 1275 42.96 47.16 36.43
N LEU D 1276 43.79 47.48 35.44
CA LEU D 1276 44.15 48.86 35.19
C LEU D 1276 42.97 49.65 34.65
N ASN D 1277 42.25 49.10 33.66
CA ASN D 1277 41.11 49.79 33.08
C ASN D 1277 39.80 49.39 33.77
N GLY D 1278 39.49 48.10 33.75
CA GLY D 1278 38.26 47.61 34.35
C GLY D 1278 38.46 46.38 35.21
N GLN D 1279 37.73 45.32 34.88
CA GLN D 1279 37.82 44.04 35.60
C GLN D 1279 38.31 42.96 34.63
N ILE D 1280 38.28 41.72 35.09
CA ILE D 1280 38.79 40.58 34.31
C ILE D 1280 38.11 40.53 32.95
N PRO D 1281 38.86 40.46 31.85
CA PRO D 1281 38.23 40.41 30.53
C PRO D 1281 37.55 39.08 30.28
N SER D 1282 36.28 39.14 29.87
CA SER D 1282 35.52 37.94 29.54
C SER D 1282 34.72 38.04 28.25
N HIS D 1283 34.56 39.23 27.68
CA HIS D 1283 33.81 39.42 26.45
C HIS D 1283 34.52 40.43 25.58
N ILE D 1284 34.53 40.20 24.27
CA ILE D 1284 35.26 41.03 23.33
C ILE D 1284 34.32 41.44 22.20
N MET D 1285 34.20 42.74 21.97
CA MET D 1285 33.46 43.29 20.84
C MET D 1285 34.43 44.05 19.94
N SER D 1286 34.20 43.98 18.63
CA SER D 1286 35.07 44.66 17.69
C SER D 1286 34.29 44.94 16.41
N VAL D 1287 34.85 45.82 15.58
CA VAL D 1287 34.23 46.13 14.30
C VAL D 1287 34.68 45.13 13.24
N LEU D 1288 35.95 44.76 13.24
CA LEU D 1288 36.48 43.80 12.28
C LEU D 1288 36.31 42.39 12.84
N ASP D 1289 36.99 41.42 12.22
CA ASP D 1289 36.95 40.02 12.60
C ASP D 1289 35.53 39.46 12.50
N MET D 1290 35.05 39.39 11.26
CA MET D 1290 33.88 38.59 10.97
C MET D 1290 34.16 37.13 11.31
N GLY D 1291 33.23 36.51 12.03
CA GLY D 1291 33.42 35.14 12.46
C GLY D 1291 33.53 34.14 11.32
N GLN D 1292 34.61 33.37 11.29
CA GLN D 1292 34.78 32.36 10.26
C GLN D 1292 33.67 31.32 10.37
N GLY D 1293 32.81 31.28 9.36
CA GLY D 1293 31.64 30.43 9.39
C GLY D 1293 30.38 31.10 9.90
N ILE D 1294 30.45 32.38 10.24
CA ILE D 1294 29.31 33.14 10.72
C ILE D 1294 28.65 33.91 9.58
N LEU D 1295 29.44 34.61 8.78
CA LEU D 1295 28.97 35.33 7.60
C LEU D 1295 29.64 34.79 6.35
N HIS D 1296 29.70 33.46 6.22
CA HIS D 1296 30.47 32.83 5.16
C HIS D 1296 29.93 33.18 3.79
N ASN D 1297 28.62 32.99 3.57
CA ASN D 1297 28.05 33.31 2.26
C ASN D 1297 28.02 34.80 2.01
N THR D 1298 27.89 35.61 3.06
CA THR D 1298 27.97 37.06 2.88
C THR D 1298 29.37 37.48 2.45
N SER D 1299 30.39 36.91 3.10
CA SER D 1299 31.77 37.17 2.68
C SER D 1299 31.99 36.68 1.26
N ASP D 1300 31.38 35.55 0.89
CA ASP D 1300 31.50 35.07 -0.48
C ASP D 1300 30.88 36.03 -1.47
N LEU D 1301 29.71 36.57 -1.14
CA LEU D 1301 29.06 37.54 -2.03
C LEU D 1301 29.91 38.78 -2.19
N TYR D 1302 30.43 39.31 -1.08
CA TYR D 1302 31.30 40.49 -1.15
C TYR D 1302 32.54 40.21 -1.98
N GLY D 1303 33.20 39.07 -1.72
CA GLY D 1303 34.40 38.74 -2.46
C GLY D 1303 34.12 38.53 -3.93
N LEU D 1304 32.98 37.94 -4.27
CA LEU D 1304 32.62 37.75 -5.67
C LEU D 1304 32.39 39.08 -6.37
N ILE D 1305 31.64 39.97 -5.73
CA ILE D 1305 31.39 41.29 -6.32
C ILE D 1305 32.71 42.04 -6.52
N THR D 1306 33.56 42.06 -5.49
CA THR D 1306 34.82 42.78 -5.58
C THR D 1306 35.74 42.14 -6.61
N GLU D 1307 35.73 40.82 -6.74
CA GLU D 1307 36.61 40.16 -7.69
C GLU D 1307 36.11 40.34 -9.12
N GLN D 1308 34.79 40.40 -9.33
CA GLN D 1308 34.30 40.74 -10.66
C GLN D 1308 34.65 42.18 -11.00
N PHE D 1309 34.60 43.08 -10.01
CA PHE D 1309 35.07 44.45 -10.25
C PHE D 1309 36.55 44.47 -10.63
N LEU D 1310 37.36 43.66 -9.95
CA LEU D 1310 38.78 43.60 -10.25
C LEU D 1310 39.03 43.02 -11.63
N CYS D 1311 38.22 42.03 -12.03
CA CYS D 1311 38.35 41.47 -13.38
C CYS D 1311 37.98 42.50 -14.44
N TYR D 1312 36.91 43.27 -14.20
CA TYR D 1312 36.58 44.35 -15.12
C TYR D 1312 37.71 45.38 -15.18
N ALA D 1313 38.31 45.68 -14.04
CA ALA D 1313 39.43 46.62 -14.02
C ALA D 1313 40.62 46.07 -14.81
N LEU D 1314 40.89 44.78 -14.68
CA LEU D 1314 42.00 44.19 -15.45
C LEU D 1314 41.70 44.26 -16.94
N ASP D 1315 40.47 43.92 -17.34
CA ASP D 1315 40.09 44.03 -18.74
C ASP D 1315 40.21 45.47 -19.23
N LEU D 1316 39.92 46.43 -18.35
CA LEU D 1316 39.96 47.84 -18.75
C LEU D 1316 41.39 48.32 -18.93
N LEU D 1317 42.24 48.09 -17.93
CA LEU D 1317 43.60 48.63 -17.97
C LEU D 1317 44.51 47.83 -18.88
N TYR D 1318 44.60 46.51 -18.67
CA TYR D 1318 45.62 45.70 -19.33
C TYR D 1318 45.11 44.95 -20.55
N ASP D 1319 43.84 45.13 -20.92
CA ASP D 1319 43.28 44.56 -22.15
C ASP D 1319 43.45 43.03 -22.18
N VAL D 1320 43.16 42.40 -21.05
CA VAL D 1320 43.21 40.95 -20.94
C VAL D 1320 41.79 40.42 -20.74
N ILE D 1321 41.65 39.10 -20.79
CA ILE D 1321 40.35 38.47 -20.61
C ILE D 1321 40.37 37.67 -19.31
N PRO D 1322 39.98 38.27 -18.18
CA PRO D 1322 39.97 37.53 -16.92
C PRO D 1322 38.62 36.91 -16.59
N VAL D 1323 38.66 35.72 -16.02
CA VAL D 1323 37.47 35.04 -15.51
C VAL D 1323 37.83 34.44 -14.16
N SER D 1324 37.08 34.78 -13.12
CA SER D 1324 37.43 34.44 -11.75
C SER D 1324 36.39 33.51 -11.14
N TYR D 1325 36.84 32.74 -10.15
CA TYR D 1325 35.96 31.88 -9.37
C TYR D 1325 36.44 31.93 -7.92
N THR D 1326 35.55 32.31 -7.01
CA THR D 1326 35.88 32.49 -5.61
C THR D 1326 35.20 31.44 -4.74
N SER D 1327 35.71 31.29 -3.52
CA SER D 1327 35.12 30.38 -2.54
C SER D 1327 35.11 30.98 -1.14
N SER D 1328 35.21 32.30 -1.04
CA SER D 1328 35.14 33.06 0.22
C SER D 1328 36.37 32.88 1.09
N ASP D 1329 37.25 31.96 0.71
CA ASP D 1329 38.57 31.86 1.31
C ASP D 1329 39.68 32.04 0.28
N ASP D 1330 39.60 31.29 -0.81
CA ASP D 1330 40.59 31.36 -1.88
C ASP D 1330 39.87 31.39 -3.21
N GLN D 1331 40.53 31.98 -4.20
CA GLN D 1331 39.95 32.13 -5.52
C GLN D 1331 40.97 31.75 -6.58
N ILE D 1332 40.50 31.66 -7.82
CA ILE D 1332 41.36 31.41 -8.96
C ILE D 1332 40.91 32.32 -10.10
N THR D 1333 41.87 32.99 -10.72
CA THR D 1333 41.61 33.91 -11.83
C THR D 1333 42.34 33.40 -13.07
N LEU D 1334 41.59 32.97 -14.07
CA LEU D 1334 42.17 32.57 -15.34
C LEU D 1334 42.18 33.79 -16.27
N ILE D 1335 43.37 34.23 -16.65
CA ILE D 1335 43.54 35.43 -17.46
C ILE D 1335 44.08 35.01 -18.82
N LYS D 1336 43.24 35.14 -19.85
CA LYS D 1336 43.68 34.95 -21.22
C LYS D 1336 44.37 36.22 -21.69
N THR D 1337 45.66 36.11 -22.01
CA THR D 1337 46.48 37.23 -22.44
C THR D 1337 46.44 37.37 -23.96
N PRO D 1338 46.40 38.59 -24.47
CA PRO D 1338 46.40 38.80 -25.92
C PRO D 1338 47.80 38.62 -26.49
N SER D 1339 47.87 38.63 -27.82
CA SER D 1339 49.12 38.45 -28.57
C SER D 1339 49.88 37.21 -28.11
N ASP D 1347 59.05 33.87 -19.37
CA ASP D 1347 57.95 34.73 -19.76
C ASP D 1347 57.21 35.26 -18.54
N ALA D 1348 56.00 35.76 -18.74
CA ALA D 1348 55.15 36.30 -17.67
C ALA D 1348 55.84 37.43 -16.91
N ALA D 1349 56.74 38.15 -17.59
CA ALA D 1349 57.39 39.30 -16.98
C ALA D 1349 56.64 40.59 -17.23
N GLU D 1350 55.93 40.69 -18.36
CA GLU D 1350 55.14 41.88 -18.66
C GLU D 1350 53.82 41.91 -17.90
N TRP D 1351 53.41 40.79 -17.32
CA TRP D 1351 52.18 40.73 -16.54
C TRP D 1351 52.42 40.87 -15.04
N LEU D 1352 53.68 41.07 -14.64
CA LEU D 1352 53.96 41.28 -13.22
C LEU D 1352 53.31 42.56 -12.71
N GLU D 1353 53.34 43.62 -13.51
CA GLU D 1353 52.72 44.87 -13.10
C GLU D 1353 51.21 44.71 -12.93
N MET D 1354 50.59 43.91 -13.80
CA MET D 1354 49.15 43.66 -13.67
C MET D 1354 48.84 42.94 -12.36
N ILE D 1355 49.66 41.95 -12.00
CA ILE D 1355 49.44 41.22 -10.76
C ILE D 1355 49.65 42.13 -9.56
N CYS D 1356 50.69 42.97 -9.59
CA CYS D 1356 50.91 43.89 -8.49
C CYS D 1356 49.77 44.88 -8.35
N PHE D 1357 49.23 45.38 -9.48
CA PHE D 1357 48.12 46.31 -9.40
C PHE D 1357 46.85 45.63 -8.89
N HIS D 1358 46.63 44.38 -9.30
CA HIS D 1358 45.48 43.63 -8.78
C HIS D 1358 45.60 43.42 -7.28
N GLU D 1359 46.80 43.06 -6.81
CA GLU D 1359 46.99 42.87 -5.38
C GLU D 1359 46.84 44.19 -4.63
N PHE D 1360 47.30 45.29 -5.22
CA PHE D 1360 47.14 46.60 -4.59
C PHE D 1360 45.68 46.97 -4.45
N LEU D 1361 44.90 46.76 -5.52
CA LEU D 1361 43.46 47.04 -5.45
C LEU D 1361 42.78 46.13 -4.43
N SER D 1362 43.20 44.87 -4.35
CA SER D 1362 42.63 43.96 -3.37
C SER D 1362 42.94 44.41 -1.95
N SER D 1363 44.17 44.88 -1.72
CA SER D 1363 44.54 45.38 -0.40
C SER D 1363 43.82 46.68 -0.08
N LYS D 1364 43.47 47.46 -1.09
CA LYS D 1364 42.63 48.63 -0.84
C LYS D 1364 41.23 48.24 -0.41
N LEU D 1365 40.78 47.03 -0.74
CA LEU D 1365 39.61 46.42 -0.15
C LEU D 1365 40.06 45.53 0.99
N ASN D 1366 39.13 44.78 1.58
CA ASN D 1366 39.48 43.83 2.63
C ASN D 1366 39.79 42.45 2.06
N LYS D 1367 40.67 42.41 1.07
CA LYS D 1367 41.02 41.19 0.35
C LYS D 1367 42.53 41.05 0.26
N PHE D 1368 43.20 41.21 1.40
CA PHE D 1368 44.66 41.10 1.46
C PHE D 1368 45.13 39.77 0.91
N VAL D 1369 45.87 39.81 -0.19
CA VAL D 1369 46.32 38.60 -0.87
C VAL D 1369 47.38 37.92 -0.02
N SER D 1370 47.14 36.66 0.33
CA SER D 1370 48.08 35.93 1.15
C SER D 1370 49.36 35.63 0.36
N PRO D 1371 50.51 35.62 1.05
CA PRO D 1371 51.76 35.27 0.36
C PRO D 1371 51.80 33.85 -0.19
N LYS D 1372 50.86 33.01 0.23
CA LYS D 1372 50.74 31.66 -0.32
C LYS D 1372 50.10 31.63 -1.70
N SER D 1373 49.70 32.78 -2.23
CA SER D 1373 49.11 32.87 -3.55
C SER D 1373 50.18 32.82 -4.63
N VAL D 1374 49.85 32.22 -5.76
CA VAL D 1374 50.81 32.02 -6.84
C VAL D 1374 50.15 32.44 -8.15
N ILE D 1375 50.98 32.85 -9.11
CA ILE D 1375 50.52 33.26 -10.44
C ILE D 1375 51.46 32.64 -11.47
N GLY D 1376 50.91 31.91 -12.42
CA GLY D 1376 51.75 31.31 -13.45
C GLY D 1376 50.89 30.65 -14.51
N THR D 1377 51.57 30.09 -15.51
CA THR D 1377 50.90 29.46 -16.64
C THR D 1377 51.19 27.96 -16.71
N PHE D 1378 51.49 27.34 -15.58
CA PHE D 1378 51.86 25.93 -15.59
C PHE D 1378 50.97 25.06 -14.71
N VAL D 1379 50.59 25.54 -13.53
CA VAL D 1379 49.74 24.76 -12.63
C VAL D 1379 48.83 25.72 -11.89
N ALA D 1380 47.58 25.29 -11.68
CA ALA D 1380 46.60 26.08 -10.97
C ALA D 1380 46.13 25.31 -9.73
N GLU D 1381 45.57 26.04 -8.77
CA GLU D 1381 45.10 25.45 -7.54
C GLU D 1381 43.78 26.08 -7.13
N PHE D 1382 42.83 25.24 -6.72
CA PHE D 1382 41.56 25.73 -6.23
C PHE D 1382 40.91 24.67 -5.36
N LYS D 1383 40.53 25.05 -4.14
CA LYS D 1383 39.87 24.16 -3.19
C LYS D 1383 40.69 22.89 -2.97
N SER D 1384 41.99 23.06 -2.74
CA SER D 1384 42.92 21.97 -2.52
C SER D 1384 42.92 20.99 -3.69
N ARG D 1385 42.65 21.48 -4.89
CA ARG D 1385 42.69 20.68 -6.11
C ARG D 1385 43.68 21.34 -7.06
N PHE D 1386 44.77 20.64 -7.38
CA PHE D 1386 45.82 21.15 -8.24
C PHE D 1386 45.65 20.60 -9.64
N PHE D 1387 45.64 21.48 -10.63
CA PHE D 1387 45.43 21.12 -12.02
C PHE D 1387 46.67 21.46 -12.83
N VAL D 1388 47.09 20.50 -13.65
CA VAL D 1388 48.36 20.52 -14.37
C VAL D 1388 48.05 20.42 -15.86
N MET D 1389 48.99 20.90 -16.68
CA MET D 1389 48.84 20.82 -18.12
C MET D 1389 48.61 19.39 -18.58
N GLY D 1390 47.41 19.10 -19.07
CA GLY D 1390 47.08 17.80 -19.62
C GLY D 1390 46.65 16.74 -18.62
N GLU D 1391 46.60 17.05 -17.33
CA GLU D 1391 46.23 16.06 -16.32
C GLU D 1391 45.83 16.79 -15.04
N GLU D 1392 45.72 16.03 -13.95
CA GLU D 1392 45.43 16.57 -12.63
C GLU D 1392 46.18 15.75 -11.59
N THR D 1393 46.80 16.45 -10.65
CA THR D 1393 47.56 15.76 -9.60
C THR D 1393 46.63 14.92 -8.74
N PRO D 1394 46.88 13.62 -8.59
CA PRO D 1394 45.94 12.77 -7.86
C PRO D 1394 45.89 13.04 -6.36
N LEU D 1395 46.94 13.62 -5.77
CA LEU D 1395 47.04 13.80 -4.33
C LEU D 1395 46.87 12.46 -3.60
N LEU D 1396 47.80 11.55 -3.89
CA LEU D 1396 47.70 10.19 -3.37
C LEU D 1396 47.83 10.15 -1.86
N THR D 1397 48.87 10.80 -1.31
CA THR D 1397 49.14 10.69 0.11
C THR D 1397 48.03 11.31 0.94
N LYS D 1398 47.40 12.38 0.44
CA LYS D 1398 46.29 12.98 1.17
C LYS D 1398 45.16 11.98 1.38
N PHE D 1399 44.73 11.32 0.31
CA PHE D 1399 43.62 10.37 0.43
C PHE D 1399 44.03 9.12 1.17
N VAL D 1400 45.28 8.68 1.02
CA VAL D 1400 45.73 7.50 1.77
C VAL D 1400 45.72 7.80 3.27
N ALA D 1401 46.22 8.97 3.67
CA ALA D 1401 46.20 9.35 5.07
C ALA D 1401 44.77 9.56 5.57
N ALA D 1402 43.88 10.06 4.72
CA ALA D 1402 42.48 10.16 5.11
C ALA D 1402 41.87 8.78 5.34
N ALA D 1403 42.28 7.80 4.53
CA ALA D 1403 41.81 6.44 4.73
C ALA D 1403 42.36 5.84 6.01
N LEU D 1404 43.63 6.12 6.33
CA LEU D 1404 44.22 5.60 7.55
C LEU D 1404 43.74 6.36 8.79
N HIS D 1405 43.44 7.65 8.63
CA HIS D 1405 42.93 8.46 9.73
C HIS D 1405 41.40 8.44 9.71
N ASN D 1406 40.80 9.32 10.52
CA ASN D 1406 39.35 9.49 10.64
C ASN D 1406 38.60 8.17 10.66
N VAL D 1407 39.14 7.17 11.35
CA VAL D 1407 38.48 5.89 11.51
C VAL D 1407 37.51 6.00 12.68
N LYS D 1408 36.27 6.41 12.39
CA LYS D 1408 35.23 6.51 13.42
C LYS D 1408 34.60 5.14 13.56
N CYS D 1409 35.14 4.36 14.50
CA CYS D 1409 34.74 2.96 14.68
C CYS D 1409 33.67 2.90 15.77
N LYS D 1410 32.41 2.90 15.35
CA LYS D 1410 31.27 2.65 16.24
C LYS D 1410 30.73 1.24 16.06
N THR D 1411 30.48 0.83 14.82
CA THR D 1411 30.05 -0.52 14.49
C THR D 1411 30.93 -1.00 13.35
N PRO D 1412 31.44 -2.23 13.41
CA PRO D 1412 32.32 -2.70 12.32
C PRO D 1412 31.70 -2.60 10.94
N THR D 1413 30.38 -2.78 10.82
CA THR D 1413 29.73 -2.56 9.53
C THR D 1413 29.83 -1.11 9.10
N GLN D 1414 29.58 -0.18 10.03
CA GLN D 1414 29.71 1.24 9.71
C GLN D 1414 31.16 1.62 9.44
N LEU D 1415 32.09 1.04 10.21
CA LEU D 1415 33.51 1.24 9.97
C LEU D 1415 33.86 0.86 8.54
N SER D 1416 33.47 -0.35 8.12
CA SER D 1416 33.79 -0.82 6.79
C SER D 1416 33.08 -0.01 5.71
N GLU D 1417 31.86 0.44 5.98
CA GLU D 1417 31.16 1.27 5.00
C GLU D 1417 31.89 2.59 4.77
N THR D 1418 32.31 3.24 5.86
CA THR D 1418 33.06 4.48 5.74
C THR D 1418 34.39 4.25 5.02
N ILE D 1419 35.09 3.17 5.36
CA ILE D 1419 36.36 2.88 4.72
C ILE D 1419 36.16 2.59 3.24
N ASP D 1420 35.06 1.92 2.89
CA ASP D 1420 34.79 1.63 1.48
C ASP D 1420 34.49 2.91 0.71
N THR D 1421 33.72 3.82 1.31
CA THR D 1421 33.46 5.11 0.66
C THR D 1421 34.76 5.87 0.46
N ILE D 1422 35.64 5.87 1.46
CA ILE D 1422 36.91 6.58 1.33
C ILE D 1422 37.78 5.95 0.25
N CYS D 1423 37.84 4.62 0.22
CA CYS D 1423 38.63 3.94 -0.81
C CYS D 1423 38.08 4.18 -2.20
N ASP D 1424 36.75 4.26 -2.33
CA ASP D 1424 36.16 4.57 -3.64
C ASP D 1424 36.53 5.98 -4.07
N GLN D 1425 36.37 6.95 -3.16
CA GLN D 1425 36.72 8.32 -3.52
C GLN D 1425 38.21 8.50 -3.73
N CYS D 1426 39.04 7.60 -3.20
CA CYS D 1426 40.48 7.69 -3.45
C CYS D 1426 40.85 7.05 -4.78
N ILE D 1427 40.29 5.88 -5.09
CA ILE D 1427 40.51 5.28 -6.40
C ILE D 1427 40.00 6.18 -7.51
N ALA D 1428 38.92 6.92 -7.24
CA ALA D 1428 38.48 7.93 -8.20
C ALA D 1428 39.60 8.91 -8.51
N ASN D 1429 40.35 9.33 -7.50
CA ASN D 1429 41.52 10.18 -7.71
C ASN D 1429 42.80 9.37 -7.84
N GLY D 1430 42.77 8.35 -8.70
CA GLY D 1430 43.92 7.58 -9.10
C GLY D 1430 44.95 7.24 -8.04
N VAL D 1431 44.56 6.54 -6.98
CA VAL D 1431 45.53 6.21 -5.94
C VAL D 1431 46.28 4.95 -6.36
N SER D 1432 45.58 3.81 -6.38
CA SER D 1432 46.15 2.53 -6.79
C SER D 1432 45.07 1.47 -6.65
N THR D 1433 45.40 0.26 -7.10
CA THR D 1433 44.66 -0.94 -6.72
C THR D 1433 45.45 -1.81 -5.75
N LYS D 1434 46.76 -1.58 -5.62
CA LYS D 1434 47.59 -2.32 -4.68
C LYS D 1434 47.67 -1.65 -3.32
N ILE D 1435 47.41 -0.34 -3.24
CA ILE D 1435 47.37 0.34 -1.95
C ILE D 1435 45.99 0.20 -1.30
N VAL D 1436 44.93 0.14 -2.11
CA VAL D 1436 43.58 0.06 -1.55
C VAL D 1436 43.34 -1.32 -0.95
N THR D 1437 43.88 -2.37 -1.56
CA THR D 1437 43.77 -3.69 -0.96
C THR D 1437 44.53 -3.76 0.36
N ARG D 1438 45.65 -3.03 0.48
CA ARG D 1438 46.37 -3.01 1.74
C ARG D 1438 45.64 -2.19 2.80
N ILE D 1439 44.96 -1.11 2.37
CA ILE D 1439 44.12 -0.37 3.30
C ILE D 1439 42.99 -1.26 3.80
N SER D 1440 42.39 -2.04 2.90
CA SER D 1440 41.32 -2.95 3.29
C SER D 1440 41.83 -4.03 4.23
N LYS D 1441 43.03 -4.55 3.97
CA LYS D 1441 43.63 -5.52 4.88
C LYS D 1441 43.88 -4.90 6.25
N ARG D 1442 44.34 -3.64 6.29
CA ARG D 1442 44.55 -2.98 7.56
C ARG D 1442 43.24 -2.80 8.31
N VAL D 1443 42.16 -2.46 7.61
CA VAL D 1443 40.88 -2.28 8.27
C VAL D 1443 40.33 -3.61 8.78
N ASN D 1444 40.50 -4.67 7.99
CA ASN D 1444 40.08 -5.99 8.45
C ASN D 1444 40.89 -6.44 9.66
N GLN D 1445 42.18 -6.11 9.68
CA GLN D 1445 43.01 -6.44 10.83
C GLN D 1445 42.63 -5.62 12.05
N LEU D 1446 42.22 -4.36 11.84
CA LEU D 1446 41.72 -3.55 12.95
C LEU D 1446 40.44 -4.14 13.52
N ILE D 1447 39.53 -4.59 12.65
CA ILE D 1447 38.29 -5.20 13.12
C ILE D 1447 38.58 -6.51 13.85
N ARG D 1448 39.51 -7.30 13.32
CA ARG D 1448 39.85 -8.57 13.96
C ARG D 1448 40.55 -8.36 15.29
N TYR D 1449 41.35 -7.29 15.42
CA TYR D 1449 42.03 -7.02 16.67
C TYR D 1449 41.05 -6.62 17.76
N SER D 1450 39.90 -6.05 17.40
CA SER D 1450 38.90 -5.66 18.39
C SER D 1450 38.15 -6.84 18.98
N GLY D 1451 38.53 -8.07 18.64
CA GLY D 1451 37.83 -9.24 19.13
C GLY D 1451 36.57 -9.59 18.37
N TYR D 1452 36.16 -8.77 17.40
CA TYR D 1452 34.96 -9.04 16.62
C TYR D 1452 35.12 -10.26 15.73
N GLY D 1453 36.33 -10.58 15.32
CA GLY D 1453 36.55 -11.68 14.41
C GLY D 1453 36.19 -11.30 12.98
N GLU D 1454 36.75 -12.06 12.04
CA GLU D 1454 36.52 -11.80 10.63
C GLU D 1454 35.14 -12.29 10.23
N THR D 1455 34.41 -11.46 9.49
CA THR D 1455 33.10 -11.80 8.95
C THR D 1455 33.19 -11.88 7.44
N PRO D 1456 32.30 -12.64 6.78
CA PRO D 1456 32.32 -12.67 5.31
C PRO D 1456 32.17 -11.30 4.68
N PHE D 1457 31.63 -10.33 5.40
CA PHE D 1457 31.52 -8.96 4.93
C PHE D 1457 32.68 -8.13 5.46
N GLY D 1458 32.64 -6.83 5.20
CA GLY D 1458 33.70 -5.96 5.64
C GLY D 1458 34.53 -5.44 4.48
N ALA D 1459 35.78 -5.09 4.75
CA ALA D 1459 36.63 -4.50 3.73
C ALA D 1459 36.90 -5.52 2.62
N ILE D 1460 36.89 -5.03 1.38
CA ILE D 1460 37.06 -5.89 0.21
C ILE D 1460 38.54 -5.99 -0.11
N GLU D 1461 39.09 -7.19 -0.01
CA GLU D 1461 40.47 -7.46 -0.35
C GLU D 1461 40.57 -8.09 -1.73
N ASP D 1462 41.73 -7.90 -2.36
CA ASP D 1462 41.99 -8.40 -3.72
C ASP D 1462 40.92 -7.91 -4.68
N GLN D 1463 40.76 -6.60 -4.73
CA GLN D 1463 39.74 -5.97 -5.55
C GLN D 1463 40.34 -5.46 -6.86
N ASP D 1464 39.46 -5.17 -7.80
CA ASP D 1464 39.82 -4.64 -9.10
C ASP D 1464 39.14 -3.29 -9.29
N VAL D 1465 39.64 -2.51 -10.26
CA VAL D 1465 39.06 -1.20 -10.54
C VAL D 1465 37.59 -1.34 -10.92
N LYS D 1466 37.21 -2.46 -11.54
CA LYS D 1466 35.80 -2.67 -11.88
C LYS D 1466 34.94 -2.90 -10.64
N ASP D 1467 35.55 -3.17 -9.49
CA ASP D 1467 34.78 -3.25 -8.25
C ASP D 1467 34.44 -1.87 -7.71
N TRP D 1468 35.12 -0.83 -8.17
CA TRP D 1468 34.84 0.55 -7.79
C TRP D 1468 34.26 1.36 -8.93
N VAL D 1469 34.90 1.32 -10.11
CA VAL D 1469 34.27 1.85 -11.31
C VAL D 1469 33.12 0.94 -11.68
N ASP D 1470 31.99 1.55 -12.05
CA ASP D 1470 30.73 0.85 -12.31
C ASP D 1470 30.50 -0.27 -11.30
N GLY D 1471 30.60 0.09 -10.02
CA GLY D 1471 30.39 -0.87 -8.95
C GLY D 1471 30.17 -0.19 -7.62
N SER D 1472 29.15 -0.60 -6.89
CA SER D 1472 28.83 -0.03 -5.59
C SER D 1472 29.34 -0.94 -4.48
N ARG D 1473 29.02 -0.58 -3.23
CA ARG D 1473 29.43 -1.42 -2.10
C ARG D 1473 28.77 -2.80 -2.17
N GLY D 1474 27.54 -2.87 -2.66
CA GLY D 1474 26.90 -4.16 -2.82
C GLY D 1474 27.65 -5.07 -3.77
N TYR D 1475 28.16 -4.52 -4.88
CA TYR D 1475 28.95 -5.32 -5.80
C TYR D 1475 30.28 -5.71 -5.19
N ARG D 1476 30.87 -4.85 -4.35
CA ARG D 1476 32.10 -5.21 -3.67
C ARG D 1476 31.87 -6.38 -2.71
N LEU D 1477 30.77 -6.35 -1.97
CA LEU D 1477 30.45 -7.46 -1.08
C LEU D 1477 30.15 -8.73 -1.87
N GLN D 1478 29.48 -8.59 -3.02
CA GLN D 1478 29.24 -9.75 -3.87
C GLN D 1478 30.55 -10.36 -4.36
N ARG D 1479 31.48 -9.53 -4.80
CA ARG D 1479 32.78 -10.03 -5.23
C ARG D 1479 33.56 -10.64 -4.07
N LYS D 1480 33.42 -10.09 -2.86
CA LYS D 1480 34.06 -10.69 -1.70
C LYS D 1480 33.51 -12.09 -1.42
N ILE D 1481 32.19 -12.22 -1.46
CA ILE D 1481 31.58 -13.54 -1.24
C ILE D 1481 31.96 -14.52 -2.34
N GLU D 1482 32.08 -14.02 -3.58
CA GLU D 1482 32.51 -14.89 -4.67
C GLU D 1482 33.96 -15.32 -4.49
N ALA D 1483 34.81 -14.44 -3.98
CA ALA D 1483 36.18 -14.82 -3.68
C ALA D 1483 36.23 -15.83 -2.54
N ILE D 1484 35.28 -15.74 -1.60
CA ILE D 1484 35.17 -16.77 -0.57
C ILE D 1484 34.84 -18.12 -1.20
N PHE D 1485 33.95 -18.12 -2.18
CA PHE D 1485 33.53 -19.35 -2.85
C PHE D 1485 34.33 -19.53 -4.13
N HIS D 1486 35.55 -20.04 -3.97
CA HIS D 1486 36.35 -20.40 -5.13
C HIS D 1486 35.66 -21.50 -5.93
N ASP D 1487 36.12 -21.67 -7.16
CA ASP D 1487 35.56 -22.64 -8.13
C ASP D 1487 34.04 -22.64 -8.06
N ASP D 1488 33.46 -21.49 -8.42
CA ASP D 1488 32.08 -21.16 -8.05
C ASP D 1488 31.11 -22.10 -8.75
N LYS D 1489 30.68 -23.13 -8.02
CA LYS D 1489 29.59 -23.99 -8.42
C LYS D 1489 28.33 -23.75 -7.59
N GLU D 1490 28.47 -23.13 -6.41
CA GLU D 1490 27.36 -22.83 -5.52
C GLU D 1490 26.89 -21.39 -5.68
N THR D 1491 27.82 -20.43 -5.62
CA THR D 1491 27.45 -19.04 -5.88
C THR D 1491 26.98 -18.84 -7.31
N SER D 1492 27.51 -19.64 -8.25
CA SER D 1492 26.99 -19.61 -9.61
C SER D 1492 25.53 -20.07 -9.65
N PHE D 1493 25.20 -21.09 -8.88
CA PHE D 1493 23.82 -21.56 -8.81
C PHE D 1493 22.92 -20.51 -8.18
N ILE D 1494 23.41 -19.83 -7.14
CA ILE D 1494 22.61 -18.77 -6.53
C ILE D 1494 22.42 -17.61 -7.49
N ARG D 1495 23.45 -17.30 -8.28
CA ARG D 1495 23.33 -16.25 -9.29
C ARG D 1495 22.34 -16.64 -10.37
N ASN D 1496 22.33 -17.91 -10.77
CA ASN D 1496 21.34 -18.36 -11.76
C ASN D 1496 19.93 -18.27 -11.20
N CYS D 1497 19.75 -18.64 -9.93
CA CYS D 1497 18.43 -18.50 -9.31
C CYS D 1497 18.00 -17.03 -9.24
N ALA D 1498 18.94 -16.15 -8.90
CA ALA D 1498 18.62 -14.73 -8.84
C ALA D 1498 18.29 -14.17 -10.21
N ARG D 1499 19.00 -14.64 -11.25
CA ARG D 1499 18.69 -14.21 -12.60
C ARG D 1499 17.32 -14.70 -13.03
N LYS D 1500 16.95 -15.92 -12.64
CA LYS D 1500 15.61 -16.42 -12.93
C LYS D 1500 14.55 -15.56 -12.24
N VAL D 1501 14.77 -15.26 -10.96
CA VAL D 1501 13.80 -14.45 -10.22
C VAL D 1501 13.70 -13.05 -10.83
N PHE D 1502 14.83 -12.50 -11.30
CA PHE D 1502 14.79 -11.16 -11.87
C PHE D 1502 14.15 -11.16 -13.25
N ASN D 1503 14.37 -12.20 -14.05
CA ASN D 1503 13.65 -12.33 -15.31
C ASN D 1503 12.16 -12.52 -15.07
N ASP D 1504 11.79 -13.08 -13.92
CA ASP D 1504 10.38 -13.25 -13.62
C ASP D 1504 9.74 -11.96 -13.12
N ILE D 1505 10.48 -11.14 -12.37
CA ILE D 1505 9.90 -9.92 -11.81
C ILE D 1505 10.00 -8.75 -12.78
N LYS D 1506 11.19 -8.50 -13.35
CA LYS D 1506 11.33 -7.45 -14.34
C LYS D 1506 10.42 -7.70 -15.53
N ARG D 1507 10.55 -8.88 -16.14
CA ARG D 1507 9.71 -9.27 -17.31
C ARG D 1507 8.24 -8.99 -16.98
N GLY D 1508 7.95 -8.63 -15.74
CA GLY D 1508 6.57 -8.30 -15.32
C GLY D 1508 5.89 -9.42 -14.56
N ARG D 1509 5.19 -10.29 -15.30
CA ARG D 1509 4.41 -11.44 -14.76
C ARG D 1509 3.69 -11.06 -13.45
N ILE D 1510 3.89 -11.82 -12.37
CA ILE D 1510 3.23 -11.52 -11.07
C ILE D 1510 4.25 -11.69 -9.94
N PHE D 1511 5.03 -10.65 -9.66
CA PHE D 1511 6.06 -10.71 -8.58
C PHE D 1511 6.28 -9.33 -7.97
N GLU D 1512 5.44 -8.93 -7.00
CA GLU D 1512 5.63 -7.65 -6.35
C GLU D 1512 5.75 -7.75 -4.84
N GLU D 1513 4.77 -8.37 -4.17
CA GLU D 1513 4.62 -8.25 -2.73
C GLU D 1513 4.50 -9.58 -2.01
N ASN D 1514 4.39 -10.69 -2.74
CA ASN D 1514 4.53 -11.99 -2.09
C ASN D 1514 5.96 -12.20 -1.63
N LEU D 1515 6.92 -11.62 -2.35
CA LEU D 1515 8.32 -11.69 -1.92
C LEU D 1515 8.52 -10.99 -0.58
N ILE D 1516 7.77 -9.92 -0.32
CA ILE D 1516 7.89 -9.23 0.96
C ILE D 1516 7.40 -10.13 2.10
N ASN D 1517 6.30 -10.84 1.88
CA ASN D 1517 5.84 -11.80 2.87
C ASN D 1517 6.82 -12.94 3.04
N LEU D 1518 7.50 -13.33 1.96
CA LEU D 1518 8.44 -14.45 2.03
C LEU D 1518 9.78 -14.05 2.63
N ILE D 1519 10.12 -12.77 2.64
CA ILE D 1519 11.42 -12.31 3.15
C ILE D 1519 11.36 -12.00 4.63
N GLY D 1520 10.24 -11.45 5.11
CA GLY D 1520 10.13 -11.01 6.49
C GLY D 1520 10.40 -12.08 7.54
N ARG D 1521 10.42 -13.35 7.15
CA ARG D 1521 10.71 -14.41 8.11
C ARG D 1521 12.13 -14.31 8.63
N GLY D 1522 13.09 -14.17 7.73
CA GLY D 1522 14.48 -14.07 8.12
C GLY D 1522 15.44 -14.37 6.99
N GLY D 1523 16.48 -15.15 7.27
CA GLY D 1523 17.44 -15.52 6.25
C GLY D 1523 17.27 -16.95 5.78
N ASP D 1524 16.88 -17.84 6.70
CA ASP D 1524 16.71 -19.24 6.35
C ASP D 1524 15.45 -19.46 5.53
N GLU D 1525 14.29 -19.11 6.09
CA GLU D 1525 13.03 -19.37 5.42
C GLU D 1525 12.89 -18.56 4.13
N ALA D 1526 13.41 -17.32 4.14
CA ALA D 1526 13.37 -16.51 2.93
C ALA D 1526 14.20 -17.15 1.81
N LEU D 1527 15.40 -17.63 2.14
CA LEU D 1527 16.22 -18.27 1.13
C LEU D 1527 15.57 -19.55 0.63
N THR D 1528 14.95 -20.33 1.52
CA THR D 1528 14.24 -21.53 1.08
C THR D 1528 13.12 -21.17 0.12
N GLY D 1529 12.28 -20.20 0.50
CA GLY D 1529 11.16 -19.82 -0.35
C GLY D 1529 11.60 -19.28 -1.69
N PHE D 1530 12.68 -18.50 -1.72
CA PHE D 1530 13.20 -18.01 -2.99
C PHE D 1530 13.80 -19.14 -3.81
N LEU D 1531 14.32 -20.18 -3.16
CA LEU D 1531 14.80 -21.34 -3.88
C LEU D 1531 13.65 -22.21 -4.38
N GLN D 1532 12.50 -22.17 -3.70
CA GLN D 1532 11.35 -22.95 -4.16
C GLN D 1532 10.73 -22.39 -5.43
N TYR D 1533 11.08 -21.18 -5.84
CA TYR D 1533 10.64 -20.68 -7.14
C TYR D 1533 11.40 -21.36 -8.27
N ALA D 1534 12.71 -21.54 -8.07
CA ALA D 1534 13.46 -22.46 -8.92
C ALA D 1534 13.14 -23.89 -8.48
N GLY D 1535 13.77 -24.86 -9.13
CA GLY D 1535 13.50 -26.24 -8.80
C GLY D 1535 14.37 -26.79 -7.70
N CYS D 1536 14.64 -25.96 -6.68
CA CYS D 1536 15.47 -26.38 -5.56
C CYS D 1536 14.64 -27.25 -4.62
N SER D 1537 14.87 -28.55 -4.67
CA SER D 1537 14.18 -29.50 -3.80
C SER D 1537 14.86 -29.51 -2.44
N GLU D 1538 14.40 -30.39 -1.55
CA GLU D 1538 15.00 -30.53 -0.22
C GLU D 1538 16.43 -31.05 -0.29
N GLN D 1539 16.92 -31.43 -1.47
CA GLN D 1539 18.30 -31.84 -1.64
C GLN D 1539 19.21 -30.65 -1.90
N GLU D 1540 18.85 -29.79 -2.85
CA GLU D 1540 19.67 -28.63 -3.17
C GLU D 1540 19.52 -27.52 -2.15
N VAL D 1541 18.34 -27.41 -1.51
CA VAL D 1541 18.15 -26.37 -0.49
C VAL D 1541 19.06 -26.62 0.70
N ASN D 1542 19.09 -27.86 1.19
CA ASN D 1542 19.96 -28.18 2.31
C ASN D 1542 21.44 -28.07 1.92
N ARG D 1543 21.77 -28.33 0.66
CA ARG D 1543 23.14 -28.12 0.19
C ARG D 1543 23.49 -26.64 0.17
N VAL D 1544 22.51 -25.78 -0.11
CA VAL D 1544 22.76 -24.34 -0.13
C VAL D 1544 22.86 -23.79 1.29
N LEU D 1545 21.94 -24.19 2.17
CA LEU D 1545 21.92 -23.68 3.54
C LEU D 1545 23.07 -24.18 4.39
N ASN D 1546 23.91 -25.08 3.87
CA ASN D 1546 24.98 -25.66 4.68
C ASN D 1546 26.05 -24.62 5.01
N TYR D 1547 26.20 -23.59 4.18
CA TYR D 1547 27.19 -22.55 4.40
C TYR D 1547 26.60 -21.49 5.32
N ARG D 1548 27.14 -21.39 6.53
CA ARG D 1548 26.68 -20.43 7.52
C ARG D 1548 27.83 -19.53 7.95
N TRP D 1549 27.47 -18.39 8.53
CA TRP D 1549 28.43 -17.46 9.11
C TRP D 1549 27.85 -16.87 10.38
N VAL D 1550 28.68 -16.75 11.41
CA VAL D 1550 28.21 -16.25 12.70
C VAL D 1550 27.93 -14.76 12.58
N ASN D 1551 26.67 -14.38 12.74
CA ASN D 1551 26.24 -13.00 12.68
C ASN D 1551 26.00 -12.51 14.10
N LEU D 1552 26.94 -11.70 14.61
CA LEU D 1552 26.80 -11.17 15.96
C LEU D 1552 25.64 -10.18 16.05
N SER D 1553 25.42 -9.40 15.00
CA SER D 1553 24.30 -8.46 14.95
C SER D 1553 23.07 -9.07 14.30
N SER D 1554 22.66 -10.23 14.81
CA SER D 1554 21.51 -10.95 14.26
C SER D 1554 20.20 -10.49 14.89
N PHE D 1555 20.16 -10.42 16.23
CA PHE D 1555 18.96 -10.01 16.95
C PHE D 1555 18.92 -8.51 17.21
N GLY D 1556 19.55 -7.72 16.36
CA GLY D 1556 19.58 -6.28 16.52
C GLY D 1556 20.94 -5.70 16.19
N ASP D 1557 21.42 -4.79 17.03
CA ASP D 1557 22.74 -4.19 16.87
C ASP D 1557 23.57 -4.46 18.12
N LEU D 1558 24.90 -4.42 17.95
CA LEU D 1558 25.79 -4.64 19.07
C LEU D 1558 25.65 -3.50 20.08
N ARG D 1559 25.73 -3.84 21.37
CA ARG D 1559 25.59 -2.86 22.44
C ARG D 1559 26.96 -2.25 22.72
N LEU D 1560 27.11 -0.96 22.43
CA LEU D 1560 28.35 -0.25 22.70
C LEU D 1560 28.04 1.09 23.36
N VAL D 1561 28.89 1.51 24.29
CA VAL D 1561 28.73 2.79 24.94
C VAL D 1561 30.00 3.62 24.77
N GLU D 1576 12.73 -0.21 19.20
CA GLU D 1576 12.67 -1.66 19.07
C GLU D 1576 13.68 -2.18 18.06
N GLU D 1577 14.81 -1.48 17.96
CA GLU D 1577 15.90 -1.84 17.03
C GLU D 1577 15.39 -1.90 15.60
N VAL D 1578 14.87 -0.76 15.13
CA VAL D 1578 14.39 -0.62 13.76
C VAL D 1578 15.58 -0.68 12.82
N PRO D 1579 15.40 -1.12 11.58
CA PRO D 1579 16.55 -1.23 10.66
C PRO D 1579 17.20 0.11 10.39
N THR D 1580 18.46 0.04 9.92
CA THR D 1580 19.21 1.26 9.62
C THR D 1580 18.62 2.05 8.48
N LEU D 1581 17.74 1.43 7.67
CA LEU D 1581 17.09 2.16 6.59
C LEU D 1581 16.19 3.26 7.14
N ILE D 1582 15.46 2.97 8.22
CA ILE D 1582 14.66 4.00 8.88
C ILE D 1582 15.56 5.11 9.40
N LYS D 1583 16.72 4.74 9.95
CA LYS D 1583 17.65 5.74 10.47
C LYS D 1583 18.15 6.67 9.36
N THR D 1584 18.57 6.10 8.23
CA THR D 1584 19.08 6.94 7.15
C THR D 1584 17.98 7.79 6.54
N LEU D 1585 16.75 7.26 6.49
CA LEU D 1585 15.64 8.07 6.01
C LEU D 1585 15.36 9.25 6.94
N GLN D 1586 15.37 9.00 8.25
CA GLN D 1586 15.16 10.09 9.20
C GLN D 1586 16.30 11.11 9.12
N SER D 1587 17.52 10.65 8.88
CA SER D 1587 18.64 11.57 8.77
C SER D 1587 18.60 12.37 7.47
N LYS D 1588 18.07 11.78 6.40
CA LYS D 1588 18.02 12.49 5.12
C LYS D 1588 16.83 13.45 5.04
N LEU D 1589 15.70 13.12 5.68
CA LEU D 1589 14.55 14.02 5.61
C LEU D 1589 14.77 15.26 6.46
N SER D 1590 15.48 15.12 7.58
CA SER D 1590 15.77 16.26 8.45
C SER D 1590 16.97 17.01 7.90
N ARG D 1591 16.74 18.20 7.34
CA ARG D 1591 17.78 19.03 6.75
C ARG D 1591 18.58 18.28 5.69
N GLN D 1611 35.37 16.08 18.61
CA GLN D 1611 36.42 16.57 19.51
C GLN D 1611 37.31 15.43 19.99
N SER D 1612 36.73 14.23 20.10
CA SER D 1612 37.50 13.07 20.52
C SER D 1612 38.42 12.61 19.40
N SER D 1613 39.61 12.16 19.78
CA SER D 1613 40.59 11.73 18.80
C SER D 1613 40.19 10.39 18.17
N VAL D 1614 40.79 10.11 17.01
CA VAL D 1614 40.50 8.85 16.33
C VAL D 1614 41.09 7.68 17.11
N ALA D 1615 42.22 7.89 17.79
CA ALA D 1615 42.79 6.83 18.61
C ALA D 1615 41.90 6.53 19.81
N SER D 1616 41.31 7.57 20.42
CA SER D 1616 40.36 7.35 21.50
C SER D 1616 39.12 6.63 20.98
N GLY D 1617 38.70 6.93 19.76
CA GLY D 1617 37.58 6.21 19.17
C GLY D 1617 37.87 4.75 18.95
N PHE D 1618 39.07 4.44 18.46
CA PHE D 1618 39.46 3.05 18.27
C PHE D 1618 39.61 2.33 19.61
N ILE D 1619 40.07 3.04 20.64
CA ILE D 1619 40.16 2.44 21.97
C ILE D 1619 38.78 2.10 22.51
N GLY D 1620 37.84 3.04 22.38
CA GLY D 1620 36.47 2.77 22.79
C GLY D 1620 35.84 1.66 21.97
N PHE D 1621 36.19 1.54 20.70
CA PHE D 1621 35.67 0.47 19.87
C PHE D 1621 36.18 -0.88 20.32
N CYS D 1622 37.50 -1.00 20.53
CA CYS D 1622 38.04 -2.26 21.02
C CYS D 1622 37.59 -2.57 22.44
N LYS D 1623 37.23 -1.55 23.21
CA LYS D 1623 36.75 -1.76 24.57
C LYS D 1623 35.31 -2.26 24.59
N SER D 1624 34.45 -1.66 23.77
CA SER D 1624 33.05 -2.08 23.72
C SER D 1624 32.87 -3.37 22.95
N MET D 1625 33.82 -3.74 22.09
CA MET D 1625 33.77 -5.00 21.35
C MET D 1625 34.29 -6.17 22.17
N GLY D 1626 34.58 -5.97 23.45
CA GLY D 1626 35.03 -7.05 24.31
C GLY D 1626 34.12 -7.25 25.49
N SER D 1627 33.21 -6.30 25.70
CA SER D 1627 32.26 -6.37 26.80
C SER D 1627 30.98 -7.07 26.32
N LYS D 1628 29.93 -7.02 27.13
CA LYS D 1628 28.66 -7.64 26.76
C LYS D 1628 27.97 -6.82 25.67
N CYS D 1629 28.28 -7.15 24.41
CA CYS D 1629 27.71 -6.42 23.27
C CYS D 1629 26.76 -7.26 22.44
N VAL D 1630 27.05 -8.56 22.28
CA VAL D 1630 26.20 -9.43 21.47
C VAL D 1630 24.92 -9.73 22.25
N ARG D 1631 23.78 -9.38 21.68
CA ARG D 1631 22.49 -9.62 22.31
C ARG D 1631 21.89 -10.92 21.80
N ASP D 1632 21.26 -11.67 22.70
CA ASP D 1632 20.68 -12.97 22.39
C ASP D 1632 19.17 -12.91 22.19
N GLY D 1633 18.61 -11.73 22.00
CA GLY D 1633 17.19 -11.57 21.79
C GLY D 1633 16.36 -11.41 23.05
N LYS D 1634 16.78 -12.06 24.14
CA LYS D 1634 16.06 -11.98 25.41
C LYS D 1634 16.57 -10.87 26.31
N GLY D 1635 17.32 -9.91 25.77
CA GLY D 1635 17.80 -8.79 26.52
C GLY D 1635 19.09 -9.01 27.28
N GLY D 1636 19.63 -10.23 27.28
CA GLY D 1636 20.86 -10.50 27.99
C GLY D 1636 22.08 -10.51 27.11
N PHE D 1637 22.87 -9.43 27.16
CA PHE D 1637 24.05 -9.34 26.31
C PHE D 1637 25.14 -10.28 26.81
N LEU D 1638 25.84 -10.90 25.86
CA LEU D 1638 26.93 -11.82 26.16
C LEU D 1638 28.16 -11.43 25.34
N TYR D 1639 29.30 -12.01 25.71
CA TYR D 1639 30.57 -11.69 25.07
C TYR D 1639 30.67 -12.34 23.70
N ILE D 1640 31.58 -11.80 22.88
CA ILE D 1640 31.84 -12.40 21.58
C ILE D 1640 32.64 -13.69 21.73
N LYS D 1641 33.48 -13.77 22.75
CA LYS D 1641 34.24 -14.99 23.01
C LYS D 1641 33.32 -16.16 23.32
N GLU D 1642 32.23 -15.90 24.06
CA GLU D 1642 31.30 -16.96 24.40
C GLU D 1642 30.48 -17.39 23.19
N VAL D 1643 30.27 -16.48 22.24
CA VAL D 1643 29.60 -16.85 21.00
C VAL D 1643 30.52 -17.70 20.13
N TYR D 1644 31.77 -17.27 19.97
CA TYR D 1644 32.71 -18.00 19.13
C TYR D 1644 33.30 -19.24 19.83
N SER D 1645 32.99 -19.46 21.11
CA SER D 1645 33.44 -20.65 21.79
C SER D 1645 32.53 -21.85 21.55
N GLY D 1646 31.29 -21.61 21.11
CA GLY D 1646 30.38 -22.69 20.80
C GLY D 1646 30.62 -23.38 19.48
N VAL D 1647 31.64 -22.95 18.74
CA VAL D 1647 31.95 -23.58 17.46
C VAL D 1647 32.72 -24.88 17.71
N SER D 1648 32.55 -25.82 16.78
CA SER D 1648 33.19 -27.12 16.86
C SER D 1648 34.10 -27.33 15.67
N ALA D 1649 35.07 -28.24 15.84
CA ALA D 1649 35.99 -28.57 14.76
C ALA D 1649 35.29 -29.39 13.69
N CYS D 1650 34.77 -28.72 12.67
CA CYS D 1650 33.99 -29.41 11.63
C CYS D 1650 34.90 -30.12 10.64
N THR D 1651 35.81 -29.36 10.01
CA THR D 1651 36.80 -29.85 9.04
C THR D 1651 36.23 -30.95 8.15
N CYS D 1652 35.14 -30.62 7.45
CA CYS D 1652 34.46 -31.56 6.57
C CYS D 1652 34.42 -31.05 5.14
N GLU D 1653 35.44 -30.27 4.73
CA GLU D 1653 35.61 -29.68 3.42
C GLU D 1653 34.59 -28.58 3.11
N ILE D 1654 33.66 -28.30 4.01
CA ILE D 1654 32.80 -27.13 3.88
C ILE D 1654 33.22 -26.00 4.81
N CYS D 1655 33.77 -26.30 5.99
CA CYS D 1655 34.30 -25.29 6.88
C CYS D 1655 35.78 -25.04 6.67
N ALA D 1656 36.33 -25.53 5.56
CA ALA D 1656 37.76 -25.39 5.28
C ALA D 1656 38.06 -24.47 4.10
N LEU D 1657 37.05 -24.07 3.32
CA LEU D 1657 37.30 -23.16 2.21
C LEU D 1657 37.52 -21.74 2.68
N LYS D 1658 37.13 -21.41 3.91
CA LYS D 1658 37.34 -20.10 4.50
C LYS D 1658 37.28 -20.22 6.02
N PRO D 1659 38.39 -20.55 6.68
CA PRO D 1659 38.35 -20.80 8.12
C PRO D 1659 37.94 -19.56 8.91
N LYS D 1660 37.21 -19.80 9.99
CA LYS D 1660 36.73 -18.76 10.92
C LYS D 1660 35.84 -17.74 10.23
N ILE D 1661 35.33 -18.06 9.04
CA ILE D 1661 34.45 -17.16 8.30
C ILE D 1661 33.18 -17.91 7.93
N ILE D 1662 33.33 -19.07 7.30
CA ILE D 1662 32.22 -19.89 6.86
C ILE D 1662 32.19 -21.16 7.69
N TYR D 1663 31.02 -21.48 8.25
CA TYR D 1663 30.84 -22.66 9.09
C TYR D 1663 29.74 -23.54 8.50
N CYS D 1664 29.65 -24.75 9.05
CA CYS D 1664 28.62 -25.69 8.62
C CYS D 1664 27.32 -25.46 9.38
N ASN D 1665 26.31 -26.25 9.00
CA ASN D 1665 25.03 -26.21 9.71
C ASN D 1665 25.13 -26.92 11.06
N ASN D 1666 25.79 -28.08 11.09
CA ASN D 1666 25.96 -28.82 12.33
C ASN D 1666 27.11 -28.29 13.18
N SER D 1667 28.04 -27.55 12.58
CA SER D 1667 29.16 -26.97 13.32
C SER D 1667 28.73 -25.82 14.23
N LEU D 1668 27.48 -25.37 14.12
CA LEU D 1668 26.95 -24.30 14.97
C LEU D 1668 25.73 -24.79 15.73
N ASN D 1669 25.74 -26.05 16.13
CA ASN D 1669 24.61 -26.60 16.90
C ASN D 1669 24.60 -26.06 18.31
N LYS D 1670 25.76 -25.80 18.91
CA LYS D 1670 25.81 -25.27 20.26
C LYS D 1670 25.34 -23.82 20.30
N VAL D 1671 25.62 -23.06 19.25
CA VAL D 1671 25.14 -21.69 19.10
C VAL D 1671 24.52 -21.57 17.70
N SER D 1672 23.19 -21.74 17.63
CA SER D 1672 22.47 -21.69 16.37
C SER D 1672 21.69 -20.39 16.18
N GLN D 1673 21.52 -19.60 17.24
CA GLN D 1673 20.80 -18.34 17.10
C GLN D 1673 21.57 -17.36 16.22
N PHE D 1674 22.89 -17.34 16.35
CA PHE D 1674 23.74 -16.52 15.49
C PHE D 1674 24.32 -17.36 14.35
N SER D 1675 23.41 -17.87 13.51
CA SER D 1675 23.80 -18.71 12.37
C SER D 1675 22.92 -18.30 11.19
N LYS D 1676 23.49 -17.49 10.30
CA LYS D 1676 22.77 -17.00 9.14
C LYS D 1676 23.39 -17.56 7.86
N PRO D 1677 22.57 -17.84 6.83
CA PRO D 1677 23.13 -18.34 5.58
C PRO D 1677 23.86 -17.25 4.82
N ILE D 1678 25.13 -17.52 4.49
CA ILE D 1678 25.89 -16.56 3.68
C ILE D 1678 25.36 -16.53 2.26
N LEU D 1679 24.81 -17.65 1.78
CA LEU D 1679 24.31 -17.69 0.42
C LEU D 1679 23.02 -16.89 0.27
N TRP D 1680 22.22 -16.80 1.33
CA TRP D 1680 21.06 -15.91 1.29
C TRP D 1680 21.49 -14.45 1.15
N ASP D 1681 22.53 -14.06 1.90
CA ASP D 1681 23.06 -12.71 1.77
C ASP D 1681 23.64 -12.49 0.38
N TYR D 1682 24.28 -13.51 -0.19
CA TYR D 1682 24.79 -13.39 -1.56
C TYR D 1682 23.65 -13.23 -2.56
N PHE D 1683 22.57 -13.98 -2.38
CA PHE D 1683 21.39 -13.84 -3.24
C PHE D 1683 20.83 -12.44 -3.16
N SER D 1684 20.68 -11.92 -1.94
CA SER D 1684 20.14 -10.58 -1.76
C SER D 1684 21.05 -9.52 -2.38
N LEU D 1685 22.36 -9.68 -2.20
CA LEU D 1685 23.31 -8.73 -2.78
C LEU D 1685 23.27 -8.76 -4.30
N VAL D 1686 23.16 -9.96 -4.88
CA VAL D 1686 23.10 -10.07 -6.34
C VAL D 1686 21.81 -9.44 -6.86
N LEU D 1687 20.69 -9.66 -6.18
CA LEU D 1687 19.43 -9.06 -6.62
C LEU D 1687 19.48 -7.54 -6.50
N THR D 1688 20.07 -7.02 -5.43
CA THR D 1688 20.15 -5.57 -5.29
C THR D 1688 21.13 -4.97 -6.29
N ASN D 1689 22.20 -5.68 -6.63
CA ASN D 1689 23.10 -5.20 -7.68
C ASN D 1689 22.40 -5.20 -9.03
N ALA D 1690 21.55 -6.20 -9.28
CA ALA D 1690 20.72 -6.19 -10.48
C ALA D 1690 19.78 -5.00 -10.47
N CYS D 1691 19.24 -4.63 -9.30
CA CYS D 1691 18.44 -3.42 -9.20
C CYS D 1691 19.27 -2.20 -9.60
N GLU D 1692 20.42 -2.03 -8.97
CA GLU D 1692 21.09 -0.75 -8.96
C GLU D 1692 21.92 -0.52 -10.22
N LEU D 1693 22.67 -1.53 -10.66
CA LEU D 1693 23.64 -1.34 -11.74
C LEU D 1693 23.57 -2.44 -12.79
N GLY D 1694 22.38 -2.99 -13.04
CA GLY D 1694 22.15 -3.77 -14.23
C GLY D 1694 22.31 -5.26 -14.09
N GLU D 1695 22.18 -5.92 -15.24
CA GLU D 1695 22.10 -7.38 -15.33
C GLU D 1695 23.47 -8.05 -15.39
N TRP D 1696 24.56 -7.29 -15.52
CA TRP D 1696 25.87 -7.91 -15.67
C TRP D 1696 26.41 -8.49 -14.36
N VAL D 1697 25.63 -8.48 -13.28
CA VAL D 1697 26.07 -9.05 -12.02
C VAL D 1697 25.68 -10.53 -11.95
N PHE D 1698 25.15 -11.06 -13.05
CA PHE D 1698 24.77 -12.46 -13.12
C PHE D 1698 25.77 -13.33 -13.88
N SER D 1699 26.52 -12.75 -14.81
CA SER D 1699 27.46 -13.52 -15.60
C SER D 1699 28.68 -13.91 -14.75
N THR D 1700 29.35 -14.96 -15.20
CA THR D 1700 30.56 -15.42 -14.53
C THR D 1700 31.76 -14.54 -14.90
N VAL D 1701 32.75 -14.53 -14.01
CA VAL D 1701 33.91 -13.67 -14.18
C VAL D 1701 34.92 -14.35 -15.10
N LYS D 1702 35.32 -13.65 -16.15
CA LYS D 1702 36.38 -14.10 -17.04
C LYS D 1702 37.51 -13.08 -17.02
N GLU D 1703 38.73 -13.54 -17.30
CA GLU D 1703 39.91 -12.71 -17.12
C GLU D 1703 40.59 -12.41 -18.46
N PRO D 1704 41.25 -11.26 -18.56
CA PRO D 1704 42.14 -11.04 -19.71
C PRO D 1704 43.37 -11.94 -19.61
N GLN D 1705 43.92 -12.30 -20.77
CA GLN D 1705 44.89 -13.39 -20.77
C GLN D 1705 46.28 -12.93 -20.36
N LYS D 1706 46.97 -12.19 -21.24
CA LYS D 1706 48.27 -11.64 -20.88
C LYS D 1706 48.16 -10.25 -20.25
N PRO D 1707 47.46 -9.29 -20.87
CA PRO D 1707 47.56 -7.93 -20.32
C PRO D 1707 46.76 -7.73 -19.03
N LEU D 1710 51.91 -3.83 -19.25
CA LEU D 1710 52.68 -3.20 -20.32
C LEU D 1710 52.35 -1.72 -20.44
N ASN D 1711 51.68 -1.18 -19.42
CA ASN D 1711 51.27 0.22 -19.40
C ASN D 1711 52.16 1.09 -18.56
N ASN D 1712 53.32 0.58 -18.14
CA ASN D 1712 54.36 1.35 -17.44
C ASN D 1712 53.86 1.92 -16.11
N GLN D 1713 52.73 1.41 -15.60
CA GLN D 1713 52.16 1.80 -14.31
C GLN D 1713 51.86 3.29 -14.22
N ASN D 1714 51.84 4.01 -15.34
CA ASN D 1714 51.61 5.44 -15.31
C ASN D 1714 50.65 5.91 -16.40
N PHE D 1715 50.06 5.00 -17.18
CA PHE D 1715 49.10 5.37 -18.21
C PHE D 1715 47.77 5.71 -17.53
N PHE D 1716 47.72 6.91 -16.96
CA PHE D 1716 46.52 7.37 -16.29
C PHE D 1716 45.52 7.93 -17.29
N TRP D 1717 44.23 7.66 -17.05
CA TRP D 1717 43.17 8.18 -17.90
C TRP D 1717 41.86 8.12 -17.11
N ALA D 1718 40.89 8.88 -17.58
CA ALA D 1718 39.59 8.98 -16.93
C ALA D 1718 38.62 7.98 -17.56
N VAL D 1719 37.94 7.21 -16.72
CA VAL D 1719 36.93 6.26 -17.15
C VAL D 1719 35.60 6.63 -16.50
N LYS D 1720 34.52 6.34 -17.20
CA LYS D 1720 33.18 6.63 -16.75
C LYS D 1720 32.49 5.37 -16.23
N PRO D 1721 31.65 5.50 -15.21
CA PRO D 1721 30.89 4.34 -14.73
C PRO D 1721 29.98 3.80 -15.83
N LYS D 1722 30.08 2.49 -16.06
CA LYS D 1722 29.32 1.81 -17.11
C LYS D 1722 28.01 1.23 -16.58
N VAL D 1723 27.40 1.87 -15.57
CA VAL D 1723 26.18 1.37 -14.99
C VAL D 1723 25.01 1.55 -15.96
N VAL D 1724 24.07 0.61 -15.92
CA VAL D 1724 22.90 0.63 -16.78
C VAL D 1724 21.67 0.63 -15.88
N ARG D 1725 21.79 1.35 -14.76
CA ARG D 1725 20.77 1.41 -13.71
C ARG D 1725 19.35 1.44 -14.28
N GLN D 1726 18.48 0.63 -13.68
CA GLN D 1726 17.09 0.47 -14.11
C GLN D 1726 16.14 0.68 -12.94
N ILE D 1727 16.35 1.77 -12.20
CA ILE D 1727 15.51 2.10 -11.05
C ILE D 1727 14.71 3.38 -11.32
N GLU D 1728 14.54 3.73 -12.59
CA GLU D 1728 13.86 4.93 -13.09
C GLU D 1728 14.71 6.19 -12.93
N ASP D 1729 15.93 6.06 -12.38
CA ASP D 1729 16.94 7.11 -12.40
C ASP D 1729 16.59 8.32 -11.56
N GLN D 1730 15.39 8.35 -10.98
CA GLN D 1730 15.00 9.44 -10.09
C GLN D 1730 15.11 9.04 -8.62
N LEU D 1731 14.38 8.00 -8.22
CA LEU D 1731 14.40 7.44 -6.87
C LEU D 1731 14.32 8.56 -5.81
N GLY D 1732 13.18 9.24 -5.80
CA GLY D 1732 12.96 10.29 -4.84
C GLY D 1732 12.70 9.76 -3.44
N MET D 1733 12.79 10.67 -2.48
CA MET D 1733 12.49 10.30 -1.09
C MET D 1733 11.03 9.91 -0.92
N ASN D 1734 10.13 10.65 -1.56
CA ASN D 1734 8.70 10.37 -1.49
C ASN D 1734 8.32 9.07 -2.18
N HIS D 1735 9.23 8.44 -2.92
CA HIS D 1735 8.99 7.13 -3.48
C HIS D 1735 9.31 6.02 -2.47
N VAL D 1736 10.46 6.14 -1.81
CA VAL D 1736 10.83 5.18 -0.77
C VAL D 1736 9.86 5.26 0.40
N LEU D 1737 9.46 6.49 0.77
CA LEU D 1737 8.50 6.65 1.86
C LEU D 1737 7.16 6.01 1.50
N GLN D 1738 6.71 6.21 0.27
CA GLN D 1738 5.45 5.61 -0.16
C GLN D 1738 5.53 4.09 -0.20
N SER D 1739 6.66 3.56 -0.68
CA SER D 1739 6.82 2.11 -0.73
C SER D 1739 6.85 1.51 0.67
N ILE D 1740 7.47 2.21 1.62
CA ILE D 1740 7.48 1.74 3.01
C ILE D 1740 6.08 1.79 3.59
N ARG D 1741 5.32 2.85 3.28
CA ARG D 1741 3.95 2.95 3.76
C ARG D 1741 3.10 1.81 3.23
N ARG D 1742 3.27 1.48 1.95
CA ARG D 1742 2.48 0.40 1.35
C ARG D 1742 2.87 -0.96 1.91
N ASN D 1743 4.18 -1.24 1.98
CA ASN D 1743 4.62 -2.58 2.35
C ASN D 1743 4.62 -2.79 3.87
N TYR D 1744 5.12 -1.81 4.62
CA TYR D 1744 5.24 -1.90 6.07
C TYR D 1744 4.45 -0.76 6.71
N PRO D 1745 3.12 -0.89 6.76
CA PRO D 1745 2.32 0.22 7.34
C PRO D 1745 2.48 0.32 8.84
N VAL D 1746 2.55 -0.80 9.55
CA VAL D 1746 2.77 -0.74 11.00
C VAL D 1746 4.16 -0.21 11.31
N LEU D 1747 5.12 -0.39 10.39
CA LEU D 1747 6.43 0.19 10.54
C LEU D 1747 6.51 1.59 9.97
N PHE D 1748 5.53 2.00 9.15
CA PHE D 1748 5.46 3.37 8.67
C PHE D 1748 4.82 4.30 9.67
N ASP D 1749 3.85 3.80 10.45
CA ASP D 1749 3.18 4.63 11.45
C ASP D 1749 4.10 4.86 12.65
N GLU D 1750 4.51 3.79 13.32
CA GLU D 1750 5.44 3.88 14.44
C GLU D 1750 6.88 3.84 13.92
N HIS D 1751 7.76 4.56 14.63
CA HIS D 1751 9.18 4.72 14.32
C HIS D 1751 9.41 5.48 13.02
N LEU D 1752 8.37 5.95 12.36
CA LEU D 1752 8.51 6.67 11.10
C LEU D 1752 7.41 7.71 11.00
N THR D 1753 7.72 8.81 10.31
CA THR D 1753 6.84 9.95 10.12
C THR D 1753 6.06 10.43 11.35
N PRO D 1754 6.75 10.66 12.51
CA PRO D 1754 6.12 11.50 13.54
C PRO D 1754 6.45 12.97 13.31
N PHE D 1755 7.62 13.21 12.73
CA PHE D 1755 8.09 14.57 12.43
C PHE D 1755 7.91 14.85 10.94
N MET D 1756 6.66 14.93 10.52
CA MET D 1756 6.35 15.10 9.11
C MET D 1756 5.11 15.96 8.95
N ASN D 1757 5.15 16.84 7.95
CA ASN D 1757 4.00 17.64 7.57
C ASN D 1757 3.67 17.53 6.08
N ASP D 1758 4.44 16.77 5.32
CA ASP D 1758 4.20 16.57 3.89
C ASP D 1758 3.75 15.14 3.60
N LEU D 1759 2.93 14.59 4.49
CA LEU D 1759 2.37 13.26 4.26
C LEU D 1759 1.37 13.26 3.10
N GLN D 1760 0.82 14.42 2.76
CA GLN D 1760 -0.19 14.48 1.70
C GLN D 1760 0.39 14.09 0.34
N VAL D 1761 1.59 14.59 0.02
CA VAL D 1761 2.19 14.26 -1.28
C VAL D 1761 2.67 12.81 -1.28
N SER D 1762 3.18 12.32 -0.15
CA SER D 1762 3.56 10.93 -0.04
C SER D 1762 2.38 9.98 0.01
N ARG D 1763 1.15 10.51 0.17
CA ARG D 1763 -0.04 9.69 0.22
C ARG D 1763 -0.80 9.63 -1.09
N THR D 1764 -0.75 10.67 -1.90
CA THR D 1764 -1.57 10.73 -3.12
C THR D 1764 -0.86 10.12 -4.32
N MET D 1765 -0.32 8.92 -4.12
CA MET D 1765 0.27 8.10 -5.18
C MET D 1765 1.24 8.90 -6.05
N ASP D 1766 2.29 9.40 -5.41
CA ASP D 1766 3.34 10.13 -6.12
C ASP D 1766 4.21 9.14 -6.87
N SER D 1767 3.92 8.96 -8.16
CA SER D 1767 4.59 7.97 -9.00
C SER D 1767 4.51 6.59 -8.34
N GLY D 1768 3.27 6.12 -8.20
CA GLY D 1768 3.03 4.92 -7.41
C GLY D 1768 3.72 3.70 -7.99
N ARG D 1769 4.27 2.87 -7.11
CA ARG D 1769 4.88 1.60 -7.46
C ARG D 1769 6.02 1.77 -8.47
N LEU D 1770 7.08 2.42 -7.99
CA LEU D 1770 8.31 2.47 -8.75
C LEU D 1770 8.85 1.06 -8.95
N LYS D 1771 9.55 0.87 -10.07
CA LYS D 1771 10.07 -0.45 -10.39
C LYS D 1771 11.18 -0.85 -9.41
N PHE D 1772 11.09 -2.06 -8.89
CA PHE D 1772 12.08 -2.61 -7.96
C PHE D 1772 12.23 -1.74 -6.72
N LEU D 1773 11.10 -1.39 -6.11
CA LEU D 1773 11.09 -0.68 -4.85
C LEU D 1773 10.21 -1.36 -3.81
N ASP D 1774 9.86 -2.62 -4.00
CA ASP D 1774 9.10 -3.36 -3.00
C ASP D 1774 9.87 -4.55 -2.44
N VAL D 1775 10.44 -5.39 -3.30
CA VAL D 1775 11.30 -6.48 -2.83
C VAL D 1775 12.73 -5.99 -2.66
N CYS D 1776 13.17 -5.10 -3.52
CA CYS D 1776 14.53 -4.58 -3.49
C CYS D 1776 14.71 -3.53 -2.41
N ILE D 1777 13.63 -3.14 -1.73
CA ILE D 1777 13.71 -2.32 -0.53
C ILE D 1777 13.62 -3.24 0.68
N ALA D 1778 12.94 -4.38 0.51
CA ALA D 1778 12.87 -5.37 1.59
C ALA D 1778 14.23 -5.99 1.84
N LEU D 1779 14.98 -6.28 0.77
CA LEU D 1779 16.33 -6.81 0.93
C LEU D 1779 17.23 -5.84 1.68
N ASP D 1780 16.95 -4.53 1.58
CA ASP D 1780 17.72 -3.54 2.34
C ASP D 1780 17.21 -3.43 3.76
N MET D 1781 15.89 -3.54 3.95
CA MET D 1781 15.31 -3.38 5.28
C MET D 1781 15.66 -4.56 6.18
N MET D 1782 15.81 -5.76 5.61
CA MET D 1782 16.10 -6.94 6.42
C MET D 1782 17.59 -7.22 6.56
N ASN D 1783 18.41 -6.79 5.61
CA ASN D 1783 19.85 -6.97 5.69
C ASN D 1783 20.49 -5.68 6.21
N GLU D 1784 21.08 -5.75 7.40
CA GLU D 1784 21.68 -4.58 8.04
C GLU D 1784 23.05 -4.22 7.50
N ASN D 1785 23.57 -4.95 6.51
CA ASN D 1785 24.85 -4.64 5.92
C ASN D 1785 24.78 -4.44 4.41
N LEU D 1786 23.59 -4.52 3.81
CA LEU D 1786 23.47 -4.34 2.37
C LEU D 1786 23.41 -2.86 1.99
N GLY D 1787 22.39 -2.16 2.45
CA GLY D 1787 22.26 -0.72 2.23
C GLY D 1787 22.29 -0.28 0.78
N ILE D 1788 21.25 -0.58 0.02
CA ILE D 1788 21.16 -0.11 -1.36
C ILE D 1788 20.38 1.19 -1.46
N ILE D 1789 19.32 1.34 -0.66
CA ILE D 1789 18.47 2.53 -0.74
C ILE D 1789 19.26 3.77 -0.37
N SER D 1790 20.24 3.63 0.52
CA SER D 1790 21.12 4.75 0.84
C SER D 1790 21.93 5.19 -0.39
N HIS D 1791 22.30 4.23 -1.24
CA HIS D 1791 23.01 4.57 -2.47
C HIS D 1791 22.05 5.03 -3.56
N LEU D 1792 20.82 4.52 -3.57
CA LEU D 1792 19.85 4.96 -4.56
C LEU D 1792 19.39 6.38 -4.30
N LEU D 1793 19.31 6.78 -3.04
CA LEU D 1793 18.98 8.17 -2.68
C LEU D 1793 20.22 9.04 -2.60
N LYS D 1794 21.05 8.98 -3.64
CA LYS D 1794 22.34 9.68 -3.63
C LYS D 1794 22.90 9.64 -5.05
N THR D 1795 23.88 10.51 -5.28
CA THR D 1795 24.59 10.54 -6.55
C THR D 1795 25.88 9.72 -6.44
N ARG D 1796 26.52 9.48 -7.58
CA ARG D 1796 27.77 8.74 -7.60
C ARG D 1796 28.87 9.48 -6.83
N ASP D 1797 28.77 10.81 -6.76
CA ASP D 1797 29.69 11.68 -6.02
C ASP D 1797 31.07 11.73 -6.67
N ASN D 1798 31.31 10.90 -7.68
CA ASN D 1798 32.54 10.95 -8.46
C ASN D 1798 32.27 11.26 -9.92
N SER D 1799 31.39 10.48 -10.56
CA SER D 1799 30.98 10.68 -11.95
C SER D 1799 32.14 10.51 -12.93
N VAL D 1800 33.33 10.23 -12.41
CA VAL D 1800 34.51 10.00 -13.23
C VAL D 1800 35.59 9.38 -12.35
N TYR D 1801 36.38 8.46 -12.91
CA TYR D 1801 37.38 7.73 -12.16
C TYR D 1801 38.71 7.81 -12.89
N ILE D 1802 39.68 8.50 -12.29
CA ILE D 1802 41.04 8.51 -12.80
C ILE D 1802 41.70 7.19 -12.40
N VAL D 1803 42.08 6.39 -13.40
CA VAL D 1803 42.70 5.10 -13.14
C VAL D 1803 43.84 4.90 -14.13
N LYS D 1804 44.83 4.10 -13.73
CA LYS D 1804 45.95 3.79 -14.60
C LYS D 1804 45.60 2.59 -15.48
N GLN D 1805 46.01 2.67 -16.75
CA GLN D 1805 45.67 1.62 -17.71
C GLN D 1805 46.22 0.26 -17.33
N SER D 1806 47.25 0.20 -16.48
CA SER D 1806 47.75 -1.07 -16.01
C SER D 1806 46.73 -1.83 -15.18
N ASP D 1807 45.74 -1.13 -14.60
CA ASP D 1807 44.69 -1.77 -13.84
C ASP D 1807 43.51 -2.17 -14.73
N CYS D 1808 43.19 -1.36 -15.75
CA CYS D 1808 42.12 -1.72 -16.65
C CYS D 1808 42.50 -2.89 -17.55
N ALA D 1809 43.78 -3.01 -17.90
CA ALA D 1809 44.22 -4.19 -18.64
C ALA D 1809 44.18 -5.44 -17.80
N LEU D 1810 44.26 -5.30 -16.47
CA LEU D 1810 44.13 -6.41 -15.54
C LEU D 1810 42.69 -6.57 -15.06
N ALA D 1811 41.80 -5.69 -15.48
CA ALA D 1811 40.43 -5.70 -14.96
C ALA D 1811 39.69 -6.97 -15.38
N HIS D 1812 38.95 -7.54 -14.45
CA HIS D 1812 38.16 -8.73 -14.74
C HIS D 1812 37.01 -8.36 -15.68
N ILE D 1813 36.77 -9.24 -16.66
CA ILE D 1813 35.74 -9.03 -17.67
C ILE D 1813 34.47 -9.70 -17.20
N ARG D 1814 33.38 -8.92 -17.07
CA ARG D 1814 32.10 -9.46 -16.66
C ARG D 1814 31.02 -8.57 -17.29
N GLN D 1815 30.46 -9.02 -18.40
CA GLN D 1815 29.44 -8.27 -19.11
C GLN D 1815 28.10 -9.00 -19.05
N SER D 1816 27.04 -8.23 -19.24
CA SER D 1816 25.69 -8.80 -19.23
C SER D 1816 25.46 -9.67 -20.45
N SER D 1817 24.88 -10.84 -20.23
CA SER D 1817 24.59 -11.79 -21.30
C SER D 1817 23.11 -12.14 -21.24
N TYR D 1818 22.45 -12.10 -22.40
CA TYR D 1818 21.04 -12.43 -22.45
C TYR D 1818 20.83 -13.90 -22.10
N THR D 1819 19.91 -14.15 -21.18
CA THR D 1819 19.61 -15.53 -20.78
C THR D 1819 18.76 -16.27 -21.79
N ASP D 1820 18.12 -15.56 -22.72
CA ASP D 1820 17.29 -16.20 -23.73
C ASP D 1820 18.09 -16.75 -24.90
N TRP D 1821 19.41 -16.60 -24.89
CA TRP D 1821 20.28 -17.08 -25.98
C TRP D 1821 19.89 -16.45 -27.31
N GLU D 1822 19.53 -15.16 -27.28
CA GLU D 1822 19.15 -14.41 -28.47
C GLU D 1822 18.02 -15.11 -29.22
N LEU D 1823 16.98 -15.50 -28.46
CA LEU D 1823 15.86 -16.24 -29.03
C LEU D 1823 14.51 -15.61 -28.76
N GLY D 1824 14.45 -14.47 -28.06
CA GLY D 1824 13.18 -13.90 -27.67
C GLY D 1824 12.29 -13.55 -28.85
N LEU D 1825 12.65 -12.51 -29.61
CA LEU D 1825 11.91 -12.18 -30.82
C LEU D 1825 12.77 -11.73 -31.98
N SER D 1826 14.10 -11.58 -31.79
CA SER D 1826 14.98 -11.07 -32.84
C SER D 1826 14.43 -9.73 -33.36
N PRO D 1827 14.62 -8.63 -32.61
CA PRO D 1827 13.88 -7.38 -32.87
C PRO D 1827 13.70 -6.97 -34.32
N GLN D 1828 14.58 -7.42 -35.22
CA GLN D 1828 14.30 -7.29 -36.64
C GLN D 1828 12.92 -7.88 -36.97
N GLN D 1829 12.62 -9.05 -36.43
CA GLN D 1829 11.29 -9.63 -36.61
C GLN D 1829 10.22 -8.77 -35.95
N ILE D 1830 10.53 -8.16 -34.81
CA ILE D 1830 9.56 -7.28 -34.15
C ILE D 1830 9.16 -6.16 -35.10
N CYS D 1831 10.15 -5.45 -35.65
CA CYS D 1831 9.83 -4.29 -36.48
C CYS D 1831 9.18 -4.70 -37.80
N THR D 1832 9.63 -5.81 -38.39
CA THR D 1832 9.00 -6.21 -39.65
C THR D 1832 7.58 -6.72 -39.43
N ASN D 1833 7.31 -7.34 -38.29
CA ASN D 1833 5.94 -7.76 -37.98
C ASN D 1833 5.05 -6.56 -37.71
N PHE D 1834 5.56 -5.53 -37.03
CA PHE D 1834 4.77 -4.33 -36.85
C PHE D 1834 4.48 -3.65 -38.17
N LYS D 1835 5.49 -3.56 -39.05
CA LYS D 1835 5.28 -2.98 -40.37
C LYS D 1835 4.25 -3.75 -41.16
N THR D 1836 4.32 -5.09 -41.12
CA THR D 1836 3.36 -5.90 -41.86
C THR D 1836 1.96 -5.73 -41.30
N GLN D 1837 1.81 -5.70 -39.97
CA GLN D 1837 0.49 -5.47 -39.39
C GLN D 1837 -0.06 -4.12 -39.80
N LEU D 1838 0.78 -3.08 -39.76
CA LEU D 1838 0.34 -1.75 -40.14
C LEU D 1838 -0.11 -1.71 -41.59
N VAL D 1839 0.67 -2.32 -42.49
CA VAL D 1839 0.34 -2.26 -43.91
C VAL D 1839 -0.91 -3.08 -44.21
N LEU D 1840 -1.02 -4.27 -43.65
CA LEU D 1840 -2.15 -5.13 -43.94
C LEU D 1840 -3.43 -4.66 -43.25
N SER D 1841 -3.32 -3.86 -42.19
CA SER D 1841 -4.49 -3.23 -41.61
C SER D 1841 -4.85 -1.93 -42.33
N SER D 1842 -3.86 -1.27 -42.93
CA SER D 1842 -4.16 -0.11 -43.77
C SER D 1842 -4.88 -0.54 -45.04
N MET D 1843 -4.50 -1.70 -45.60
CA MET D 1843 -5.14 -2.15 -46.82
C MET D 1843 -6.43 -2.90 -46.53
N VAL D 1844 -7.29 -2.35 -45.67
CA VAL D 1844 -8.65 -2.83 -45.52
C VAL D 1844 -9.58 -1.62 -45.46
N ASN D 1845 -9.01 -0.45 -45.20
CA ASN D 1845 -9.75 0.81 -45.11
C ASN D 1845 -8.77 1.98 -44.98
N PRO D 1846 -9.12 3.16 -45.48
CA PRO D 1846 -8.23 4.32 -45.29
C PRO D 1846 -8.20 4.74 -43.84
N LEU D 1847 -6.99 4.82 -43.28
CA LEU D 1847 -6.79 5.19 -41.89
C LEU D 1847 -5.77 6.32 -41.80
N VAL D 1848 -5.97 7.19 -40.83
CA VAL D 1848 -5.04 8.29 -40.61
C VAL D 1848 -3.77 7.75 -39.95
N LEU D 1849 -2.62 8.19 -40.45
CA LEU D 1849 -1.33 7.75 -39.90
C LEU D 1849 -0.92 8.61 -38.71
N SER D 1850 -1.83 8.74 -37.75
CA SER D 1850 -1.54 9.44 -36.52
C SER D 1850 -0.96 8.45 -35.50
N THR D 1851 -0.76 8.90 -34.27
CA THR D 1851 -0.31 7.98 -33.23
C THR D 1851 -1.44 7.04 -32.80
N SER D 1852 -2.69 7.40 -33.09
CA SER D 1852 -3.81 6.52 -32.74
C SER D 1852 -3.70 5.20 -33.48
N CYS D 1853 -3.40 5.24 -34.78
CA CYS D 1853 -3.22 4.04 -35.57
C CYS D 1853 -1.83 3.44 -35.42
N LEU D 1854 -1.06 3.90 -34.44
CA LEU D 1854 0.23 3.32 -34.11
C LEU D 1854 0.28 2.78 -32.69
N LYS D 1855 -0.18 3.56 -31.71
CA LYS D 1855 -0.16 3.10 -30.32
C LYS D 1855 -1.20 2.00 -30.09
N SER D 1856 -2.32 2.04 -30.81
CA SER D 1856 -3.37 1.05 -30.65
C SER D 1856 -3.08 -0.26 -31.38
N PHE D 1857 -1.84 -0.46 -31.81
CA PHE D 1857 -1.43 -1.69 -32.47
C PHE D 1857 -0.65 -2.57 -31.50
N PHE D 1858 -0.93 -3.87 -31.54
CA PHE D 1858 -0.26 -4.79 -30.63
C PHE D 1858 1.25 -4.78 -30.83
N TRP D 1859 1.70 -5.00 -32.06
CA TRP D 1859 3.13 -5.15 -32.28
C TRP D 1859 3.87 -3.85 -32.25
N PHE D 1860 3.26 -2.77 -31.76
CA PHE D 1860 4.00 -1.54 -31.54
C PHE D 1860 4.77 -1.62 -30.24
N ASN D 1861 5.61 -2.64 -30.10
CA ASN D 1861 6.53 -2.77 -28.97
C ASN D 1861 7.81 -1.99 -29.18
N GLU D 1862 7.84 -1.10 -30.17
CA GLU D 1862 9.02 -0.27 -30.40
C GLU D 1862 9.30 0.66 -29.23
N VAL D 1863 8.28 0.96 -28.42
CA VAL D 1863 8.51 1.71 -27.19
C VAL D 1863 9.31 0.89 -26.19
N LEU D 1864 9.29 -0.44 -26.32
CA LEU D 1864 10.18 -1.30 -25.56
C LEU D 1864 11.50 -1.42 -26.33
N GLU D 1865 12.34 -2.39 -25.95
CA GLU D 1865 13.64 -2.59 -26.59
C GLU D 1865 14.52 -1.36 -26.42
N LEU D 1866 14.92 -1.13 -25.17
CA LEU D 1866 15.70 0.02 -24.75
C LEU D 1866 16.78 0.41 -25.75
N GLU D 1867 17.43 -0.57 -26.37
CA GLU D 1867 18.35 -0.29 -27.46
C GLU D 1867 17.56 0.12 -28.70
N ASP D 1868 17.35 1.43 -28.88
CA ASP D 1868 16.51 1.95 -29.94
C ASP D 1868 17.32 2.45 -31.12
N ASP D 1869 18.43 1.77 -31.43
CA ASP D 1869 19.26 2.16 -32.56
C ASP D 1869 18.61 1.89 -33.90
N SER D 1870 17.63 0.98 -33.95
CA SER D 1870 17.01 0.56 -35.20
C SER D 1870 15.50 0.61 -35.07
N GLN D 1871 14.87 1.47 -35.85
CA GLN D 1871 13.41 1.52 -35.94
C GLN D 1871 12.98 0.82 -37.23
N ILE D 1872 11.69 0.94 -37.57
CA ILE D 1872 11.08 -0.04 -38.47
C ILE D 1872 11.59 0.08 -39.90
N GLU D 1873 11.17 1.11 -40.64
CA GLU D 1873 11.80 1.36 -41.94
C GLU D 1873 12.03 2.84 -42.22
N LEU D 1874 11.02 3.66 -41.91
CA LEU D 1874 11.01 5.06 -42.36
C LEU D 1874 10.51 6.05 -41.32
N ALA D 1875 9.82 5.62 -40.27
CA ALA D 1875 9.18 6.52 -39.32
C ALA D 1875 10.03 6.74 -38.08
N GLU D 1876 11.35 6.67 -38.21
CA GLU D 1876 12.26 6.76 -37.06
C GLU D 1876 11.98 8.00 -36.24
N LEU D 1877 11.69 9.13 -36.90
CA LEU D 1877 11.52 10.38 -36.17
C LEU D 1877 10.25 10.38 -35.32
N THR D 1878 9.16 9.79 -35.84
CA THR D 1878 7.95 9.77 -35.03
C THR D 1878 8.09 8.82 -33.85
N ASP D 1879 8.88 7.74 -33.98
CA ASP D 1879 9.15 6.90 -32.82
C ASP D 1879 10.03 7.62 -31.81
N PHE D 1880 11.03 8.35 -32.29
CA PHE D 1880 11.87 9.12 -31.38
C PHE D 1880 11.05 10.17 -30.65
N ALA D 1881 10.07 10.77 -31.32
CA ALA D 1881 9.18 11.72 -30.67
C ALA D 1881 8.24 11.03 -29.69
N LEU D 1882 7.81 9.80 -30.02
CA LEU D 1882 7.00 9.03 -29.08
C LEU D 1882 7.79 8.64 -27.84
N MET D 1883 9.12 8.54 -27.96
CA MET D 1883 9.95 8.41 -26.77
C MET D 1883 9.83 9.65 -25.88
N VAL D 1884 9.55 10.81 -26.49
CA VAL D 1884 9.25 12.01 -25.72
C VAL D 1884 7.77 12.15 -25.43
N LYS D 1885 6.96 11.16 -25.82
CA LYS D 1885 5.52 11.17 -25.60
C LYS D 1885 4.85 12.37 -26.28
N ASN D 1886 4.97 12.40 -27.60
CA ASN D 1886 4.39 13.47 -28.39
C ASN D 1886 2.91 13.21 -28.64
N GLN D 1887 2.19 14.30 -28.93
CA GLN D 1887 0.76 14.24 -29.24
C GLN D 1887 0.48 14.67 -30.67
N ASN D 1888 1.48 14.60 -31.55
CA ASN D 1888 1.32 15.00 -32.93
C ASN D 1888 0.31 14.10 -33.64
N VAL D 1889 -0.06 14.51 -34.86
CA VAL D 1889 -1.02 13.74 -35.64
C VAL D 1889 -0.40 13.37 -36.98
N SER D 1890 -0.10 14.35 -37.82
CA SER D 1890 0.35 14.07 -39.17
C SER D 1890 1.01 15.31 -39.77
N ARG D 1891 2.00 15.07 -40.61
CA ARG D 1891 2.66 16.11 -41.39
C ARG D 1891 3.41 15.43 -42.54
N ALA D 1892 4.29 16.17 -43.20
CA ALA D 1892 5.10 15.64 -44.29
C ALA D 1892 6.36 15.03 -43.68
N MET D 1893 6.26 13.77 -43.26
CA MET D 1893 7.40 13.05 -42.71
C MET D 1893 8.11 12.32 -43.85
N PHE D 1894 8.91 13.08 -44.59
CA PHE D 1894 9.67 12.59 -45.73
C PHE D 1894 11.13 13.02 -45.61
N VAL D 1895 11.71 12.78 -44.43
CA VAL D 1895 13.05 13.25 -44.10
C VAL D 1895 14.13 12.66 -45.01
N GLU D 1896 13.77 11.69 -45.85
CA GLU D 1896 14.69 11.23 -46.89
C GLU D 1896 15.22 12.40 -47.70
N ASP D 1897 14.32 13.29 -48.12
CA ASP D 1897 14.69 14.63 -48.57
C ASP D 1897 14.75 15.51 -47.32
N ILE D 1898 15.97 15.87 -46.92
CA ILE D 1898 16.18 16.51 -45.61
C ILE D 1898 15.38 17.80 -45.55
N ALA D 1899 14.41 17.85 -44.64
CA ALA D 1899 13.63 19.05 -44.41
C ALA D 1899 14.29 20.01 -43.43
N MET D 1900 15.17 19.51 -42.56
CA MET D 1900 15.91 20.38 -41.66
C MET D 1900 17.11 21.02 -42.36
N GLY D 1901 17.68 20.33 -43.35
CA GLY D 1901 18.77 20.88 -44.13
C GLY D 1901 18.30 21.38 -45.48
N TYR D 1902 19.18 22.15 -46.13
CA TYR D 1902 18.91 22.76 -47.43
C TYR D 1902 17.62 23.58 -47.38
N VAL D 1903 17.63 24.59 -46.51
CA VAL D 1903 16.47 25.43 -46.27
C VAL D 1903 16.83 26.88 -46.59
N VAL D 1904 15.89 27.58 -47.25
CA VAL D 1904 16.12 28.97 -47.61
C VAL D 1904 16.29 29.81 -46.35
N SER D 1905 17.15 30.81 -46.43
CA SER D 1905 17.48 31.67 -45.29
C SER D 1905 17.06 33.11 -45.57
N ASN D 1906 15.87 33.29 -46.14
CA ASN D 1906 15.34 34.63 -46.42
C ASN D 1906 14.89 35.26 -45.11
N PHE D 1907 15.86 35.83 -44.40
CA PHE D 1907 15.64 36.39 -43.06
C PHE D 1907 15.65 37.92 -43.12
N GLU D 1908 14.87 38.53 -42.24
CA GLU D 1908 14.77 39.98 -42.16
C GLU D 1908 14.22 40.36 -40.79
N GLY D 1909 13.97 41.66 -40.59
CA GLY D 1909 13.43 42.15 -39.34
C GLY D 1909 12.50 43.31 -39.60
N VAL D 1910 11.84 43.77 -38.53
CA VAL D 1910 10.90 44.86 -38.62
C VAL D 1910 11.20 45.90 -37.54
N ARG D 1911 10.36 46.93 -37.45
CA ARG D 1911 10.54 48.01 -36.49
C ARG D 1911 10.15 47.53 -35.09
N ILE D 1912 10.15 48.46 -34.13
CA ILE D 1912 9.90 48.12 -32.73
C ILE D 1912 8.70 48.93 -32.23
N SER D 1913 8.27 48.61 -31.02
CA SER D 1913 7.22 49.34 -30.32
C SER D 1913 7.64 49.44 -28.85
N LEU D 1914 8.09 50.63 -28.46
CA LEU D 1914 8.62 50.83 -27.12
C LEU D 1914 7.51 50.73 -26.08
N SER D 1915 7.73 49.92 -25.05
CA SER D 1915 6.81 49.84 -23.93
C SER D 1915 7.02 51.05 -23.02
N ASN D 1916 6.34 51.06 -21.87
CA ASN D 1916 6.33 52.23 -20.98
C ASN D 1916 5.95 53.48 -21.80
N VAL D 1917 4.70 53.45 -22.26
CA VAL D 1917 4.24 54.31 -23.34
C VAL D 1917 4.40 55.79 -22.99
N MET D 1918 5.29 56.46 -23.71
CA MET D 1918 5.42 57.91 -23.64
C MET D 1918 5.70 58.52 -25.01
N VAL D 1919 5.72 57.70 -26.07
CA VAL D 1919 6.04 58.21 -27.41
C VAL D 1919 4.82 58.69 -28.18
N ASP D 1920 3.62 58.25 -27.80
CA ASP D 1920 2.42 58.72 -28.48
C ASP D 1920 2.21 60.22 -28.28
N GLY D 1921 2.73 60.78 -27.19
CA GLY D 1921 2.65 62.20 -26.96
C GLY D 1921 3.69 63.03 -27.70
N VAL D 1922 4.70 62.38 -28.29
CA VAL D 1922 5.75 63.07 -29.03
C VAL D 1922 5.84 62.57 -30.47
N GLN D 1923 4.87 61.78 -30.92
CA GLN D 1923 4.86 61.31 -32.30
C GLN D 1923 4.12 62.25 -33.24
N LEU D 1924 2.97 62.77 -32.82
CA LEU D 1924 2.17 63.67 -33.63
C LEU D 1924 2.71 65.11 -33.70
N PRO D 1925 3.34 65.66 -32.64
CA PRO D 1925 3.85 67.05 -32.74
C PRO D 1925 4.78 67.24 -33.93
N PRO D 1926 5.63 66.24 -34.29
CA PRO D 1926 6.34 66.38 -35.57
C PRO D 1926 5.39 66.36 -36.75
N GLN D 1927 5.28 67.48 -37.44
CA GLN D 1927 4.38 67.60 -38.59
C GLN D 1927 4.83 68.70 -39.54
N ASP D 1932 9.36 68.72 -33.39
CA ASP D 1932 9.60 67.90 -34.58
C ASP D 1932 10.67 66.85 -34.32
N ILE D 1933 11.16 66.22 -35.38
CA ILE D 1933 12.17 65.19 -35.24
C ILE D 1933 13.47 65.76 -34.69
N GLY D 1934 13.79 67.01 -35.02
CA GLY D 1934 14.96 67.64 -34.44
C GLY D 1934 14.82 67.82 -32.94
N GLU D 1935 13.61 68.17 -32.49
CA GLU D 1935 13.35 68.25 -31.06
C GLU D 1935 13.48 66.89 -30.39
N LEU D 1936 13.06 65.83 -31.08
CA LEU D 1936 13.22 64.48 -30.54
C LEU D 1936 14.69 64.11 -30.42
N PHE D 1937 15.49 64.45 -31.43
CA PHE D 1937 16.93 64.18 -31.36
C PHE D 1937 17.59 64.98 -30.25
N GLY D 1938 17.19 66.24 -30.07
CA GLY D 1938 17.72 67.03 -28.97
C GLY D 1938 17.34 66.47 -27.62
N LEU D 1939 16.12 65.95 -27.49
CA LEU D 1939 15.71 65.27 -26.27
C LEU D 1939 16.56 64.04 -26.03
N LYS D 1940 16.86 63.29 -27.09
CA LYS D 1940 17.78 62.16 -26.98
C LYS D 1940 19.23 62.60 -26.89
N ALA D 1941 19.51 63.89 -27.00
CA ALA D 1941 20.87 64.40 -26.89
C ALA D 1941 21.14 64.92 -25.47
N GLY D 1947 19.41 66.41 -15.21
CA GLY D 1947 20.10 65.14 -15.17
C GLY D 1947 19.75 64.22 -16.32
N LEU D 1948 20.32 63.02 -16.31
CA LEU D 1948 20.07 62.07 -17.37
C LEU D 1948 18.72 61.37 -17.16
N VAL D 1949 18.07 61.05 -18.27
CA VAL D 1949 16.79 60.34 -18.25
C VAL D 1949 16.99 58.99 -18.92
N VAL D 1950 18.17 58.40 -18.73
CA VAL D 1950 18.52 57.14 -19.36
C VAL D 1950 17.92 55.98 -18.58
N GLN D 1951 16.71 55.58 -18.95
CA GLN D 1951 16.00 54.50 -18.30
C GLN D 1951 16.13 53.23 -19.14
N ILE D 1952 15.35 52.20 -18.79
CA ILE D 1952 15.37 50.95 -19.55
C ILE D 1952 14.73 51.15 -20.92
N ASP D 1953 14.96 50.18 -21.80
CA ASP D 1953 14.45 50.21 -23.16
C ASP D 1953 13.77 48.88 -23.46
N HIS D 1954 12.72 48.95 -24.29
CA HIS D 1954 11.93 47.79 -24.67
C HIS D 1954 11.94 47.65 -26.18
N VAL D 1955 12.43 46.53 -26.67
CA VAL D 1955 12.58 46.27 -28.09
C VAL D 1955 11.56 45.21 -28.51
N ARG D 1956 10.90 45.45 -29.64
CA ARG D 1956 9.92 44.53 -30.18
C ARG D 1956 10.31 44.17 -31.61
N MET D 1957 10.32 42.87 -31.92
CA MET D 1957 10.68 42.42 -33.25
C MET D 1957 9.73 41.33 -33.69
N SER D 1958 9.35 41.34 -34.96
CA SER D 1958 8.51 40.31 -35.57
C SER D 1958 9.21 39.87 -36.85
N THR D 1959 10.10 38.90 -36.73
CA THR D 1959 10.93 38.45 -37.85
C THR D 1959 10.27 37.24 -38.49
N LYS D 1960 9.77 37.42 -39.72
CA LYS D 1960 9.08 36.36 -40.45
C LYS D 1960 9.94 35.86 -41.58
N PHE D 1961 10.00 34.53 -41.73
CA PHE D 1961 10.78 33.88 -42.76
C PHE D 1961 9.93 32.82 -43.44
N LYS D 1962 10.45 32.28 -44.54
CA LYS D 1962 9.72 31.35 -45.38
C LYS D 1962 10.50 30.05 -45.54
N LEU D 1963 10.96 29.49 -44.42
CA LEU D 1963 11.75 28.27 -44.41
C LEU D 1963 11.07 27.16 -45.20
N LYS D 1964 11.73 26.72 -46.27
CA LYS D 1964 11.24 25.66 -47.12
C LYS D 1964 11.87 24.33 -46.72
N ARG D 1965 11.68 23.30 -47.56
CA ARG D 1965 12.25 21.99 -47.33
C ARG D 1965 12.77 21.43 -48.65
N LYS D 1966 13.43 20.28 -48.57
CA LYS D 1966 13.95 19.64 -49.78
C LYS D 1966 12.84 19.01 -50.59
N MET D 1967 11.94 18.28 -49.92
CA MET D 1967 10.80 17.69 -50.60
C MET D 1967 9.80 18.79 -50.98
N VAL D 1968 8.72 18.39 -51.64
CA VAL D 1968 7.71 19.33 -52.09
C VAL D 1968 6.88 19.79 -50.90
N TYR D 1969 7.21 20.98 -50.38
CA TYR D 1969 6.53 21.53 -49.21
C TYR D 1969 7.00 22.97 -49.02
N SER D 1970 6.36 23.65 -48.09
CA SER D 1970 6.71 25.03 -47.77
C SER D 1970 6.25 25.33 -46.35
N PHE D 1971 6.74 26.44 -45.80
CA PHE D 1971 6.41 26.82 -44.44
C PHE D 1971 6.75 28.29 -44.23
N SER D 1972 5.94 28.97 -43.43
CA SER D 1972 6.15 30.36 -43.08
C SER D 1972 6.17 30.49 -41.56
N LEU D 1973 7.31 30.90 -41.01
CA LEU D 1973 7.50 30.94 -39.56
C LEU D 1973 7.93 32.34 -39.15
N GLU D 1974 7.21 32.93 -38.20
CA GLU D 1974 7.55 34.24 -37.67
C GLU D 1974 7.82 34.15 -36.18
N CYS D 1975 8.83 34.86 -35.72
CA CYS D 1975 9.24 34.86 -34.33
C CYS D 1975 9.10 36.27 -33.76
N ILE D 1976 8.45 36.37 -32.61
CA ILE D 1976 8.32 37.64 -31.89
C ILE D 1976 9.35 37.68 -30.78
N MET D 1977 10.05 38.81 -30.67
CA MET D 1977 11.13 39.01 -29.71
C MET D 1977 10.81 40.24 -28.89
N ASP D 1978 10.70 40.08 -27.58
CA ASP D 1978 10.51 41.17 -26.64
C ASP D 1978 11.77 41.26 -25.78
N VAL D 1979 12.55 42.31 -25.99
CA VAL D 1979 13.87 42.45 -25.37
C VAL D 1979 13.81 43.56 -24.33
N GLY D 1980 14.14 43.21 -23.09
CA GLY D 1980 14.31 44.20 -22.04
C GLY D 1980 15.77 44.59 -21.88
N GLU D 1981 16.14 45.73 -22.44
CA GLU D 1981 17.52 46.20 -22.43
C GLU D 1981 17.61 47.49 -21.62
N ILE D 1982 18.81 48.07 -21.57
CA ILE D 1982 19.05 49.33 -20.89
C ILE D 1982 19.60 50.33 -21.91
N GLN D 1983 18.99 51.50 -21.97
CA GLN D 1983 19.48 52.54 -22.88
C GLN D 1983 20.91 52.92 -22.53
N ASN D 1984 21.67 53.31 -23.55
CA ASN D 1984 23.06 53.69 -23.40
C ASN D 1984 23.20 55.20 -23.48
N LYS D 1985 24.29 55.69 -22.90
CA LYS D 1985 24.57 57.13 -22.98
C LYS D 1985 24.95 57.53 -24.39
N GLU D 1986 26.05 56.97 -24.92
CA GLU D 1986 26.50 57.36 -26.25
C GLU D 1986 26.96 56.22 -27.15
N VAL D 1987 27.39 55.08 -26.62
CA VAL D 1987 28.19 54.18 -27.47
C VAL D 1987 27.32 53.25 -28.30
N ILE D 1988 26.70 52.25 -27.66
CA ILE D 1988 25.81 51.37 -28.42
C ILE D 1988 24.48 51.14 -27.72
N LEU D 1989 24.52 50.40 -26.61
CA LEU D 1989 23.33 49.90 -25.93
C LEU D 1989 23.79 49.08 -24.73
N LYS D 1990 22.82 48.63 -23.93
CA LYS D 1990 23.05 47.70 -22.84
C LYS D 1990 21.81 46.83 -22.68
N VAL D 1991 22.01 45.52 -22.50
CA VAL D 1991 20.90 44.59 -22.46
C VAL D 1991 20.89 43.85 -21.13
N VAL D 1992 19.69 43.50 -20.66
CA VAL D 1992 19.52 42.73 -19.44
C VAL D 1992 18.95 41.36 -19.79
N ALA D 1993 17.77 41.33 -20.40
CA ALA D 1993 17.11 40.06 -20.67
C ALA D 1993 16.43 40.11 -22.03
N VAL D 1994 16.19 38.92 -22.59
CA VAL D 1994 15.51 38.76 -23.86
C VAL D 1994 14.44 37.69 -23.70
N ASP D 1995 13.61 37.54 -24.73
CA ASP D 1995 12.58 36.51 -24.75
C ASP D 1995 12.17 36.27 -26.19
N GLN D 1996 11.87 35.02 -26.51
CA GLN D 1996 11.53 34.61 -27.86
C GLN D 1996 10.23 33.82 -27.85
N SER D 1997 9.46 33.96 -28.94
CA SER D 1997 8.25 33.16 -29.11
C SER D 1997 8.05 32.93 -30.60
N VAL D 1998 8.28 31.69 -31.06
CA VAL D 1998 8.08 31.34 -32.45
C VAL D 1998 6.59 31.20 -32.70
N SER D 1999 6.21 31.14 -33.98
CA SER D 1999 4.83 30.91 -34.40
C SER D 1999 4.82 30.74 -35.90
N GLY D 2000 3.66 30.35 -36.43
CA GLY D 2000 3.48 30.20 -37.86
C GLY D 2000 3.34 28.75 -38.26
N SER D 2001 3.18 28.55 -39.58
CA SER D 2001 2.97 27.23 -40.14
C SER D 2001 4.32 26.62 -40.50
N GLY D 2002 4.66 25.50 -39.86
CA GLY D 2002 5.91 24.83 -40.13
C GLY D 2002 6.07 23.51 -39.40
N GLY D 2003 6.77 22.57 -40.02
CA GLY D 2003 7.04 21.30 -39.40
C GLY D 2003 8.08 21.41 -38.29
N ASN D 2004 8.29 20.28 -37.61
CA ASN D 2004 9.25 20.26 -36.50
C ASN D 2004 10.65 20.55 -37.00
N HIS D 2005 11.05 19.97 -38.13
CA HIS D 2005 12.37 20.23 -38.67
C HIS D 2005 12.53 21.68 -39.11
N MET D 2006 11.45 22.27 -39.65
CA MET D 2006 11.51 23.66 -40.09
C MET D 2006 11.75 24.59 -38.91
N LEU D 2007 10.94 24.45 -37.84
CA LEU D 2007 11.13 25.29 -36.67
C LEU D 2007 12.45 25.00 -35.97
N LEU D 2008 12.94 23.75 -36.02
CA LEU D 2008 14.24 23.43 -35.46
C LEU D 2008 15.34 24.19 -36.20
N ASP D 2009 15.32 24.14 -37.54
CA ASP D 2009 16.31 24.88 -38.32
C ASP D 2009 16.20 26.37 -38.06
N GLY D 2010 14.97 26.88 -37.95
CA GLY D 2010 14.79 28.31 -37.71
C GLY D 2010 15.35 28.75 -36.36
N VAL D 2011 15.08 27.97 -35.32
CA VAL D 2011 15.58 28.33 -34.00
C VAL D 2011 17.08 28.10 -33.91
N SER D 2012 17.63 27.21 -34.75
CA SER D 2012 19.07 27.03 -34.78
C SER D 2012 19.76 28.20 -35.47
N VAL D 2013 19.17 28.70 -36.57
CA VAL D 2013 19.82 29.78 -37.30
C VAL D 2013 19.61 31.12 -36.62
N VAL D 2014 18.48 31.31 -35.93
CA VAL D 2014 18.25 32.57 -35.24
C VAL D 2014 19.16 32.71 -34.03
N ALA D 2015 19.66 31.59 -33.50
CA ALA D 2015 20.63 31.62 -32.42
C ALA D 2015 22.07 31.66 -32.91
N SER D 2016 22.29 31.45 -34.22
CA SER D 2016 23.62 31.44 -34.81
C SER D 2016 23.64 32.27 -36.09
N LEU D 2017 23.06 33.46 -36.02
CA LEU D 2017 22.95 34.36 -37.16
C LEU D 2017 23.91 35.53 -37.01
N PRO D 2018 24.19 36.27 -38.08
CA PRO D 2018 24.91 37.54 -37.96
C PRO D 2018 24.20 38.60 -37.13
N LEU D 2019 23.11 38.23 -36.47
CA LEU D 2019 22.34 39.16 -35.64
C LEU D 2019 23.14 39.46 -34.37
N PHE D 2020 22.45 40.06 -33.39
CA PHE D 2020 23.02 40.64 -32.17
C PHE D 2020 24.23 39.87 -31.64
N THR D 2021 24.17 38.54 -31.64
CA THR D 2021 25.34 37.75 -31.29
C THR D 2021 26.38 37.88 -32.40
N GLY D 2022 27.30 38.84 -32.25
CA GLY D 2022 28.28 39.14 -33.28
C GLY D 2022 28.29 40.60 -33.67
N GLN D 2023 28.43 40.88 -34.96
CA GLN D 2023 28.41 42.26 -35.44
C GLN D 2023 27.00 42.86 -35.39
N ALA D 2024 25.97 42.03 -35.22
CA ALA D 2024 24.58 42.44 -35.00
C ALA D 2024 23.93 43.00 -36.25
N SER D 2025 24.70 43.23 -37.30
CA SER D 2025 24.21 43.72 -38.60
C SER D 2025 23.11 44.76 -38.42
N PHE D 2026 23.35 45.71 -37.51
CA PHE D 2026 22.31 46.64 -37.08
C PHE D 2026 22.30 47.84 -38.02
N ASP D 2027 21.19 47.98 -38.77
CA ASP D 2027 21.00 49.11 -39.67
C ASP D 2027 20.07 50.12 -38.99
N LEU D 2028 20.65 50.93 -38.10
CA LEU D 2028 19.84 51.89 -37.36
C LEU D 2028 19.55 53.12 -38.22
N ALA D 2029 20.60 53.86 -38.59
CA ALA D 2029 20.53 54.98 -39.53
C ALA D 2029 19.40 55.96 -39.22
N ALA D 2030 18.95 56.00 -37.96
CA ALA D 2030 17.80 56.82 -37.56
C ALA D 2030 16.57 56.50 -38.41
N MET D 2031 16.46 55.25 -38.86
CA MET D 2031 15.37 54.83 -39.74
C MET D 2031 14.24 54.15 -38.98
N LEU D 2032 14.56 53.20 -38.10
CA LEU D 2032 13.52 52.53 -37.33
C LEU D 2032 12.82 53.52 -36.39
N ILE D 2033 13.58 54.46 -35.82
CA ILE D 2033 12.96 55.49 -35.00
C ILE D 2033 12.10 56.41 -35.85
N GLU D 2034 12.54 56.70 -37.08
CA GLU D 2034 11.74 57.52 -37.98
C GLU D 2034 10.43 56.83 -38.34
N SER D 2035 10.41 55.50 -38.30
CA SER D 2035 9.15 54.78 -38.51
C SER D 2035 8.29 54.77 -37.24
N ASN D 2036 8.92 54.54 -36.09
CA ASN D 2036 8.20 54.62 -34.82
C ASN D 2036 7.77 56.06 -34.54
N LEU D 2037 8.74 56.96 -34.40
CA LEU D 2037 8.48 58.39 -34.33
C LEU D 2037 8.28 58.89 -35.76
N ALA D 2038 7.02 59.00 -36.17
CA ALA D 2038 6.71 59.33 -37.56
C ALA D 2038 7.34 60.67 -37.95
N GLY D 2039 8.27 60.61 -38.89
CA GLY D 2039 8.96 61.81 -39.35
C GLY D 2039 9.62 61.57 -40.69
N SER D 2040 9.77 62.65 -41.46
CA SER D 2040 10.36 62.61 -42.78
C SER D 2040 11.53 63.57 -42.89
N ASN D 2041 12.35 63.63 -41.84
CA ASN D 2041 13.51 64.52 -41.81
C ASN D 2041 14.64 63.84 -41.05
N ASP D 2042 15.86 64.34 -41.27
CA ASP D 2042 17.04 63.81 -40.62
C ASP D 2042 17.87 64.97 -40.07
N ASN D 2043 18.67 64.66 -39.05
CA ASN D 2043 19.51 65.66 -38.38
C ASN D 2043 20.99 65.40 -38.58
N PHE D 2044 21.36 64.64 -39.63
CA PHE D 2044 22.75 64.35 -39.98
C PHE D 2044 23.50 63.61 -38.87
N LEU D 2045 22.78 62.98 -37.95
CA LEU D 2045 23.39 62.20 -36.87
C LEU D 2045 22.55 60.93 -36.69
N MET D 2046 23.04 59.82 -37.25
CA MET D 2046 22.29 58.57 -37.17
C MET D 2046 22.34 57.99 -35.76
N ARG D 2047 23.53 57.94 -35.16
CA ARG D 2047 23.74 57.39 -33.83
C ARG D 2047 23.24 55.95 -33.75
N ASN D 2048 23.89 55.09 -34.53
CA ASN D 2048 23.51 53.68 -34.60
C ASN D 2048 23.76 52.99 -33.27
N VAL D 2049 23.00 51.93 -33.02
CA VAL D 2049 23.09 51.16 -31.79
C VAL D 2049 23.44 49.72 -32.13
N THR D 2050 23.70 48.93 -31.08
CA THR D 2050 24.07 47.53 -31.24
C THR D 2050 23.65 46.76 -29.99
N LEU D 2051 22.87 45.70 -30.19
CA LEU D 2051 22.39 44.90 -29.07
C LEU D 2051 23.49 43.97 -28.56
N ASP D 2052 23.40 43.64 -27.27
CA ASP D 2052 24.35 42.78 -26.58
C ASP D 2052 23.61 41.68 -25.83
N LEU D 2053 22.69 41.00 -26.53
CA LEU D 2053 21.85 40.00 -25.91
C LEU D 2053 22.67 38.88 -25.28
N GLY D 2054 22.11 38.24 -24.25
CA GLY D 2054 22.87 37.27 -23.48
C GLY D 2054 23.21 36.03 -24.26
N GLY D 2055 22.22 35.41 -24.89
CA GLY D 2055 22.45 34.18 -25.62
C GLY D 2055 21.62 33.01 -25.14
N PHE D 2056 20.43 33.29 -24.61
CA PHE D 2056 19.53 32.24 -24.15
C PHE D 2056 19.20 31.28 -25.28
N SER D 2057 18.71 30.10 -24.91
CA SER D 2057 18.41 29.01 -25.85
C SER D 2057 16.92 28.68 -25.78
N PRO D 2058 16.07 29.43 -26.49
CA PRO D 2058 14.62 29.13 -26.51
C PRO D 2058 14.26 28.13 -27.61
N GLU D 2059 14.68 26.89 -27.41
CA GLU D 2059 14.49 25.81 -28.38
C GLU D 2059 13.79 24.63 -27.72
N LEU D 2060 12.70 24.91 -26.99
CA LEU D 2060 12.00 23.91 -26.20
C LEU D 2060 10.70 23.45 -26.85
N SER D 2061 10.51 23.68 -28.15
CA SER D 2061 9.31 23.22 -28.82
C SER D 2061 9.52 21.85 -29.46
N ASP D 2062 10.41 21.77 -30.45
CA ASP D 2062 10.84 20.53 -31.10
C ASP D 2062 9.70 19.56 -31.39
N LYS D 2063 8.52 20.07 -31.72
CA LYS D 2063 7.37 19.21 -32.05
C LYS D 2063 6.57 19.88 -33.15
N TYR D 2064 5.44 19.25 -33.52
CA TYR D 2064 4.54 19.80 -34.53
C TYR D 2064 3.83 21.05 -34.05
N SER D 2065 3.87 21.36 -32.75
CA SER D 2065 3.11 22.48 -32.22
C SER D 2065 3.57 23.77 -32.87
N TYR D 2066 2.61 24.65 -33.15
CA TYR D 2066 2.85 25.92 -33.81
C TYR D 2066 3.33 26.99 -32.83
N ARG D 2067 3.82 26.59 -31.66
CA ARG D 2067 4.40 27.49 -30.66
C ARG D 2067 3.38 28.52 -30.18
N LEU D 2068 2.34 28.02 -29.51
CA LEU D 2068 1.42 28.78 -28.67
C LEU D 2068 0.62 29.84 -29.42
N SER D 2069 0.78 29.94 -30.73
CA SER D 2069 -0.02 30.86 -31.53
C SER D 2069 0.14 30.54 -33.00
N GLY D 2070 -0.87 30.88 -33.78
CA GLY D 2070 -0.83 30.68 -35.21
C GLY D 2070 -2.21 30.78 -35.84
N PRO D 2071 -2.30 31.45 -37.00
CA PRO D 2071 -3.59 31.55 -37.69
C PRO D 2071 -4.02 30.29 -38.40
N GLU D 2072 -3.09 29.37 -38.67
CA GLU D 2072 -3.39 28.12 -39.35
C GLU D 2072 -3.02 26.96 -38.43
N ASN D 2073 -3.98 26.08 -38.17
CA ASN D 2073 -3.77 24.99 -37.23
C ASN D 2073 -4.74 23.86 -37.52
N GLN D 2074 -4.29 22.64 -37.25
CA GLN D 2074 -5.12 21.43 -37.36
C GLN D 2074 -5.64 21.24 -38.78
N GLU D 2075 -4.71 21.10 -39.71
CA GLU D 2075 -5.03 20.84 -41.11
C GLU D 2075 -3.99 19.88 -41.68
N ASP D 2076 -4.16 19.56 -42.97
CA ASP D 2076 -3.25 18.69 -43.72
C ASP D 2076 -3.13 17.32 -43.05
N PRO D 2077 -4.17 16.50 -43.08
CA PRO D 2077 -4.06 15.16 -42.46
C PRO D 2077 -3.46 14.13 -43.40
N LEU D 2078 -2.47 13.38 -42.90
CA LEU D 2078 -1.84 12.32 -43.68
C LEU D 2078 -2.54 11.00 -43.40
N VAL D 2079 -2.92 10.30 -44.47
CA VAL D 2079 -3.65 9.04 -44.34
C VAL D 2079 -2.87 7.93 -45.04
N LEU D 2080 -3.42 6.72 -45.03
CA LEU D 2080 -2.79 5.57 -45.66
C LEU D 2080 -3.88 4.63 -46.15
N LYS D 2081 -3.81 4.29 -47.44
CA LYS D 2081 -4.80 3.40 -48.04
C LYS D 2081 -4.21 2.10 -48.54
N ASP D 2082 -3.13 2.16 -49.33
CA ASP D 2082 -2.53 0.95 -49.89
C ASP D 2082 -1.04 0.92 -49.58
N GLY D 2083 -0.68 1.20 -48.33
CA GLY D 2083 0.73 1.31 -47.98
C GLY D 2083 1.42 2.48 -48.62
N ALA D 2084 0.67 3.46 -49.11
CA ALA D 2084 1.22 4.63 -49.79
C ALA D 2084 0.71 5.88 -49.10
N PHE D 2085 1.64 6.75 -48.70
CA PHE D 2085 1.29 7.96 -47.97
C PHE D 2085 0.49 8.91 -48.86
N TYR D 2086 -0.73 9.20 -48.45
CA TYR D 2086 -1.60 10.15 -49.16
C TYR D 2086 -1.73 11.40 -48.32
N VAL D 2087 -1.12 12.50 -48.77
CA VAL D 2087 -1.19 13.76 -48.03
C VAL D 2087 -2.58 14.37 -48.16
N GLY D 2088 -3.10 14.42 -49.38
CA GLY D 2088 -4.44 14.93 -49.61
C GLY D 2088 -5.14 14.18 -50.72
N GLY D 2089 -4.45 13.18 -51.28
CA GLY D 2089 -4.94 12.44 -52.41
C GLY D 2089 -3.83 12.09 -53.39
N GLU D 2090 -2.66 12.67 -53.16
CA GLU D 2090 -1.49 12.42 -54.00
C GLU D 2090 -0.61 11.37 -53.33
N ARG D 2091 -0.19 10.37 -54.11
CA ARG D 2091 0.64 9.29 -53.58
C ARG D 2091 2.08 9.76 -53.47
N LEU D 2092 2.66 9.63 -52.27
CA LEU D 2092 4.06 9.98 -52.09
C LEU D 2092 4.97 8.84 -52.52
N SER D 2093 4.87 7.70 -51.84
CA SER D 2093 5.72 6.55 -52.10
C SER D 2093 5.22 5.39 -51.25
N THR D 2094 5.81 4.22 -51.48
CA THR D 2094 5.53 3.01 -50.72
C THR D 2094 6.82 2.45 -50.18
N TYR D 2095 6.84 2.13 -48.88
CA TYR D 2095 8.03 1.56 -48.25
C TYR D 2095 7.92 0.04 -48.20
N LYS D 2096 9.03 -0.62 -48.52
CA LYS D 2096 9.02 -2.08 -48.67
C LYS D 2096 8.76 -2.76 -47.34
N VAL D 2097 7.94 -3.81 -47.38
CA VAL D 2097 7.63 -4.65 -46.22
C VAL D 2097 7.53 -6.09 -46.69
N GLU D 2098 8.22 -6.99 -45.98
CA GLU D 2098 8.21 -8.41 -46.31
C GLU D 2098 7.35 -9.17 -45.31
N PHE D 2099 6.67 -10.21 -45.80
CA PHE D 2099 5.76 -10.98 -44.95
C PHE D 2099 6.01 -12.48 -45.08
N THR D 2100 6.56 -12.91 -46.22
CA THR D 2100 6.92 -14.31 -46.46
C THR D 2100 5.72 -15.24 -46.40
N GLY D 2101 4.52 -14.71 -46.64
CA GLY D 2101 3.34 -15.55 -46.78
C GLY D 2101 2.72 -16.03 -45.48
N ASP D 2102 3.52 -16.70 -44.64
CA ASP D 2102 2.97 -17.20 -43.37
C ASP D 2102 2.45 -16.06 -42.51
N LEU D 2103 3.17 -14.94 -42.49
CA LEU D 2103 2.67 -13.76 -41.80
C LEU D 2103 1.41 -13.22 -42.46
N VAL D 2104 1.30 -13.36 -43.79
CA VAL D 2104 0.11 -12.91 -44.49
C VAL D 2104 -1.11 -13.71 -44.04
N VAL D 2105 -0.98 -15.04 -43.98
CA VAL D 2105 -2.13 -15.85 -43.59
C VAL D 2105 -2.42 -15.71 -42.11
N LYS D 2106 -1.38 -15.51 -41.28
CA LYS D 2106 -1.62 -15.23 -39.87
C LYS D 2106 -2.37 -13.92 -39.67
N ALA D 2107 -2.12 -12.94 -40.53
CA ALA D 2107 -2.91 -11.71 -40.50
C ALA D 2107 -4.33 -11.97 -40.99
N LEU D 2108 -4.47 -12.78 -42.04
CA LEU D 2108 -5.79 -13.10 -42.57
C LEU D 2108 -6.66 -13.81 -41.54
N GLY D 2109 -6.04 -14.58 -40.65
CA GLY D 2109 -6.82 -15.32 -39.67
C GLY D 2109 -7.59 -14.41 -38.72
N ALA D 2110 -6.89 -13.47 -38.09
CA ALA D 2110 -7.51 -12.57 -37.12
C ALA D 2110 -8.05 -11.35 -37.86
N LEU D 2111 -9.31 -11.42 -38.25
CA LEU D 2111 -9.97 -10.31 -38.94
C LEU D 2111 -11.42 -10.24 -38.46
N GLU D 2112 -12.22 -9.41 -39.11
CA GLU D 2112 -13.57 -9.10 -38.65
C GLU D 2112 -14.63 -9.94 -39.35
N ASP D 2113 -14.71 -9.85 -40.68
CA ASP D 2113 -15.79 -10.50 -41.41
C ASP D 2113 -15.25 -10.94 -42.78
N ASP D 2114 -16.16 -11.26 -43.69
CA ASP D 2114 -15.77 -11.78 -45.00
C ASP D 2114 -15.32 -10.67 -45.93
N GLU D 2115 -16.12 -9.60 -46.04
CA GLU D 2115 -15.81 -8.54 -47.00
C GLU D 2115 -14.53 -7.81 -46.62
N SER D 2116 -14.20 -7.74 -45.33
CA SER D 2116 -12.91 -7.20 -44.93
C SER D 2116 -11.78 -8.04 -45.49
N VAL D 2117 -11.90 -9.37 -45.39
CA VAL D 2117 -10.91 -10.27 -45.98
C VAL D 2117 -10.83 -10.05 -47.48
N VAL D 2118 -11.99 -9.88 -48.13
CA VAL D 2118 -12.02 -9.66 -49.58
C VAL D 2118 -11.25 -8.40 -49.95
N SER D 2119 -11.51 -7.30 -49.24
CA SER D 2119 -10.80 -6.06 -49.54
C SER D 2119 -9.31 -6.20 -49.29
N MET D 2120 -8.93 -6.80 -48.15
CA MET D 2120 -7.53 -6.89 -47.78
C MET D 2120 -6.76 -7.82 -48.71
N LEU D 2121 -7.42 -8.84 -49.26
CA LEU D 2121 -6.75 -9.75 -50.19
C LEU D 2121 -6.76 -9.22 -51.61
N HIS D 2122 -7.74 -8.40 -51.97
CA HIS D 2122 -7.75 -7.79 -53.30
C HIS D 2122 -6.76 -6.65 -53.39
N GLN D 2123 -6.50 -5.95 -52.28
CA GLN D 2123 -5.53 -4.87 -52.27
C GLN D 2123 -4.11 -5.35 -52.00
N LEU D 2124 -3.88 -6.67 -51.97
CA LEU D 2124 -2.57 -7.19 -51.63
C LEU D 2124 -1.61 -7.18 -52.81
N TRP D 2125 -1.97 -7.90 -53.87
CA TRP D 2125 -1.08 -7.96 -55.04
C TRP D 2125 -0.86 -6.61 -55.71
N PRO D 2126 -1.83 -5.69 -55.77
CA PRO D 2126 -1.49 -4.33 -56.19
C PRO D 2126 -0.41 -3.70 -55.32
N TYR D 2127 -0.42 -3.98 -54.02
CA TYR D 2127 0.68 -3.52 -53.17
C TYR D 2127 1.94 -4.33 -53.41
N LEU D 2128 1.80 -5.63 -53.68
CA LEU D 2128 2.96 -6.45 -54.00
C LEU D 2128 3.64 -6.02 -55.29
N LYS D 2129 2.93 -5.27 -56.14
CA LYS D 2129 3.57 -4.68 -57.31
C LYS D 2129 4.66 -3.70 -56.90
N ALA D 2130 4.47 -3.00 -55.78
CA ALA D 2130 5.47 -2.09 -55.24
C ALA D 2130 6.45 -2.78 -54.29
N THR D 2131 6.50 -4.11 -54.31
CA THR D 2131 7.40 -4.87 -53.46
C THR D 2131 7.95 -6.03 -54.29
N SER D 2132 8.88 -6.78 -53.71
CA SER D 2132 9.46 -7.96 -54.38
C SER D 2132 9.59 -9.06 -53.34
N GLN D 2133 8.61 -9.95 -53.31
CA GLN D 2133 8.60 -11.03 -52.31
C GLN D 2133 7.89 -12.24 -52.92
N VAL D 2134 8.68 -13.20 -53.40
CA VAL D 2134 8.17 -14.49 -53.82
C VAL D 2134 8.58 -15.59 -52.84
N ILE D 2135 9.18 -15.21 -51.70
CA ILE D 2135 9.62 -16.17 -50.70
C ILE D 2135 8.43 -16.86 -50.04
N LEU D 2136 7.22 -16.30 -50.18
CA LEU D 2136 6.02 -16.90 -49.63
C LEU D 2136 5.90 -18.36 -50.06
N PHE D 2137 5.73 -19.24 -49.09
CA PHE D 2137 5.75 -20.68 -49.32
C PHE D 2137 4.61 -21.12 -50.25
N GLN D 2138 4.97 -21.53 -51.47
CA GLN D 2138 4.00 -22.06 -52.42
C GLN D 2138 3.90 -23.58 -52.22
N GLN D 2139 3.32 -23.95 -51.09
CA GLN D 2139 3.24 -25.34 -50.67
C GLN D 2139 1.96 -25.51 -49.85
N GLU D 2140 1.91 -26.55 -49.03
CA GLU D 2140 0.71 -26.83 -48.22
C GLU D 2140 0.23 -25.59 -47.46
N ASP D 2141 1.13 -24.65 -47.18
CA ASP D 2141 0.69 -23.37 -46.60
C ASP D 2141 -0.33 -22.69 -47.50
N PHE D 2142 -0.10 -22.72 -48.82
CA PHE D 2142 -1.08 -22.15 -49.74
C PHE D 2142 -2.39 -22.92 -49.72
N THR D 2143 -2.32 -24.24 -49.54
CA THR D 2143 -3.54 -25.02 -49.39
C THR D 2143 -4.29 -24.65 -48.11
N ILE D 2144 -3.56 -24.23 -47.07
CA ILE D 2144 -4.22 -23.75 -45.86
C ILE D 2144 -4.87 -22.39 -46.12
N VAL D 2145 -4.18 -21.51 -46.83
CA VAL D 2145 -4.76 -20.21 -47.20
C VAL D 2145 -5.99 -20.42 -48.07
N HIS D 2146 -6.04 -21.52 -48.82
CA HIS D 2146 -7.20 -21.83 -49.66
C HIS D 2146 -8.50 -21.93 -48.88
N ASP D 2147 -8.45 -21.93 -47.55
CA ASP D 2147 -9.68 -21.93 -46.77
C ASP D 2147 -10.54 -20.70 -47.09
N LEU D 2148 -9.92 -19.61 -47.49
CA LEU D 2148 -10.64 -18.41 -47.93
C LEU D 2148 -10.73 -18.46 -49.44
N TYR D 2149 -11.86 -18.96 -49.94
CA TYR D 2149 -12.03 -19.13 -51.38
C TYR D 2149 -12.26 -17.79 -52.06
N LYS D 2150 -11.17 -17.15 -52.49
CA LYS D 2150 -11.20 -15.83 -53.12
C LYS D 2150 -10.50 -15.89 -54.47
N LYS D 2151 -10.88 -16.88 -55.28
CA LYS D 2151 -10.24 -17.08 -56.58
C LYS D 2151 -10.34 -15.85 -57.47
N GLN D 2152 -11.41 -15.07 -57.34
CA GLN D 2152 -11.52 -13.84 -58.12
C GLN D 2152 -10.41 -12.86 -57.76
N LEU D 2153 -10.04 -12.81 -56.48
CA LEU D 2153 -9.07 -11.81 -56.01
C LEU D 2153 -7.68 -12.11 -56.56
N THR D 2154 -7.25 -13.37 -56.49
CA THR D 2154 -5.95 -13.74 -57.02
C THR D 2154 -5.91 -13.76 -58.54
N LYS D 2155 -7.07 -13.79 -59.19
CA LYS D 2155 -7.16 -13.74 -60.65
C LYS D 2155 -7.52 -12.35 -61.16
N SER D 2156 -7.53 -11.34 -60.27
CA SER D 2156 -7.84 -9.98 -60.66
C SER D 2156 -6.59 -9.19 -61.04
N ILE D 2157 -5.48 -9.41 -60.33
CA ILE D 2157 -4.25 -8.70 -60.65
C ILE D 2157 -3.60 -9.27 -61.90
N GLU D 2158 -3.86 -10.54 -62.21
CA GLU D 2158 -3.29 -11.20 -63.39
C GLU D 2158 -1.77 -11.11 -63.41
N LEU E 33 43.05 21.00 -31.82
CA LEU E 33 44.18 21.88 -31.55
C LEU E 33 45.20 21.20 -30.65
N TYR E 34 46.47 21.53 -30.85
CA TYR E 34 47.55 20.96 -30.05
C TYR E 34 47.62 21.70 -28.71
N GLY E 35 48.70 21.48 -27.97
CA GLY E 35 48.87 22.12 -26.68
C GLY E 35 49.15 23.60 -26.75
N ARG E 36 49.82 24.13 -25.72
CA ARG E 36 50.10 25.56 -25.60
C ARG E 36 51.52 25.90 -26.02
N TYR E 37 52.07 25.19 -27.00
CA TYR E 37 53.45 25.38 -27.45
C TYR E 37 54.44 25.17 -26.29
N ASN E 38 54.24 24.08 -25.56
CA ASN E 38 55.11 23.71 -24.45
C ASN E 38 55.58 22.27 -24.64
N CYS E 39 56.73 21.95 -24.05
CA CYS E 39 57.27 20.60 -24.20
C CYS E 39 56.40 19.56 -23.52
N LYS E 40 55.73 19.94 -22.43
CA LYS E 40 54.84 19.06 -21.66
C LYS E 40 55.63 17.97 -20.95
N CYS E 41 56.93 17.93 -21.20
CA CYS E 41 57.83 16.96 -20.56
C CYS E 41 58.67 17.64 -19.49
N CYS E 42 59.36 18.72 -19.85
CA CYS E 42 60.13 19.52 -18.91
C CYS E 42 59.37 20.75 -18.42
N TRP E 43 58.23 21.05 -19.07
CA TRP E 43 57.32 22.14 -18.76
C TRP E 43 57.88 23.51 -19.11
N PHE E 44 59.19 23.61 -19.31
CA PHE E 44 59.82 24.90 -19.63
C PHE E 44 60.53 24.80 -20.97
N ALA E 45 59.78 24.90 -22.05
CA ALA E 45 60.38 24.96 -23.38
C ALA E 45 59.36 25.52 -24.36
N ASP E 46 59.61 26.73 -24.86
CA ASP E 46 58.82 27.30 -25.95
C ASP E 46 59.83 27.74 -27.01
N THR E 47 60.31 26.79 -27.80
CA THR E 47 61.24 27.05 -28.89
C THR E 47 61.43 25.81 -29.75
N ASN E 48 61.29 25.95 -31.07
CA ASN E 48 61.51 24.89 -32.05
C ASN E 48 61.02 23.53 -31.55
N LEU E 49 59.74 23.49 -31.19
CA LEU E 49 59.15 22.28 -30.66
C LEU E 49 58.62 21.39 -31.78
N ILE E 50 58.57 20.09 -31.50
CA ILE E 50 58.05 19.10 -32.42
C ILE E 50 56.86 18.42 -31.77
N THR E 51 55.76 18.29 -32.51
CA THR E 51 54.56 17.67 -31.98
C THR E 51 54.73 16.15 -31.95
N CYS E 52 54.38 15.54 -30.82
CA CYS E 52 54.49 14.09 -30.72
C CYS E 52 53.29 13.40 -31.36
N ASN E 53 52.12 13.49 -30.73
CA ASN E 53 50.89 13.02 -31.34
C ASN E 53 49.72 13.98 -31.15
N ASP E 54 49.66 14.70 -30.02
CA ASP E 54 48.65 15.71 -29.77
C ASP E 54 49.19 16.94 -29.06
N HIS E 55 50.39 16.87 -28.50
CA HIS E 55 51.06 17.94 -27.78
C HIS E 55 52.36 18.28 -28.49
N TYR E 56 53.12 19.21 -27.91
CA TYR E 56 54.42 19.58 -28.43
C TYR E 56 55.52 18.93 -27.60
N LEU E 57 56.75 19.01 -28.12
CA LEU E 57 57.88 18.36 -27.49
C LEU E 57 59.17 18.97 -28.03
N CYS E 58 60.10 19.25 -27.13
CA CYS E 58 61.37 19.86 -27.53
C CYS E 58 62.32 18.81 -28.09
N LEU E 59 63.53 19.26 -28.44
CA LEU E 59 64.50 18.38 -29.09
C LEU E 59 65.15 17.44 -28.08
N ARG E 60 65.64 17.97 -26.97
CA ARG E 60 66.37 17.14 -26.01
C ARG E 60 65.46 16.12 -25.35
N CYS E 61 64.24 16.52 -24.98
CA CYS E 61 63.30 15.58 -24.39
C CYS E 61 62.94 14.47 -25.39
N HIS E 62 62.72 14.85 -26.65
CA HIS E 62 62.42 13.87 -27.68
C HIS E 62 63.55 12.87 -27.84
N GLN E 63 64.78 13.37 -27.96
CA GLN E 63 65.92 12.47 -28.10
C GLN E 63 66.13 11.59 -26.88
N THR E 64 65.87 12.12 -25.68
CA THR E 64 66.05 11.32 -24.46
C THR E 64 65.01 10.21 -24.37
N MET E 65 63.75 10.54 -24.64
CA MET E 65 62.71 9.51 -24.61
C MET E 65 62.77 8.58 -25.80
N LEU E 66 63.51 8.95 -26.85
CA LEU E 66 63.68 8.08 -28.02
C LEU E 66 64.85 7.12 -27.88
N ARG E 67 65.96 7.58 -27.28
CA ARG E 67 67.14 6.74 -27.17
C ARG E 67 67.01 5.62 -26.15
N ASN E 68 65.93 5.62 -25.35
CA ASN E 68 65.71 4.58 -24.37
C ASN E 68 64.52 3.68 -24.68
N SER E 69 63.52 4.18 -25.41
CA SER E 69 62.33 3.40 -25.72
C SER E 69 61.65 4.04 -26.92
N GLU E 70 60.64 3.35 -27.44
CA GLU E 70 59.87 3.83 -28.58
C GLU E 70 58.58 4.53 -28.18
N LEU E 71 58.16 4.42 -26.91
CA LEU E 71 56.94 5.05 -26.46
C LEU E 71 57.22 6.49 -26.06
N CYS E 72 56.16 7.21 -25.68
CA CYS E 72 56.29 8.64 -25.36
C CYS E 72 56.37 8.91 -23.86
N HIS E 73 55.74 8.08 -23.04
CA HIS E 73 55.67 8.25 -21.59
C HIS E 73 54.95 9.53 -21.18
N ILE E 74 54.34 10.24 -22.12
CA ILE E 74 53.53 11.42 -21.82
C ILE E 74 52.15 11.21 -22.42
N CYS E 75 52.09 10.94 -23.73
CA CYS E 75 50.86 10.54 -24.39
C CYS E 75 50.77 9.04 -24.59
N TRP E 76 51.84 8.30 -24.30
CA TRP E 76 51.87 6.84 -24.43
C TRP E 76 51.54 6.42 -25.86
N LYS E 77 52.24 7.02 -26.81
CA LYS E 77 52.10 6.75 -28.23
C LYS E 77 53.48 6.74 -28.86
N PRO E 78 53.66 6.04 -29.99
CA PRO E 78 54.99 5.98 -30.61
C PRO E 78 55.48 7.37 -31.03
N LEU E 79 56.75 7.62 -30.78
CA LEU E 79 57.34 8.91 -31.09
C LEU E 79 57.53 9.06 -32.59
N PRO E 80 57.49 10.30 -33.10
CA PRO E 80 57.74 10.52 -34.52
C PRO E 80 59.19 10.26 -34.88
N THR E 81 59.46 10.26 -36.18
CA THR E 81 60.80 10.03 -36.70
C THR E 81 61.52 11.36 -36.96
MN MN G . -42.72 -30.50 -0.10
ZN ZN H . -71.71 -10.26 -19.02
ZN ZN I . -25.60 17.33 -30.71
ZN ZN J . -47.82 -42.59 -24.81
ZN ZN K . -37.73 -39.28 -28.42
MN MN L . 43.77 28.76 -3.51
ZN ZN M . 73.10 7.93 14.21
ZN ZN N . 32.19 -28.26 7.98
ZN ZN O . 61.66 19.60 -22.96
ZN ZN P . 53.75 12.68 -26.88
#